data_9RPD
#
_entry.id   9RPD
#
loop_
_entity.id
_entity.type
_entity.pdbx_description
1 polymer 'Augmin complex subunit dgt4'
2 polymer 'Augmin complex subunit dgt6'
3 polymer 'Augmin complex subunit msd5,Green fluorescent protein,Glutathione S-transferase class-mu 26 kDa isozyme'
4 polymer 'Tubulin beta chain'
5 polymer 'Tubulin alpha-1A chain'
#
loop_
_entity_poly.entity_id
_entity_poly.type
_entity_poly.pdbx_seq_one_letter_code
_entity_poly.pdbx_strand_id
1 'polypeptide(L)'
;METPPTPTTTTPPSLTTEGTMDDIQYLLHLEAMRRFQEDSRNVKRQVEEQVRIWLDAKCEYQRDFGRLARLLKCGALQAA
VDAHRVSDVNQVDQAAKDIASLRSKLGS
;
I
2 'polypeptide(L)'
;MDRTIIAPWKAEEKEQSEKLHRKLQGLALVHPLPDELRKLIAWDMFLKPNQVAFVHVMHYLFRLLDPAEFKRRFFWPITD
KKSEANFRSSTVEYLKHLNEKHQLHWANIKSYLVVMPGGMRFINFLLEFVGFVIQELIKQREKSLGLEAGTPNVSAKVMA
RQNAVMKEYASSYVVNLEENTALLRDKTQKIRRLMADLSADMGVPEEQLADDGFLDEFEATAALGVERVITQPTERKFDL
EASLCGLKEAIDLFQVKQAENNQSKEAVEKALRGMRVLFD
;
J
3 'polypeptide(L)'
;METNVDFSSISSKLYRKYAQHVRNLKDVCVSKTVMKPGAFFDSLQQMMEEEAAATTPPRDLSSVADYAELFKTLEEYPAN
LQKMPKKRELQRTNSTLLRGADESVAMGINTSNVSLSLTRLEEQRSAVDVYNDFKGFQRKLAKIYDEAAALDTTESIYKQ
KLTQLHGFAQQLEKLMPTGLSGENLYFQGGSAGSAAGSGEFMVSKGEELFTGVVPILVELDGDVNGHKFSVSGEGEGDAT
YGKLTLKFICTTGKLPVPWPTLVTTLTYGVQCFSRYPDHMKQHDFFKSAMPEGYVQERTIFFKDDGNYKTRAEVKFEGDT
LVNRIELKGIDFKEDGNILGHKLEYNYNSHNVYIMADKQKNGIKVNFKIRHNIEDGSVQLADHYQQNTPIGDGPVLLPDN
HYLSTQSALSKDPNEKRDHMVLLEFVTAAGITLGMDELYKLEVLMSPILGYWKIKGLVQPTRLLLEYLEEKYEEHLYERD
EGDKWRNKKFELGLEFPNLPYYIDGDVKLTQSMAIIRYIADKHNMLGGCPKERAEISMLEGAVLDIRYGVSRIAYSKDFE
TLKVDFLSKLPEMLKMFEDRLCHKTYLNGDHVTHPDFMLYDALDVVLYMDPMCLDAFPKLVCFKKRIEAIPQIDKYLKSS
KYIAWPLQGWQATFGGGDHPPKGPHHHHHHHH
;
K
4 'polypeptide(L)'
;MREIVHIQAGQCGNQIGAKFWEVISDEHGIDPTGSYHGDSDLQLERINVYYNEAAGNKYVPRAILVDLEPGTMDSVRSGP
FGQIFRPDNFVFGQSGAGNNWAKGHYTEGAELVDSVLDVVRKESESCDCLQGFQLTHSLGGGTGSGMGTLLISKIREEYP
DRIMNTFSVVPSPKVSDTVVEPYNATLSVHQLVENTDETYCIDNEALYDICFRTLKLTTPTYGDLNHLVSATMSGVTTCL
RFPGQLNADLRKLAVNMVPFPRLHFFMPGFAPLTSRGSQQYRALTVPELTQQMFDAKNMMAACDPRHGRYLTVAAVFRGR
MSMKEVDEQMLNVQNKNSSYFVEWIPNNVKTAVCDIPPRGLKMSATFIGNSTAIQELFKRISEQFTAMFRRKAFLHWYTG
EGMDEMEFTEAESNMNDLVSEYQQYQDATADEQGEFEEEGEEDEA
;
B,D
5 'polypeptide(L)'
;MRECISIHVGQAGVQIGNACWELYCLEHGIQPDGQMPSDKTIGGGDDSFNTFFSETGAGKHVPRAVFVDLEPTVIDEVRT
GTYRQLFHPEQLITGKEDAANNYARGHYTIGKEIIDLVLDRIRKLADQCTGLQGFSVFHSFGGGTGSGFTSLLMERLSVD
YGKKSKLEFSIYPAPQVSTAVVEPYNSILTTHTTLEHSDCAFMVDNEAIYDICRRNLDIERPTYTNLNRLIGQIVSSITA
SLRFDGALNVDLTEFQTNLVPYPRAHFPLATYAPVISAEKAYHEQLSVAEITNACFEPANQMVKCDPRHGKYMACCLLYR
GDVVPKDVNAAIATIKTKRTIQFVDWCPTGFKVGINYEPPTVVPGGDLAKVQRAVCMLSNTTAIAEAWARLDHKFDLMYA
KRAFVHWYVGEGMEEGEFSEAREDMAALEKDYEEVGVDSVEGEGEEEGEEY
;
A,C,G,E
#
# COMPACT_ATOMS: atom_id res chain seq x y z
N ASP A 22 -35.55 10.80 -31.35
CA ASP A 22 -34.53 10.61 -30.32
C ASP A 22 -34.57 9.19 -29.75
N ASP A 23 -33.53 8.57 -29.57
CA ASP A 23 -33.41 7.21 -29.06
C ASP A 23 -34.33 6.96 -27.88
N ILE A 24 -34.53 7.99 -27.08
CA ILE A 24 -35.38 7.81 -25.90
C ILE A 24 -36.84 7.70 -26.31
N GLN A 25 -37.28 8.49 -27.24
CA GLN A 25 -38.65 8.41 -27.74
C GLN A 25 -38.93 7.05 -28.37
N TYR A 26 -37.92 6.57 -29.08
CA TYR A 26 -38.09 5.27 -29.71
C TYR A 26 -38.23 4.17 -28.65
N LEU A 27 -37.42 4.25 -27.63
CA LEU A 27 -37.55 3.28 -26.54
C LEU A 27 -38.95 3.34 -25.93
N LEU A 28 -39.37 4.54 -25.67
CA LEU A 28 -40.70 4.72 -25.09
C LEU A 28 -41.78 4.17 -26.03
N HIS A 29 -41.57 4.35 -27.30
CA HIS A 29 -42.51 3.83 -28.28
C HIS A 29 -42.58 2.30 -28.23
N LEU A 30 -41.47 1.68 -28.11
CA LEU A 30 -41.43 0.21 -28.03
C LEU A 30 -42.10 -0.28 -26.76
N GLU A 31 -41.80 0.42 -25.70
CA GLU A 31 -42.44 0.06 -24.44
C GLU A 31 -43.95 0.23 -24.51
N ALA A 32 -44.34 1.33 -25.10
CA ALA A 32 -45.76 1.59 -25.28
C ALA A 32 -46.43 0.49 -26.11
N MET A 33 -45.79 0.10 -27.12
CA MET A 33 -46.33 -0.95 -27.97
C MET A 33 -46.47 -2.26 -27.20
N ARG A 34 -45.49 -2.57 -26.50
CA ARG A 34 -45.53 -3.80 -25.71
C ARG A 34 -46.68 -3.78 -24.72
N ARG A 35 -46.77 -2.73 -23.98
CA ARG A 35 -47.80 -2.63 -22.97
C ARG A 35 -49.19 -2.60 -23.60
N PHE A 36 -49.30 -1.88 -24.75
CA PHE A 36 -50.57 -1.82 -25.47
C PHE A 36 -51.00 -3.20 -25.91
N LYS B 10 -22.09 28.64 -22.48
CA LYS B 10 -23.05 28.41 -21.40
C LYS B 10 -24.42 28.03 -21.95
N ALA B 11 -24.66 28.54 -23.13
CA ALA B 11 -25.93 28.18 -23.77
C ALA B 11 -25.90 26.73 -24.24
N GLU B 12 -24.81 26.34 -24.82
CA GLU B 12 -24.67 24.96 -25.26
C GLU B 12 -24.70 23.99 -24.09
N GLU B 13 -24.06 24.37 -23.03
CA GLU B 13 -24.05 23.54 -21.83
C GLU B 13 -25.45 23.35 -21.27
N LYS B 14 -26.22 24.38 -21.30
CA LYS B 14 -27.60 24.30 -20.84
C LYS B 14 -28.43 23.37 -21.72
N GLU B 15 -28.26 23.52 -23.03
CA GLU B 15 -29.03 22.69 -23.96
C GLU B 15 -28.70 21.21 -23.78
N GLN B 16 -27.48 20.89 -23.65
CA GLN B 16 -27.07 19.51 -23.47
C GLN B 16 -27.56 18.95 -22.14
N SER B 17 -27.51 19.77 -21.15
CA SER B 17 -28.00 19.35 -19.84
C SER B 17 -29.49 19.05 -19.88
N GLU B 18 -30.23 19.86 -20.62
CA GLU B 18 -31.66 19.63 -20.75
C GLU B 18 -31.94 18.34 -21.53
N LYS B 19 -31.12 18.14 -22.56
CA LYS B 19 -31.25 16.89 -23.30
C LYS B 19 -31.01 15.69 -22.40
N LEU B 20 -30.02 15.78 -21.58
CA LEU B 20 -29.71 14.71 -20.63
C LEU B 20 -30.88 14.48 -19.68
N HIS B 21 -31.42 15.55 -19.21
CA HIS B 21 -32.57 15.46 -18.29
C HIS B 21 -33.75 14.76 -18.95
N ARG B 22 -34.02 15.06 -20.20
CA ARG B 22 -35.11 14.43 -20.94
C ARG B 22 -34.90 12.93 -21.08
N LYS B 23 -33.70 12.59 -21.39
CA LYS B 23 -33.39 11.17 -21.55
C LYS B 23 -33.52 10.42 -20.23
N LEU B 24 -33.13 11.04 -19.19
CA LEU B 24 -33.26 10.41 -17.88
C LEU B 24 -34.72 10.30 -17.46
N GLN B 25 -35.47 11.31 -17.79
CA GLN B 25 -36.90 11.27 -17.49
C GLN B 25 -37.59 10.16 -18.29
N GLY B 26 -37.20 10.11 -19.53
CA GLY B 26 -37.76 9.04 -20.35
C GLY B 26 -37.43 7.65 -19.82
N LEU B 27 -36.21 7.47 -19.40
CA LEU B 27 -35.79 6.18 -18.82
C LEU B 27 -36.61 5.86 -17.57
N ALA B 28 -36.87 6.89 -16.78
CA ALA B 28 -37.60 6.72 -15.52
C ALA B 28 -39.01 6.24 -15.78
N LEU B 29 -39.57 6.51 -16.96
CA LEU B 29 -40.92 6.07 -17.31
C LEU B 29 -40.97 4.56 -17.52
N VAL B 30 -39.85 3.98 -17.94
CA VAL B 30 -39.77 2.56 -18.20
C VAL B 30 -39.24 1.84 -16.96
N HIS B 31 -38.20 2.48 -16.42
CA HIS B 31 -37.56 1.96 -15.21
C HIS B 31 -37.56 3.00 -14.10
N PRO B 32 -38.37 2.90 -13.18
CA PRO B 32 -38.52 3.90 -12.13
C PRO B 32 -37.21 4.18 -11.38
N LEU B 33 -37.12 5.40 -11.04
CA LEU B 33 -35.93 5.83 -10.33
C LEU B 33 -36.03 5.49 -8.84
N PRO B 34 -34.97 5.04 -8.29
CA PRO B 34 -34.97 4.92 -6.82
C PRO B 34 -35.25 6.24 -6.12
N ASP B 35 -35.70 6.20 -4.93
CA ASP B 35 -36.15 7.38 -4.19
C ASP B 35 -35.02 8.39 -4.03
N GLU B 36 -33.86 7.96 -3.77
CA GLU B 36 -32.72 8.84 -3.57
C GLU B 36 -32.38 9.61 -4.84
N LEU B 37 -32.47 8.91 -5.93
CA LEU B 37 -32.14 9.55 -7.19
C LEU B 37 -33.27 10.47 -7.65
N ARG B 38 -34.49 10.14 -7.39
CA ARG B 38 -35.64 10.92 -7.80
C ARG B 38 -35.57 12.35 -7.29
N LYS B 39 -35.03 12.54 -6.11
CA LYS B 39 -34.94 13.86 -5.49
C LYS B 39 -33.80 14.67 -6.08
N LEU B 40 -32.87 13.97 -6.72
CA LEU B 40 -31.67 14.64 -7.20
C LEU B 40 -31.81 15.03 -8.66
N ILE B 41 -32.70 14.44 -9.29
CA ILE B 41 -32.81 14.61 -10.73
C ILE B 41 -33.32 16.00 -11.05
N ALA B 42 -32.55 16.74 -11.82
CA ALA B 42 -32.88 18.09 -12.28
C ALA B 42 -32.15 18.41 -13.59
N TRP B 43 -32.69 19.40 -14.26
CA TRP B 43 -32.11 19.71 -15.57
C TRP B 43 -30.72 20.31 -15.43
N ASP B 44 -30.38 20.87 -14.23
CA ASP B 44 -29.13 21.59 -14.05
C ASP B 44 -28.22 20.87 -13.05
N MET B 45 -28.45 19.60 -12.84
CA MET B 45 -27.81 18.89 -11.75
C MET B 45 -26.32 18.74 -11.99
N PHE B 46 -25.74 18.92 -13.23
CA PHE B 46 -24.32 18.71 -13.49
C PHE B 46 -23.68 19.97 -14.08
N LEU B 47 -24.48 21.09 -13.98
CA LEU B 47 -23.84 22.33 -14.39
C LEU B 47 -22.69 22.68 -13.46
N LYS B 48 -22.84 22.38 -12.26
CA LYS B 48 -21.78 22.40 -11.25
C LYS B 48 -21.43 20.99 -10.79
N PRO B 49 -20.13 20.90 -10.38
CA PRO B 49 -19.78 19.57 -9.90
C PRO B 49 -20.72 19.04 -8.83
N ASN B 50 -21.30 17.89 -9.04
CA ASN B 50 -22.28 17.24 -8.16
C ASN B 50 -21.94 15.76 -7.94
N GLN B 51 -21.18 15.49 -6.93
CA GLN B 51 -20.67 14.15 -6.66
C GLN B 51 -21.81 13.21 -6.24
N VAL B 52 -22.69 13.78 -5.50
CA VAL B 52 -23.79 12.96 -4.98
C VAL B 52 -24.65 12.46 -6.13
N ALA B 53 -25.08 13.32 -7.05
CA ALA B 53 -25.92 12.94 -8.19
C ALA B 53 -25.18 11.97 -9.11
N PHE B 54 -23.88 12.17 -9.20
CA PHE B 54 -23.08 11.31 -10.06
C PHE B 54 -23.18 9.85 -9.60
N VAL B 55 -22.99 9.67 -8.39
CA VAL B 55 -22.96 8.33 -7.82
C VAL B 55 -24.30 7.64 -8.05
N HIS B 56 -25.36 8.29 -7.85
CA HIS B 56 -26.69 7.68 -7.95
C HIS B 56 -27.09 7.48 -9.40
N VAL B 57 -26.69 8.42 -10.29
CA VAL B 57 -27.01 8.28 -11.71
C VAL B 57 -26.25 7.09 -12.30
N MET B 58 -24.99 6.99 -11.93
CA MET B 58 -24.18 5.88 -12.44
C MET B 58 -24.70 4.54 -11.90
N HIS B 59 -25.02 4.61 -10.63
CA HIS B 59 -25.60 3.41 -10.04
C HIS B 59 -26.84 2.98 -10.83
N TYR B 60 -27.71 3.86 -11.13
CA TYR B 60 -28.95 3.60 -11.85
C TYR B 60 -28.68 3.06 -13.24
N LEU B 61 -27.77 3.65 -13.96
CA LEU B 61 -27.47 3.28 -15.34
C LEU B 61 -26.76 1.93 -15.40
N PHE B 62 -25.91 1.68 -14.47
CA PHE B 62 -25.18 0.41 -14.46
C PHE B 62 -26.12 -0.75 -14.16
N ARG B 63 -27.04 -0.51 -13.34
CA ARG B 63 -27.99 -1.55 -13.01
C ARG B 63 -28.92 -1.84 -14.18
N LEU B 64 -29.22 -0.82 -14.89
CA LEU B 64 -30.05 -1.03 -16.07
C LEU B 64 -29.29 -1.83 -17.13
N LEU B 65 -28.04 -1.55 -17.20
CA LEU B 65 -27.23 -2.19 -18.23
C LEU B 65 -26.99 -3.66 -17.90
N ASP B 66 -26.51 -3.97 -16.71
CA ASP B 66 -26.21 -5.33 -16.29
C ASP B 66 -26.17 -5.44 -14.77
N PRO B 67 -27.25 -5.79 -14.21
CA PRO B 67 -27.31 -5.88 -12.75
C PRO B 67 -26.32 -6.91 -12.18
N ALA B 68 -26.16 -7.98 -12.89
CA ALA B 68 -25.24 -9.00 -12.40
C ALA B 68 -23.81 -8.47 -12.38
N GLU B 69 -23.43 -7.86 -13.46
CA GLU B 69 -22.08 -7.31 -13.53
C GLU B 69 -21.89 -6.21 -12.48
N PHE B 70 -22.92 -5.44 -12.25
CA PHE B 70 -22.83 -4.39 -11.24
C PHE B 70 -22.56 -4.99 -9.86
N LYS B 71 -23.31 -6.09 -9.55
CA LYS B 71 -23.15 -6.73 -8.25
C LYS B 71 -21.75 -7.29 -8.08
N ARG B 72 -21.19 -7.65 -9.15
CA ARG B 72 -19.86 -8.26 -9.10
C ARG B 72 -18.78 -7.19 -8.95
N ARG B 73 -18.98 -6.05 -9.52
CA ARG B 73 -17.92 -5.06 -9.63
C ARG B 73 -18.05 -4.01 -8.54
N PHE B 74 -19.28 -3.86 -8.04
CA PHE B 74 -19.51 -2.71 -7.18
C PHE B 74 -20.06 -3.14 -5.83
N PHE B 75 -19.64 -2.33 -4.83
CA PHE B 75 -20.26 -2.46 -3.52
C PHE B 75 -21.29 -1.34 -3.29
N TRP B 76 -22.43 -1.65 -2.90
CA TRP B 76 -23.52 -0.70 -2.70
C TRP B 76 -24.38 -1.09 -1.50
N PRO B 77 -24.94 -0.12 -0.81
CA PRO B 77 -24.79 1.32 -0.88
C PRO B 77 -23.42 1.80 -0.37
N ILE B 78 -23.10 3.03 -0.73
CA ILE B 78 -21.85 3.63 -0.29
C ILE B 78 -21.99 4.14 1.14
N THR B 79 -21.02 3.72 2.05
CA THR B 79 -21.20 4.01 3.47
C THR B 79 -20.06 4.87 3.99
N ASP B 80 -18.94 4.84 3.32
CA ASP B 80 -17.80 5.59 3.82
C ASP B 80 -16.96 6.14 2.65
N LYS B 81 -15.92 6.92 3.04
CA LYS B 81 -15.09 7.57 2.05
C LYS B 81 -14.30 6.55 1.22
N LYS B 82 -13.98 5.55 1.89
CA LYS B 82 -13.23 4.51 1.18
C LYS B 82 -14.10 3.83 0.13
N SER B 83 -15.29 3.53 0.56
CA SER B 83 -16.19 2.88 -0.38
C SER B 83 -16.53 3.80 -1.55
N GLU B 84 -16.62 5.05 -1.28
CA GLU B 84 -16.87 6.02 -2.34
C GLU B 84 -15.73 6.04 -3.35
N ALA B 85 -14.46 6.10 -2.84
CA ALA B 85 -13.29 6.08 -3.71
C ALA B 85 -13.26 4.81 -4.56
N ASN B 86 -13.63 3.75 -3.95
CA ASN B 86 -13.67 2.49 -4.68
C ASN B 86 -14.73 2.51 -5.79
N PHE B 87 -15.87 3.13 -5.46
CA PHE B 87 -16.93 3.23 -6.46
C PHE B 87 -16.43 4.01 -7.69
N ARG B 88 -15.66 5.05 -7.52
CA ARG B 88 -15.16 5.87 -8.61
C ARG B 88 -14.15 5.09 -9.46
N SER B 89 -13.29 4.43 -8.75
CA SER B 89 -12.29 3.66 -9.47
C SER B 89 -12.93 2.54 -10.29
N SER B 90 -13.83 1.89 -9.66
CA SER B 90 -14.51 0.80 -10.36
C SER B 90 -15.32 1.32 -11.54
N THR B 91 -15.89 2.55 -11.36
CA THR B 91 -16.65 3.18 -12.44
C THR B 91 -15.78 3.40 -13.66
N VAL B 92 -14.55 3.90 -13.43
CA VAL B 92 -13.64 4.16 -14.54
C VAL B 92 -13.26 2.84 -15.22
N GLU B 93 -13.02 1.87 -14.38
CA GLU B 93 -12.64 0.58 -14.93
C GLU B 93 -13.76 -0.04 -15.75
N TYR B 94 -14.92 0.01 -15.26
CA TYR B 94 -16.07 -0.57 -15.95
C TYR B 94 -16.35 0.17 -17.26
N LEU B 95 -16.25 1.45 -17.20
CA LEU B 95 -16.47 2.25 -18.41
C LEU B 95 -15.44 1.91 -19.48
N LYS B 96 -14.22 1.73 -19.08
CA LYS B 96 -13.19 1.33 -20.03
C LYS B 96 -13.48 -0.03 -20.63
N HIS B 97 -13.90 -0.89 -19.73
CA HIS B 97 -14.27 -2.21 -20.19
C HIS B 97 -15.38 -2.14 -21.23
N LEU B 98 -16.39 -1.41 -20.97
CA LEU B 98 -17.50 -1.25 -21.90
C LEU B 98 -17.04 -0.63 -23.22
N ASN B 99 -16.20 0.38 -23.12
CA ASN B 99 -15.66 1.06 -24.29
C ASN B 99 -14.94 0.09 -25.22
N GLU B 100 -14.23 -0.81 -24.59
CA GLU B 100 -13.49 -1.80 -25.38
C GLU B 100 -14.41 -2.88 -25.91
N LYS B 101 -15.20 -3.38 -25.09
CA LYS B 101 -16.08 -4.50 -25.44
C LYS B 101 -17.03 -4.11 -26.58
N HIS B 102 -17.57 -2.90 -26.55
CA HIS B 102 -18.59 -2.50 -27.50
C HIS B 102 -18.04 -1.54 -28.54
N GLN B 103 -16.80 -1.19 -28.40
CA GLN B 103 -16.10 -0.32 -29.35
C GLN B 103 -16.77 1.04 -29.44
N LEU B 104 -17.15 1.70 -28.32
CA LEU B 104 -17.90 2.95 -28.23
C LEU B 104 -16.99 4.14 -28.53
N HIS B 105 -15.73 4.03 -28.56
CA HIS B 105 -14.73 5.04 -28.90
C HIS B 105 -14.87 6.27 -28.01
N TRP B 106 -15.26 6.05 -26.75
CA TRP B 106 -15.26 7.15 -25.79
C TRP B 106 -13.84 7.63 -25.51
N ALA B 107 -13.70 8.96 -25.81
CA ALA B 107 -12.36 9.49 -25.59
C ALA B 107 -12.16 9.90 -24.13
N ASN B 108 -11.09 9.73 -23.64
CA ASN B 108 -10.54 10.26 -22.40
C ASN B 108 -11.41 9.89 -21.20
N ILE B 109 -11.72 8.63 -21.23
CA ILE B 109 -12.30 8.20 -19.97
C ILE B 109 -11.26 8.28 -18.86
N LYS B 110 -11.13 9.55 -18.34
CA LYS B 110 -10.10 9.76 -17.33
C LYS B 110 -10.72 10.01 -15.95
N SER B 111 -9.79 9.99 -14.95
CA SER B 111 -10.14 10.09 -13.53
C SER B 111 -10.88 11.40 -13.24
N TYR B 112 -10.79 12.30 -14.15
CA TYR B 112 -11.39 13.59 -13.82
C TYR B 112 -12.91 13.53 -13.94
N LEU B 113 -13.40 12.58 -14.75
CA LEU B 113 -14.85 12.44 -14.91
C LEU B 113 -15.49 12.01 -13.60
N VAL B 114 -14.54 11.45 -12.80
CA VAL B 114 -15.11 10.84 -11.60
C VAL B 114 -14.76 11.69 -10.38
N VAL B 115 -13.83 12.62 -10.56
CA VAL B 115 -13.38 13.39 -9.41
C VAL B 115 -14.22 14.64 -9.26
N MET B 116 -14.42 15.36 -10.29
CA MET B 116 -15.29 16.53 -10.28
C MET B 116 -16.32 16.46 -11.40
N PRO B 117 -17.26 15.52 -11.10
CA PRO B 117 -18.26 15.34 -12.15
C PRO B 117 -19.14 16.57 -12.36
N GLY B 118 -18.96 17.20 -13.42
CA GLY B 118 -19.72 18.37 -13.79
C GLY B 118 -19.10 19.16 -14.93
N GLY B 119 -19.90 19.95 -15.49
CA GLY B 119 -19.44 20.76 -16.60
C GLY B 119 -19.77 20.15 -17.95
N MET B 120 -19.31 20.82 -19.00
CA MET B 120 -19.69 20.48 -20.36
C MET B 120 -19.11 19.13 -20.77
N ARG B 121 -17.90 18.94 -20.43
CA ARG B 121 -17.24 17.70 -20.81
C ARG B 121 -17.93 16.50 -20.16
N PHE B 122 -18.24 16.63 -18.90
CA PHE B 122 -18.91 15.53 -18.19
C PHE B 122 -20.31 15.30 -18.74
N ILE B 123 -21.07 16.36 -18.97
CA ILE B 123 -22.44 16.26 -19.47
C ILE B 123 -22.44 15.55 -20.82
N ASN B 124 -21.47 15.86 -21.69
CA ASN B 124 -21.38 15.22 -23.00
C ASN B 124 -21.06 13.73 -22.86
N PHE B 125 -20.19 13.48 -21.97
CA PHE B 125 -19.87 12.08 -21.73
C PHE B 125 -21.10 11.32 -21.26
N LEU B 126 -21.73 11.86 -20.24
CA LEU B 126 -22.89 11.18 -19.66
C LEU B 126 -23.99 11.01 -20.69
N LEU B 127 -24.15 12.02 -21.57
CA LEU B 127 -25.13 11.90 -22.64
C LEU B 127 -24.81 10.71 -23.55
N GLU B 128 -23.58 10.55 -23.84
CA GLU B 128 -23.17 9.42 -24.65
C GLU B 128 -23.42 8.10 -23.93
N PHE B 129 -23.11 8.11 -22.71
CA PHE B 129 -23.30 6.90 -21.93
C PHE B 129 -24.78 6.54 -21.82
N VAL B 130 -25.56 7.53 -21.48
CA VAL B 130 -27.00 7.30 -21.40
C VAL B 130 -27.52 6.83 -22.74
N GLY B 131 -27.03 7.44 -23.83
CA GLY B 131 -27.40 6.99 -25.16
C GLY B 131 -27.08 5.52 -25.40
N PHE B 132 -25.96 5.15 -24.93
CA PHE B 132 -25.56 3.76 -25.06
C PHE B 132 -26.51 2.85 -24.30
N VAL B 133 -26.79 3.18 -23.07
CA VAL B 133 -27.70 2.39 -22.24
C VAL B 133 -29.06 2.28 -22.93
N ILE B 134 -29.54 3.39 -23.47
CA ILE B 134 -30.84 3.41 -24.14
C ILE B 134 -30.79 2.49 -25.36
N GLN B 135 -29.71 2.47 -26.05
CA GLN B 135 -29.59 1.62 -27.23
C GLN B 135 -29.61 0.15 -26.86
N GLU B 136 -28.99 -0.17 -25.79
CA GLU B 136 -29.01 -1.55 -25.32
C GLU B 136 -30.42 -1.98 -24.92
N LEU B 137 -31.10 -1.11 -24.31
CA LEU B 137 -32.48 -1.40 -23.91
C LEU B 137 -33.37 -1.55 -25.14
N ILE B 138 -33.15 -0.75 -26.18
CA ILE B 138 -33.91 -0.83 -27.42
C ILE B 138 -33.72 -2.20 -28.05
N LYS B 139 -32.54 -2.65 -28.04
CA LYS B 139 -32.25 -3.96 -28.61
C LYS B 139 -33.01 -5.07 -27.87
N GLN B 140 -33.01 -4.96 -26.61
CA GLN B 140 -33.71 -5.94 -25.79
C GLN B 140 -35.21 -5.92 -26.08
N ARG B 141 -35.70 -4.74 -26.19
CA ARG B 141 -37.14 -4.61 -26.42
C ARG B 141 -37.52 -5.05 -27.83
N GLU B 142 -36.70 -4.75 -28.78
CA GLU B 142 -36.95 -5.18 -30.16
C GLU B 142 -36.99 -6.70 -30.25
N LYS B 143 -36.14 -7.33 -29.53
CA LYS B 143 -36.09 -8.79 -29.52
C LYS B 143 -37.35 -9.38 -28.89
N SER B 144 -37.75 -8.75 -27.86
CA SER B 144 -38.93 -9.24 -27.14
C SER B 144 -40.19 -9.07 -27.99
N LEU B 145 -40.21 -8.05 -28.84
CA LEU B 145 -41.38 -7.76 -29.65
C LEU B 145 -41.29 -8.45 -31.01
N SER B 155 -48.66 6.65 -33.37
CA SER B 155 -48.54 7.76 -32.41
C SER B 155 -49.06 7.36 -31.04
N ALA B 156 -48.47 7.92 -29.96
CA ALA B 156 -48.90 7.68 -28.58
C ALA B 156 -50.36 8.08 -28.38
N LYS B 157 -50.83 9.09 -29.09
CA LYS B 157 -52.21 9.56 -28.95
C LYS B 157 -53.20 8.54 -29.50
N VAL B 158 -52.90 7.99 -30.63
CA VAL B 158 -53.77 6.99 -31.23
C VAL B 158 -53.84 5.76 -30.32
N MET B 159 -52.69 5.29 -29.79
CA MET B 159 -52.66 4.15 -28.89
C MET B 159 -53.50 4.40 -27.65
N ALA B 160 -53.36 5.65 -27.19
CA ALA B 160 -54.12 5.99 -26.00
C ALA B 160 -55.62 5.93 -26.26
N ARG B 161 -56.07 6.47 -27.35
CA ARG B 161 -57.49 6.48 -27.69
C ARG B 161 -57.99 5.06 -27.98
N GLN B 162 -57.23 4.33 -28.71
CA GLN B 162 -57.61 2.94 -28.99
C GLN B 162 -57.75 2.13 -27.71
N ASN B 163 -56.79 2.33 -26.81
CA ASN B 163 -56.83 1.60 -25.55
C ASN B 163 -58.06 1.97 -24.73
N ALA B 164 -58.36 3.21 -24.73
CA ALA B 164 -59.52 3.67 -23.97
C ALA B 164 -60.81 3.13 -24.56
N SER C 63 -43.81 13.14 -27.87
CA SER C 63 -42.86 13.60 -26.86
C SER C 63 -42.81 12.66 -25.67
N VAL C 64 -41.83 12.85 -24.84
CA VAL C 64 -41.72 12.07 -23.61
C VAL C 64 -42.96 12.28 -22.75
N ALA C 65 -43.52 13.46 -22.79
CA ALA C 65 -44.72 13.77 -22.02
C ALA C 65 -45.93 13.01 -22.55
N ASP C 66 -46.00 12.86 -23.85
CA ASP C 66 -47.09 12.11 -24.45
C ASP C 66 -47.07 10.65 -24.02
N TYR C 67 -45.92 10.10 -23.97
CA TYR C 67 -45.80 8.71 -23.57
C TYR C 67 -46.11 8.56 -22.07
N ALA C 68 -45.70 9.57 -21.31
CA ALA C 68 -46.07 9.53 -19.90
C ALA C 68 -47.57 9.46 -19.72
N GLU C 69 -48.26 10.24 -20.48
CA GLU C 69 -49.72 10.23 -20.42
C GLU C 69 -50.29 8.90 -20.92
N LEU C 70 -49.69 8.38 -21.99
CA LEU C 70 -50.12 7.08 -22.52
C LEU C 70 -49.97 5.99 -21.46
N PHE C 71 -48.82 5.99 -20.73
CA PHE C 71 -48.58 4.95 -19.73
C PHE C 71 -49.60 5.05 -18.60
N LYS C 72 -50.06 6.28 -18.28
CA LYS C 72 -51.12 6.43 -17.30
C LYS C 72 -52.43 5.82 -17.80
N THR C 73 -52.71 6.10 -19.06
CA THR C 73 -53.94 5.56 -19.65
C THR C 73 -53.91 4.03 -19.67
N LEU C 74 -52.76 3.46 -19.96
CA LEU C 74 -52.63 2.02 -20.03
C LEU C 74 -52.82 1.38 -18.65
N GLU C 75 -52.67 2.12 -17.58
CA GLU C 75 -52.79 1.59 -16.23
C GLU C 75 -54.23 1.70 -15.72
N MET D 1 3.65 -42.88 15.36
CA MET D 1 4.13 -41.77 14.48
C MET D 1 2.94 -41.27 13.65
N ARG D 2 3.09 -40.25 12.80
CA ARG D 2 1.99 -39.78 11.93
C ARG D 2 2.53 -39.50 10.52
N GLU D 3 2.66 -40.51 9.69
CA GLU D 3 3.33 -40.42 8.38
C GLU D 3 2.43 -39.86 7.27
N ILE D 4 3.04 -39.19 6.29
CA ILE D 4 2.43 -38.77 5.03
C ILE D 4 3.25 -39.32 3.88
N VAL D 5 2.58 -39.85 2.84
CA VAL D 5 3.22 -40.26 1.58
C VAL D 5 2.98 -39.15 0.55
N HIS D 6 4.07 -38.62 -0.01
CA HIS D 6 4.01 -37.58 -1.04
C HIS D 6 4.16 -38.19 -2.44
N ILE D 7 3.34 -37.72 -3.36
CA ILE D 7 3.38 -38.09 -4.77
C ILE D 7 3.52 -36.80 -5.58
N GLN D 8 4.34 -36.84 -6.63
CA GLN D 8 4.50 -35.73 -7.57
C GLN D 8 4.40 -36.25 -8.99
N ALA D 9 3.39 -35.78 -9.74
CA ALA D 9 3.01 -36.34 -11.03
C ALA D 9 3.15 -35.33 -12.18
N GLY D 10 3.86 -35.74 -13.23
CA GLY D 10 4.10 -34.94 -14.43
C GLY D 10 5.11 -33.81 -14.25
N GLN D 11 5.33 -33.04 -15.31
CA GLN D 11 6.35 -31.99 -15.34
C GLN D 11 6.17 -30.95 -14.21
N CYS D 12 5.01 -30.30 -14.16
CA CYS D 12 4.72 -29.27 -13.16
C CYS D 12 4.75 -29.84 -11.73
N GLY D 13 4.13 -31.00 -11.51
CA GLY D 13 4.11 -31.68 -10.21
C GLY D 13 5.52 -32.00 -9.70
N ASN D 14 6.38 -32.56 -10.55
CA ASN D 14 7.77 -32.85 -10.17
C ASN D 14 8.61 -31.59 -9.92
N GLN D 15 8.40 -30.51 -10.68
CA GLN D 15 9.13 -29.27 -10.47
C GLN D 15 8.76 -28.58 -9.16
N ILE D 16 7.47 -28.48 -8.85
CA ILE D 16 6.97 -27.90 -7.61
C ILE D 16 7.33 -28.82 -6.43
N GLY D 17 7.11 -30.12 -6.57
CA GLY D 17 7.47 -31.12 -5.56
C GLY D 17 8.96 -31.08 -5.21
N ALA D 18 9.85 -31.03 -6.21
CA ALA D 18 11.29 -30.88 -5.96
C ALA D 18 11.61 -29.60 -5.18
N LYS D 19 10.96 -28.46 -5.50
CA LYS D 19 11.15 -27.21 -4.76
C LYS D 19 10.58 -27.27 -3.34
N PHE D 20 9.45 -27.93 -3.13
CA PHE D 20 8.91 -28.19 -1.80
C PHE D 20 9.91 -28.96 -0.94
N TRP D 21 10.45 -30.07 -1.45
CA TRP D 21 11.46 -30.87 -0.75
C TRP D 21 12.72 -30.06 -0.43
N GLU D 22 13.24 -29.28 -1.39
CA GLU D 22 14.37 -28.38 -1.13
C GLU D 22 14.10 -27.41 0.04
N VAL D 23 12.92 -26.78 0.06
CA VAL D 23 12.54 -25.81 1.10
C VAL D 23 12.39 -26.48 2.47
N ILE D 24 11.66 -27.59 2.56
CA ILE D 24 11.43 -28.22 3.87
C ILE D 24 12.67 -28.96 4.37
N SER D 25 13.51 -29.54 3.50
CA SER D 25 14.79 -30.14 3.91
C SER D 25 15.67 -29.11 4.59
N ASP D 26 15.75 -27.91 4.02
CA ASP D 26 16.49 -26.81 4.62
C ASP D 26 15.91 -26.34 5.96
N GLU D 27 14.58 -26.24 6.09
CA GLU D 27 13.93 -25.92 7.37
C GLU D 27 14.19 -26.98 8.45
N HIS D 28 14.31 -28.26 8.07
CA HIS D 28 14.63 -29.37 8.97
C HIS D 28 16.14 -29.60 9.15
N GLY D 29 17.01 -28.79 8.53
CA GLY D 29 18.46 -28.93 8.65
C GLY D 29 19.03 -30.17 7.95
N ILE D 30 18.34 -30.69 6.93
CA ILE D 30 18.75 -31.84 6.13
C ILE D 30 19.49 -31.37 4.88
N ASP D 31 20.69 -31.90 4.67
CA ASP D 31 21.50 -31.59 3.49
C ASP D 31 21.09 -32.43 2.26
N PRO D 32 21.61 -32.13 1.06
CA PRO D 32 21.33 -32.90 -0.15
C PRO D 32 21.73 -34.38 -0.11
N THR D 33 22.53 -34.81 0.88
CA THR D 33 22.94 -36.20 1.06
C THR D 33 22.03 -36.97 2.02
N GLY D 34 21.06 -36.29 2.63
CA GLY D 34 20.14 -36.82 3.64
C GLY D 34 20.68 -36.73 5.06
N SER D 35 21.80 -36.05 5.32
CA SER D 35 22.38 -35.93 6.66
C SER D 35 21.86 -34.69 7.39
N TYR D 36 21.62 -34.83 8.69
CA TYR D 36 21.17 -33.74 9.56
C TYR D 36 22.35 -32.90 10.08
N HIS D 37 22.24 -31.59 9.95
CA HIS D 37 23.20 -30.57 10.41
C HIS D 37 22.52 -29.36 11.06
N GLY D 38 21.33 -29.56 11.64
CA GLY D 38 20.60 -28.51 12.35
C GLY D 38 21.14 -28.19 13.75
N ASP D 39 20.52 -27.22 14.40
CA ASP D 39 20.89 -26.69 15.72
C ASP D 39 19.74 -26.71 16.74
N SER D 40 18.58 -27.28 16.39
CA SER D 40 17.40 -27.33 17.25
C SER D 40 16.71 -28.69 17.18
N ASP D 41 16.41 -29.27 18.35
CA ASP D 41 15.70 -30.55 18.44
C ASP D 41 14.29 -30.51 17.81
N LEU D 42 13.67 -29.32 17.77
CA LEU D 42 12.38 -29.08 17.11
C LEU D 42 12.40 -29.43 15.61
N GLN D 43 13.57 -29.40 14.97
CA GLN D 43 13.73 -29.78 13.57
C GLN D 43 13.58 -31.29 13.36
N LEU D 44 13.82 -32.11 14.39
CA LEU D 44 13.75 -33.56 14.30
C LEU D 44 12.49 -34.14 14.95
N GLU D 45 11.85 -33.43 15.88
CA GLU D 45 10.73 -33.94 16.67
C GLU D 45 9.61 -34.56 15.83
N ARG D 46 9.25 -33.94 14.70
CA ARG D 46 8.23 -34.46 13.76
C ARG D 46 8.78 -34.71 12.35
N ILE D 47 10.08 -34.97 12.21
CA ILE D 47 10.68 -35.21 10.88
C ILE D 47 10.10 -36.46 10.18
N ASN D 48 9.68 -37.46 10.97
CA ASN D 48 9.15 -38.73 10.48
C ASN D 48 7.83 -38.59 9.69
N VAL D 49 7.15 -37.44 9.80
CA VAL D 49 5.94 -37.13 9.03
C VAL D 49 6.24 -37.20 7.52
N TYR D 50 7.36 -36.64 7.08
CA TYR D 50 7.74 -36.58 5.67
C TYR D 50 8.97 -37.41 5.30
N TYR D 51 9.78 -37.81 6.28
CA TYR D 51 11.03 -38.52 6.02
C TYR D 51 11.00 -39.91 6.64
N ASN D 52 11.64 -40.86 5.98
CA ASN D 52 12.02 -42.14 6.55
C ASN D 52 13.45 -42.05 7.07
N GLU D 53 13.71 -42.64 8.24
CA GLU D 53 15.06 -42.84 8.74
C GLU D 53 15.71 -44.05 8.04
N ALA D 54 16.93 -43.86 7.56
CA ALA D 54 17.73 -44.85 6.88
C ALA D 54 19.05 -45.10 7.63
N ALA D 55 19.73 -46.21 7.29
CA ALA D 55 20.98 -46.60 7.93
C ALA D 55 22.03 -45.47 7.90
N GLY D 56 22.63 -45.20 9.05
CA GLY D 56 23.64 -44.14 9.22
C GLY D 56 23.05 -42.76 9.50
N ASN D 57 21.91 -42.67 10.19
CA ASN D 57 21.20 -41.42 10.54
C ASN D 57 20.95 -40.54 9.31
N LYS D 58 20.51 -41.17 8.22
CA LYS D 58 20.10 -40.46 7.01
C LYS D 58 18.58 -40.33 6.98
N TYR D 59 18.10 -39.20 6.49
CA TYR D 59 16.69 -38.92 6.28
C TYR D 59 16.41 -38.91 4.79
N VAL D 60 15.48 -39.76 4.36
CA VAL D 60 15.08 -39.92 2.96
C VAL D 60 13.61 -39.51 2.82
N PRO D 61 13.26 -38.54 1.96
CA PRO D 61 11.87 -38.19 1.69
C PRO D 61 10.99 -39.40 1.38
N ARG D 62 9.82 -39.47 2.00
CA ARG D 62 8.74 -40.40 1.64
C ARG D 62 8.00 -39.87 0.39
N ALA D 63 8.77 -39.74 -0.69
CA ALA D 63 8.36 -39.11 -1.94
C ALA D 63 8.38 -40.12 -3.09
N ILE D 64 7.37 -40.06 -3.93
CA ILE D 64 7.22 -40.89 -5.13
C ILE D 64 7.13 -39.96 -6.33
N LEU D 65 8.06 -40.12 -7.27
CA LEU D 65 8.21 -39.26 -8.43
C LEU D 65 7.68 -40.01 -9.66
N VAL D 66 6.64 -39.45 -10.28
CA VAL D 66 5.90 -40.08 -11.37
C VAL D 66 5.90 -39.19 -12.59
N ASP D 67 6.28 -39.73 -13.74
CA ASP D 67 6.08 -39.06 -15.03
C ASP D 67 5.88 -40.08 -16.16
N LEU D 68 5.29 -39.69 -17.29
CA LEU D 68 5.17 -40.55 -18.47
C LEU D 68 6.34 -40.37 -19.45
N GLU D 69 7.26 -39.45 -19.15
CA GLU D 69 8.50 -39.21 -19.89
C GLU D 69 9.67 -38.94 -18.92
N PRO D 70 10.92 -39.32 -19.27
CA PRO D 70 12.05 -39.23 -18.34
C PRO D 70 12.60 -37.80 -18.13
N GLY D 71 12.31 -36.86 -19.04
CA GLY D 71 13.01 -35.57 -19.12
C GLY D 71 12.97 -34.72 -17.83
N THR D 72 11.79 -34.57 -17.22
CA THR D 72 11.66 -33.82 -15.95
C THR D 72 12.34 -34.54 -14.80
N MET D 73 12.24 -35.86 -14.73
CA MET D 73 12.80 -36.65 -13.63
C MET D 73 14.33 -36.70 -13.66
N ASP D 74 14.93 -36.76 -14.84
CA ASP D 74 16.38 -36.61 -14.99
C ASP D 74 16.85 -35.22 -14.56
N SER D 75 16.07 -34.19 -14.87
CA SER D 75 16.32 -32.82 -14.38
C SER D 75 16.27 -32.75 -12.85
N VAL D 76 15.29 -33.39 -12.20
CA VAL D 76 15.19 -33.48 -10.74
C VAL D 76 16.39 -34.22 -10.15
N ARG D 77 16.79 -35.37 -10.72
CA ARG D 77 17.93 -36.17 -10.23
C ARG D 77 19.27 -35.41 -10.31
N SER D 78 19.41 -34.56 -11.33
CA SER D 78 20.57 -33.66 -11.50
C SER D 78 20.49 -32.36 -10.68
N GLY D 79 19.33 -32.09 -10.07
CA GLY D 79 19.07 -30.90 -9.28
C GLY D 79 19.80 -30.89 -7.92
N PRO D 80 19.73 -29.77 -7.18
CA PRO D 80 20.49 -29.56 -5.94
C PRO D 80 20.25 -30.64 -4.89
N PHE D 81 19.01 -31.06 -4.72
CA PHE D 81 18.58 -32.12 -3.80
C PHE D 81 18.24 -33.43 -4.53
N GLY D 82 18.65 -33.61 -5.78
CA GLY D 82 18.26 -34.77 -6.59
C GLY D 82 18.71 -36.13 -6.04
N GLN D 83 19.75 -36.15 -5.19
CA GLN D 83 20.32 -37.36 -4.60
C GLN D 83 19.68 -37.77 -3.26
N ILE D 84 18.79 -36.94 -2.70
CA ILE D 84 18.14 -37.24 -1.42
C ILE D 84 17.00 -38.27 -1.58
N PHE D 85 16.40 -38.33 -2.77
CA PHE D 85 15.27 -39.19 -3.07
C PHE D 85 15.69 -40.66 -3.17
N ARG D 86 14.83 -41.56 -2.70
CA ARG D 86 15.02 -43.00 -2.88
C ARG D 86 15.01 -43.34 -4.39
N PRO D 87 16.08 -43.95 -4.94
CA PRO D 87 16.15 -44.22 -6.38
C PRO D 87 15.01 -45.10 -6.91
N ASP D 88 14.56 -46.08 -6.11
CA ASP D 88 13.44 -46.97 -6.45
C ASP D 88 12.10 -46.22 -6.61
N ASN D 89 11.99 -44.98 -6.10
CA ASN D 89 10.75 -44.22 -6.10
C ASN D 89 10.59 -43.33 -7.35
N PHE D 90 11.55 -43.40 -8.28
CA PHE D 90 11.45 -42.78 -9.60
C PHE D 90 10.73 -43.76 -10.56
N VAL D 91 9.43 -43.58 -10.75
CA VAL D 91 8.62 -44.41 -11.65
C VAL D 91 8.27 -43.61 -12.91
N PHE D 92 8.77 -44.03 -14.07
CA PHE D 92 8.55 -43.29 -15.31
C PHE D 92 8.28 -44.14 -16.55
N GLY D 93 7.47 -43.57 -17.45
CA GLY D 93 7.24 -44.06 -18.80
C GLY D 93 8.25 -43.53 -19.82
N GLN D 94 8.02 -43.85 -21.10
CA GLN D 94 8.85 -43.39 -22.23
C GLN D 94 8.05 -42.68 -23.33
N SER D 95 6.74 -42.92 -23.41
CA SER D 95 5.87 -42.46 -24.50
C SER D 95 5.39 -41.01 -24.34
N GLY D 96 5.32 -40.51 -23.10
CA GLY D 96 4.77 -39.20 -22.77
C GLY D 96 3.25 -39.11 -22.92
N ALA D 97 2.65 -38.09 -22.30
CA ALA D 97 1.20 -37.88 -22.36
C ALA D 97 0.75 -36.88 -23.44
N GLY D 98 1.67 -36.08 -24.02
CA GLY D 98 1.37 -35.12 -25.08
C GLY D 98 0.26 -34.11 -24.74
N ASN D 99 0.23 -33.60 -23.50
CA ASN D 99 -0.82 -32.70 -22.98
C ASN D 99 -2.26 -33.21 -23.16
N ASN D 100 -2.44 -34.53 -23.12
CA ASN D 100 -3.74 -35.18 -23.31
C ASN D 100 -4.15 -35.94 -22.05
N TRP D 101 -5.24 -35.50 -21.42
CA TRP D 101 -5.81 -36.15 -20.24
C TRP D 101 -6.18 -37.62 -20.51
N ALA D 102 -6.72 -37.96 -21.69
CA ALA D 102 -7.08 -39.33 -22.04
C ALA D 102 -5.87 -40.26 -22.08
N LYS D 103 -4.71 -39.76 -22.53
CA LYS D 103 -3.46 -40.55 -22.49
C LYS D 103 -3.00 -40.80 -21.07
N GLY D 104 -3.04 -39.77 -20.23
CA GLY D 104 -2.72 -39.89 -18.82
C GLY D 104 -3.67 -40.83 -18.06
N HIS D 105 -4.96 -40.81 -18.36
CA HIS D 105 -5.97 -41.52 -17.57
C HIS D 105 -6.31 -42.91 -18.11
N TYR D 106 -6.44 -43.08 -19.43
CA TYR D 106 -6.99 -44.31 -20.04
C TYR D 106 -5.95 -45.21 -20.73
N THR D 107 -4.80 -44.66 -21.12
CA THR D 107 -3.88 -45.38 -22.03
C THR D 107 -2.48 -45.49 -21.43
N GLU D 108 -1.60 -44.53 -21.71
CA GLU D 108 -0.20 -44.52 -21.25
C GLU D 108 -0.10 -44.59 -19.71
N GLY D 109 -0.92 -43.81 -19.00
CA GLY D 109 -0.91 -43.84 -17.53
C GLY D 109 -1.51 -45.11 -16.94
N ALA D 110 -2.48 -45.74 -17.63
CA ALA D 110 -3.07 -47.00 -17.18
C ALA D 110 -2.10 -48.19 -17.31
N GLU D 111 -1.10 -48.11 -18.20
CA GLU D 111 -0.02 -49.10 -18.28
C GLU D 111 1.00 -48.95 -17.14
N LEU D 112 1.24 -47.72 -16.68
CA LEU D 112 2.26 -47.44 -15.65
C LEU D 112 1.71 -47.47 -14.21
N VAL D 113 0.40 -47.27 -14.01
CA VAL D 113 -0.22 -47.04 -12.70
C VAL D 113 0.08 -48.14 -11.67
N ASP D 114 0.04 -49.42 -12.07
CA ASP D 114 0.30 -50.55 -11.14
C ASP D 114 1.73 -50.50 -10.58
N SER D 115 2.70 -50.06 -11.39
CA SER D 115 4.10 -49.90 -10.94
C SER D 115 4.25 -48.77 -9.92
N VAL D 116 3.45 -47.71 -10.05
CA VAL D 116 3.42 -46.61 -9.07
C VAL D 116 2.78 -47.10 -7.76
N LEU D 117 1.65 -47.83 -7.84
CA LEU D 117 0.96 -48.36 -6.67
C LEU D 117 1.82 -49.34 -5.87
N ASP D 118 2.68 -50.13 -6.53
CA ASP D 118 3.64 -50.99 -5.84
C ASP D 118 4.64 -50.19 -4.98
N VAL D 119 5.10 -49.03 -5.47
CA VAL D 119 5.97 -48.14 -4.69
C VAL D 119 5.19 -47.46 -3.56
N VAL D 120 3.95 -47.01 -3.82
CA VAL D 120 3.05 -46.46 -2.80
C VAL D 120 2.87 -47.46 -1.66
N ARG D 121 2.57 -48.72 -1.99
CA ARG D 121 2.39 -49.78 -1.00
C ARG D 121 3.65 -50.03 -0.19
N LYS D 122 4.83 -50.09 -0.83
CA LYS D 122 6.11 -50.26 -0.14
C LYS D 122 6.42 -49.13 0.85
N GLU D 123 6.10 -47.88 0.51
CA GLU D 123 6.25 -46.75 1.44
C GLU D 123 5.20 -46.81 2.57
N SER D 124 3.94 -47.09 2.26
CA SER D 124 2.85 -47.20 3.24
C SER D 124 3.05 -48.34 4.24
N GLU D 125 3.55 -49.50 3.80
CA GLU D 125 3.87 -50.65 4.66
C GLU D 125 4.98 -50.35 5.69
N SER D 126 5.81 -49.34 5.41
CA SER D 126 6.88 -48.90 6.32
C SER D 126 6.43 -47.83 7.33
N CYS D 127 5.20 -47.33 7.23
CA CYS D 127 4.63 -46.36 8.17
C CYS D 127 4.06 -47.07 9.41
N ASP D 128 4.20 -46.46 10.59
CA ASP D 128 3.56 -46.93 11.82
C ASP D 128 2.07 -46.55 11.88
N CYS D 129 1.72 -45.31 11.47
CA CYS D 129 0.34 -44.85 11.37
C CYS D 129 0.22 -43.81 10.24
N LEU D 130 -0.07 -44.30 9.04
CA LEU D 130 -0.25 -43.47 7.85
C LEU D 130 -1.47 -42.55 8.02
N GLN D 131 -1.26 -41.23 8.00
CA GLN D 131 -2.35 -40.25 8.01
C GLN D 131 -3.07 -40.22 6.67
N GLY D 132 -2.29 -40.20 5.58
CA GLY D 132 -2.80 -39.94 4.25
C GLY D 132 -1.71 -39.62 3.23
N PHE D 133 -2.18 -39.10 2.10
CA PHE D 133 -1.40 -38.84 0.91
C PHE D 133 -1.47 -37.36 0.56
N GLN D 134 -0.40 -36.86 -0.05
CA GLN D 134 -0.40 -35.57 -0.72
C GLN D 134 0.07 -35.70 -2.17
N LEU D 135 -0.64 -35.09 -3.11
CA LEU D 135 -0.27 -35.06 -4.53
C LEU D 135 0.06 -33.65 -4.98
N THR D 136 1.17 -33.47 -5.70
CA THR D 136 1.47 -32.25 -6.45
C THR D 136 1.34 -32.51 -7.96
N HIS D 137 0.51 -31.72 -8.63
CA HIS D 137 0.26 -31.88 -10.07
C HIS D 137 -0.35 -30.62 -10.70
N SER D 138 -0.38 -30.57 -12.03
CA SER D 138 -1.12 -29.56 -12.79
C SER D 138 -2.34 -30.18 -13.47
N LEU D 139 -3.42 -29.41 -13.54
CA LEU D 139 -4.67 -29.82 -14.20
C LEU D 139 -4.69 -29.48 -15.71
N GLY D 140 -3.73 -28.70 -16.21
CA GLY D 140 -3.66 -28.33 -17.63
C GLY D 140 -3.01 -29.38 -18.54
N GLY D 141 -2.13 -30.22 -17.99
CA GLY D 141 -1.32 -31.17 -18.76
C GLY D 141 -1.95 -32.55 -18.95
N GLY D 142 -1.17 -33.50 -19.47
CA GLY D 142 -1.61 -34.89 -19.64
C GLY D 142 -1.31 -35.78 -18.42
N THR D 143 -0.03 -35.85 -18.01
CA THR D 143 0.41 -36.75 -16.93
C THR D 143 -0.15 -36.33 -15.57
N GLY D 144 0.15 -35.10 -15.14
CA GLY D 144 -0.31 -34.61 -13.83
C GLY D 144 -1.83 -34.62 -13.70
N SER D 145 -2.54 -34.25 -14.77
CA SER D 145 -4.01 -34.19 -14.78
C SER D 145 -4.61 -35.60 -14.86
N GLY D 146 -4.37 -36.33 -15.96
CA GLY D 146 -5.02 -37.61 -16.23
C GLY D 146 -4.46 -38.76 -15.38
N MET D 147 -3.14 -38.93 -15.34
CA MET D 147 -2.54 -40.00 -14.53
C MET D 147 -2.61 -39.68 -13.04
N GLY D 148 -2.49 -38.40 -12.66
CA GLY D 148 -2.65 -37.99 -11.26
C GLY D 148 -4.04 -38.31 -10.70
N THR D 149 -5.11 -38.06 -11.46
CA THR D 149 -6.47 -38.42 -11.01
C THR D 149 -6.74 -39.92 -11.05
N LEU D 150 -6.14 -40.65 -12.00
CA LEU D 150 -6.18 -42.12 -11.99
C LEU D 150 -5.52 -42.68 -10.73
N LEU D 151 -4.36 -42.14 -10.35
CA LEU D 151 -3.64 -42.52 -9.14
C LEU D 151 -4.47 -42.23 -7.88
N ILE D 152 -5.07 -41.04 -7.80
CA ILE D 152 -5.96 -40.68 -6.69
C ILE D 152 -7.08 -41.71 -6.55
N SER D 153 -7.77 -42.04 -7.65
CA SER D 153 -8.88 -42.99 -7.62
C SER D 153 -8.42 -44.39 -7.17
N LYS D 154 -7.25 -44.84 -7.65
CA LYS D 154 -6.67 -46.13 -7.23
C LYS D 154 -6.17 -46.16 -5.79
N ILE D 155 -5.63 -45.06 -5.30
CA ILE D 155 -5.24 -44.93 -3.89
C ILE D 155 -6.50 -44.95 -3.02
N ARG D 156 -7.58 -44.28 -3.41
CA ARG D 156 -8.85 -44.30 -2.67
C ARG D 156 -9.51 -45.69 -2.66
N GLU D 157 -9.31 -46.49 -3.71
CA GLU D 157 -9.75 -47.90 -3.71
C GLU D 157 -8.96 -48.76 -2.72
N GLU D 158 -7.63 -48.58 -2.64
CA GLU D 158 -6.76 -49.39 -1.77
C GLU D 158 -6.70 -48.89 -0.31
N TYR D 159 -6.86 -47.58 -0.10
CA TYR D 159 -6.77 -46.89 1.19
C TYR D 159 -8.00 -45.98 1.40
N PRO D 160 -9.22 -46.53 1.46
CA PRO D 160 -10.46 -45.75 1.46
C PRO D 160 -10.66 -44.87 2.70
N ASP D 161 -10.00 -45.20 3.81
CA ASP D 161 -10.12 -44.49 5.08
C ASP D 161 -9.04 -43.42 5.28
N ARG D 162 -8.07 -43.28 4.36
CA ARG D 162 -6.93 -42.36 4.47
C ARG D 162 -7.21 -41.05 3.75
N ILE D 163 -6.71 -39.94 4.29
CA ILE D 163 -6.92 -38.61 3.73
C ILE D 163 -6.13 -38.44 2.43
N MET D 164 -6.76 -37.86 1.40
CA MET D 164 -6.14 -37.49 0.14
C MET D 164 -6.15 -35.96 -0.04
N ASN D 165 -4.96 -35.38 -0.03
CA ASN D 165 -4.75 -33.94 -0.22
C ASN D 165 -4.07 -33.65 -1.56
N THR D 166 -4.43 -32.57 -2.24
CA THR D 166 -3.77 -32.17 -3.50
C THR D 166 -3.36 -30.70 -3.53
N PHE D 167 -2.20 -30.45 -4.11
CA PHE D 167 -1.74 -29.14 -4.55
C PHE D 167 -1.89 -29.09 -6.07
N SER D 168 -3.01 -28.53 -6.50
CA SER D 168 -3.49 -28.57 -7.88
C SER D 168 -3.21 -27.26 -8.59
N VAL D 169 -2.28 -27.27 -9.55
CA VAL D 169 -2.00 -26.10 -10.39
C VAL D 169 -3.04 -25.98 -11.49
N VAL D 170 -3.84 -24.92 -11.42
CA VAL D 170 -4.90 -24.59 -12.38
C VAL D 170 -4.30 -23.80 -13.55
N PRO D 171 -4.62 -24.18 -14.81
CA PRO D 171 -4.11 -23.48 -15.98
C PRO D 171 -4.75 -22.11 -16.18
N SER D 172 -4.06 -21.22 -16.89
CA SER D 172 -4.59 -19.93 -17.34
C SER D 172 -4.05 -19.58 -18.73
N PRO D 173 -4.85 -18.94 -19.60
CA PRO D 173 -4.37 -18.46 -20.91
C PRO D 173 -3.15 -17.51 -20.83
N LYS D 174 -2.90 -16.87 -19.67
CA LYS D 174 -1.70 -16.03 -19.48
C LYS D 174 -0.40 -16.84 -19.37
N VAL D 175 -0.49 -18.08 -18.90
CA VAL D 175 0.63 -19.01 -18.71
C VAL D 175 0.16 -20.38 -19.21
N SER D 176 0.09 -20.49 -20.53
CA SER D 176 -0.47 -21.64 -21.25
C SER D 176 0.58 -22.25 -22.18
N ASP D 177 0.64 -23.57 -22.17
CA ASP D 177 1.44 -24.39 -23.07
C ASP D 177 0.59 -24.86 -24.26
N THR D 178 -0.69 -25.19 -24.04
CA THR D 178 -1.59 -25.70 -25.08
C THR D 178 -3.04 -25.25 -24.93
N VAL D 179 -3.75 -25.18 -26.06
CA VAL D 179 -5.16 -24.75 -26.10
C VAL D 179 -6.14 -25.73 -25.44
N VAL D 180 -5.74 -26.97 -25.17
CA VAL D 180 -6.61 -28.03 -24.63
C VAL D 180 -6.60 -28.10 -23.10
N GLU D 181 -5.87 -27.21 -22.43
CA GLU D 181 -5.82 -27.10 -20.96
C GLU D 181 -7.19 -27.03 -20.29
N PRO D 182 -8.21 -26.30 -20.81
CA PRO D 182 -9.54 -26.30 -20.22
C PRO D 182 -10.21 -27.68 -20.24
N TYR D 183 -9.98 -28.49 -21.28
CA TYR D 183 -10.51 -29.86 -21.33
C TYR D 183 -9.89 -30.74 -20.25
N ASN D 184 -8.56 -30.70 -20.14
CA ASN D 184 -7.84 -31.48 -19.14
C ASN D 184 -8.27 -31.05 -17.72
N ALA D 185 -8.41 -29.75 -17.48
CA ALA D 185 -8.78 -29.21 -16.19
C ALA D 185 -10.20 -29.61 -15.79
N THR D 186 -11.20 -29.45 -16.67
CA THR D 186 -12.59 -29.84 -16.38
C THR D 186 -12.72 -31.34 -16.07
N LEU D 187 -12.06 -32.19 -16.86
CA LEU D 187 -12.05 -33.65 -16.62
C LEU D 187 -11.40 -34.00 -15.28
N SER D 188 -10.33 -33.29 -14.90
CA SER D 188 -9.68 -33.51 -13.61
C SER D 188 -10.45 -32.96 -12.42
N VAL D 189 -11.07 -31.77 -12.52
CA VAL D 189 -11.88 -31.20 -11.43
C VAL D 189 -13.00 -32.16 -11.04
N HIS D 190 -13.67 -32.78 -12.02
CA HIS D 190 -14.69 -33.81 -11.73
C HIS D 190 -14.14 -34.96 -10.87
N GLN D 191 -12.92 -35.43 -11.15
CA GLN D 191 -12.29 -36.49 -10.36
C GLN D 191 -11.86 -36.03 -8.96
N LEU D 192 -11.46 -34.77 -8.80
CA LEU D 192 -11.06 -34.20 -7.51
C LEU D 192 -12.26 -34.06 -6.57
N VAL D 193 -13.40 -33.58 -7.08
CA VAL D 193 -14.67 -33.45 -6.33
C VAL D 193 -15.07 -34.76 -5.64
N GLU D 194 -14.86 -35.90 -6.31
CA GLU D 194 -15.27 -37.21 -5.79
C GLU D 194 -14.21 -37.86 -4.90
N ASN D 195 -12.92 -37.65 -5.20
CA ASN D 195 -11.85 -38.50 -4.68
C ASN D 195 -10.84 -37.81 -3.75
N THR D 196 -10.96 -36.51 -3.48
CA THR D 196 -10.07 -35.79 -2.55
C THR D 196 -10.83 -35.25 -1.34
N ASP D 197 -10.11 -35.02 -0.23
CA ASP D 197 -10.65 -34.40 0.98
C ASP D 197 -10.25 -32.93 1.08
N GLU D 198 -9.11 -32.57 0.48
CA GLU D 198 -8.56 -31.22 0.46
C GLU D 198 -7.88 -30.96 -0.89
N THR D 199 -8.24 -29.87 -1.56
CA THR D 199 -7.57 -29.45 -2.79
C THR D 199 -7.18 -27.97 -2.71
N TYR D 200 -5.88 -27.69 -2.65
CA TYR D 200 -5.33 -26.34 -2.75
C TYR D 200 -5.30 -25.89 -4.20
N CYS D 201 -6.14 -24.91 -4.53
CA CYS D 201 -6.23 -24.34 -5.87
C CYS D 201 -5.13 -23.30 -6.07
N ILE D 202 -4.13 -23.65 -6.88
CA ILE D 202 -3.00 -22.78 -7.20
C ILE D 202 -3.15 -22.33 -8.65
N ASP D 203 -3.57 -21.10 -8.84
CA ASP D 203 -3.85 -20.52 -10.15
C ASP D 203 -2.61 -19.85 -10.74
N ASN D 204 -2.16 -20.35 -11.88
CA ASN D 204 -1.04 -19.75 -12.62
C ASN D 204 -1.29 -18.27 -12.97
N GLU D 205 -2.55 -17.85 -13.13
CA GLU D 205 -2.91 -16.45 -13.33
C GLU D 205 -2.53 -15.58 -12.13
N ALA D 206 -2.90 -16.04 -10.92
CA ALA D 206 -2.61 -15.33 -9.68
C ALA D 206 -1.11 -15.28 -9.43
N LEU D 207 -0.41 -16.39 -9.61
CA LEU D 207 1.05 -16.46 -9.45
C LEU D 207 1.75 -15.48 -10.41
N TYR D 208 1.33 -15.44 -11.68
CA TYR D 208 1.90 -14.52 -12.67
C TYR D 208 1.64 -13.07 -12.30
N ASP D 209 0.41 -12.72 -11.94
CA ASP D 209 0.05 -11.36 -11.55
C ASP D 209 0.76 -10.92 -10.25
N ILE D 210 0.99 -11.81 -9.28
CA ILE D 210 1.83 -11.54 -8.10
C ILE D 210 3.27 -11.24 -8.51
N CYS D 211 3.89 -12.11 -9.31
CA CYS D 211 5.26 -11.91 -9.77
C CYS D 211 5.41 -10.59 -10.55
N PHE D 212 4.47 -10.30 -11.45
CA PHE D 212 4.52 -9.12 -12.31
C PHE D 212 4.16 -7.83 -11.58
N ARG D 213 2.99 -7.77 -10.92
CA ARG D 213 2.44 -6.54 -10.34
C ARG D 213 3.00 -6.23 -8.96
N THR D 214 3.17 -7.25 -8.12
CA THR D 214 3.58 -7.08 -6.72
C THR D 214 5.09 -7.17 -6.57
N LEU D 215 5.70 -8.25 -7.09
CA LEU D 215 7.15 -8.47 -7.02
C LEU D 215 7.95 -7.72 -8.10
N LYS D 216 7.28 -7.05 -9.04
CA LYS D 216 7.88 -6.22 -10.10
C LYS D 216 8.84 -6.98 -11.03
N LEU D 217 8.60 -8.28 -11.22
CA LEU D 217 9.33 -9.09 -12.20
C LEU D 217 8.73 -8.87 -13.58
N THR D 218 9.48 -8.27 -14.50
CA THR D 218 8.96 -7.94 -15.85
C THR D 218 8.71 -9.16 -16.72
N THR D 219 9.43 -10.26 -16.48
CA THR D 219 9.30 -11.51 -17.25
C THR D 219 9.40 -12.70 -16.29
N PRO D 220 8.31 -12.99 -15.55
CA PRO D 220 8.28 -14.11 -14.62
C PRO D 220 8.55 -15.43 -15.35
N THR D 221 9.36 -16.28 -14.73
CA THR D 221 9.62 -17.65 -15.20
C THR D 221 8.82 -18.65 -14.37
N TYR D 222 8.66 -19.89 -14.85
CA TYR D 222 8.14 -20.99 -14.00
C TYR D 222 8.93 -21.16 -12.70
N GLY D 223 10.22 -20.82 -12.68
CA GLY D 223 11.03 -20.82 -11.46
C GLY D 223 10.60 -19.77 -10.43
N ASP D 224 10.08 -18.62 -10.86
CA ASP D 224 9.56 -17.58 -9.98
C ASP D 224 8.17 -17.95 -9.45
N LEU D 225 7.32 -18.53 -10.29
CA LEU D 225 6.01 -19.06 -9.89
C LEU D 225 6.17 -20.18 -8.85
N ASN D 226 7.05 -21.15 -9.13
CA ASN D 226 7.30 -22.28 -8.23
C ASN D 226 7.91 -21.85 -6.89
N HIS D 227 8.62 -20.72 -6.83
CA HIS D 227 9.10 -20.16 -5.56
C HIS D 227 7.93 -19.81 -4.64
N LEU D 228 6.91 -19.12 -5.16
CA LEU D 228 5.69 -18.79 -4.42
C LEU D 228 4.96 -20.05 -3.97
N VAL D 229 4.80 -21.03 -4.87
CA VAL D 229 4.13 -22.30 -4.52
C VAL D 229 4.86 -23.04 -3.41
N SER D 230 6.19 -23.17 -3.50
CA SER D 230 6.98 -23.88 -2.47
C SER D 230 6.93 -23.18 -1.10
N ALA D 231 6.88 -21.85 -1.06
CA ALA D 231 6.72 -21.08 0.18
C ALA D 231 5.34 -21.32 0.81
N THR D 232 4.29 -21.31 -0.02
CA THR D 232 2.91 -21.61 0.41
C THR D 232 2.77 -23.05 0.90
N MET D 233 3.30 -24.04 0.18
CA MET D 233 3.31 -25.45 0.61
C MET D 233 4.05 -25.64 1.94
N SER D 234 5.20 -24.98 2.13
CA SER D 234 5.89 -24.97 3.42
C SER D 234 5.00 -24.40 4.53
N GLY D 235 4.35 -23.27 4.26
CA GLY D 235 3.42 -22.61 5.17
C GLY D 235 2.27 -23.50 5.62
N VAL D 236 1.53 -24.06 4.67
CA VAL D 236 0.38 -24.95 4.90
C VAL D 236 0.79 -26.18 5.73
N THR D 237 1.93 -26.79 5.40
CA THR D 237 2.41 -28.01 6.08
C THR D 237 3.13 -27.75 7.40
N THR D 238 3.26 -26.49 7.85
CA THR D 238 4.03 -26.14 9.05
C THR D 238 3.47 -26.83 10.31
N CYS D 239 2.14 -26.85 10.50
CA CYS D 239 1.49 -27.47 11.65
C CYS D 239 1.60 -29.00 11.68
N LEU D 240 1.94 -29.63 10.55
CA LEU D 240 2.19 -31.07 10.46
C LEU D 240 3.66 -31.37 10.79
N ARG D 241 4.58 -30.47 10.46
CA ARG D 241 6.04 -30.65 10.50
C ARG D 241 6.70 -30.21 11.79
N PHE D 242 6.08 -29.29 12.53
CA PHE D 242 6.62 -28.77 13.78
C PHE D 242 5.60 -28.94 14.92
N PRO D 243 6.06 -29.11 16.16
CA PRO D 243 5.19 -29.06 17.32
C PRO D 243 4.57 -27.66 17.48
N GLY D 244 3.36 -27.60 18.03
CA GLY D 244 2.63 -26.36 18.26
C GLY D 244 1.39 -26.59 19.13
N GLN D 245 0.64 -25.54 19.42
CA GLN D 245 -0.60 -25.67 20.21
C GLN D 245 -1.63 -26.60 19.55
N LEU D 246 -1.75 -26.52 18.23
CA LEU D 246 -2.50 -27.49 17.44
C LEU D 246 -1.53 -28.57 16.96
N ASN D 247 -1.49 -29.69 17.69
CA ASN D 247 -0.99 -30.95 17.15
C ASN D 247 -1.93 -31.41 16.02
N ALA D 248 -1.67 -30.85 14.84
CA ALA D 248 -2.45 -31.08 13.65
C ALA D 248 -2.03 -32.39 12.98
N ASP D 249 -3.03 -33.03 12.40
CA ASP D 249 -2.93 -34.04 11.37
C ASP D 249 -3.84 -33.61 10.21
N LEU D 250 -3.75 -34.33 9.10
CA LEU D 250 -4.56 -34.06 7.91
C LEU D 250 -6.06 -34.20 8.18
N ARG D 251 -6.49 -35.15 9.04
CA ARG D 251 -7.90 -35.40 9.29
C ARG D 251 -8.53 -34.28 10.12
N LYS D 252 -7.86 -33.80 11.17
CA LYS D 252 -8.26 -32.64 11.98
C LYS D 252 -8.36 -31.38 11.14
N LEU D 253 -7.46 -31.20 10.16
CA LEU D 253 -7.54 -30.07 9.24
C LEU D 253 -8.79 -30.19 8.37
N ALA D 254 -9.02 -31.34 7.74
CA ALA D 254 -10.16 -31.58 6.88
C ALA D 254 -11.49 -31.41 7.62
N VAL D 255 -11.62 -32.01 8.82
CA VAL D 255 -12.81 -31.89 9.69
C VAL D 255 -13.11 -30.44 10.08
N ASN D 256 -12.08 -29.59 10.21
CA ASN D 256 -12.26 -28.18 10.53
C ASN D 256 -12.54 -27.29 9.32
N MET D 257 -12.06 -27.68 8.14
CA MET D 257 -12.07 -26.83 6.94
C MET D 257 -13.19 -27.17 5.96
N VAL D 258 -13.74 -28.38 6.00
CA VAL D 258 -14.67 -28.90 5.00
C VAL D 258 -16.04 -29.14 5.64
N PRO D 259 -16.98 -28.16 5.56
CA PRO D 259 -18.34 -28.35 6.06
C PRO D 259 -19.17 -29.27 5.15
N PHE D 260 -18.91 -29.28 3.85
CA PHE D 260 -19.63 -30.10 2.88
C PHE D 260 -18.63 -30.89 2.03
N PRO D 261 -18.89 -32.17 1.76
CA PRO D 261 -17.88 -33.08 1.21
C PRO D 261 -17.37 -32.66 -0.17
N ARG D 262 -18.18 -31.96 -0.97
CA ARG D 262 -17.80 -31.49 -2.32
C ARG D 262 -17.10 -30.13 -2.30
N LEU D 263 -17.25 -29.35 -1.22
CA LEU D 263 -16.74 -27.98 -1.12
C LEU D 263 -15.41 -27.95 -0.36
N HIS D 264 -14.42 -28.68 -0.87
CA HIS D 264 -13.08 -28.81 -0.29
C HIS D 264 -11.97 -28.11 -1.10
N PHE D 265 -12.33 -27.17 -1.97
CA PHE D 265 -11.38 -26.40 -2.77
C PHE D 265 -10.97 -25.12 -2.05
N PHE D 266 -9.69 -25.03 -1.70
CA PHE D 266 -9.15 -23.93 -0.88
C PHE D 266 -8.40 -22.89 -1.72
N MET D 267 -8.50 -21.64 -1.28
CA MET D 267 -7.67 -20.52 -1.74
C MET D 267 -6.50 -20.33 -0.78
N PRO D 268 -5.27 -20.71 -1.17
CA PRO D 268 -4.11 -20.44 -0.34
C PRO D 268 -3.58 -19.02 -0.56
N GLY D 269 -2.95 -18.45 0.47
CA GLY D 269 -2.28 -17.15 0.40
C GLY D 269 -1.03 -17.11 1.27
N PHE D 270 -0.12 -16.17 0.98
CA PHE D 270 1.14 -16.04 1.71
C PHE D 270 1.53 -14.58 1.93
N ALA D 271 2.07 -14.28 3.11
CA ALA D 271 2.60 -12.96 3.46
C ALA D 271 3.88 -13.06 4.33
N PRO D 272 4.88 -12.18 4.13
CA PRO D 272 4.99 -11.23 3.04
C PRO D 272 5.36 -11.94 1.72
N LEU D 273 4.91 -11.37 0.60
CA LEU D 273 5.36 -11.82 -0.71
C LEU D 273 6.81 -11.41 -0.95
N THR D 274 7.67 -12.37 -1.21
CA THR D 274 9.09 -12.16 -1.53
C THR D 274 9.43 -12.77 -2.87
N SER D 275 10.43 -12.19 -3.55
CA SER D 275 11.00 -12.77 -4.76
C SER D 275 12.30 -13.49 -4.44
N ARG D 276 12.62 -14.48 -5.26
CA ARG D 276 13.83 -15.29 -5.10
C ARG D 276 15.08 -14.38 -5.12
N GLY D 277 15.86 -14.45 -4.05
CA GLY D 277 17.11 -13.68 -3.91
C GLY D 277 16.94 -12.25 -3.38
N SER D 278 15.72 -11.70 -3.31
CA SER D 278 15.48 -10.39 -2.69
C SER D 278 15.38 -10.54 -1.18
N GLN D 279 16.34 -9.98 -0.45
CA GLN D 279 16.27 -9.91 1.01
C GLN D 279 15.37 -8.75 1.45
N GLN D 280 14.30 -9.04 2.18
CA GLN D 280 13.58 -8.02 2.94
C GLN D 280 14.34 -7.71 4.24
N TYR D 281 14.89 -6.51 4.33
CA TYR D 281 15.59 -6.06 5.54
C TYR D 281 14.64 -5.70 6.69
N ARG D 282 13.41 -5.26 6.38
CA ARG D 282 12.40 -4.89 7.36
C ARG D 282 11.46 -6.07 7.60
N ALA D 283 11.44 -6.59 8.82
CA ALA D 283 10.38 -7.49 9.24
C ALA D 283 9.05 -6.70 9.33
N LEU D 284 7.97 -7.29 8.82
CA LEU D 284 6.64 -6.73 8.96
C LEU D 284 6.18 -6.83 10.42
N THR D 285 5.22 -6.01 10.81
CA THR D 285 4.52 -6.17 12.10
C THR D 285 3.39 -7.20 11.98
N VAL D 286 2.86 -7.68 13.11
CA VAL D 286 1.70 -8.60 13.10
C VAL D 286 0.49 -7.98 12.39
N PRO D 287 0.10 -6.71 12.62
CA PRO D 287 -0.98 -6.07 11.87
C PRO D 287 -0.75 -6.02 10.34
N GLU D 288 0.49 -5.77 9.92
CA GLU D 288 0.82 -5.75 8.48
C GLU D 288 0.72 -7.15 7.86
N LEU D 289 1.16 -8.19 8.58
CA LEU D 289 1.02 -9.59 8.13
C LEU D 289 -0.45 -9.99 8.02
N THR D 290 -1.25 -9.72 9.05
CA THR D 290 -2.68 -10.05 9.06
C THR D 290 -3.43 -9.29 7.96
N GLN D 291 -3.11 -8.02 7.72
CA GLN D 291 -3.74 -7.29 6.63
C GLN D 291 -3.35 -7.85 5.24
N GLN D 292 -2.08 -8.21 5.05
CA GLN D 292 -1.62 -8.76 3.77
C GLN D 292 -2.18 -10.15 3.49
N MET D 293 -2.28 -11.03 4.48
CA MET D 293 -2.74 -12.40 4.24
C MET D 293 -4.21 -12.48 3.81
N PHE D 294 -5.03 -11.49 4.21
CA PHE D 294 -6.43 -11.36 3.78
C PHE D 294 -6.61 -10.47 2.53
N ASP D 295 -5.54 -9.88 1.98
CA ASP D 295 -5.60 -9.11 0.74
C ASP D 295 -5.68 -10.06 -0.45
N ALA D 296 -6.62 -9.82 -1.38
CA ALA D 296 -6.76 -10.56 -2.62
C ALA D 296 -5.45 -10.61 -3.43
N LYS D 297 -4.57 -9.61 -3.29
CA LYS D 297 -3.26 -9.57 -3.98
C LYS D 297 -2.25 -10.59 -3.47
N ASN D 298 -2.51 -11.21 -2.32
CA ASN D 298 -1.67 -12.25 -1.72
C ASN D 298 -2.25 -13.65 -1.91
N MET D 299 -3.46 -13.76 -2.47
CA MET D 299 -4.12 -15.03 -2.78
C MET D 299 -3.53 -15.65 -4.04
N MET D 300 -3.35 -16.97 -4.02
CA MET D 300 -2.84 -17.74 -5.15
C MET D 300 -3.94 -18.39 -5.99
N ALA D 301 -5.20 -18.07 -5.74
CA ALA D 301 -6.32 -18.30 -6.65
C ALA D 301 -6.80 -16.95 -7.16
N ALA D 302 -6.97 -16.76 -8.49
CA ALA D 302 -7.38 -15.48 -9.05
C ALA D 302 -8.91 -15.30 -8.94
N CYS D 303 -9.38 -15.18 -7.70
CA CYS D 303 -10.76 -14.86 -7.32
C CYS D 303 -10.73 -13.67 -6.35
N ASP D 304 -11.78 -12.84 -6.33
CA ASP D 304 -11.92 -11.81 -5.30
C ASP D 304 -12.71 -12.40 -4.11
N PRO D 305 -12.10 -12.56 -2.92
CA PRO D 305 -12.84 -13.04 -1.75
C PRO D 305 -14.04 -12.16 -1.36
N ARG D 306 -14.10 -10.90 -1.83
CA ARG D 306 -15.24 -10.00 -1.62
C ARG D 306 -16.45 -10.33 -2.48
N HIS D 307 -16.29 -11.15 -3.51
CA HIS D 307 -17.39 -11.62 -4.35
C HIS D 307 -18.10 -12.84 -3.74
N GLY D 308 -17.62 -13.36 -2.61
CA GLY D 308 -18.23 -14.48 -1.91
C GLY D 308 -18.13 -14.35 -0.39
N ARG D 309 -18.27 -15.49 0.29
CA ARG D 309 -18.17 -15.60 1.76
C ARG D 309 -17.22 -16.73 2.12
N TYR D 310 -16.54 -16.61 3.26
CA TYR D 310 -15.73 -17.66 3.84
C TYR D 310 -16.62 -18.61 4.62
N LEU D 311 -16.56 -19.89 4.26
CA LEU D 311 -17.12 -20.98 5.05
C LEU D 311 -16.23 -21.23 6.26
N THR D 312 -14.93 -21.40 6.02
CA THR D 312 -13.90 -21.66 7.04
C THR D 312 -12.57 -21.02 6.63
N VAL D 313 -11.75 -20.67 7.63
CA VAL D 313 -10.41 -20.10 7.42
C VAL D 313 -9.43 -20.70 8.43
N ALA D 314 -8.25 -21.09 7.94
CA ALA D 314 -7.10 -21.40 8.77
C ALA D 314 -5.95 -20.41 8.49
N ALA D 315 -5.38 -19.87 9.56
CA ALA D 315 -4.26 -18.93 9.52
C ALA D 315 -3.06 -19.49 10.29
N VAL D 316 -1.91 -19.63 9.62
CA VAL D 316 -0.69 -20.14 10.24
C VAL D 316 0.37 -19.05 10.26
N PHE D 317 0.64 -18.53 11.45
CA PHE D 317 1.72 -17.57 11.68
C PHE D 317 3.01 -18.30 12.04
N ARG D 318 4.14 -17.83 11.52
CA ARG D 318 5.46 -18.40 11.80
C ARG D 318 6.43 -17.33 12.25
N GLY D 319 7.28 -17.66 13.22
CA GLY D 319 8.28 -16.78 13.81
C GLY D 319 7.93 -16.31 15.21
N ARG D 320 8.90 -15.69 15.89
CA ARG D 320 8.73 -15.21 17.27
C ARG D 320 7.88 -13.95 17.30
N MET D 321 6.64 -14.07 17.73
CA MET D 321 5.69 -12.97 17.81
C MET D 321 4.77 -13.07 19.04
N SER D 322 4.15 -11.95 19.41
CA SER D 322 3.15 -11.95 20.47
C SER D 322 1.89 -12.62 19.97
N MET D 323 1.61 -13.79 20.54
CA MET D 323 0.40 -14.55 20.26
C MET D 323 -0.87 -13.75 20.60
N LYS D 324 -0.84 -12.92 21.66
CA LYS D 324 -1.92 -11.97 21.99
C LYS D 324 -2.18 -10.98 20.86
N GLU D 325 -1.12 -10.41 20.28
CA GLU D 325 -1.25 -9.47 19.17
C GLU D 325 -1.84 -10.17 17.94
N VAL D 326 -1.48 -11.43 17.69
CA VAL D 326 -2.08 -12.25 16.62
C VAL D 326 -3.58 -12.40 16.82
N ASP D 327 -4.03 -12.82 18.01
CA ASP D 327 -5.47 -12.99 18.28
C ASP D 327 -6.24 -11.67 18.13
N GLU D 328 -5.68 -10.57 18.68
CA GLU D 328 -6.29 -9.24 18.60
C GLU D 328 -6.45 -8.78 17.14
N GLN D 329 -5.44 -9.00 16.29
CA GLN D 329 -5.51 -8.65 14.87
C GLN D 329 -6.47 -9.56 14.08
N MET D 330 -6.48 -10.86 14.38
CA MET D 330 -7.41 -11.80 13.72
C MET D 330 -8.87 -11.49 14.06
N LEU D 331 -9.17 -11.19 15.32
CA LEU D 331 -10.50 -10.76 15.77
C LEU D 331 -10.88 -9.41 15.15
N ASN D 332 -9.93 -8.48 15.01
CA ASN D 332 -10.15 -7.18 14.38
C ASN D 332 -10.57 -7.34 12.90
N VAL D 333 -9.92 -8.23 12.15
CA VAL D 333 -10.31 -8.51 10.75
C VAL D 333 -11.71 -9.12 10.69
N GLN D 334 -12.02 -10.10 11.53
CA GLN D 334 -13.34 -10.74 11.56
C GLN D 334 -14.45 -9.73 11.91
N ASN D 335 -14.28 -8.96 12.99
CA ASN D 335 -15.29 -8.02 13.45
C ASN D 335 -15.55 -6.87 12.46
N LYS D 336 -14.52 -6.41 11.73
CA LYS D 336 -14.68 -5.36 10.73
C LYS D 336 -15.27 -5.85 9.41
N ASN D 337 -15.11 -7.13 9.11
CA ASN D 337 -15.44 -7.72 7.81
C ASN D 337 -16.39 -8.92 7.99
N SER D 338 -17.22 -8.91 9.03
CA SER D 338 -18.02 -10.06 9.45
C SER D 338 -18.98 -10.54 8.37
N SER D 339 -19.46 -9.64 7.50
CA SER D 339 -20.32 -9.98 6.35
C SER D 339 -19.68 -10.97 5.37
N TYR D 340 -18.34 -10.98 5.27
CA TYR D 340 -17.61 -11.90 4.39
C TYR D 340 -17.36 -13.27 5.01
N PHE D 341 -17.83 -13.52 6.24
CA PHE D 341 -17.81 -14.83 6.88
C PHE D 341 -19.25 -15.30 7.05
N VAL D 342 -19.53 -16.59 6.83
CA VAL D 342 -20.87 -17.13 7.10
C VAL D 342 -21.16 -17.11 8.59
N GLU D 343 -22.37 -16.70 8.97
CA GLU D 343 -22.78 -16.58 10.37
C GLU D 343 -23.24 -17.92 10.97
N TRP D 344 -23.68 -18.85 10.13
CA TRP D 344 -24.19 -20.16 10.53
C TRP D 344 -23.08 -21.20 10.77
N ILE D 345 -21.81 -20.81 10.65
CA ILE D 345 -20.66 -21.58 11.18
C ILE D 345 -19.96 -20.72 12.24
N PRO D 346 -20.30 -20.88 13.53
CA PRO D 346 -19.69 -20.13 14.61
C PRO D 346 -18.18 -20.41 14.71
N ASN D 347 -17.39 -19.36 14.94
CA ASN D 347 -15.94 -19.47 15.19
C ASN D 347 -15.18 -20.24 14.08
N ASN D 348 -15.58 -20.01 12.83
CA ASN D 348 -15.02 -20.64 11.62
C ASN D 348 -13.63 -20.17 11.21
N VAL D 349 -12.99 -19.28 11.98
CA VAL D 349 -11.60 -18.85 11.77
C VAL D 349 -10.71 -19.44 12.87
N LYS D 350 -9.78 -20.30 12.48
CA LYS D 350 -8.81 -20.92 13.39
C LYS D 350 -7.40 -20.40 13.10
N THR D 351 -6.64 -20.15 14.17
CA THR D 351 -5.29 -19.58 14.08
C THR D 351 -4.29 -20.45 14.81
N ALA D 352 -3.14 -20.69 14.20
CA ALA D 352 -2.01 -21.39 14.78
C ALA D 352 -0.74 -20.54 14.68
N VAL D 353 0.18 -20.72 15.63
CA VAL D 353 1.50 -20.07 15.63
C VAL D 353 2.58 -21.12 15.82
N CYS D 354 3.65 -21.01 15.03
CA CYS D 354 4.86 -21.80 15.13
C CYS D 354 6.07 -20.88 15.30
N ASP D 355 6.98 -21.18 16.23
CA ASP D 355 8.13 -20.30 16.51
C ASP D 355 9.20 -20.31 15.42
N ILE D 356 9.21 -21.32 14.55
CA ILE D 356 10.22 -21.50 13.50
C ILE D 356 9.77 -20.78 12.23
N PRO D 357 10.40 -19.64 11.88
CA PRO D 357 10.09 -18.94 10.63
C PRO D 357 10.68 -19.68 9.43
N PRO D 358 10.15 -19.45 8.21
CA PRO D 358 10.77 -19.94 6.99
C PRO D 358 12.09 -19.22 6.72
N ARG D 359 12.97 -19.82 5.93
CA ARG D 359 14.29 -19.25 5.62
C ARG D 359 14.17 -17.87 4.97
N GLY D 360 14.99 -16.93 5.46
CA GLY D 360 15.11 -15.58 4.92
C GLY D 360 14.08 -14.59 5.45
N LEU D 361 13.10 -15.04 6.23
CA LEU D 361 12.12 -14.19 6.90
C LEU D 361 12.23 -14.35 8.42
N LYS D 362 11.92 -13.29 9.17
CA LYS D 362 11.79 -13.38 10.63
C LYS D 362 10.39 -13.82 11.06
N MET D 363 9.39 -13.42 10.28
CA MET D 363 7.99 -13.75 10.50
C MET D 363 7.28 -13.88 9.15
N SER D 364 6.31 -14.78 9.07
CA SER D 364 5.43 -14.96 7.91
C SER D 364 4.04 -15.40 8.36
N ALA D 365 3.06 -15.27 7.48
CA ALA D 365 1.71 -15.77 7.66
C ALA D 365 1.27 -16.52 6.41
N THR D 366 0.69 -17.70 6.57
CA THR D 366 0.07 -18.48 5.50
C THR D 366 -1.43 -18.52 5.73
N PHE D 367 -2.19 -18.28 4.67
CA PHE D 367 -3.64 -18.24 4.67
C PHE D 367 -4.19 -19.44 3.92
N ILE D 368 -5.25 -20.05 4.45
CA ILE D 368 -6.03 -21.10 3.79
C ILE D 368 -7.50 -20.72 3.98
N GLY D 369 -8.18 -20.36 2.88
CA GLY D 369 -9.60 -20.00 2.92
C GLY D 369 -10.45 -20.94 2.09
N ASN D 370 -11.47 -21.54 2.71
CA ASN D 370 -12.57 -22.16 1.98
C ASN D 370 -13.63 -21.08 1.74
N SER D 371 -13.62 -20.49 0.54
CA SER D 371 -14.53 -19.39 0.18
C SER D 371 -15.39 -19.78 -1.01
N THR D 372 -16.65 -19.36 -0.99
CA THR D 372 -17.55 -19.49 -2.14
C THR D 372 -17.05 -18.73 -3.36
N ALA D 373 -16.15 -17.74 -3.19
CA ALA D 373 -15.51 -17.02 -4.29
C ALA D 373 -14.66 -17.92 -5.21
N ILE D 374 -14.27 -19.12 -4.75
CA ILE D 374 -13.55 -20.09 -5.61
C ILE D 374 -14.37 -20.48 -6.85
N GLN D 375 -15.70 -20.32 -6.81
CA GLN D 375 -16.57 -20.56 -7.97
C GLN D 375 -16.16 -19.74 -9.20
N GLU D 376 -15.52 -18.56 -9.02
CA GLU D 376 -15.04 -17.74 -10.14
C GLU D 376 -13.97 -18.45 -10.97
N LEU D 377 -13.10 -19.24 -10.33
CA LEU D 377 -12.08 -20.04 -10.99
C LEU D 377 -12.74 -21.13 -11.86
N PHE D 378 -13.74 -21.84 -11.33
CA PHE D 378 -14.46 -22.87 -12.06
C PHE D 378 -15.32 -22.29 -13.20
N LYS D 379 -15.99 -21.15 -12.98
CA LYS D 379 -16.70 -20.42 -14.05
C LYS D 379 -15.77 -20.05 -15.20
N ARG D 380 -14.58 -19.53 -14.90
CA ARG D 380 -13.58 -19.16 -15.92
C ARG D 380 -13.10 -20.36 -16.74
N ILE D 381 -12.88 -21.52 -16.12
CA ILE D 381 -12.54 -22.75 -16.84
C ILE D 381 -13.74 -23.23 -17.69
N SER D 382 -14.95 -23.20 -17.12
CA SER D 382 -16.19 -23.58 -17.80
C SER D 382 -16.40 -22.78 -19.08
N GLU D 383 -16.25 -21.46 -19.03
CA GLU D 383 -16.37 -20.59 -20.21
C GLU D 383 -15.38 -20.97 -21.33
N GLN D 384 -14.13 -21.24 -20.97
CA GLN D 384 -13.08 -21.64 -21.92
C GLN D 384 -13.36 -23.03 -22.51
N PHE D 385 -13.82 -23.97 -21.68
CA PHE D 385 -14.26 -25.29 -22.10
C PHE D 385 -15.40 -25.20 -23.12
N THR D 386 -16.50 -24.53 -22.77
CA THR D 386 -17.70 -24.43 -23.62
C THR D 386 -17.40 -23.71 -24.93
N ALA D 387 -16.52 -22.72 -24.93
CA ALA D 387 -16.13 -21.98 -26.12
C ALA D 387 -15.55 -22.88 -27.24
N MET D 388 -14.79 -23.91 -26.86
CA MET D 388 -14.25 -24.92 -27.78
C MET D 388 -15.22 -26.10 -27.98
N PHE D 389 -15.84 -26.58 -26.90
CA PHE D 389 -16.71 -27.77 -26.91
C PHE D 389 -17.94 -27.60 -27.80
N ARG D 390 -18.55 -26.41 -27.82
CA ARG D 390 -19.68 -26.09 -28.73
C ARG D 390 -19.36 -26.29 -30.22
N ARG D 391 -18.07 -26.31 -30.59
CA ARG D 391 -17.60 -26.57 -31.96
C ARG D 391 -16.90 -27.92 -32.10
N LYS D 392 -16.87 -28.73 -31.04
CA LYS D 392 -16.13 -29.99 -30.96
C LYS D 392 -14.65 -29.81 -31.36
N ALA D 393 -14.10 -28.63 -31.08
CA ALA D 393 -12.74 -28.29 -31.47
C ALA D 393 -11.75 -29.17 -30.67
N PHE D 394 -10.72 -29.71 -31.32
CA PHE D 394 -9.68 -30.54 -30.69
C PHE D 394 -10.12 -31.87 -30.05
N LEU D 395 -11.42 -32.20 -30.03
CA LEU D 395 -11.92 -33.46 -29.43
C LEU D 395 -11.36 -34.73 -30.06
N HIS D 396 -10.94 -34.68 -31.33
CA HIS D 396 -10.36 -35.84 -32.03
C HIS D 396 -9.10 -36.40 -31.35
N TRP D 397 -8.36 -35.58 -30.59
CA TRP D 397 -7.23 -36.04 -29.80
C TRP D 397 -7.64 -36.96 -28.65
N TYR D 398 -8.85 -36.79 -28.12
CA TYR D 398 -9.39 -37.56 -27.00
C TYR D 398 -10.20 -38.76 -27.48
N THR D 399 -11.05 -38.57 -28.50
CA THR D 399 -11.82 -39.67 -29.09
C THR D 399 -10.92 -40.69 -29.78
N GLY D 400 -9.77 -40.26 -30.33
CA GLY D 400 -8.71 -41.15 -30.82
C GLY D 400 -8.11 -42.05 -29.73
N GLU D 401 -8.18 -41.64 -28.46
CA GLU D 401 -7.77 -42.46 -27.32
C GLU D 401 -8.92 -43.31 -26.75
N GLY D 402 -10.13 -43.16 -27.28
CA GLY D 402 -11.31 -43.95 -26.94
C GLY D 402 -12.34 -43.24 -26.08
N MET D 403 -12.16 -41.95 -25.75
CA MET D 403 -13.15 -41.16 -25.02
C MET D 403 -14.42 -40.90 -25.82
N ASP D 404 -15.56 -40.91 -25.14
CA ASP D 404 -16.84 -40.46 -25.69
C ASP D 404 -17.05 -38.96 -25.44
N GLU D 405 -17.78 -38.28 -26.30
CA GLU D 405 -18.24 -36.90 -26.09
C GLU D 405 -19.16 -36.78 -24.86
N MET D 406 -19.83 -37.87 -24.48
CA MET D 406 -20.70 -37.86 -23.31
C MET D 406 -19.93 -37.68 -22.00
N GLU D 407 -18.68 -38.19 -21.91
CA GLU D 407 -17.80 -37.98 -20.76
C GLU D 407 -17.45 -36.49 -20.57
N PHE D 408 -17.30 -35.74 -21.67
CA PHE D 408 -17.10 -34.29 -21.63
C PHE D 408 -18.35 -33.55 -21.14
N THR D 409 -19.52 -33.99 -21.60
CA THR D 409 -20.82 -33.40 -21.21
C THR D 409 -21.12 -33.63 -19.74
N GLU D 410 -20.79 -34.81 -19.22
CA GLU D 410 -20.89 -35.13 -17.79
C GLU D 410 -19.93 -34.29 -16.96
N ALA D 411 -18.65 -34.19 -17.35
CA ALA D 411 -17.67 -33.37 -16.63
C ALA D 411 -18.04 -31.87 -16.61
N GLU D 412 -18.52 -31.32 -17.74
CA GLU D 412 -19.03 -29.94 -17.81
C GLU D 412 -20.21 -29.73 -16.85
N SER D 413 -21.16 -30.67 -16.81
CA SER D 413 -22.33 -30.57 -15.95
C SER D 413 -21.97 -30.69 -14.48
N ASN D 414 -21.12 -31.63 -14.10
CA ASN D 414 -20.66 -31.80 -12.72
C ASN D 414 -19.90 -30.55 -12.22
N MET D 415 -19.13 -29.88 -13.08
CA MET D 415 -18.46 -28.62 -12.75
C MET D 415 -19.45 -27.46 -12.59
N ASN D 416 -20.50 -27.40 -13.41
CA ASN D 416 -21.58 -26.41 -13.26
C ASN D 416 -22.40 -26.65 -11.99
N ASP D 417 -22.61 -27.91 -11.62
CA ASP D 417 -23.29 -28.30 -10.38
C ASP D 417 -22.47 -27.85 -9.15
N LEU D 418 -21.14 -28.04 -9.18
CA LEU D 418 -20.24 -27.52 -8.15
C LEU D 418 -20.32 -25.99 -8.02
N VAL D 419 -20.38 -25.26 -9.14
CA VAL D 419 -20.55 -23.79 -9.12
C VAL D 419 -21.89 -23.39 -8.50
N SER D 420 -22.98 -24.11 -8.83
CA SER D 420 -24.31 -23.86 -8.25
C SER D 420 -24.34 -24.13 -6.75
N GLU D 421 -23.68 -25.20 -6.29
CA GLU D 421 -23.57 -25.56 -4.88
C GLU D 421 -22.80 -24.47 -4.09
N TYR D 422 -21.69 -23.95 -4.64
CA TYR D 422 -21.02 -22.80 -4.04
C TYR D 422 -21.89 -21.54 -3.98
N GLN D 423 -22.70 -21.30 -5.01
CA GLN D 423 -23.62 -20.15 -5.03
C GLN D 423 -24.72 -20.28 -3.97
N GLN D 424 -25.28 -21.48 -3.78
CA GLN D 424 -26.30 -21.74 -2.75
C GLN D 424 -25.82 -21.31 -1.36
N TYR D 425 -24.63 -21.73 -0.93
CA TYR D 425 -24.09 -21.37 0.39
C TYR D 425 -23.54 -19.95 0.48
N GLN D 426 -23.33 -19.29 -0.67
CA GLN D 426 -22.99 -17.87 -0.69
C GLN D 426 -24.19 -17.01 -0.29
N ASP D 427 -25.37 -17.39 -0.74
CA ASP D 427 -26.62 -16.67 -0.51
C ASP D 427 -27.31 -17.11 0.79
N MET E 1 -0.91 9.47 22.31
CA MET E 1 0.16 10.23 21.59
C MET E 1 -0.49 11.40 20.85
N ARG E 2 0.25 12.26 20.15
CA ARG E 2 -0.35 13.37 19.37
C ARG E 2 0.35 13.48 18.02
N GLU E 3 -0.05 12.68 17.04
CA GLU E 3 0.65 12.55 15.75
C GLU E 3 0.28 13.65 14.74
N ILE E 4 1.23 13.99 13.87
CA ILE E 4 1.04 14.84 12.68
C ILE E 4 1.50 14.06 11.45
N VAL E 5 0.72 14.12 10.37
CA VAL E 5 1.11 13.60 9.04
C VAL E 5 1.60 14.77 8.18
N HIS E 6 2.83 14.68 7.70
CA HIS E 6 3.43 15.69 6.82
C HIS E 6 3.31 15.28 5.36
N ILE E 7 2.93 16.23 4.52
CA ILE E 7 2.87 16.09 3.07
C ILE E 7 3.74 17.18 2.44
N GLN E 8 4.48 16.83 1.40
CA GLN E 8 5.27 17.77 0.61
C GLN E 8 5.01 17.56 -0.87
N ALA E 9 4.48 18.60 -1.52
CA ALA E 9 3.94 18.52 -2.88
C ALA E 9 4.69 19.41 -3.87
N GLY E 10 5.13 18.81 -4.98
CA GLY E 10 5.84 19.50 -6.06
C GLY E 10 7.29 19.84 -5.73
N GLN E 11 7.98 20.50 -6.67
CA GLN E 11 9.41 20.81 -6.56
C GLN E 11 9.75 21.61 -5.30
N CYS E 12 9.13 22.79 -5.13
CA CYS E 12 9.39 23.67 -4.00
C CYS E 12 9.01 23.01 -2.66
N GLY E 13 7.83 22.36 -2.61
CA GLY E 13 7.36 21.65 -1.42
C GLY E 13 8.32 20.55 -0.98
N ASN E 14 8.79 19.72 -1.91
CA ASN E 14 9.76 18.66 -1.59
C ASN E 14 11.14 19.20 -1.17
N GLN E 15 11.60 20.31 -1.77
CA GLN E 15 12.89 20.90 -1.40
C GLN E 15 12.86 21.51 0.01
N ILE E 16 11.81 22.26 0.34
CA ILE E 16 11.63 22.85 1.66
C ILE E 16 11.35 21.76 2.70
N GLY E 17 10.47 20.82 2.37
CA GLY E 17 10.14 19.67 3.22
C GLY E 17 11.39 18.84 3.55
N ALA E 18 12.23 18.52 2.56
CA ALA E 18 13.49 17.82 2.81
C ALA E 18 14.41 18.60 3.77
N LYS E 19 14.51 19.92 3.61
CA LYS E 19 15.30 20.76 4.53
C LYS E 19 14.71 20.84 5.92
N PHE E 20 13.38 20.90 6.06
CA PHE E 20 12.70 20.83 7.34
C PHE E 20 13.05 19.52 8.07
N TRP E 21 12.93 18.37 7.41
CA TRP E 21 13.29 17.07 7.98
C TRP E 21 14.75 16.99 8.38
N GLU E 22 15.69 17.47 7.55
CA GLU E 22 17.11 17.57 7.91
C GLU E 22 17.33 18.37 9.21
N VAL E 23 16.68 19.54 9.33
CA VAL E 23 16.83 20.41 10.50
C VAL E 23 16.25 19.78 11.76
N ILE E 24 15.02 19.25 11.71
CA ILE E 24 14.39 18.69 12.91
C ILE E 24 14.99 17.33 13.29
N SER E 25 15.43 16.50 12.34
CA SER E 25 16.14 15.24 12.64
C SER E 25 17.40 15.52 13.46
N ASP E 26 18.16 16.54 13.07
CA ASP E 26 19.34 16.96 13.80
C ASP E 26 19.02 17.51 15.20
N GLU E 27 17.96 18.31 15.35
CA GLU E 27 17.50 18.77 16.68
C GLU E 27 17.07 17.62 17.60
N HIS E 28 16.49 16.55 17.04
CA HIS E 28 16.09 15.34 17.76
C HIS E 28 17.21 14.29 17.89
N GLY E 29 18.42 14.56 17.38
CA GLY E 29 19.55 13.63 17.45
C GLY E 29 19.38 12.38 16.58
N ILE E 30 18.60 12.46 15.51
CA ILE E 30 18.37 11.38 14.55
C ILE E 30 19.32 11.53 13.37
N ASP E 31 20.05 10.45 13.07
CA ASP E 31 20.96 10.40 11.95
C ASP E 31 20.25 10.09 10.61
N PRO E 32 20.94 10.21 9.46
CA PRO E 32 20.36 9.87 8.15
C PRO E 32 19.89 8.42 7.98
N THR E 33 20.24 7.51 8.89
CA THR E 33 19.81 6.10 8.86
C THR E 33 18.56 5.85 9.71
N GLY E 34 18.09 6.88 10.42
CA GLY E 34 16.96 6.83 11.36
C GLY E 34 17.37 6.41 12.78
N SER E 35 18.66 6.33 13.11
CA SER E 35 19.11 5.95 14.45
C SER E 35 19.31 7.16 15.35
N TYR E 36 18.94 7.01 16.62
CA TYR E 36 19.11 8.05 17.64
C TYR E 36 20.51 8.03 18.27
N HIS E 37 21.15 9.19 18.33
CA HIS E 37 22.48 9.43 18.91
C HIS E 37 22.53 10.72 19.73
N GLY E 38 21.40 11.15 20.30
CA GLY E 38 21.31 12.33 21.16
C GLY E 38 21.84 12.11 22.58
N ASP E 39 21.80 13.18 23.37
CA ASP E 39 22.31 13.25 24.75
C ASP E 39 21.27 13.74 25.78
N SER E 40 20.03 13.95 25.35
CA SER E 40 18.96 14.45 26.21
C SER E 40 17.64 13.72 25.96
N ASP E 41 16.98 13.27 27.04
CA ASP E 41 15.68 12.59 26.95
C ASP E 41 14.58 13.49 26.36
N LEU E 42 14.71 14.81 26.49
CA LEU E 42 13.82 15.80 25.90
C LEU E 42 13.75 15.69 24.36
N GLN E 43 14.79 15.15 23.72
CA GLN E 43 14.80 14.91 22.26
C GLN E 43 13.86 13.78 21.85
N LEU E 44 13.55 12.85 22.75
CA LEU E 44 12.70 11.70 22.47
C LEU E 44 11.28 11.84 23.03
N GLU E 45 11.09 12.66 24.05
CA GLU E 45 9.81 12.76 24.79
C GLU E 45 8.58 12.98 23.89
N ARG E 46 8.71 13.81 22.85
CA ARG E 46 7.64 14.08 21.87
C ARG E 46 8.05 13.74 20.43
N ILE E 47 9.01 12.83 20.23
CA ILE E 47 9.46 12.47 18.87
C ILE E 47 8.34 11.84 18.02
N ASN E 48 7.39 11.16 18.66
CA ASN E 48 6.29 10.46 18.00
C ASN E 48 5.32 11.40 17.25
N VAL E 49 5.37 12.71 17.54
CA VAL E 49 4.59 13.73 16.83
C VAL E 49 4.90 13.70 15.33
N TYR E 50 6.18 13.60 14.96
CA TYR E 50 6.62 13.61 13.55
C TYR E 50 7.21 12.30 13.06
N TYR E 51 7.60 11.40 13.95
CA TYR E 51 8.27 10.15 13.60
C TYR E 51 7.44 8.94 14.02
N ASN E 52 7.50 7.89 13.21
CA ASN E 52 7.08 6.56 13.58
C ASN E 52 8.29 5.78 14.11
N GLU E 53 8.09 5.00 15.17
CA GLU E 53 9.08 4.03 15.62
C GLU E 53 9.00 2.76 14.75
N ALA E 54 10.16 2.30 14.28
CA ALA E 54 10.34 1.13 13.46
C ALA E 54 11.23 0.09 14.15
N ALA E 55 11.22 -1.14 13.64
CA ALA E 55 12.00 -2.24 14.21
C ALA E 55 13.50 -1.89 14.32
N GLY E 56 14.08 -2.14 15.50
CA GLY E 56 15.48 -1.84 15.80
C GLY E 56 15.73 -0.40 16.29
N ASN E 57 14.78 0.21 16.99
CA ASN E 57 14.85 1.58 17.52
C ASN E 57 15.21 2.60 16.43
N LYS E 58 14.57 2.46 15.27
CA LYS E 58 14.70 3.43 14.19
C LYS E 58 13.51 4.37 14.18
N TYR E 59 13.77 5.63 13.88
CA TYR E 59 12.75 6.67 13.72
C TYR E 59 12.62 7.01 12.23
N VAL E 60 11.41 6.88 11.71
CA VAL E 60 11.08 7.15 10.30
C VAL E 60 10.10 8.32 10.26
N PRO E 61 10.40 9.41 9.54
CA PRO E 61 9.45 10.50 9.34
C PRO E 61 8.08 10.02 8.87
N ARG E 62 7.01 10.55 9.50
CA ARG E 62 5.63 10.43 9.01
C ARG E 62 5.39 11.42 7.87
N ALA E 63 6.17 11.24 6.81
CA ALA E 63 6.26 12.14 5.67
C ALA E 63 5.81 11.44 4.38
N ILE E 64 5.04 12.16 3.57
CA ILE E 64 4.55 11.71 2.26
C ILE E 64 5.07 12.68 1.21
N LEU E 65 5.82 12.15 0.25
CA LEU E 65 6.50 12.90 -0.79
C LEU E 65 5.73 12.74 -2.09
N VAL E 66 5.21 13.85 -2.61
CA VAL E 66 4.32 13.88 -3.77
C VAL E 66 4.90 14.77 -4.86
N ASP E 67 4.99 14.26 -6.08
CA ASP E 67 5.27 15.08 -7.27
C ASP E 67 4.63 14.48 -8.53
N LEU E 68 4.44 15.28 -9.57
CA LEU E 68 3.94 14.78 -10.87
C LEU E 68 5.08 14.42 -11.83
N GLU E 69 6.32 14.62 -11.41
CA GLU E 69 7.54 14.23 -12.11
C GLU E 69 8.60 13.68 -11.14
N PRO E 70 9.45 12.73 -11.56
CA PRO E 70 10.38 12.06 -10.64
C PRO E 70 11.61 12.90 -10.24
N GLY E 71 11.95 13.96 -10.99
CA GLY E 71 13.25 14.64 -10.89
C GLY E 71 13.59 15.20 -9.50
N THR E 72 12.64 15.90 -8.86
CA THR E 72 12.87 16.43 -7.50
C THR E 72 12.97 15.32 -6.47
N MET E 73 12.15 14.28 -6.59
CA MET E 73 12.10 13.18 -5.62
C MET E 73 13.35 12.29 -5.68
N ASP E 74 13.92 12.07 -6.86
CA ASP E 74 15.20 11.40 -7.00
C ASP E 74 16.34 12.24 -6.38
N SER E 75 16.27 13.57 -6.52
CA SER E 75 17.19 14.49 -5.86
C SER E 75 17.08 14.38 -4.34
N VAL E 76 15.87 14.31 -3.77
CA VAL E 76 15.64 14.12 -2.33
C VAL E 76 16.19 12.77 -1.87
N ARG E 77 15.94 11.67 -2.60
CA ARG E 77 16.42 10.32 -2.24
C ARG E 77 17.95 10.22 -2.24
N SER E 78 18.62 10.97 -3.12
CA SER E 78 20.07 11.08 -3.18
C SER E 78 20.67 12.10 -2.18
N GLY E 79 19.81 12.89 -1.53
CA GLY E 79 20.20 13.91 -0.57
C GLY E 79 20.72 13.35 0.75
N PRO E 80 21.21 14.22 1.66
CA PRO E 80 21.88 13.81 2.90
C PRO E 80 21.03 12.92 3.80
N PHE E 81 19.74 13.24 3.92
CA PHE E 81 18.74 12.48 4.69
C PHE E 81 17.78 11.69 3.78
N GLY E 82 18.12 11.47 2.50
CA GLY E 82 17.21 10.83 1.55
C GLY E 82 16.81 9.39 1.89
N GLN E 83 17.60 8.70 2.72
CA GLN E 83 17.37 7.31 3.13
C GLN E 83 16.53 7.16 4.40
N ILE E 84 16.20 8.26 5.09
CA ILE E 84 15.41 8.21 6.32
C ILE E 84 13.91 8.01 6.02
N PHE E 85 13.46 8.45 4.85
CA PHE E 85 12.05 8.40 4.45
C PHE E 85 11.62 6.97 4.13
N ARG E 86 10.36 6.64 4.48
CA ARG E 86 9.75 5.37 4.10
C ARG E 86 9.66 5.29 2.56
N PRO E 87 10.25 4.27 1.91
CA PRO E 87 10.26 4.18 0.45
C PRO E 87 8.86 4.15 -0.19
N ASP E 88 7.90 3.50 0.47
CA ASP E 88 6.49 3.43 0.02
C ASP E 88 5.80 4.81 -0.02
N ASN E 89 6.35 5.82 0.67
CA ASN E 89 5.74 7.14 0.79
C ASN E 89 6.18 8.11 -0.32
N PHE E 90 7.01 7.64 -1.27
CA PHE E 90 7.34 8.37 -2.48
C PHE E 90 6.28 8.08 -3.55
N VAL E 91 5.31 8.96 -3.71
CA VAL E 91 4.24 8.85 -4.71
C VAL E 91 4.47 9.86 -5.82
N PHE E 92 4.72 9.38 -7.05
CA PHE E 92 5.03 10.27 -8.18
C PHE E 92 4.44 9.87 -9.51
N GLY E 93 4.14 10.90 -10.31
CA GLY E 93 3.76 10.79 -11.72
C GLY E 93 4.97 10.80 -12.67
N GLN E 94 4.68 10.82 -13.97
CA GLN E 94 5.71 10.89 -15.03
C GLN E 94 5.51 12.05 -16.01
N SER E 95 4.28 12.58 -16.11
CA SER E 95 3.88 13.58 -17.11
C SER E 95 4.26 15.02 -16.73
N GLY E 96 4.41 15.31 -15.44
CA GLY E 96 4.65 16.66 -14.92
C GLY E 96 3.44 17.60 -15.04
N ALA E 97 3.45 18.69 -14.27
CA ALA E 97 2.35 19.67 -14.28
C ALA E 97 2.61 20.87 -15.21
N GLY E 98 3.84 21.09 -15.67
CA GLY E 98 4.19 22.20 -16.59
C GLY E 98 3.81 23.59 -16.09
N ASN E 99 3.97 23.87 -14.79
CA ASN E 99 3.56 25.13 -14.14
C ASN E 99 2.09 25.52 -14.37
N ASN E 100 1.21 24.53 -14.52
CA ASN E 100 -0.21 24.75 -14.78
C ASN E 100 -1.06 24.18 -13.63
N TRP E 101 -1.77 25.07 -12.94
CA TRP E 101 -2.68 24.69 -11.86
C TRP E 101 -3.77 23.72 -12.32
N ALA E 102 -4.33 23.89 -13.52
CA ALA E 102 -5.37 23.01 -14.06
C ALA E 102 -4.86 21.57 -14.25
N LYS E 103 -3.58 21.40 -14.65
CA LYS E 103 -2.99 20.06 -14.74
C LYS E 103 -2.83 19.42 -13.37
N GLY E 104 -2.36 20.19 -12.39
CA GLY E 104 -2.25 19.73 -11.01
C GLY E 104 -3.60 19.38 -10.38
N HIS E 105 -4.65 20.16 -10.66
CA HIS E 105 -5.93 20.03 -9.97
C HIS E 105 -6.95 19.13 -10.70
N TYR E 106 -7.07 19.24 -12.03
CA TYR E 106 -8.15 18.60 -12.79
C TYR E 106 -7.73 17.37 -13.62
N THR E 107 -6.43 17.23 -13.95
CA THR E 107 -6.01 16.25 -14.96
C THR E 107 -4.94 15.31 -14.40
N GLU E 108 -3.66 15.64 -14.55
CA GLU E 108 -2.53 14.83 -14.11
C GLU E 108 -2.58 14.54 -12.60
N GLY E 109 -2.88 15.54 -11.77
CA GLY E 109 -2.99 15.32 -10.32
C GLY E 109 -4.24 14.53 -9.91
N ALA E 110 -5.34 14.64 -10.66
CA ALA E 110 -6.55 13.86 -10.40
C ALA E 110 -6.39 12.36 -10.71
N GLU E 111 -5.45 11.98 -11.59
CA GLU E 111 -5.09 10.58 -11.83
C GLU E 111 -4.23 10.00 -10.70
N LEU E 112 -3.38 10.81 -10.06
CA LEU E 112 -2.45 10.37 -9.01
C LEU E 112 -3.04 10.46 -7.58
N VAL E 113 -4.03 11.33 -7.35
CA VAL E 113 -4.50 11.69 -5.99
C VAL E 113 -4.94 10.49 -5.15
N ASP E 114 -5.63 9.51 -5.71
CA ASP E 114 -6.10 8.32 -4.97
C ASP E 114 -4.92 7.50 -4.42
N SER E 115 -3.81 7.41 -5.18
CA SER E 115 -2.59 6.73 -4.72
C SER E 115 -1.92 7.45 -3.55
N VAL E 116 -2.00 8.79 -3.53
CA VAL E 116 -1.49 9.58 -2.40
C VAL E 116 -2.37 9.37 -1.17
N LEU E 117 -3.70 9.39 -1.33
CA LEU E 117 -4.66 9.20 -0.24
C LEU E 117 -4.53 7.81 0.40
N ASP E 118 -4.19 6.78 -0.37
CA ASP E 118 -3.91 5.45 0.18
C ASP E 118 -2.70 5.45 1.13
N VAL E 119 -1.64 6.20 0.80
CA VAL E 119 -0.49 6.37 1.69
C VAL E 119 -0.85 7.22 2.92
N VAL E 120 -1.62 8.30 2.73
CA VAL E 120 -2.14 9.13 3.83
C VAL E 120 -2.91 8.26 4.82
N ARG E 121 -3.83 7.42 4.32
CA ARG E 121 -4.63 6.53 5.15
C ARG E 121 -3.77 5.52 5.91
N LYS E 122 -2.78 4.91 5.24
CA LYS E 122 -1.84 3.97 5.89
C LYS E 122 -1.04 4.61 7.02
N GLU E 123 -0.60 5.86 6.87
CA GLU E 123 0.09 6.58 7.94
C GLU E 123 -0.89 6.98 9.06
N SER E 124 -2.08 7.48 8.73
CA SER E 124 -3.12 7.87 9.71
C SER E 124 -3.65 6.69 10.54
N GLU E 125 -3.83 5.51 9.93
CA GLU E 125 -4.26 4.28 10.62
C GLU E 125 -3.24 3.79 11.66
N SER E 126 -1.96 4.19 11.51
CA SER E 126 -0.90 3.86 12.47
C SER E 126 -0.76 4.85 13.62
N CYS E 127 -1.49 5.96 13.60
CA CYS E 127 -1.51 6.96 14.68
C CYS E 127 -2.45 6.54 15.82
N ASP E 128 -2.09 6.82 17.07
CA ASP E 128 -2.96 6.63 18.23
C ASP E 128 -4.00 7.75 18.37
N CYS E 129 -3.58 9.01 18.14
CA CYS E 129 -4.47 10.17 18.13
C CYS E 129 -3.92 11.24 17.16
N LEU E 130 -4.35 11.15 15.90
CA LEU E 130 -3.97 12.08 14.84
C LEU E 130 -4.50 13.49 15.16
N GLN E 131 -3.59 14.46 15.32
CA GLN E 131 -3.97 15.86 15.48
C GLN E 131 -4.46 16.47 14.16
N GLY E 132 -3.73 16.19 13.09
CA GLY E 132 -3.91 16.85 11.82
C GLY E 132 -2.77 16.64 10.84
N PHE E 133 -2.79 17.46 9.81
CA PHE E 133 -1.92 17.40 8.65
C PHE E 133 -1.14 18.70 8.50
N GLN E 134 0.07 18.59 7.96
CA GLN E 134 0.82 19.75 7.48
C GLN E 134 1.24 19.56 6.03
N LEU E 135 1.05 20.57 5.18
CA LEU E 135 1.47 20.56 3.78
C LEU E 135 2.55 21.61 3.53
N THR E 136 3.62 21.22 2.83
CA THR E 136 4.60 22.17 2.25
C THR E 136 4.44 22.21 0.74
N HIS E 137 4.23 23.40 0.18
CA HIS E 137 4.03 23.60 -1.26
C HIS E 137 4.26 25.05 -1.69
N SER E 138 4.35 25.27 -3.01
CA SER E 138 4.33 26.61 -3.60
C SER E 138 3.03 26.86 -4.35
N LEU E 139 2.55 28.09 -4.30
CA LEU E 139 1.33 28.53 -4.99
C LEU E 139 1.60 29.01 -6.43
N GLY E 140 2.87 29.18 -6.83
CA GLY E 140 3.22 29.63 -8.18
C GLY E 140 3.25 28.52 -9.24
N GLY E 141 3.49 27.27 -8.83
CA GLY E 141 3.70 26.14 -9.74
C GLY E 141 2.42 25.38 -10.12
N GLY E 142 2.59 24.22 -10.77
CA GLY E 142 1.47 23.34 -11.13
C GLY E 142 1.16 22.29 -10.06
N THR E 143 2.14 21.47 -9.67
CA THR E 143 1.94 20.36 -8.73
C THR E 143 1.62 20.84 -7.33
N GLY E 144 2.52 21.64 -6.73
CA GLY E 144 2.32 22.13 -5.36
C GLY E 144 1.03 22.94 -5.22
N SER E 145 0.72 23.77 -6.21
CA SER E 145 -0.47 24.62 -6.19
C SER E 145 -1.74 23.82 -6.46
N GLY E 146 -1.87 23.23 -7.66
CA GLY E 146 -3.10 22.55 -8.09
C GLY E 146 -3.32 21.20 -7.43
N MET E 147 -2.31 20.32 -7.43
CA MET E 147 -2.45 19.00 -6.79
C MET E 147 -2.44 19.12 -5.26
N GLY E 148 -1.67 20.06 -4.71
CA GLY E 148 -1.67 20.32 -3.27
C GLY E 148 -3.04 20.75 -2.74
N THR E 149 -3.74 21.64 -3.44
CA THR E 149 -5.10 22.04 -3.03
C THR E 149 -6.14 20.96 -3.28
N LEU E 150 -5.99 20.14 -4.33
CA LEU E 150 -6.83 18.95 -4.54
C LEU E 150 -6.67 17.96 -3.37
N LEU E 151 -5.43 17.71 -2.94
CA LEU E 151 -5.13 16.86 -1.79
C LEU E 151 -5.73 17.41 -0.51
N ILE E 152 -5.59 18.71 -0.25
CA ILE E 152 -6.21 19.35 0.92
C ILE E 152 -7.73 19.11 0.92
N SER E 153 -8.40 19.36 -0.20
CA SER E 153 -9.85 19.17 -0.29
C SER E 153 -10.26 17.71 -0.05
N LYS E 154 -9.51 16.75 -0.60
CA LYS E 154 -9.75 15.33 -0.38
C LYS E 154 -9.45 14.85 1.03
N ILE E 155 -8.42 15.38 1.67
CA ILE E 155 -8.14 15.10 3.08
C ILE E 155 -9.26 15.66 3.95
N ARG E 156 -9.76 16.87 3.67
CA ARG E 156 -10.88 17.46 4.42
C ARG E 156 -12.19 16.68 4.24
N GLU E 157 -12.40 16.04 3.09
CA GLU E 157 -13.53 15.12 2.89
C GLU E 157 -13.40 13.85 3.74
N GLU E 158 -12.21 13.26 3.83
CA GLU E 158 -11.99 12.00 4.56
C GLU E 158 -11.76 12.19 6.07
N TYR E 159 -11.19 13.33 6.48
CA TYR E 159 -10.83 13.69 7.85
C TYR E 159 -11.36 15.09 8.20
N PRO E 160 -12.69 15.31 8.20
CA PRO E 160 -13.29 16.64 8.32
C PRO E 160 -13.06 17.32 9.67
N ASP E 161 -12.77 16.54 10.72
CA ASP E 161 -12.57 17.02 12.08
C ASP E 161 -11.09 17.29 12.41
N ARG E 162 -10.15 16.98 11.51
CA ARG E 162 -8.70 17.11 11.73
C ARG E 162 -8.17 18.44 11.21
N ILE E 163 -7.18 18.99 11.91
CA ILE E 163 -6.59 20.28 11.53
C ILE E 163 -5.74 20.15 10.26
N MET E 164 -5.88 21.10 9.33
CA MET E 164 -5.08 21.23 8.13
C MET E 164 -4.24 22.51 8.17
N ASN E 165 -2.93 22.34 8.25
CA ASN E 165 -1.95 23.42 8.26
C ASN E 165 -1.13 23.45 6.96
N THR E 166 -0.79 24.63 6.46
CA THR E 166 0.06 24.76 5.26
C THR E 166 1.20 25.74 5.44
N PHE E 167 2.37 25.38 4.88
CA PHE E 167 3.48 26.27 4.62
C PHE E 167 3.50 26.58 3.12
N SER E 168 2.89 27.72 2.79
CA SER E 168 2.57 28.12 1.43
C SER E 168 3.58 29.14 0.91
N VAL E 169 4.41 28.73 -0.05
CA VAL E 169 5.33 29.65 -0.73
C VAL E 169 4.61 30.46 -1.79
N VAL E 170 4.52 31.76 -1.56
CA VAL E 170 3.88 32.74 -2.43
C VAL E 170 4.89 33.20 -3.50
N PRO E 171 4.51 33.22 -4.79
CA PRO E 171 5.39 33.66 -5.87
C PRO E 171 5.63 35.18 -5.85
N SER E 172 6.74 35.62 -6.45
CA SER E 172 7.03 37.03 -6.69
C SER E 172 7.77 37.19 -8.03
N PRO E 173 7.51 38.26 -8.79
CA PRO E 173 8.26 38.58 -10.02
C PRO E 173 9.79 38.67 -9.82
N LYS E 174 10.28 38.90 -8.59
CA LYS E 174 11.72 38.92 -8.28
C LYS E 174 12.35 37.52 -8.33
N VAL E 175 11.57 36.48 -8.04
CA VAL E 175 11.98 35.07 -7.99
C VAL E 175 10.88 34.27 -8.67
N SER E 176 10.85 34.38 -9.99
CA SER E 176 9.80 33.83 -10.85
C SER E 176 10.40 32.88 -11.88
N ASP E 177 9.72 31.75 -12.06
CA ASP E 177 10.01 30.75 -13.07
C ASP E 177 9.12 30.97 -14.30
N THR E 178 7.85 31.38 -14.11
CA THR E 178 6.89 31.58 -15.21
C THR E 178 5.92 32.73 -14.98
N VAL E 179 5.45 33.33 -16.08
CA VAL E 179 4.50 34.47 -16.04
C VAL E 179 3.11 34.12 -15.52
N VAL E 180 2.75 32.84 -15.44
CA VAL E 180 1.40 32.38 -15.03
C VAL E 180 1.26 32.14 -13.52
N GLU E 181 2.32 32.38 -12.75
CA GLU E 181 2.32 32.25 -11.29
C GLU E 181 1.17 32.99 -10.59
N PRO E 182 0.77 34.21 -10.99
CA PRO E 182 -0.39 34.88 -10.38
C PRO E 182 -1.70 34.11 -10.59
N TYR E 183 -1.89 33.45 -11.75
CA TYR E 183 -3.07 32.62 -11.98
C TYR E 183 -3.11 31.41 -11.04
N ASN E 184 -1.99 30.69 -10.94
CA ASN E 184 -1.89 29.53 -10.07
C ASN E 184 -2.11 29.94 -8.60
N ALA E 185 -1.52 31.06 -8.19
CA ALA E 185 -1.63 31.55 -6.82
C ALA E 185 -3.05 31.97 -6.46
N THR E 186 -3.74 32.75 -7.30
CA THR E 186 -5.14 33.16 -7.05
C THR E 186 -6.08 31.96 -6.96
N LEU E 187 -5.96 30.99 -7.87
CA LEU E 187 -6.75 29.76 -7.84
C LEU E 187 -6.50 28.94 -6.56
N SER E 188 -5.24 28.88 -6.10
CA SER E 188 -4.91 28.18 -4.86
C SER E 188 -5.34 28.91 -3.60
N VAL E 189 -5.19 30.24 -3.53
CA VAL E 189 -5.62 31.03 -2.35
C VAL E 189 -7.11 30.80 -2.09
N HIS E 190 -7.95 30.79 -3.13
CA HIS E 190 -9.37 30.47 -2.99
C HIS E 190 -9.60 29.10 -2.30
N GLN E 191 -8.83 28.08 -2.66
CA GLN E 191 -8.94 26.76 -2.04
C GLN E 191 -8.43 26.72 -0.59
N LEU E 192 -7.40 27.52 -0.27
CA LEU E 192 -6.85 27.61 1.09
C LEU E 192 -7.85 28.27 2.06
N VAL E 193 -8.50 29.37 1.63
CA VAL E 193 -9.53 30.07 2.41
C VAL E 193 -10.63 29.12 2.91
N GLU E 194 -11.04 28.16 2.09
CA GLU E 194 -12.13 27.25 2.42
C GLU E 194 -11.67 26.00 3.19
N ASN E 195 -10.46 25.51 2.92
CA ASN E 195 -10.07 24.15 3.29
C ASN E 195 -8.91 24.05 4.30
N THR E 196 -8.31 25.15 4.75
CA THR E 196 -7.24 25.14 5.77
C THR E 196 -7.66 25.85 7.05
N ASP E 197 -7.01 25.49 8.17
CA ASP E 197 -7.20 26.16 9.46
C ASP E 197 -6.06 27.14 9.76
N GLU E 198 -4.88 26.88 9.21
CA GLU E 198 -3.68 27.69 9.37
C GLU E 198 -2.88 27.69 8.07
N THR E 199 -2.53 28.88 7.56
CA THR E 199 -1.65 29.01 6.39
C THR E 199 -0.53 30.00 6.68
N TYR E 200 0.71 29.50 6.76
CA TYR E 200 1.91 30.32 6.86
C TYR E 200 2.28 30.86 5.48
N CYS E 201 2.13 32.17 5.30
CA CYS E 201 2.47 32.87 4.06
C CYS E 201 3.97 33.13 3.99
N ILE E 202 4.66 32.40 3.12
CA ILE E 202 6.11 32.54 2.91
C ILE E 202 6.32 33.17 1.55
N ASP E 203 6.67 34.45 1.54
CA ASP E 203 6.84 35.23 0.34
C ASP E 203 8.27 35.18 -0.17
N ASN E 204 8.46 34.66 -1.39
CA ASN E 204 9.77 34.63 -2.03
C ASN E 204 10.40 36.03 -2.17
N GLU E 205 9.58 37.09 -2.25
CA GLU E 205 10.07 38.46 -2.25
C GLU E 205 10.78 38.82 -0.94
N ALA E 206 10.14 38.51 0.18
CA ALA E 206 10.68 38.77 1.52
C ALA E 206 11.95 37.96 1.75
N LEU E 207 11.93 36.66 1.40
CA LEU E 207 13.10 35.79 1.52
C LEU E 207 14.28 36.33 0.71
N TYR E 208 14.04 36.75 -0.54
CA TYR E 208 15.09 37.32 -1.38
C TYR E 208 15.65 38.62 -0.80
N ASP E 209 14.78 39.53 -0.38
CA ASP E 209 15.21 40.81 0.19
C ASP E 209 15.95 40.62 1.54
N ILE E 210 15.59 39.63 2.36
CA ILE E 210 16.35 39.24 3.56
C ILE E 210 17.75 38.75 3.18
N CYS E 211 17.84 37.79 2.25
CA CYS E 211 19.12 37.24 1.80
C CYS E 211 20.02 38.35 1.22
N PHE E 212 19.46 39.23 0.39
CA PHE E 212 20.21 40.27 -0.29
C PHE E 212 20.57 41.45 0.62
N ARG E 213 19.58 42.06 1.29
CA ARG E 213 19.76 43.31 2.04
C ARG E 213 20.30 43.07 3.45
N THR E 214 19.83 42.04 4.13
CA THR E 214 20.17 41.78 5.55
C THR E 214 21.37 40.85 5.65
N LEU E 215 21.32 39.69 4.98
CA LEU E 215 22.41 38.70 4.99
C LEU E 215 23.56 39.01 4.02
N LYS E 216 23.42 40.05 3.20
CA LYS E 216 24.46 40.54 2.25
C LYS E 216 24.90 39.50 1.23
N LEU E 217 24.00 38.58 0.84
CA LEU E 217 24.23 37.63 -0.24
C LEU E 217 23.94 38.32 -1.58
N THR E 218 24.95 38.52 -2.41
CA THR E 218 24.81 39.24 -3.69
C THR E 218 23.99 38.48 -4.72
N THR E 219 23.96 37.15 -4.65
CA THR E 219 23.23 36.29 -5.59
C THR E 219 22.58 35.15 -4.81
N PRO E 220 21.47 35.40 -4.10
CA PRO E 220 20.76 34.38 -3.34
C PRO E 220 20.31 33.23 -4.24
N THR E 221 20.48 32.01 -3.77
CA THR E 221 19.97 30.79 -4.43
C THR E 221 18.71 30.30 -3.74
N TYR E 222 17.93 29.43 -4.39
CA TYR E 222 16.83 28.71 -3.71
C TYR E 222 17.32 27.97 -2.45
N GLY E 223 18.58 27.53 -2.40
CA GLY E 223 19.17 26.93 -1.20
C GLY E 223 19.30 27.91 -0.01
N ASP E 224 19.54 29.19 -0.28
CA ASP E 224 19.61 30.24 0.75
C ASP E 224 18.22 30.63 1.24
N LEU E 225 17.24 30.72 0.32
CA LEU E 225 15.84 30.96 0.67
C LEU E 225 15.29 29.82 1.53
N ASN E 226 15.51 28.57 1.12
CA ASN E 226 15.03 27.38 1.84
C ASN E 226 15.69 27.23 3.22
N HIS E 227 16.89 27.77 3.43
CA HIS E 227 17.51 27.81 4.76
C HIS E 227 16.67 28.62 5.74
N LEU E 228 16.24 29.82 5.33
CA LEU E 228 15.35 30.68 6.13
C LEU E 228 14.02 29.98 6.40
N VAL E 229 13.41 29.37 5.38
CA VAL E 229 12.13 28.66 5.54
C VAL E 229 12.26 27.50 6.54
N SER E 230 13.30 26.67 6.41
CA SER E 230 13.51 25.52 7.31
C SER E 230 13.75 25.95 8.77
N ALA E 231 14.43 27.08 9.01
CA ALA E 231 14.64 27.64 10.34
C ALA E 231 13.31 28.12 10.94
N THR E 232 12.49 28.82 10.15
CA THR E 232 11.16 29.28 10.53
C THR E 232 10.21 28.10 10.83
N MET E 233 10.17 27.09 9.96
CA MET E 233 9.37 25.88 10.19
C MET E 233 9.79 25.14 11.47
N SER E 234 11.10 25.03 11.74
CA SER E 234 11.60 24.48 13.01
C SER E 234 11.09 25.31 14.20
N GLY E 235 11.19 26.63 14.09
CA GLY E 235 10.72 27.58 15.10
C GLY E 235 9.23 27.42 15.44
N VAL E 236 8.37 27.49 14.42
CA VAL E 236 6.91 27.35 14.55
C VAL E 236 6.52 26.02 15.19
N THR E 237 7.16 24.93 14.76
CA THR E 237 6.84 23.58 15.25
C THR E 237 7.50 23.23 16.59
N THR E 238 8.26 24.13 17.21
CA THR E 238 9.01 23.84 18.44
C THR E 238 8.08 23.42 19.59
N CYS E 239 6.96 24.12 19.79
CA CYS E 239 6.00 23.83 20.86
C CYS E 239 5.24 22.50 20.67
N LEU E 240 5.26 21.93 19.46
CA LEU E 240 4.69 20.62 19.16
C LEU E 240 5.72 19.51 19.42
N ARG E 241 7.01 19.81 19.20
CA ARG E 241 8.12 18.84 19.21
C ARG E 241 8.83 18.67 20.54
N PHE E 242 8.76 19.68 21.41
CA PHE E 242 9.41 19.65 22.72
C PHE E 242 8.39 19.93 23.82
N PRO E 243 8.60 19.38 25.03
CA PRO E 243 7.81 19.76 26.18
C PRO E 243 8.06 21.23 26.56
N GLY E 244 7.05 21.89 27.12
CA GLY E 244 7.11 23.28 27.53
C GLY E 244 5.89 23.67 28.38
N GLN E 245 5.82 24.92 28.83
CA GLN E 245 4.65 25.39 29.61
C GLN E 245 3.34 25.28 28.84
N LEU E 246 3.37 25.58 27.53
CA LEU E 246 2.26 25.29 26.64
C LEU E 246 2.51 23.92 25.99
N ASN E 247 1.88 22.89 26.55
CA ASN E 247 1.64 21.64 25.83
C ASN E 247 0.69 21.93 24.66
N ALA E 248 1.29 22.39 23.58
CA ALA E 248 0.59 22.78 22.37
C ALA E 248 0.28 21.55 21.52
N ASP E 249 -0.87 21.65 20.87
CA ASP E 249 -1.27 20.89 19.69
C ASP E 249 -1.71 21.89 18.62
N LEU E 250 -1.95 21.38 17.42
CA LEU E 250 -2.40 22.19 16.30
C LEU E 250 -3.76 22.88 16.57
N ARG E 251 -4.68 22.23 17.28
CA ARG E 251 -6.03 22.78 17.51
C ARG E 251 -5.99 23.95 18.50
N LYS E 252 -5.24 23.83 19.60
CA LYS E 252 -4.99 24.91 20.57
C LYS E 252 -4.33 26.11 19.91
N LEU E 253 -3.41 25.88 18.96
CA LEU E 253 -2.79 26.97 18.22
C LEU E 253 -3.84 27.68 17.34
N ALA E 254 -4.62 26.92 16.57
CA ALA E 254 -5.65 27.47 15.69
C ALA E 254 -6.72 28.26 16.48
N VAL E 255 -7.23 27.69 17.57
CA VAL E 255 -8.22 28.33 18.47
C VAL E 255 -7.68 29.64 19.06
N ASN E 256 -6.38 29.75 19.30
CA ASN E 256 -5.78 30.98 19.82
C ASN E 256 -5.44 32.01 18.74
N MET E 257 -5.17 31.58 17.52
CA MET E 257 -4.64 32.44 16.46
C MET E 257 -5.68 32.89 15.45
N VAL E 258 -6.81 32.19 15.32
CA VAL E 258 -7.81 32.41 14.27
C VAL E 258 -9.12 32.89 14.89
N PRO E 259 -9.36 34.22 14.96
CA PRO E 259 -10.64 34.76 15.44
C PRO E 259 -11.77 34.56 14.43
N PHE E 260 -11.47 34.58 13.14
CA PHE E 260 -12.45 34.42 12.06
C PHE E 260 -11.99 33.33 11.10
N PRO E 261 -12.89 32.44 10.65
CA PRO E 261 -12.52 31.21 9.96
C PRO E 261 -11.76 31.45 8.66
N ARG E 262 -12.01 32.57 7.97
CA ARG E 262 -11.35 32.92 6.71
C ARG E 262 -10.01 33.65 6.90
N LEU E 263 -9.78 34.23 8.08
CA LEU E 263 -8.61 35.07 8.37
C LEU E 263 -7.53 34.27 9.11
N HIS E 264 -7.07 33.19 8.49
CA HIS E 264 -6.07 32.27 9.03
C HIS E 264 -4.71 32.33 8.31
N PHE E 265 -4.43 33.41 7.59
CA PHE E 265 -3.17 33.63 6.89
C PHE E 265 -2.17 34.36 7.79
N PHE E 266 -1.07 33.68 8.14
CA PHE E 266 -0.09 34.19 9.08
C PHE E 266 1.17 34.74 8.40
N MET E 267 1.75 35.77 9.01
CA MET E 267 3.07 36.29 8.70
C MET E 267 4.09 35.68 9.66
N PRO E 268 4.94 34.74 9.21
CA PRO E 268 5.99 34.21 10.05
C PRO E 268 7.24 35.12 10.03
N GLY E 269 8.00 35.11 11.11
CA GLY E 269 9.27 35.82 11.24
C GLY E 269 10.29 35.05 12.08
N PHE E 270 11.57 35.37 11.91
CA PHE E 270 12.64 34.68 12.64
C PHE E 270 13.76 35.64 13.06
N ALA E 271 14.30 35.44 14.26
CA ALA E 271 15.43 36.19 14.79
C ALA E 271 16.38 35.30 15.62
N PRO E 272 17.72 35.50 15.54
CA PRO E 272 18.40 36.36 14.59
C PRO E 272 18.41 35.74 13.19
N LEU E 273 18.43 36.59 12.17
CA LEU E 273 18.64 36.13 10.79
C LEU E 273 20.10 35.71 10.60
N THR E 274 20.30 34.46 10.19
CA THR E 274 21.61 33.89 9.89
C THR E 274 21.66 33.37 8.46
N SER E 275 22.85 33.39 7.86
CA SER E 275 23.10 32.75 6.58
C SER E 275 23.76 31.39 6.78
N ARG E 276 23.54 30.49 5.81
CA ARG E 276 24.10 29.15 5.84
C ARG E 276 25.63 29.21 5.94
N GLY E 277 26.19 28.59 6.98
CA GLY E 277 27.63 28.51 7.21
C GLY E 277 28.24 29.72 7.94
N SER E 278 27.52 30.82 8.10
CA SER E 278 28.00 31.97 8.90
C SER E 278 27.73 31.71 10.38
N GLN E 279 28.79 31.55 11.17
CA GLN E 279 28.67 31.46 12.63
C GLN E 279 28.52 32.86 13.23
N GLN E 280 27.42 33.12 13.94
CA GLN E 280 27.33 34.26 14.83
C GLN E 280 28.04 33.94 16.15
N TYR E 281 29.15 34.62 16.42
CA TYR E 281 29.90 34.45 17.67
C TYR E 281 29.23 35.13 18.87
N ARG E 282 28.47 36.21 18.64
CA ARG E 282 27.76 36.96 19.68
C ARG E 282 26.32 36.47 19.76
N ALA E 283 25.93 35.89 20.89
CA ALA E 283 24.51 35.69 21.19
C ALA E 283 23.84 37.05 21.41
N LEU E 284 22.66 37.23 20.84
CA LEU E 284 21.84 38.41 21.08
C LEU E 284 21.30 38.40 22.51
N THR E 285 20.92 39.57 23.02
CA THR E 285 20.16 39.65 24.29
C THR E 285 18.67 39.44 24.03
N VAL E 286 17.89 39.20 25.09
CA VAL E 286 16.42 39.08 24.96
C VAL E 286 15.80 40.35 24.36
N PRO E 287 16.15 41.59 24.78
CA PRO E 287 15.66 42.81 24.14
C PRO E 287 15.97 42.90 22.64
N GLU E 288 17.18 42.48 22.23
CA GLU E 288 17.56 42.49 20.82
C GLU E 288 16.75 41.47 20.00
N LEU E 289 16.50 40.28 20.55
CA LEU E 289 15.65 39.26 19.91
C LEU E 289 14.21 39.76 19.76
N THR E 290 13.62 40.29 20.83
CA THR E 290 12.25 40.81 20.82
C THR E 290 12.11 41.99 19.85
N GLN E 291 13.10 42.88 19.78
CA GLN E 291 13.04 43.98 18.80
C GLN E 291 13.15 43.47 17.36
N GLN E 292 14.02 42.50 17.10
CA GLN E 292 14.20 41.95 15.75
C GLN E 292 12.99 41.15 15.27
N MET E 293 12.36 40.35 16.13
CA MET E 293 11.24 39.51 15.71
C MET E 293 10.00 40.32 15.30
N PHE E 294 9.82 41.53 15.84
CA PHE E 294 8.76 42.47 15.45
C PHE E 294 9.18 43.45 14.35
N ASP E 295 10.44 43.42 13.88
CA ASP E 295 10.90 44.25 12.75
C ASP E 295 10.38 43.64 11.44
N ALA E 296 9.80 44.49 10.57
CA ALA E 296 9.36 44.10 9.24
C ALA E 296 10.48 43.44 8.40
N LYS E 297 11.75 43.77 8.67
CA LYS E 297 12.91 43.16 7.99
C LYS E 297 13.16 41.69 8.33
N ASN E 298 12.53 41.18 9.38
CA ASN E 298 12.62 39.80 9.82
C ASN E 298 11.37 38.98 9.44
N MET E 299 10.34 39.63 8.88
CA MET E 299 9.12 38.98 8.41
C MET E 299 9.36 38.30 7.07
N MET E 300 8.78 37.13 6.90
CA MET E 300 8.87 36.34 5.65
C MET E 300 7.65 36.52 4.76
N ALA E 301 6.75 37.45 5.06
CA ALA E 301 5.76 37.98 4.13
C ALA E 301 6.14 39.44 3.83
N ALA E 302 6.19 39.85 2.55
CA ALA E 302 6.58 41.20 2.18
C ALA E 302 5.41 42.19 2.33
N CYS E 303 4.99 42.39 3.58
CA CYS E 303 4.00 43.36 4.03
C CYS E 303 4.59 44.20 5.16
N ASP E 304 4.18 45.46 5.30
CA ASP E 304 4.55 46.25 6.47
C ASP E 304 3.51 46.06 7.57
N PRO E 305 3.84 45.46 8.73
CA PRO E 305 2.88 45.31 9.82
C PRO E 305 2.33 46.65 10.34
N ARG E 306 3.01 47.77 10.06
CA ARG E 306 2.53 49.12 10.42
C ARG E 306 1.40 49.63 9.53
N HIS E 307 1.16 49.00 8.38
CA HIS E 307 0.03 49.32 7.51
C HIS E 307 -1.27 48.62 7.94
N GLY E 308 -1.23 47.79 8.98
CA GLY E 308 -2.40 47.12 9.53
C GLY E 308 -2.35 46.98 11.05
N ARG E 309 -3.13 46.04 11.56
CA ARG E 309 -3.22 45.71 12.99
C ARG E 309 -3.06 44.20 13.18
N TYR E 310 -2.51 43.79 14.31
CA TYR E 310 -2.45 42.40 14.73
C TYR E 310 -3.77 42.00 15.39
N LEU E 311 -4.40 40.97 14.84
CA LEU E 311 -5.52 40.28 15.47
C LEU E 311 -4.98 39.43 16.63
N THR E 312 -3.98 38.61 16.35
CA THR E 312 -3.34 37.70 17.30
C THR E 312 -1.85 37.54 16.98
N VAL E 313 -1.04 37.25 18.00
CA VAL E 313 0.40 37.01 17.87
C VAL E 313 0.82 35.85 18.76
N ALA E 314 1.62 34.93 18.21
CA ALA E 314 2.36 33.93 18.97
C ALA E 314 3.87 34.15 18.81
N ALA E 315 4.58 34.14 19.95
CA ALA E 315 6.02 34.31 20.03
C ALA E 315 6.67 33.09 20.70
N VAL E 316 7.59 32.42 20.00
CA VAL E 316 8.30 31.24 20.52
C VAL E 316 9.77 31.56 20.69
N PHE E 317 10.21 31.69 21.94
CA PHE E 317 11.61 31.86 22.28
C PHE E 317 12.26 30.49 22.52
N ARG E 318 13.49 30.33 22.06
CA ARG E 318 14.27 29.09 22.23
C ARG E 318 15.64 29.38 22.83
N GLY E 319 16.10 28.52 23.73
CA GLY E 319 17.38 28.61 24.42
C GLY E 319 17.23 29.02 25.88
N ARG E 320 18.34 28.90 26.62
CA ARG E 320 18.38 29.23 28.05
C ARG E 320 18.35 30.73 28.28
N MET E 321 17.22 31.26 28.70
CA MET E 321 17.02 32.70 28.97
C MET E 321 16.13 32.96 30.17
N SER E 322 16.19 34.18 30.70
CA SER E 322 15.29 34.60 31.76
C SER E 322 13.89 34.80 31.19
N MET E 323 12.99 33.93 31.60
CA MET E 323 11.59 34.00 31.22
C MET E 323 10.95 35.33 31.69
N LYS E 324 11.36 35.85 32.86
CA LYS E 324 10.95 37.19 33.33
C LYS E 324 11.36 38.29 32.36
N GLU E 325 12.59 38.24 31.85
CA GLU E 325 13.08 39.24 30.88
C GLU E 325 12.27 39.14 29.58
N VAL E 326 11.91 37.93 29.14
CA VAL E 326 11.04 37.72 27.98
C VAL E 326 9.68 38.40 28.17
N ASP E 327 9.00 38.16 29.29
CA ASP E 327 7.69 38.78 29.55
C ASP E 327 7.78 40.31 29.61
N GLU E 328 8.80 40.83 30.30
CA GLU E 328 9.03 42.28 30.42
C GLU E 328 9.25 42.91 29.03
N GLN E 329 10.03 42.28 28.15
CA GLN E 329 10.26 42.81 26.80
C GLN E 329 9.02 42.68 25.91
N MET E 330 8.26 41.58 26.01
CA MET E 330 7.04 41.40 25.24
C MET E 330 5.95 42.41 25.63
N LEU E 331 5.78 42.66 26.94
CA LEU E 331 4.89 43.71 27.45
C LEU E 331 5.35 45.11 27.04
N ASN E 332 6.66 45.37 27.02
CA ASN E 332 7.23 46.64 26.58
C ASN E 332 6.89 46.93 25.11
N VAL E 333 7.01 45.93 24.22
CA VAL E 333 6.62 46.08 22.81
C VAL E 333 5.12 46.36 22.68
N GLN E 334 4.26 45.62 23.36
CA GLN E 334 2.81 45.82 23.33
C GLN E 334 2.42 47.21 23.84
N ASN E 335 2.91 47.62 25.01
CA ASN E 335 2.55 48.90 25.61
C ASN E 335 3.02 50.11 24.80
N LYS E 336 4.19 50.02 24.13
CA LYS E 336 4.71 51.10 23.28
C LYS E 336 4.04 51.18 21.92
N ASN E 337 3.48 50.08 21.44
CA ASN E 337 2.97 49.93 20.08
C ASN E 337 1.52 49.44 20.09
N SER E 338 0.75 49.78 21.14
CA SER E 338 -0.58 49.23 21.39
C SER E 338 -1.56 49.50 20.27
N SER E 339 -1.41 50.60 19.54
CA SER E 339 -2.23 50.94 18.37
C SER E 339 -2.17 49.91 17.24
N TYR E 340 -1.06 49.17 17.13
CA TYR E 340 -0.90 48.12 16.12
C TYR E 340 -1.49 46.78 16.55
N PHE E 341 -2.09 46.67 17.72
CA PHE E 341 -2.84 45.49 18.17
C PHE E 341 -4.31 45.89 18.30
N VAL E 342 -5.22 45.01 17.90
CA VAL E 342 -6.66 45.27 18.09
C VAL E 342 -7.00 45.26 19.59
N GLU E 343 -7.80 46.21 20.03
CA GLU E 343 -8.18 46.37 21.44
C GLU E 343 -9.33 45.44 21.86
N TRP E 344 -10.16 45.03 20.88
CA TRP E 344 -11.33 44.18 21.10
C TRP E 344 -10.99 42.67 21.18
N ILE E 345 -9.70 42.30 21.10
CA ILE E 345 -9.20 40.98 21.50
C ILE E 345 -8.22 41.16 22.66
N PRO E 346 -8.69 41.06 23.92
CA PRO E 346 -7.83 41.20 25.09
C PRO E 346 -6.73 40.13 25.13
N ASN E 347 -5.51 40.52 25.50
CA ASN E 347 -4.40 39.59 25.71
C ASN E 347 -4.10 38.68 24.50
N ASN E 348 -4.22 39.25 23.30
CA ASN E 348 -4.02 38.59 22.00
C ASN E 348 -2.57 38.25 21.64
N VAL E 349 -1.61 38.52 22.53
CA VAL E 349 -0.21 38.14 22.36
C VAL E 349 0.14 37.03 23.35
N LYS E 350 0.48 35.86 22.84
CA LYS E 350 0.89 34.70 23.62
C LYS E 350 2.37 34.39 23.40
N THR E 351 3.06 34.03 24.48
CA THR E 351 4.50 33.78 24.46
C THR E 351 4.81 32.40 25.05
N ALA E 352 5.69 31.64 24.39
CA ALA E 352 6.20 30.36 24.86
C ALA E 352 7.73 30.38 24.86
N VAL E 353 8.33 29.61 25.77
CA VAL E 353 9.79 29.43 25.84
C VAL E 353 10.11 27.94 25.87
N CYS E 354 11.11 27.53 25.08
CA CYS E 354 11.67 26.20 25.06
C CYS E 354 13.18 26.28 25.35
N ASP E 355 13.71 25.41 26.21
CA ASP E 355 15.12 25.46 26.60
C ASP E 355 16.09 25.00 25.50
N ILE E 356 15.60 24.27 24.50
CA ILE E 356 16.42 23.68 23.42
C ILE E 356 16.53 24.69 22.27
N PRO E 357 17.71 25.33 22.08
CA PRO E 357 17.91 26.23 20.95
C PRO E 357 18.09 25.45 19.64
N PRO E 358 17.84 26.09 18.48
CA PRO E 358 18.17 25.49 17.20
C PRO E 358 19.70 25.39 17.01
N ARG E 359 20.15 24.49 16.12
CA ARG E 359 21.59 24.29 15.89
C ARG E 359 22.29 25.57 15.45
N GLY E 360 23.45 25.83 16.06
CA GLY E 360 24.33 26.94 15.70
C GLY E 360 23.97 28.27 16.38
N LEU E 361 22.86 28.34 17.11
CA LEU E 361 22.46 29.49 17.90
C LEU E 361 22.36 29.11 19.38
N LYS E 362 22.63 30.07 20.27
CA LYS E 362 22.37 29.88 21.72
C LYS E 362 20.94 30.23 22.10
N MET E 363 20.37 31.21 21.39
CA MET E 363 19.02 31.69 21.58
C MET E 363 18.44 32.14 20.23
N SER E 364 17.14 31.94 20.04
CA SER E 364 16.39 32.43 18.88
C SER E 364 14.97 32.78 19.28
N ALA E 365 14.27 33.55 18.45
CA ALA E 365 12.86 33.84 18.56
C ALA E 365 12.17 33.63 17.21
N THR E 366 11.03 32.96 17.23
CA THR E 366 10.16 32.79 16.06
C THR E 366 8.87 33.55 16.31
N PHE E 367 8.44 34.30 15.30
CA PHE E 367 7.26 35.14 15.32
C PHE E 367 6.19 34.55 14.41
N ILE E 368 4.93 34.56 14.86
CA ILE E 368 3.75 34.22 14.08
C ILE E 368 2.72 35.32 14.33
N GLY E 369 2.43 36.13 13.31
CA GLY E 369 1.44 37.21 13.41
C GLY E 369 0.27 37.01 12.48
N ASN E 370 -0.95 36.99 13.01
CA ASN E 370 -2.16 37.19 12.22
C ASN E 370 -2.43 38.69 12.14
N SER E 371 -2.02 39.33 11.04
CA SER E 371 -2.15 40.77 10.85
C SER E 371 -2.99 41.07 9.63
N THR E 372 -3.82 42.11 9.72
CA THR E 372 -4.56 42.64 8.58
C THR E 372 -3.64 43.15 7.47
N ALA E 373 -2.37 43.45 7.77
CA ALA E 373 -1.37 43.84 6.77
C ALA E 373 -1.09 42.73 5.73
N ILE E 374 -1.44 41.46 6.00
CA ILE E 374 -1.32 40.38 5.01
C ILE E 374 -2.14 40.66 3.74
N GLN E 375 -3.17 41.53 3.82
CA GLN E 375 -3.93 41.95 2.65
C GLN E 375 -3.06 42.56 1.54
N GLU E 376 -1.90 43.16 1.87
CA GLU E 376 -0.96 43.71 0.88
C GLU E 376 -0.40 42.63 -0.06
N LEU E 377 -0.16 41.43 0.45
CA LEU E 377 0.29 40.28 -0.33
C LEU E 377 -0.78 39.86 -1.34
N PHE E 378 -2.04 39.76 -0.90
CA PHE E 378 -3.16 39.40 -1.77
C PHE E 378 -3.48 40.49 -2.80
N LYS E 379 -3.42 41.78 -2.42
CA LYS E 379 -3.55 42.91 -3.35
C LYS E 379 -2.50 42.83 -4.46
N ARG E 380 -1.24 42.56 -4.10
CA ARG E 380 -0.14 42.46 -5.07
C ARG E 380 -0.33 41.31 -6.06
N ILE E 381 -0.83 40.15 -5.61
CA ILE E 381 -1.18 39.03 -6.50
C ILE E 381 -2.38 39.40 -7.39
N SER E 382 -3.41 40.02 -6.81
CA SER E 382 -4.62 40.48 -7.52
C SER E 382 -4.26 41.43 -8.68
N GLU E 383 -3.40 42.42 -8.44
CA GLU E 383 -2.96 43.36 -9.48
C GLU E 383 -2.26 42.64 -10.65
N GLN E 384 -1.39 41.67 -10.35
CA GLN E 384 -0.68 40.89 -11.36
C GLN E 384 -1.62 39.97 -12.15
N PHE E 385 -2.58 39.35 -11.46
CA PHE E 385 -3.65 38.55 -12.04
C PHE E 385 -4.48 39.38 -13.03
N THR E 386 -5.05 40.50 -12.57
CA THR E 386 -5.94 41.34 -13.37
C THR E 386 -5.21 41.94 -14.59
N ALA E 387 -3.91 42.27 -14.45
CA ALA E 387 -3.10 42.82 -15.53
C ALA E 387 -3.05 41.90 -16.77
N MET E 388 -3.00 40.57 -16.55
CA MET E 388 -3.05 39.56 -17.61
C MET E 388 -4.49 39.16 -17.97
N PHE E 389 -5.34 38.96 -16.96
CA PHE E 389 -6.72 38.46 -17.13
C PHE E 389 -7.59 39.39 -17.96
N ARG E 390 -7.44 40.72 -17.81
CA ARG E 390 -8.14 41.71 -18.65
C ARG E 390 -7.89 41.56 -20.15
N ARG E 391 -6.80 40.88 -20.55
CA ARG E 391 -6.45 40.58 -21.95
C ARG E 391 -6.60 39.10 -22.29
N LYS E 392 -7.10 38.28 -21.34
CA LYS E 392 -7.17 36.81 -21.45
C LYS E 392 -5.82 36.21 -21.85
N ALA E 393 -4.72 36.84 -21.41
CA ALA E 393 -3.38 36.40 -21.76
C ALA E 393 -3.11 35.04 -21.11
N PHE E 394 -2.49 34.11 -21.84
CA PHE E 394 -2.12 32.77 -21.35
C PHE E 394 -3.26 31.84 -20.90
N LEU E 395 -4.53 32.27 -20.91
CA LEU E 395 -5.68 31.45 -20.49
C LEU E 395 -5.86 30.17 -21.31
N HIS E 396 -5.40 30.13 -22.56
CA HIS E 396 -5.50 28.94 -23.42
C HIS E 396 -4.81 27.70 -22.84
N TRP E 397 -3.79 27.88 -21.98
CA TRP E 397 -3.15 26.77 -21.27
C TRP E 397 -4.08 26.10 -20.27
N TYR E 398 -5.04 26.84 -19.71
CA TYR E 398 -5.98 26.36 -18.69
C TYR E 398 -7.29 25.88 -19.33
N THR E 399 -7.81 26.63 -20.30
CA THR E 399 -9.02 26.23 -21.04
C THR E 399 -8.78 24.97 -21.88
N GLY E 400 -7.55 24.77 -22.36
CA GLY E 400 -7.13 23.50 -22.99
C GLY E 400 -7.19 22.29 -22.06
N GLU E 401 -7.10 22.51 -20.74
CA GLU E 401 -7.30 21.47 -19.73
C GLU E 401 -8.76 21.32 -19.27
N GLY E 402 -9.64 22.20 -19.76
CA GLY E 402 -11.09 22.15 -19.53
C GLY E 402 -11.62 23.19 -18.56
N MET E 403 -10.78 24.11 -18.05
CA MET E 403 -11.22 25.23 -17.19
C MET E 403 -12.08 26.24 -17.94
N ASP E 404 -13.09 26.78 -17.26
CA ASP E 404 -13.87 27.92 -17.72
C ASP E 404 -13.24 29.24 -17.24
N GLU E 405 -13.42 30.32 -18.00
CA GLU E 405 -13.06 31.68 -17.59
C GLU E 405 -13.84 32.14 -16.35
N MET E 406 -15.02 31.56 -16.12
CA MET E 406 -15.82 31.91 -14.94
C MET E 406 -15.16 31.45 -13.62
N GLU E 407 -14.42 30.34 -13.63
CA GLU E 407 -13.64 29.87 -12.47
C GLU E 407 -12.54 30.89 -12.07
N PHE E 408 -11.94 31.56 -13.06
CA PHE E 408 -10.98 32.64 -12.82
C PHE E 408 -11.65 33.88 -12.22
N THR E 409 -12.84 34.23 -12.72
CA THR E 409 -13.61 35.38 -12.24
C THR E 409 -14.10 35.17 -10.80
N GLU E 410 -14.50 33.94 -10.46
CA GLU E 410 -14.86 33.56 -9.10
C GLU E 410 -13.65 33.62 -8.16
N ALA E 411 -12.50 33.05 -8.55
CA ALA E 411 -11.29 33.09 -7.74
C ALA E 411 -10.77 34.53 -7.50
N GLU E 412 -10.81 35.39 -8.53
CA GLU E 412 -10.46 36.81 -8.40
C GLU E 412 -11.40 37.52 -7.41
N SER E 413 -12.70 37.25 -7.48
CA SER E 413 -13.68 37.90 -6.61
C SER E 413 -13.55 37.40 -5.16
N ASN E 414 -13.38 36.10 -4.94
CA ASN E 414 -13.18 35.55 -3.61
C ASN E 414 -11.90 36.09 -2.94
N MET E 415 -10.83 36.32 -3.71
CA MET E 415 -9.61 36.95 -3.20
C MET E 415 -9.81 38.43 -2.88
N ASN E 416 -10.60 39.17 -3.67
CA ASN E 416 -10.95 40.56 -3.35
C ASN E 416 -11.87 40.66 -2.13
N ASP E 417 -12.76 39.68 -1.94
CA ASP E 417 -13.61 39.59 -0.75
C ASP E 417 -12.77 39.35 0.51
N LEU E 418 -11.76 38.47 0.44
CA LEU E 418 -10.79 38.26 1.52
C LEU E 418 -10.04 39.56 1.88
N VAL E 419 -9.61 40.33 0.86
CA VAL E 419 -8.95 41.63 1.09
C VAL E 419 -9.90 42.63 1.79
N SER E 420 -11.16 42.68 1.37
CA SER E 420 -12.18 43.55 1.99
C SER E 420 -12.46 43.15 3.45
N GLU E 421 -12.52 41.85 3.72
CA GLU E 421 -12.71 41.31 5.08
C GLU E 421 -11.54 41.68 6.00
N TYR E 422 -10.30 41.57 5.53
CA TYR E 422 -9.14 42.07 6.27
C TYR E 422 -9.18 43.58 6.52
N GLN E 423 -9.66 44.37 5.55
CA GLN E 423 -9.79 45.81 5.70
C GLN E 423 -10.85 46.18 6.74
N GLN E 424 -11.98 45.47 6.77
CA GLN E 424 -13.05 45.70 7.76
C GLN E 424 -12.50 45.62 9.20
N TYR E 425 -11.77 44.55 9.55
CA TYR E 425 -11.22 44.40 10.89
C TYR E 425 -9.99 45.25 11.17
N GLN E 426 -9.36 45.82 10.14
CA GLN E 426 -8.30 46.80 10.31
C GLN E 426 -8.86 48.12 10.85
N ASP E 427 -10.03 48.52 10.35
CA ASP E 427 -10.69 49.78 10.71
C ASP E 427 -11.60 49.63 11.94
N MET F 1 14.01 -44.62 -25.84
CA MET F 1 14.25 -43.46 -26.73
C MET F 1 13.09 -43.33 -27.68
N ARG F 2 13.05 -42.22 -28.41
CA ARG F 2 11.88 -41.76 -29.14
C ARG F 2 12.36 -41.34 -30.53
N GLU F 3 12.82 -42.29 -31.33
CA GLU F 3 13.55 -42.03 -32.58
C GLU F 3 12.63 -41.54 -33.73
N CYS F 4 13.16 -40.71 -34.62
CA CYS F 4 12.47 -40.25 -35.83
C CYS F 4 13.34 -40.54 -37.07
N ILE F 5 12.72 -41.04 -38.14
CA ILE F 5 13.41 -41.27 -39.41
C ILE F 5 13.03 -40.15 -40.39
N SER F 6 14.02 -39.45 -40.93
CA SER F 6 13.80 -38.46 -41.98
C SER F 6 13.94 -39.08 -43.36
N ILE F 7 13.01 -38.81 -44.26
CA ILE F 7 13.04 -39.31 -45.64
C ILE F 7 13.01 -38.12 -46.59
N HIS F 8 14.00 -38.04 -47.47
CA HIS F 8 14.19 -36.92 -48.39
C HIS F 8 13.96 -37.42 -49.82
N VAL F 9 12.92 -36.95 -50.48
CA VAL F 9 12.44 -37.48 -51.77
C VAL F 9 12.57 -36.44 -52.89
N GLY F 10 13.25 -36.84 -53.97
CA GLY F 10 13.50 -36.04 -55.16
C GLY F 10 14.46 -34.87 -54.92
N GLN F 11 14.81 -34.15 -55.98
CA GLN F 11 15.76 -33.04 -55.93
C GLN F 11 15.49 -32.05 -54.78
N ALA F 12 14.27 -31.54 -54.66
CA ALA F 12 13.94 -30.55 -53.62
C ALA F 12 14.09 -31.13 -52.21
N GLY F 13 13.53 -32.33 -51.98
CA GLY F 13 13.64 -33.02 -50.69
C GLY F 13 15.09 -33.28 -50.30
N VAL F 14 15.90 -33.80 -51.24
CA VAL F 14 17.32 -34.07 -51.04
C VAL F 14 18.11 -32.80 -50.73
N GLN F 15 17.91 -31.72 -51.50
CA GLN F 15 18.66 -30.47 -51.30
C GLN F 15 18.29 -29.77 -49.99
N ILE F 16 17.01 -29.76 -49.61
CA ILE F 16 16.56 -29.25 -48.31
C ILE F 16 17.12 -30.13 -47.19
N GLY F 17 17.03 -31.45 -47.33
CA GLY F 17 17.60 -32.40 -46.39
C GLY F 17 19.08 -32.16 -46.15
N ASN F 18 19.86 -31.99 -47.21
CA ASN F 18 21.30 -31.72 -47.11
C ASN F 18 21.58 -30.44 -46.30
N ALA F 19 20.81 -29.36 -46.52
CA ALA F 19 20.93 -28.12 -45.75
C ALA F 19 20.49 -28.29 -44.28
N CYS F 20 19.42 -29.04 -44.01
CA CYS F 20 18.96 -29.32 -42.66
C CYS F 20 19.98 -30.14 -41.85
N TRP F 21 20.56 -31.19 -42.44
CA TRP F 21 21.54 -32.04 -41.74
C TRP F 21 22.86 -31.33 -41.49
N GLU F 22 23.31 -30.46 -42.40
CA GLU F 22 24.44 -29.55 -42.14
C GLU F 22 24.17 -28.72 -40.88
N LEU F 23 22.98 -28.10 -40.80
CA LEU F 23 22.60 -27.28 -39.66
C LEU F 23 22.48 -28.09 -38.36
N TYR F 24 21.91 -29.30 -38.40
CA TYR F 24 21.84 -30.18 -37.23
C TYR F 24 23.21 -30.58 -36.72
N CYS F 25 24.14 -30.91 -37.60
CA CYS F 25 25.52 -31.21 -37.21
C CYS F 25 26.17 -30.02 -36.50
N LEU F 26 25.99 -28.80 -37.03
CA LEU F 26 26.51 -27.59 -36.40
C LEU F 26 25.90 -27.32 -35.02
N GLU F 27 24.58 -27.51 -34.87
CA GLU F 27 23.88 -27.30 -33.61
C GLU F 27 24.25 -28.31 -32.52
N HIS F 28 24.50 -29.58 -32.90
CA HIS F 28 24.90 -30.62 -31.95
C HIS F 28 26.44 -30.77 -31.82
N GLY F 29 27.24 -29.98 -32.55
CA GLY F 29 28.70 -30.08 -32.50
C GLY F 29 29.29 -31.35 -33.13
N ILE F 30 28.56 -31.95 -34.08
CA ILE F 30 29.00 -33.11 -34.85
C ILE F 30 29.80 -32.64 -36.06
N GLN F 31 30.98 -33.22 -36.27
CA GLN F 31 31.84 -32.91 -37.40
C GLN F 31 31.36 -33.59 -38.70
N PRO F 32 31.80 -33.14 -39.89
CA PRO F 32 31.37 -33.74 -41.16
C PRO F 32 31.74 -35.23 -41.35
N ASP F 33 32.65 -35.77 -40.56
CA ASP F 33 33.00 -37.20 -40.50
C ASP F 33 32.10 -38.01 -39.54
N GLY F 34 31.20 -37.34 -38.81
CA GLY F 34 30.29 -37.89 -37.81
C GLY F 34 30.87 -37.99 -36.40
N GLN F 35 32.09 -37.50 -36.14
CA GLN F 35 32.68 -37.50 -34.80
C GLN F 35 32.14 -36.34 -33.95
N MET F 36 31.99 -36.57 -32.64
CA MET F 36 31.52 -35.55 -31.68
C MET F 36 32.55 -35.39 -30.54
N PRO F 37 33.54 -34.48 -30.64
CA PRO F 37 34.67 -34.43 -29.70
C PRO F 37 34.32 -33.93 -28.29
N SER F 38 33.24 -33.15 -28.12
CA SER F 38 32.77 -32.73 -26.80
C SER F 38 32.05 -33.84 -26.05
N ASP F 39 31.68 -34.92 -26.74
CA ASP F 39 30.95 -36.02 -26.14
C ASP F 39 31.90 -36.88 -25.30
N LYS F 40 32.15 -36.40 -24.08
CA LYS F 40 32.88 -37.16 -23.05
C LYS F 40 32.08 -38.37 -22.59
N THR F 41 30.77 -38.30 -22.71
CA THR F 41 29.91 -39.44 -22.45
C THR F 41 30.10 -40.39 -23.61
N ILE F 42 31.03 -41.35 -23.44
CA ILE F 42 31.08 -42.52 -24.31
C ILE F 42 29.71 -43.27 -24.30
N GLY F 43 28.88 -43.05 -23.25
CA GLY F 43 27.52 -43.59 -23.11
C GLY F 43 26.43 -42.51 -23.05
N GLY F 44 25.28 -42.78 -22.41
CA GLY F 44 24.08 -41.91 -22.48
C GLY F 44 24.18 -40.55 -21.77
N GLY F 45 24.72 -39.54 -22.43
CA GLY F 45 24.62 -38.13 -22.04
C GLY F 45 23.20 -37.59 -22.26
N ASP F 46 23.07 -36.31 -22.65
CA ASP F 46 21.78 -35.75 -23.08
C ASP F 46 21.32 -36.46 -24.37
N ASP F 47 20.61 -37.57 -24.17
CA ASP F 47 20.19 -38.58 -25.15
C ASP F 47 19.19 -38.04 -26.19
N SER F 48 18.82 -36.76 -26.11
CA SER F 48 17.81 -36.10 -26.94
C SER F 48 18.18 -36.10 -28.42
N PHE F 49 19.47 -35.92 -28.76
CA PHE F 49 19.92 -35.92 -30.15
C PHE F 49 19.92 -37.33 -30.78
N ASN F 50 19.92 -38.40 -29.96
CA ASN F 50 19.76 -39.79 -30.44
C ASN F 50 18.39 -40.05 -31.08
N THR F 51 17.45 -39.10 -30.95
CA THR F 51 16.21 -39.06 -31.72
C THR F 51 16.47 -39.00 -33.23
N PHE F 52 17.47 -38.23 -33.67
CA PHE F 52 17.80 -38.02 -35.09
C PHE F 52 19.11 -38.67 -35.52
N PHE F 53 19.99 -39.05 -34.58
CA PHE F 53 21.25 -39.71 -34.86
C PHE F 53 21.29 -41.11 -34.25
N SER F 54 22.03 -42.01 -34.89
CA SER F 54 22.41 -43.30 -34.33
C SER F 54 23.91 -43.33 -34.12
N GLU F 55 24.35 -43.63 -32.91
CA GLU F 55 25.76 -43.87 -32.64
C GLU F 55 26.15 -45.26 -33.17
N THR F 56 27.21 -45.30 -33.97
CA THR F 56 27.84 -46.54 -34.41
C THR F 56 28.94 -46.95 -33.44
N GLY F 57 29.32 -48.23 -33.42
CA GLY F 57 30.37 -48.73 -32.50
C GLY F 57 31.76 -48.09 -32.65
N ALA F 58 31.99 -47.26 -33.67
CA ALA F 58 33.22 -46.49 -33.86
C ALA F 58 33.13 -45.04 -33.31
N GLY F 59 32.10 -44.70 -32.54
CA GLY F 59 31.85 -43.34 -32.02
C GLY F 59 31.37 -42.35 -33.09
N LYS F 60 30.99 -42.85 -34.27
CA LYS F 60 30.47 -42.03 -35.35
C LYS F 60 28.95 -41.94 -35.25
N HIS F 61 28.44 -40.72 -35.23
CA HIS F 61 27.04 -40.37 -35.26
C HIS F 61 26.55 -40.30 -36.70
N VAL F 62 25.61 -41.17 -37.05
CA VAL F 62 25.03 -41.26 -38.40
C VAL F 62 23.57 -40.79 -38.34
N PRO F 63 23.14 -39.87 -39.22
CA PRO F 63 21.74 -39.48 -39.36
C PRO F 63 20.80 -40.67 -39.53
N ARG F 64 19.63 -40.65 -38.87
CA ARG F 64 18.50 -41.55 -39.16
C ARG F 64 17.75 -41.04 -40.39
N ALA F 65 18.44 -41.04 -41.52
CA ALA F 65 17.94 -40.47 -42.77
C ALA F 65 17.97 -41.48 -43.92
N VAL F 66 17.04 -41.32 -44.87
CA VAL F 66 17.09 -41.95 -46.19
C VAL F 66 16.90 -40.85 -47.24
N PHE F 67 17.76 -40.84 -48.24
CA PHE F 67 17.66 -39.96 -49.41
C PHE F 67 17.30 -40.81 -50.62
N VAL F 68 16.29 -40.37 -51.35
CA VAL F 68 15.76 -41.07 -52.52
C VAL F 68 15.61 -40.07 -53.65
N ASP F 69 16.19 -40.38 -54.80
CA ASP F 69 15.88 -39.69 -56.04
C ASP F 69 15.89 -40.71 -57.19
N LEU F 70 15.07 -40.46 -58.21
CA LEU F 70 14.96 -41.35 -59.37
C LEU F 70 16.10 -41.11 -60.36
N GLU F 71 16.77 -39.96 -60.29
CA GLU F 71 18.06 -39.73 -60.95
C GLU F 71 19.23 -39.63 -59.96
N PRO F 72 20.47 -39.94 -60.40
CA PRO F 72 21.62 -39.92 -59.51
C PRO F 72 22.17 -38.52 -59.19
N THR F 73 21.93 -37.52 -60.05
CA THR F 73 22.66 -36.24 -60.07
C THR F 73 22.73 -35.55 -58.71
N VAL F 74 21.60 -35.36 -58.04
CA VAL F 74 21.52 -34.60 -56.79
C VAL F 74 22.10 -35.38 -55.60
N ILE F 75 21.91 -36.70 -55.58
CA ILE F 75 22.47 -37.54 -54.52
C ILE F 75 23.98 -37.74 -54.70
N ASP F 76 24.48 -37.74 -55.94
CA ASP F 76 25.92 -37.75 -56.21
C ASP F 76 26.63 -36.49 -55.68
N GLU F 77 25.97 -35.33 -55.70
CA GLU F 77 26.45 -34.13 -55.00
C GLU F 77 26.56 -34.36 -53.48
N VAL F 78 25.60 -35.06 -52.86
CA VAL F 78 25.68 -35.44 -51.43
C VAL F 78 26.82 -36.42 -51.18
N ARG F 79 27.02 -37.41 -52.07
CA ARG F 79 28.12 -38.40 -51.98
C ARG F 79 29.51 -37.79 -52.15
N THR F 80 29.61 -36.62 -52.79
CA THR F 80 30.89 -35.96 -53.06
C THR F 80 31.13 -34.69 -52.23
N GLY F 81 30.09 -34.14 -51.59
CA GLY F 81 30.13 -32.91 -50.82
C GLY F 81 30.84 -33.00 -49.46
N THR F 82 30.77 -31.91 -48.70
CA THR F 82 31.45 -31.75 -47.39
C THR F 82 31.06 -32.86 -46.40
N TYR F 83 29.78 -33.22 -46.35
CA TYR F 83 29.22 -34.22 -45.45
C TYR F 83 29.17 -35.63 -46.05
N ARG F 84 29.95 -35.91 -47.10
CA ARG F 84 30.00 -37.23 -47.76
C ARG F 84 30.26 -38.41 -46.82
N GLN F 85 31.00 -38.15 -45.73
CA GLN F 85 31.33 -39.19 -44.75
C GLN F 85 30.26 -39.33 -43.68
N LEU F 86 29.32 -38.40 -43.53
CA LEU F 86 28.32 -38.44 -42.48
C LEU F 86 27.34 -39.61 -42.67
N PHE F 87 26.80 -39.75 -43.88
CA PHE F 87 25.80 -40.76 -44.22
C PHE F 87 26.43 -42.12 -44.51
N HIS F 88 25.67 -43.19 -44.24
CA HIS F 88 26.03 -44.52 -44.71
C HIS F 88 25.64 -44.67 -46.19
N PRO F 89 26.46 -45.31 -47.05
CA PRO F 89 26.14 -45.44 -48.48
C PRO F 89 24.77 -46.08 -48.78
N GLU F 90 24.31 -46.99 -47.91
CA GLU F 90 23.00 -47.63 -48.04
C GLU F 90 21.79 -46.70 -47.85
N GLN F 91 21.99 -45.53 -47.25
CA GLN F 91 20.94 -44.54 -47.01
C GLN F 91 20.71 -43.63 -48.22
N LEU F 92 21.59 -43.67 -49.22
CA LEU F 92 21.57 -42.82 -50.40
C LEU F 92 21.15 -43.65 -51.62
N ILE F 93 19.85 -43.61 -51.93
CA ILE F 93 19.21 -44.46 -52.93
C ILE F 93 18.96 -43.64 -54.20
N THR F 94 19.46 -44.13 -55.33
CA THR F 94 19.33 -43.46 -56.63
C THR F 94 18.77 -44.41 -57.67
N GLY F 95 17.79 -43.95 -58.44
CA GLY F 95 17.38 -44.59 -59.69
C GLY F 95 18.35 -44.26 -60.85
N LYS F 96 17.98 -44.70 -62.06
CA LYS F 96 18.70 -44.37 -63.30
C LYS F 96 17.98 -43.33 -64.15
N GLU F 97 16.66 -43.46 -64.24
CA GLU F 97 15.78 -42.61 -65.05
C GLU F 97 14.85 -41.83 -64.12
N ASP F 98 14.65 -40.54 -64.38
CA ASP F 98 13.76 -39.71 -63.56
C ASP F 98 12.28 -39.82 -63.96
N ALA F 99 11.43 -39.14 -63.16
CA ALA F 99 10.01 -39.01 -63.44
C ALA F 99 9.66 -37.91 -64.45
N ALA F 100 10.63 -37.19 -65.02
CA ALA F 100 10.42 -36.14 -66.02
C ALA F 100 9.28 -35.15 -65.75
N ASN F 101 9.16 -34.66 -64.51
CA ASN F 101 8.09 -33.76 -64.08
C ASN F 101 6.66 -34.31 -64.24
N ASN F 102 6.49 -35.62 -64.21
CA ASN F 102 5.19 -36.29 -64.32
C ASN F 102 4.90 -37.12 -63.07
N TYR F 103 3.82 -36.78 -62.36
CA TYR F 103 3.32 -37.56 -61.21
C TYR F 103 3.12 -39.04 -61.56
N ALA F 104 2.47 -39.35 -62.68
CA ALA F 104 2.14 -40.71 -63.08
C ALA F 104 3.41 -41.56 -63.29
N ARG F 105 4.45 -40.99 -63.91
CA ARG F 105 5.73 -41.66 -64.09
C ARG F 105 6.44 -41.91 -62.75
N GLY F 106 6.34 -40.97 -61.82
CA GLY F 106 6.88 -41.08 -60.46
C GLY F 106 6.13 -42.06 -59.57
N HIS F 107 4.82 -42.22 -59.76
CA HIS F 107 3.97 -43.08 -58.95
C HIS F 107 3.87 -44.50 -59.55
N TYR F 108 3.43 -44.64 -60.80
CA TYR F 108 3.06 -45.92 -61.41
C TYR F 108 4.20 -46.62 -62.14
N THR F 109 5.00 -45.88 -62.91
CA THR F 109 6.03 -46.44 -63.80
C THR F 109 7.35 -46.67 -63.06
N ILE F 110 8.16 -45.62 -62.91
CA ILE F 110 9.52 -45.72 -62.36
C ILE F 110 9.48 -45.91 -60.83
N GLY F 111 8.51 -45.28 -60.15
CA GLY F 111 8.38 -45.41 -58.69
C GLY F 111 8.18 -46.85 -58.22
N LYS F 112 7.40 -47.63 -58.98
CA LYS F 112 7.13 -49.03 -58.68
C LYS F 112 8.37 -49.91 -58.78
N GLU F 113 9.36 -49.55 -59.59
CA GLU F 113 10.61 -50.32 -59.72
C GLU F 113 11.54 -50.13 -58.51
N ILE F 114 11.48 -48.97 -57.83
CA ILE F 114 12.40 -48.63 -56.74
C ILE F 114 11.78 -48.71 -55.33
N ILE F 115 10.44 -48.72 -55.21
CA ILE F 115 9.74 -48.62 -53.93
C ILE F 115 10.14 -49.71 -52.92
N ASP F 116 10.28 -50.97 -53.35
CA ASP F 116 10.61 -52.07 -52.44
C ASP F 116 12.04 -51.96 -51.89
N LEU F 117 12.98 -51.43 -52.69
CA LEU F 117 14.33 -51.13 -52.23
C LEU F 117 14.31 -50.04 -51.15
N VAL F 118 13.52 -48.98 -51.36
CA VAL F 118 13.40 -47.87 -50.40
C VAL F 118 12.80 -48.36 -49.08
N LEU F 119 11.73 -49.16 -49.13
CA LEU F 119 11.10 -49.73 -47.95
C LEU F 119 12.04 -50.67 -47.18
N ASP F 120 12.87 -51.47 -47.87
CA ASP F 120 13.89 -52.29 -47.21
C ASP F 120 14.92 -51.44 -46.44
N ARG F 121 15.40 -50.34 -47.04
CA ARG F 121 16.35 -49.44 -46.35
C ARG F 121 15.71 -48.72 -45.16
N ILE F 122 14.46 -48.28 -45.29
CA ILE F 122 13.71 -47.69 -44.18
C ILE F 122 13.53 -48.71 -43.06
N ARG F 123 13.21 -49.97 -43.40
CA ARG F 123 13.06 -51.05 -42.41
C ARG F 123 14.36 -51.32 -41.65
N LYS F 124 15.50 -51.35 -42.33
CA LYS F 124 16.82 -51.48 -41.67
C LYS F 124 17.09 -50.37 -40.65
N LEU F 125 16.64 -49.14 -40.90
CA LEU F 125 16.75 -48.04 -39.92
C LEU F 125 15.73 -48.17 -38.80
N ALA F 126 14.49 -48.58 -39.12
CA ALA F 126 13.45 -48.82 -38.12
C ALA F 126 13.83 -49.94 -37.14
N ASP F 127 14.49 -50.99 -37.61
CA ASP F 127 14.98 -52.11 -36.79
C ASP F 127 16.09 -51.69 -35.81
N GLN F 128 16.80 -50.58 -36.10
CA GLN F 128 17.79 -49.99 -35.20
C GLN F 128 17.17 -49.02 -34.18
N CYS F 129 15.87 -48.76 -34.25
CA CYS F 129 15.16 -47.90 -33.32
C CYS F 129 14.55 -48.73 -32.19
N THR F 130 14.71 -48.29 -30.95
CA THR F 130 14.09 -48.93 -29.78
C THR F 130 12.61 -48.55 -29.62
N GLY F 131 12.24 -47.36 -30.09
CA GLY F 131 10.91 -46.79 -29.94
C GLY F 131 10.64 -45.75 -31.02
N LEU F 132 10.69 -46.17 -32.29
CA LEU F 132 10.38 -45.34 -33.46
C LEU F 132 9.05 -44.58 -33.23
N GLN F 133 9.10 -43.25 -33.25
CA GLN F 133 7.92 -42.40 -33.17
C GLN F 133 7.18 -42.35 -34.51
N GLY F 134 7.93 -42.10 -35.59
CA GLY F 134 7.37 -41.72 -36.86
C GLY F 134 8.40 -41.30 -37.89
N PHE F 135 7.90 -40.71 -38.95
CA PHE F 135 8.65 -40.30 -40.12
C PHE F 135 8.47 -38.81 -40.39
N SER F 136 9.53 -38.16 -40.88
CA SER F 136 9.48 -36.80 -41.42
C SER F 136 9.87 -36.84 -42.90
N VAL F 137 8.93 -36.60 -43.79
CA VAL F 137 9.10 -36.72 -45.24
C VAL F 137 9.27 -35.33 -45.86
N PHE F 138 10.32 -35.14 -46.64
CA PHE F 138 10.65 -33.88 -47.32
C PHE F 138 10.52 -34.08 -48.83
N HIS F 139 9.68 -33.28 -49.49
CA HIS F 139 9.41 -33.43 -50.92
C HIS F 139 8.87 -32.13 -51.55
N SER F 140 8.76 -32.09 -52.87
CA SER F 140 8.10 -31.00 -53.61
C SER F 140 6.76 -31.45 -54.18
N PHE F 141 5.76 -30.57 -54.18
CA PHE F 141 4.50 -30.83 -54.87
C PHE F 141 4.62 -30.77 -56.41
N GLY F 142 5.45 -29.88 -56.95
CA GLY F 142 5.51 -29.66 -58.39
C GLY F 142 6.30 -30.70 -59.21
N GLY F 143 7.34 -31.32 -58.63
CA GLY F 143 8.24 -32.22 -59.35
C GLY F 143 7.74 -33.67 -59.39
N GLY F 144 8.01 -34.41 -60.47
CA GLY F 144 7.45 -35.76 -60.68
C GLY F 144 7.86 -36.79 -59.62
N THR F 145 9.13 -36.82 -59.19
CA THR F 145 9.56 -37.69 -58.08
C THR F 145 9.00 -37.21 -56.75
N GLY F 146 9.03 -35.90 -56.51
CA GLY F 146 8.56 -35.30 -55.26
C GLY F 146 7.06 -35.50 -55.05
N SER F 147 6.27 -35.54 -56.11
CA SER F 147 4.83 -35.78 -56.05
C SER F 147 4.54 -37.29 -56.11
N GLY F 148 4.79 -37.93 -57.25
CA GLY F 148 4.36 -39.30 -57.52
C GLY F 148 5.02 -40.37 -56.66
N PHE F 149 6.33 -40.28 -56.44
CA PHE F 149 7.00 -41.27 -55.60
C PHE F 149 6.65 -41.08 -54.11
N THR F 150 6.45 -39.84 -53.67
CA THR F 150 6.06 -39.56 -52.29
C THR F 150 4.68 -40.11 -51.96
N SER F 151 3.70 -39.95 -52.85
CA SER F 151 2.36 -40.54 -52.61
C SER F 151 2.43 -42.07 -52.49
N LEU F 152 3.12 -42.74 -53.42
CA LEU F 152 3.35 -44.18 -53.34
C LEU F 152 4.07 -44.60 -52.04
N LEU F 153 5.08 -43.83 -51.62
CA LEU F 153 5.80 -44.09 -50.39
C LEU F 153 4.91 -43.92 -49.16
N MET F 154 4.11 -42.86 -49.09
CA MET F 154 3.22 -42.56 -47.97
C MET F 154 2.13 -43.62 -47.78
N GLU F 155 1.55 -44.11 -48.89
CA GLU F 155 0.63 -45.26 -48.88
C GLU F 155 1.31 -46.49 -48.26
N ARG F 156 2.47 -46.87 -48.78
CA ARG F 156 3.19 -48.07 -48.31
C ARG F 156 3.69 -47.95 -46.87
N LEU F 157 4.08 -46.75 -46.44
CA LEU F 157 4.42 -46.47 -45.04
C LEU F 157 3.19 -46.60 -44.13
N SER F 158 2.00 -46.17 -44.58
CA SER F 158 0.76 -46.35 -43.81
C SER F 158 0.40 -47.84 -43.65
N VAL F 159 0.72 -48.67 -44.65
CA VAL F 159 0.52 -50.13 -44.56
C VAL F 159 1.52 -50.77 -43.58
N ASP F 160 2.83 -50.52 -43.76
CA ASP F 160 3.88 -51.17 -42.96
C ASP F 160 3.95 -50.62 -41.52
N TYR F 161 3.61 -49.34 -41.32
CA TYR F 161 3.78 -48.60 -40.07
C TYR F 161 2.53 -47.83 -39.64
N GLY F 162 1.33 -48.39 -39.80
CA GLY F 162 0.05 -47.67 -39.63
C GLY F 162 -0.23 -46.96 -38.29
N LYS F 163 0.56 -47.17 -37.23
CA LYS F 163 0.45 -46.42 -35.95
C LYS F 163 1.53 -45.35 -35.75
N LYS F 164 2.45 -45.20 -36.72
CA LYS F 164 3.57 -44.28 -36.63
C LYS F 164 3.18 -42.98 -37.31
N SER F 165 3.43 -41.86 -36.63
CA SER F 165 3.08 -40.55 -37.17
C SER F 165 3.90 -40.23 -38.41
N LYS F 166 3.31 -39.54 -39.38
CA LYS F 166 3.96 -39.10 -40.61
C LYS F 166 3.77 -37.60 -40.74
N LEU F 167 4.88 -36.89 -40.66
CA LEU F 167 4.94 -35.44 -40.87
C LEU F 167 5.52 -35.17 -42.25
N GLU F 168 4.97 -34.20 -42.95
CA GLU F 168 5.48 -33.77 -44.25
C GLU F 168 6.02 -32.35 -44.20
N PHE F 169 7.07 -32.11 -44.98
CA PHE F 169 7.60 -30.78 -45.32
C PHE F 169 7.54 -30.66 -46.83
N SER F 170 6.50 -29.98 -47.32
CA SER F 170 6.12 -29.97 -48.72
C SER F 170 6.39 -28.61 -49.35
N ILE F 171 7.13 -28.59 -50.44
CA ILE F 171 7.41 -27.35 -51.18
C ILE F 171 6.28 -27.07 -52.17
N TYR F 172 5.53 -26.01 -51.91
CA TYR F 172 4.49 -25.48 -52.79
C TYR F 172 5.12 -24.73 -53.97
N PRO F 173 4.69 -25.00 -55.22
CA PRO F 173 5.32 -24.47 -56.41
C PRO F 173 5.06 -22.97 -56.60
N ALA F 174 6.07 -22.25 -57.10
CA ALA F 174 5.99 -20.82 -57.37
C ALA F 174 6.39 -20.50 -58.82
N PRO F 175 5.61 -19.71 -59.57
CA PRO F 175 5.88 -19.41 -60.98
C PRO F 175 7.29 -18.90 -61.29
N GLN F 176 7.86 -18.09 -60.40
CA GLN F 176 9.14 -17.41 -60.60
C GLN F 176 10.33 -18.37 -60.54
N VAL F 177 10.17 -19.54 -59.89
CA VAL F 177 11.22 -20.55 -59.70
C VAL F 177 10.80 -21.92 -60.24
N SER F 178 9.71 -21.94 -61.01
CA SER F 178 9.02 -23.13 -61.51
C SER F 178 9.66 -23.66 -62.78
N THR F 179 9.97 -24.95 -62.79
CA THR F 179 10.64 -25.63 -63.91
C THR F 179 9.66 -26.29 -64.87
N ALA F 180 8.42 -26.55 -64.44
CA ALA F 180 7.43 -27.21 -65.26
C ALA F 180 6.11 -26.45 -65.36
N VAL F 181 5.41 -26.64 -66.48
CA VAL F 181 4.07 -26.08 -66.69
C VAL F 181 3.03 -26.91 -65.93
N VAL F 182 3.26 -28.22 -65.84
CA VAL F 182 2.35 -29.20 -65.22
C VAL F 182 2.47 -29.29 -63.68
N GLU F 183 3.19 -28.38 -63.04
CA GLU F 183 3.33 -28.37 -61.57
C GLU F 183 1.97 -28.32 -60.83
N PRO F 184 0.93 -27.60 -61.29
CA PRO F 184 -0.40 -27.64 -60.66
C PRO F 184 -1.01 -29.04 -60.63
N TYR F 185 -0.92 -29.80 -61.74
CA TYR F 185 -1.42 -31.18 -61.80
C TYR F 185 -0.71 -32.09 -60.81
N ASN F 186 0.62 -32.06 -60.81
CA ASN F 186 1.42 -32.85 -59.88
C ASN F 186 1.08 -32.54 -58.43
N SER F 187 0.82 -31.27 -58.13
CA SER F 187 0.51 -30.80 -56.78
C SER F 187 -0.86 -31.29 -56.32
N ILE F 188 -1.90 -31.14 -57.14
CA ILE F 188 -3.26 -31.60 -56.81
C ILE F 188 -3.30 -33.13 -56.66
N LEU F 189 -2.70 -33.87 -57.60
CA LEU F 189 -2.65 -35.33 -57.56
C LEU F 189 -1.92 -35.83 -56.29
N THR F 190 -0.75 -35.27 -55.96
CA THR F 190 -0.06 -35.71 -54.74
C THR F 190 -0.78 -35.30 -53.48
N THR F 191 -1.38 -34.10 -53.41
CA THR F 191 -2.09 -33.66 -52.21
C THR F 191 -3.30 -34.55 -51.94
N HIS F 192 -4.08 -34.88 -52.97
CA HIS F 192 -5.19 -35.83 -52.87
C HIS F 192 -4.72 -37.17 -52.28
N THR F 193 -3.71 -37.81 -52.89
CA THR F 193 -3.28 -39.15 -52.46
C THR F 193 -2.56 -39.15 -51.10
N THR F 194 -1.90 -38.07 -50.69
CA THR F 194 -1.24 -38.00 -49.38
C THR F 194 -2.14 -37.53 -48.23
N LEU F 195 -3.29 -36.92 -48.52
CA LEU F 195 -4.17 -36.29 -47.53
C LEU F 195 -4.60 -37.26 -46.41
N GLU F 196 -4.98 -38.49 -46.74
CA GLU F 196 -5.41 -39.49 -45.74
C GLU F 196 -4.24 -40.18 -45.03
N HIS F 197 -3.01 -39.97 -45.50
CA HIS F 197 -1.82 -40.61 -44.96
C HIS F 197 -1.00 -39.66 -44.08
N SER F 198 -1.08 -38.36 -44.28
CA SER F 198 -0.37 -37.38 -43.44
C SER F 198 -1.09 -37.09 -42.12
N ASP F 199 -0.33 -36.93 -41.04
CA ASP F 199 -0.89 -36.45 -39.77
C ASP F 199 -0.76 -34.92 -39.62
N CYS F 200 0.26 -34.34 -40.27
CA CYS F 200 0.56 -32.90 -40.24
C CYS F 200 1.57 -32.56 -41.36
N ALA F 201 1.22 -31.61 -42.22
CA ALA F 201 2.04 -31.20 -43.35
C ALA F 201 2.39 -29.71 -43.28
N PHE F 202 3.68 -29.40 -43.21
CA PHE F 202 4.19 -28.03 -43.25
C PHE F 202 4.45 -27.63 -44.70
N MET F 203 3.57 -26.80 -45.25
CA MET F 203 3.77 -26.22 -46.57
C MET F 203 4.77 -25.07 -46.53
N VAL F 204 5.64 -25.03 -47.54
CA VAL F 204 6.58 -23.95 -47.78
C VAL F 204 6.42 -23.46 -49.21
N ASP F 205 5.88 -22.27 -49.37
CA ASP F 205 5.72 -21.58 -50.65
C ASP F 205 7.04 -20.98 -51.10
N ASN F 206 7.57 -21.47 -52.22
CA ASN F 206 8.80 -20.95 -52.80
C ASN F 206 8.72 -19.45 -53.08
N GLU F 207 7.54 -18.90 -53.38
CA GLU F 207 7.37 -17.48 -53.61
C GLU F 207 7.57 -16.66 -52.33
N ALA F 208 7.09 -17.19 -51.19
CA ALA F 208 7.26 -16.56 -49.90
C ALA F 208 8.74 -16.55 -49.48
N ILE F 209 9.44 -17.69 -49.60
CA ILE F 209 10.87 -17.79 -49.27
C ILE F 209 11.69 -16.88 -50.18
N TYR F 210 11.39 -16.86 -51.48
CA TYR F 210 12.08 -16.01 -52.45
C TYR F 210 11.93 -14.52 -52.10
N ASP F 211 10.73 -14.08 -51.75
CA ASP F 211 10.47 -12.69 -51.34
C ASP F 211 11.14 -12.33 -50.02
N ILE F 212 11.18 -13.25 -49.04
CA ILE F 212 11.90 -13.03 -47.78
C ILE F 212 13.39 -12.87 -48.04
N CYS F 213 14.00 -13.73 -48.87
CA CYS F 213 15.40 -13.61 -49.25
C CYS F 213 15.69 -12.27 -49.96
N ARG F 214 14.80 -11.82 -50.85
CA ARG F 214 14.97 -10.52 -51.52
C ARG F 214 14.83 -9.33 -50.57
N ARG F 215 13.82 -9.32 -49.71
CA ARG F 215 13.48 -8.17 -48.86
C ARG F 215 14.35 -8.07 -47.60
N ASN F 216 14.62 -9.20 -46.96
CA ASN F 216 15.24 -9.22 -45.64
C ASN F 216 16.75 -9.51 -45.73
N LEU F 217 17.19 -10.27 -46.74
CA LEU F 217 18.60 -10.60 -46.96
C LEU F 217 19.27 -9.75 -48.04
N ASP F 218 18.52 -8.86 -48.72
CA ASP F 218 19.01 -8.00 -49.81
C ASP F 218 19.67 -8.79 -50.96
N ILE F 219 19.23 -10.04 -51.19
CA ILE F 219 19.72 -10.88 -52.29
C ILE F 219 18.87 -10.60 -53.53
N GLU F 220 19.43 -9.98 -54.56
CA GLU F 220 18.64 -9.58 -55.75
C GLU F 220 17.96 -10.76 -56.46
N ARG F 221 18.68 -11.89 -56.59
CA ARG F 221 18.19 -13.14 -57.19
C ARG F 221 18.61 -14.35 -56.35
N PRO F 222 17.80 -14.74 -55.36
CA PRO F 222 18.04 -15.92 -54.54
C PRO F 222 18.19 -17.19 -55.40
N THR F 223 19.17 -18.02 -55.05
CA THR F 223 19.33 -19.37 -55.59
C THR F 223 18.67 -20.40 -54.67
N TYR F 224 18.50 -21.65 -55.12
CA TYR F 224 18.01 -22.73 -54.25
C TYR F 224 18.88 -22.90 -53.00
N THR F 225 20.19 -22.63 -53.06
CA THR F 225 21.05 -22.66 -51.88
C THR F 225 20.63 -21.60 -50.84
N ASN F 226 20.23 -20.40 -51.29
CA ASN F 226 19.74 -19.37 -50.38
C ASN F 226 18.39 -19.75 -49.77
N LEU F 227 17.46 -20.25 -50.61
CA LEU F 227 16.14 -20.69 -50.16
C LEU F 227 16.27 -21.83 -49.14
N ASN F 228 17.04 -22.87 -49.46
CA ASN F 228 17.19 -24.07 -48.64
C ASN F 228 17.85 -23.77 -47.28
N ARG F 229 18.76 -22.79 -47.21
CA ARG F 229 19.33 -22.34 -45.92
C ARG F 229 18.29 -21.71 -45.01
N LEU F 230 17.39 -20.91 -45.57
CA LEU F 230 16.28 -20.32 -44.81
C LEU F 230 15.29 -21.42 -44.38
N ILE F 231 14.90 -22.30 -45.30
CA ILE F 231 14.03 -23.46 -45.01
C ILE F 231 14.64 -24.32 -43.90
N GLY F 232 15.95 -24.57 -43.95
CA GLY F 232 16.68 -25.31 -42.91
C GLY F 232 16.55 -24.69 -41.52
N GLN F 233 16.54 -23.36 -41.39
CA GLN F 233 16.31 -22.69 -40.10
C GLN F 233 14.90 -22.90 -39.55
N ILE F 234 13.90 -22.86 -40.43
CA ILE F 234 12.50 -23.07 -40.06
C ILE F 234 12.30 -24.52 -39.62
N VAL F 235 12.76 -25.48 -40.43
CA VAL F 235 12.72 -26.91 -40.11
C VAL F 235 13.47 -27.17 -38.80
N SER F 236 14.65 -26.58 -38.61
CA SER F 236 15.40 -26.70 -37.36
C SER F 236 14.64 -26.15 -36.15
N SER F 237 13.92 -25.04 -36.31
CA SER F 237 13.11 -24.47 -35.25
C SER F 237 11.88 -25.33 -34.92
N ILE F 238 11.29 -25.99 -35.92
CA ILE F 238 10.18 -26.93 -35.72
C ILE F 238 10.67 -28.20 -35.00
N THR F 239 11.80 -28.77 -35.43
CA THR F 239 12.34 -30.02 -34.85
C THR F 239 13.16 -29.81 -33.57
N ALA F 240 13.45 -28.56 -33.17
CA ALA F 240 14.26 -28.27 -31.99
C ALA F 240 13.67 -28.86 -30.70
N SER F 241 12.35 -28.96 -30.58
CA SER F 241 11.70 -29.57 -29.42
C SER F 241 11.88 -31.08 -29.32
N LEU F 242 12.24 -31.75 -30.42
CA LEU F 242 12.50 -33.19 -30.49
C LEU F 242 13.99 -33.53 -30.32
N ARG F 243 14.87 -32.54 -30.52
CA ARG F 243 16.33 -32.71 -30.56
C ARG F 243 17.03 -32.27 -29.28
N PHE F 244 16.39 -31.41 -28.50
CA PHE F 244 16.90 -30.87 -27.26
C PHE F 244 15.84 -31.03 -26.17
N ASP F 245 16.29 -31.12 -24.93
CA ASP F 245 15.41 -31.12 -23.78
C ASP F 245 14.57 -29.83 -23.72
N GLY F 246 13.24 -29.99 -23.65
CA GLY F 246 12.30 -28.89 -23.69
C GLY F 246 10.89 -29.30 -23.23
N ALA F 247 10.03 -28.32 -22.98
CA ALA F 247 8.71 -28.56 -22.36
C ALA F 247 7.54 -28.78 -23.34
N LEU F 248 7.65 -28.38 -24.61
CA LEU F 248 6.53 -28.37 -25.56
C LEU F 248 6.91 -29.09 -26.86
N ASN F 249 6.01 -29.93 -27.39
CA ASN F 249 6.17 -30.71 -28.62
C ASN F 249 7.35 -31.67 -28.58
N VAL F 250 7.41 -32.44 -27.49
CA VAL F 250 8.49 -33.40 -27.21
C VAL F 250 8.31 -34.70 -28.01
N ASP F 251 7.14 -34.89 -28.63
CA ASP F 251 6.92 -35.93 -29.63
C ASP F 251 6.11 -35.46 -30.85
N LEU F 252 6.10 -36.31 -31.87
CA LEU F 252 5.35 -36.09 -33.12
C LEU F 252 3.83 -36.07 -32.89
N THR F 253 3.33 -36.85 -31.94
CA THR F 253 1.90 -36.94 -31.62
C THR F 253 1.37 -35.64 -30.97
N GLU F 254 2.21 -34.93 -30.22
CA GLU F 254 1.91 -33.62 -29.65
C GLU F 254 1.73 -32.55 -30.72
N PHE F 255 2.42 -32.64 -31.87
CA PHE F 255 2.19 -31.71 -32.99
C PHE F 255 0.76 -31.83 -33.50
N GLN F 256 0.32 -33.06 -33.83
CA GLN F 256 -1.05 -33.31 -34.27
C GLN F 256 -2.05 -32.83 -33.19
N THR F 257 -1.83 -33.22 -31.95
CA THR F 257 -2.75 -32.90 -30.83
C THR F 257 -2.88 -31.40 -30.59
N ASN F 258 -1.80 -30.62 -30.77
CA ASN F 258 -1.80 -29.18 -30.50
C ASN F 258 -2.19 -28.33 -31.71
N LEU F 259 -1.97 -28.81 -32.94
CA LEU F 259 -2.14 -28.01 -34.16
C LEU F 259 -3.29 -28.46 -35.06
N VAL F 260 -3.72 -29.72 -34.97
CA VAL F 260 -4.65 -30.34 -35.95
C VAL F 260 -5.95 -30.75 -35.25
N PRO F 261 -6.96 -29.87 -35.19
CA PRO F 261 -8.26 -30.19 -34.59
C PRO F 261 -9.10 -31.13 -35.47
N TYR F 262 -9.00 -30.98 -36.79
CA TYR F 262 -9.69 -31.83 -37.78
C TYR F 262 -8.66 -32.54 -38.65
N PRO F 263 -8.80 -33.86 -38.90
CA PRO F 263 -7.80 -34.63 -39.62
C PRO F 263 -7.45 -34.10 -41.01
N ARG F 264 -8.40 -33.54 -41.77
CA ARG F 264 -8.15 -33.00 -43.12
C ARG F 264 -7.47 -31.62 -43.12
N ALA F 265 -7.76 -30.80 -42.11
CA ALA F 265 -7.19 -29.46 -41.97
C ALA F 265 -5.82 -29.49 -41.26
N HIS F 266 -4.89 -30.29 -41.79
CA HIS F 266 -3.60 -30.57 -41.14
C HIS F 266 -2.42 -29.79 -41.73
N PHE F 267 -2.66 -28.58 -42.25
CA PHE F 267 -1.65 -27.72 -42.86
C PHE F 267 -1.35 -26.46 -42.03
N PRO F 268 -0.49 -26.51 -40.98
CA PRO F 268 -0.14 -25.33 -40.21
C PRO F 268 0.70 -24.35 -41.03
N LEU F 269 0.35 -23.06 -40.94
CA LEU F 269 1.14 -21.96 -41.45
C LEU F 269 2.34 -21.72 -40.52
N ALA F 270 3.55 -21.83 -41.07
CA ALA F 270 4.77 -21.46 -40.38
C ALA F 270 5.13 -19.99 -40.64
N THR F 271 5.62 -19.31 -39.60
CA THR F 271 6.17 -17.95 -39.69
C THR F 271 7.44 -17.88 -38.86
N TYR F 272 8.53 -17.35 -39.41
CA TYR F 272 9.83 -17.32 -38.74
C TYR F 272 10.34 -15.89 -38.61
N ALA F 273 10.82 -15.55 -37.40
CA ALA F 273 11.47 -14.28 -37.14
C ALA F 273 12.57 -14.43 -36.07
N PRO F 274 13.65 -13.64 -36.14
CA PRO F 274 13.93 -12.65 -37.17
C PRO F 274 14.77 -13.24 -38.32
N VAL F 275 14.54 -12.75 -39.53
CA VAL F 275 15.39 -13.02 -40.70
C VAL F 275 16.20 -11.76 -40.97
N ILE F 276 17.50 -11.81 -40.69
CA ILE F 276 18.41 -10.66 -40.81
C ILE F 276 19.65 -11.09 -41.60
N SER F 277 20.08 -10.25 -42.55
CA SER F 277 21.32 -10.45 -43.30
C SER F 277 22.56 -10.46 -42.40
N ALA F 278 23.52 -11.34 -42.70
CA ALA F 278 24.81 -11.42 -42.01
C ALA F 278 25.56 -10.08 -41.94
N GLU F 279 25.41 -9.20 -42.94
CA GLU F 279 26.02 -7.86 -42.93
C GLU F 279 25.46 -6.96 -41.82
N LYS F 280 24.21 -7.20 -41.41
CA LYS F 280 23.52 -6.48 -40.33
C LYS F 280 23.67 -7.19 -38.98
N ALA F 281 24.56 -8.18 -38.84
CA ALA F 281 24.73 -8.95 -37.60
C ALA F 281 25.11 -8.10 -36.37
N TYR F 282 25.79 -6.97 -36.57
CA TYR F 282 26.21 -6.05 -35.50
C TYR F 282 25.15 -5.01 -35.12
N HIS F 283 23.97 -5.02 -35.76
CA HIS F 283 22.88 -4.13 -35.40
C HIS F 283 22.26 -4.50 -34.04
N GLU F 284 21.39 -3.61 -33.56
CA GLU F 284 20.66 -3.77 -32.31
C GLU F 284 19.85 -5.08 -32.33
N GLN F 285 20.00 -5.88 -31.26
CA GLN F 285 19.29 -7.15 -31.13
C GLN F 285 17.81 -6.88 -30.86
N LEU F 286 16.94 -7.55 -31.61
CA LEU F 286 15.50 -7.41 -31.48
C LEU F 286 15.02 -7.96 -30.12
N SER F 287 14.08 -7.24 -29.51
CA SER F 287 13.41 -7.65 -28.29
C SER F 287 12.45 -8.80 -28.53
N VAL F 288 12.09 -9.52 -27.45
CA VAL F 288 11.05 -10.57 -27.50
C VAL F 288 9.75 -10.01 -28.09
N ALA F 289 9.34 -8.81 -27.69
CA ALA F 289 8.12 -8.19 -28.19
C ALA F 289 8.15 -7.89 -29.70
N GLU F 290 9.30 -7.46 -30.23
CA GLU F 290 9.45 -7.17 -31.66
C GLU F 290 9.40 -8.44 -32.49
N ILE F 291 10.12 -9.49 -32.09
CA ILE F 291 10.12 -10.77 -32.83
C ILE F 291 8.75 -11.45 -32.77
N THR F 292 8.04 -11.40 -31.64
CA THR F 292 6.69 -11.97 -31.55
C THR F 292 5.72 -11.18 -32.44
N ASN F 293 5.84 -9.86 -32.49
CA ASN F 293 4.98 -9.03 -33.35
C ASN F 293 5.26 -9.29 -34.85
N ALA F 294 6.50 -9.62 -35.21
CA ALA F 294 6.89 -10.00 -36.57
C ALA F 294 6.26 -11.33 -37.03
N CYS F 295 5.85 -12.22 -36.11
CA CYS F 295 5.12 -13.45 -36.45
C CYS F 295 3.70 -13.19 -36.99
N PHE F 296 3.12 -12.01 -36.73
CA PHE F 296 1.78 -11.65 -37.20
C PHE F 296 1.83 -10.69 -38.41
N GLU F 297 2.97 -10.63 -39.09
CA GLU F 297 3.14 -9.86 -40.31
C GLU F 297 3.19 -10.81 -41.53
N PRO F 298 2.26 -10.69 -42.48
CA PRO F 298 2.22 -11.58 -43.65
C PRO F 298 3.50 -11.63 -44.48
N ALA F 299 4.31 -10.57 -44.42
CA ALA F 299 5.59 -10.48 -45.08
C ALA F 299 6.64 -11.52 -44.60
N ASN F 300 6.46 -12.14 -43.43
CA ASN F 300 7.38 -13.12 -42.84
C ASN F 300 6.84 -14.57 -42.87
N GLN F 301 5.66 -14.80 -43.45
CA GLN F 301 5.03 -16.11 -43.54
C GLN F 301 5.74 -17.03 -44.53
N MET F 302 5.62 -18.33 -44.34
CA MET F 302 6.16 -19.36 -45.25
C MET F 302 5.21 -19.74 -46.39
N VAL F 303 3.93 -19.35 -46.30
CA VAL F 303 2.96 -19.47 -47.37
C VAL F 303 2.36 -18.10 -47.61
N LYS F 304 2.28 -17.66 -48.88
CA LYS F 304 1.64 -16.39 -49.21
C LYS F 304 0.12 -16.51 -49.04
N CYS F 305 -0.37 -16.00 -47.93
CA CYS F 305 -1.79 -15.78 -47.66
C CYS F 305 -1.93 -14.67 -46.61
N ASP F 306 -3.16 -14.20 -46.36
CA ASP F 306 -3.41 -13.23 -45.31
C ASP F 306 -4.31 -13.80 -44.20
N PRO F 307 -3.74 -14.17 -43.03
CA PRO F 307 -4.50 -14.67 -41.89
C PRO F 307 -5.57 -13.71 -41.36
N ARG F 308 -5.56 -12.43 -41.78
CA ARG F 308 -6.62 -11.47 -41.43
C ARG F 308 -7.93 -11.74 -42.18
N HIS F 309 -7.90 -12.49 -43.28
CA HIS F 309 -9.09 -12.92 -44.02
C HIS F 309 -9.67 -14.24 -43.51
N GLY F 310 -9.04 -14.87 -42.50
CA GLY F 310 -9.49 -16.15 -41.95
C GLY F 310 -9.50 -16.16 -40.42
N LYS F 311 -9.58 -17.36 -39.86
CA LYS F 311 -9.57 -17.60 -38.42
C LYS F 311 -8.46 -18.54 -38.02
N TYR F 312 -8.00 -18.39 -36.79
CA TYR F 312 -7.05 -19.29 -36.15
C TYR F 312 -7.81 -20.40 -35.42
N MET F 313 -7.46 -21.65 -35.72
CA MET F 313 -7.90 -22.82 -34.96
C MET F 313 -6.89 -23.19 -33.88
N ALA F 314 -5.60 -23.02 -34.15
CA ALA F 314 -4.52 -23.30 -33.20
C ALA F 314 -3.35 -22.34 -33.42
N CYS F 315 -2.62 -22.03 -32.34
CA CYS F 315 -1.41 -21.22 -32.44
C CYS F 315 -0.36 -21.66 -31.41
N CYS F 316 0.82 -22.03 -31.90
CA CYS F 316 1.99 -22.39 -31.13
C CYS F 316 3.13 -21.40 -31.42
N LEU F 317 3.78 -20.92 -30.37
CA LEU F 317 4.96 -20.06 -30.44
C LEU F 317 6.17 -20.82 -29.89
N LEU F 318 7.13 -21.14 -30.74
CA LEU F 318 8.36 -21.86 -30.41
C LEU F 318 9.52 -20.87 -30.40
N TYR F 319 9.97 -20.48 -29.22
CA TYR F 319 11.11 -19.59 -29.02
C TYR F 319 12.41 -20.38 -28.86
N ARG F 320 13.51 -19.81 -29.35
CA ARG F 320 14.87 -20.32 -29.18
C ARG F 320 15.81 -19.25 -28.66
N GLY F 321 16.72 -19.61 -27.76
CA GLY F 321 17.77 -18.73 -27.22
C GLY F 321 17.38 -17.95 -25.97
N ASP F 322 17.86 -16.72 -25.86
CA ASP F 322 17.69 -15.88 -24.67
C ASP F 322 16.27 -15.28 -24.59
N VAL F 323 15.33 -16.07 -24.06
CA VAL F 323 13.92 -15.72 -23.92
C VAL F 323 13.41 -16.13 -22.54
N VAL F 324 12.79 -15.19 -21.83
CA VAL F 324 12.16 -15.45 -20.53
C VAL F 324 10.63 -15.51 -20.66
N PRO F 325 9.93 -16.45 -19.98
CA PRO F 325 8.48 -16.58 -20.08
C PRO F 325 7.68 -15.31 -19.76
N LYS F 326 8.21 -14.47 -18.86
CA LYS F 326 7.58 -13.20 -18.47
C LYS F 326 7.44 -12.25 -19.66
N ASP F 327 8.47 -12.14 -20.47
CA ASP F 327 8.50 -11.22 -21.62
C ASP F 327 7.64 -11.76 -22.76
N VAL F 328 7.59 -13.08 -22.94
CA VAL F 328 6.68 -13.74 -23.89
C VAL F 328 5.22 -13.45 -23.54
N ASN F 329 4.82 -13.61 -22.27
CA ASN F 329 3.46 -13.33 -21.84
C ASN F 329 3.08 -11.85 -22.02
N ALA F 330 4.00 -10.93 -21.75
CA ALA F 330 3.80 -9.49 -21.96
C ALA F 330 3.65 -9.15 -23.46
N ALA F 331 4.46 -9.78 -24.33
CA ALA F 331 4.36 -9.64 -25.78
C ALA F 331 3.01 -10.14 -26.30
N ILE F 332 2.57 -11.34 -25.90
CA ILE F 332 1.29 -11.92 -26.30
C ILE F 332 0.11 -11.03 -25.87
N ALA F 333 0.13 -10.48 -24.65
CA ALA F 333 -0.92 -9.57 -24.18
C ALA F 333 -1.01 -8.29 -25.02
N THR F 334 0.14 -7.73 -25.40
CA THR F 334 0.21 -6.55 -26.28
C THR F 334 -0.29 -6.86 -27.69
N ILE F 335 -0.02 -8.05 -28.20
CA ILE F 335 -0.45 -8.49 -29.52
C ILE F 335 -1.97 -8.72 -29.56
N LYS F 336 -2.52 -9.42 -28.57
CA LYS F 336 -3.98 -9.64 -28.43
C LYS F 336 -4.79 -8.35 -28.40
N THR F 337 -4.20 -7.25 -27.92
CA THR F 337 -4.90 -5.95 -27.83
C THR F 337 -4.74 -5.10 -29.08
N LYS F 338 -3.69 -5.31 -29.87
CA LYS F 338 -3.36 -4.45 -31.02
C LYS F 338 -3.67 -5.07 -32.39
N ARG F 339 -3.71 -6.40 -32.47
CA ARG F 339 -3.84 -7.12 -33.75
C ARG F 339 -5.22 -7.72 -33.88
N THR F 340 -5.69 -7.77 -35.13
CA THR F 340 -6.84 -8.57 -35.53
C THR F 340 -6.44 -10.03 -35.51
N ILE F 341 -6.67 -10.70 -34.39
CA ILE F 341 -6.46 -12.14 -34.25
C ILE F 341 -7.81 -12.74 -33.89
N GLN F 342 -8.51 -13.23 -34.91
CA GLN F 342 -9.77 -13.92 -34.74
C GLN F 342 -9.50 -15.42 -34.63
N PHE F 343 -9.80 -15.99 -33.47
CA PHE F 343 -9.87 -17.44 -33.33
C PHE F 343 -11.28 -17.91 -33.65
N VAL F 344 -11.42 -19.17 -34.05
CA VAL F 344 -12.73 -19.83 -34.16
C VAL F 344 -13.38 -19.94 -32.78
N ASP F 345 -14.72 -19.87 -32.72
CA ASP F 345 -15.47 -19.76 -31.46
C ASP F 345 -15.33 -20.98 -30.53
N TRP F 346 -15.21 -22.17 -31.12
CA TRP F 346 -15.16 -23.43 -30.38
C TRP F 346 -13.76 -23.78 -29.85
N CYS F 347 -12.72 -23.06 -30.27
CA CYS F 347 -11.35 -23.32 -29.83
C CYS F 347 -10.89 -22.25 -28.83
N PRO F 348 -10.24 -22.62 -27.71
CA PRO F 348 -9.75 -21.62 -26.78
C PRO F 348 -8.78 -20.67 -27.47
N THR F 349 -8.91 -19.37 -27.18
CA THR F 349 -7.99 -18.28 -27.60
C THR F 349 -6.64 -18.38 -26.87
N GLY F 350 -6.03 -19.57 -26.90
CA GLY F 350 -4.84 -19.96 -26.20
C GLY F 350 -3.65 -20.10 -27.13
N PHE F 351 -2.53 -19.47 -26.77
CA PHE F 351 -1.23 -19.71 -27.38
C PHE F 351 -0.52 -20.80 -26.59
N LYS F 352 -0.06 -21.85 -27.26
CA LYS F 352 0.90 -22.79 -26.67
C LYS F 352 2.30 -22.21 -26.86
N VAL F 353 3.10 -22.18 -25.80
CA VAL F 353 4.44 -21.57 -25.84
C VAL F 353 5.48 -22.61 -25.49
N GLY F 354 6.44 -22.82 -26.39
CA GLY F 354 7.65 -23.59 -26.16
C GLY F 354 8.85 -22.64 -26.10
N ILE F 355 9.76 -22.85 -25.15
CA ILE F 355 11.02 -22.12 -25.07
C ILE F 355 12.13 -23.16 -24.96
N ASN F 356 13.04 -23.12 -25.93
CA ASN F 356 14.28 -23.87 -25.90
C ASN F 356 15.43 -22.86 -25.69
N TYR F 357 16.26 -23.06 -24.68
CA TYR F 357 17.33 -22.12 -24.34
C TYR F 357 18.53 -22.21 -25.27
N GLU F 358 18.62 -23.26 -26.11
CA GLU F 358 19.67 -23.38 -27.10
C GLU F 358 19.49 -22.31 -28.20
N PRO F 359 20.44 -21.37 -28.35
CA PRO F 359 20.32 -20.30 -29.32
C PRO F 359 20.33 -20.85 -30.76
N PRO F 360 19.70 -20.14 -31.71
CA PRO F 360 19.81 -20.48 -33.12
C PRO F 360 21.26 -20.47 -33.60
N THR F 361 21.67 -21.54 -34.27
CA THR F 361 22.96 -21.60 -34.97
C THR F 361 22.75 -21.24 -36.44
N VAL F 362 23.73 -20.63 -37.07
CA VAL F 362 23.71 -20.32 -38.51
C VAL F 362 24.92 -20.96 -39.18
N VAL F 363 24.76 -21.34 -40.45
CA VAL F 363 25.86 -21.91 -41.24
C VAL F 363 26.95 -20.86 -41.44
N PRO F 364 28.22 -21.15 -41.11
CA PRO F 364 29.33 -20.23 -41.36
C PRO F 364 29.43 -19.85 -42.84
N GLY F 365 29.52 -18.56 -43.14
CA GLY F 365 29.51 -18.06 -44.53
C GLY F 365 28.15 -18.10 -45.21
N GLY F 366 27.08 -18.37 -44.46
CA GLY F 366 25.70 -18.21 -44.92
C GLY F 366 25.24 -16.74 -44.96
N ASP F 367 24.04 -16.54 -45.49
CA ASP F 367 23.45 -15.21 -45.69
C ASP F 367 22.77 -14.66 -44.43
N LEU F 368 22.49 -15.53 -43.45
CA LEU F 368 21.78 -15.22 -42.20
C LEU F 368 22.75 -14.80 -41.08
N ALA F 369 22.39 -13.74 -40.35
CA ALA F 369 23.11 -13.32 -39.16
C ALA F 369 22.89 -14.27 -37.98
N LYS F 370 23.89 -14.35 -37.10
CA LYS F 370 23.71 -14.96 -35.78
C LYS F 370 22.82 -14.05 -34.92
N VAL F 371 21.74 -14.61 -34.40
CA VAL F 371 20.76 -13.90 -33.55
C VAL F 371 20.75 -14.50 -32.15
N GLN F 372 20.47 -13.68 -31.13
CA GLN F 372 20.42 -14.15 -29.73
C GLN F 372 19.13 -14.91 -29.41
N ARG F 373 18.06 -14.58 -30.11
CA ARG F 373 16.74 -15.15 -29.94
C ARG F 373 16.00 -15.20 -31.27
N ALA F 374 15.22 -16.26 -31.47
CA ALA F 374 14.32 -16.41 -32.60
C ALA F 374 13.00 -17.01 -32.14
N VAL F 375 11.99 -16.91 -32.99
CA VAL F 375 10.66 -17.48 -32.79
C VAL F 375 10.14 -18.06 -34.10
N CYS F 376 9.59 -19.28 -34.01
CA CYS F 376 8.81 -19.90 -35.05
C CYS F 376 7.35 -20.00 -34.56
N MET F 377 6.44 -19.34 -35.24
CA MET F 377 5.01 -19.46 -34.99
C MET F 377 4.42 -20.50 -35.94
N LEU F 378 3.77 -21.51 -35.37
CA LEU F 378 3.00 -22.51 -36.10
C LEU F 378 1.54 -22.26 -35.80
N SER F 379 0.77 -21.87 -36.80
CA SER F 379 -0.65 -21.55 -36.64
C SER F 379 -1.49 -22.28 -37.66
N ASN F 380 -2.48 -23.02 -37.21
CA ASN F 380 -3.48 -23.59 -38.11
C ASN F 380 -4.55 -22.54 -38.34
N THR F 381 -4.60 -21.98 -39.56
CA THR F 381 -5.52 -20.91 -39.94
C THR F 381 -6.24 -21.27 -41.23
N THR F 382 -7.52 -20.90 -41.33
CA THR F 382 -8.32 -21.12 -42.54
C THR F 382 -7.82 -20.31 -43.74
N ALA F 383 -7.08 -19.22 -43.52
CA ALA F 383 -6.52 -18.41 -44.60
C ALA F 383 -5.49 -19.16 -45.47
N ILE F 384 -4.97 -20.31 -45.01
CA ILE F 384 -4.09 -21.14 -45.85
C ILE F 384 -4.82 -21.71 -47.07
N ALA F 385 -6.17 -21.76 -47.06
CA ALA F 385 -6.99 -22.15 -48.19
C ALA F 385 -6.81 -21.23 -49.41
N GLU F 386 -6.35 -19.97 -49.22
CA GLU F 386 -6.00 -19.09 -50.35
C GLU F 386 -4.89 -19.71 -51.23
N ALA F 387 -4.02 -20.57 -50.70
CA ALA F 387 -2.99 -21.25 -51.48
C ALA F 387 -3.57 -22.42 -52.30
N TRP F 388 -4.58 -23.11 -51.78
CA TRP F 388 -5.31 -24.18 -52.47
C TRP F 388 -6.11 -23.60 -53.63
N ALA F 389 -6.90 -22.55 -53.40
CA ALA F 389 -7.66 -21.86 -54.44
C ALA F 389 -6.81 -21.38 -55.62
N ARG F 390 -5.59 -20.90 -55.36
CA ARG F 390 -4.64 -20.51 -56.43
C ARG F 390 -4.15 -21.69 -57.25
N LEU F 391 -4.01 -22.86 -56.64
CA LEU F 391 -3.55 -24.07 -57.29
C LEU F 391 -4.69 -24.69 -58.11
N ASP F 392 -5.87 -24.79 -57.50
CA ASP F 392 -7.11 -25.27 -58.10
C ASP F 392 -7.49 -24.44 -59.33
N HIS F 393 -7.41 -23.10 -59.25
CA HIS F 393 -7.68 -22.26 -60.41
C HIS F 393 -6.75 -22.56 -61.61
N LYS F 394 -5.46 -22.79 -61.36
CA LYS F 394 -4.50 -23.14 -62.42
C LYS F 394 -4.75 -24.54 -62.97
N PHE F 395 -5.11 -25.48 -62.10
CA PHE F 395 -5.51 -26.83 -62.49
C PHE F 395 -6.72 -26.77 -63.42
N ASP F 396 -7.78 -26.05 -63.02
CA ASP F 396 -9.04 -25.97 -63.74
C ASP F 396 -8.86 -25.35 -65.13
N LEU F 397 -8.07 -24.27 -65.26
CA LEU F 397 -7.77 -23.65 -66.55
C LEU F 397 -7.17 -24.63 -67.56
N MET F 398 -6.16 -25.41 -67.15
CA MET F 398 -5.52 -26.39 -68.04
C MET F 398 -6.41 -27.61 -68.28
N TYR F 399 -7.06 -28.11 -67.22
CA TYR F 399 -7.87 -29.32 -67.27
C TYR F 399 -9.14 -29.13 -68.08
N ALA F 400 -9.74 -27.94 -68.06
CA ALA F 400 -10.89 -27.61 -68.91
C ALA F 400 -10.63 -27.88 -70.40
N LYS F 401 -9.37 -27.76 -70.85
CA LYS F 401 -8.97 -28.06 -72.23
C LYS F 401 -8.24 -29.40 -72.37
N ARG F 402 -8.09 -30.18 -71.29
CA ARG F 402 -7.28 -31.42 -71.18
C ARG F 402 -5.82 -31.23 -71.64
N ALA F 403 -5.27 -30.03 -71.41
CA ALA F 403 -3.90 -29.73 -71.77
C ALA F 403 -2.94 -30.59 -70.92
N PHE F 404 -1.94 -31.22 -71.55
CA PHE F 404 -0.92 -32.08 -70.93
C PHE F 404 -1.41 -33.40 -70.32
N VAL F 405 -2.71 -33.66 -70.22
CA VAL F 405 -3.29 -34.88 -69.62
C VAL F 405 -2.77 -36.15 -70.29
N HIS F 406 -2.55 -36.12 -71.61
CA HIS F 406 -2.05 -37.26 -72.38
C HIS F 406 -0.69 -37.79 -71.89
N TRP F 407 0.16 -36.96 -71.26
CA TRP F 407 1.43 -37.41 -70.68
C TRP F 407 1.22 -38.32 -69.47
N TYR F 408 0.15 -38.12 -68.71
CA TYR F 408 -0.19 -38.92 -67.53
C TYR F 408 -0.89 -40.21 -67.94
N VAL F 409 -1.84 -40.10 -68.89
CA VAL F 409 -2.52 -41.26 -69.48
C VAL F 409 -1.55 -42.18 -70.21
N GLY F 410 -0.52 -41.62 -70.86
CA GLY F 410 0.55 -42.40 -71.50
C GLY F 410 1.38 -43.24 -70.52
N GLU F 411 1.41 -42.89 -69.23
CA GLU F 411 2.06 -43.68 -68.17
C GLU F 411 1.08 -44.67 -67.50
N GLY F 412 -0.15 -44.77 -68.00
CA GLY F 412 -1.18 -45.70 -67.51
C GLY F 412 -2.09 -45.15 -66.41
N MET F 413 -2.03 -43.85 -66.11
CA MET F 413 -2.96 -43.20 -65.18
C MET F 413 -4.33 -42.98 -65.84
N GLU F 414 -5.40 -43.18 -65.10
CA GLU F 414 -6.74 -42.93 -65.64
C GLU F 414 -7.07 -41.43 -65.63
N GLU F 415 -7.79 -40.95 -66.64
CA GLU F 415 -8.24 -39.55 -66.67
C GLU F 415 -9.18 -39.25 -65.49
N GLY F 416 -9.92 -40.25 -65.00
CA GLY F 416 -10.79 -40.13 -63.83
C GLY F 416 -10.06 -39.73 -62.55
N GLU F 417 -8.78 -40.10 -62.39
CA GLU F 417 -7.98 -39.75 -61.21
C GLU F 417 -7.76 -38.23 -61.09
N PHE F 418 -7.74 -37.49 -62.21
CA PHE F 418 -7.68 -36.03 -62.18
C PHE F 418 -8.96 -35.43 -61.60
N SER F 419 -10.12 -35.94 -62.05
CA SER F 419 -11.41 -35.47 -61.56
C SER F 419 -11.61 -35.82 -60.09
N GLU F 420 -11.25 -37.05 -59.68
CA GLU F 420 -11.31 -37.48 -58.27
C GLU F 420 -10.43 -36.61 -57.38
N ALA F 421 -9.17 -36.38 -57.78
CA ALA F 421 -8.26 -35.53 -57.02
C ALA F 421 -8.77 -34.08 -56.91
N ARG F 422 -9.35 -33.55 -58.00
CA ARG F 422 -9.90 -32.19 -58.00
C ARG F 422 -11.16 -32.07 -57.14
N GLU F 423 -12.02 -33.08 -57.14
CA GLU F 423 -13.21 -33.16 -56.28
C GLU F 423 -12.84 -33.20 -54.79
N ASP F 424 -11.80 -33.95 -54.43
CA ASP F 424 -11.30 -34.01 -53.05
C ASP F 424 -10.70 -32.67 -52.59
N MET F 425 -10.02 -31.96 -53.50
CA MET F 425 -9.55 -30.60 -53.23
C MET F 425 -10.70 -29.60 -53.06
N ALA F 426 -11.76 -29.70 -53.86
CA ALA F 426 -12.96 -28.88 -53.67
C ALA F 426 -13.64 -29.16 -52.32
N ALA F 427 -13.65 -30.43 -51.88
CA ALA F 427 -14.13 -30.79 -50.55
C ALA F 427 -13.25 -30.20 -49.44
N LEU F 428 -11.92 -30.19 -49.61
CA LEU F 428 -10.99 -29.57 -48.66
C LEU F 428 -11.19 -28.05 -48.57
N GLU F 429 -11.36 -27.35 -49.70
CA GLU F 429 -11.65 -25.91 -49.70
C GLU F 429 -12.94 -25.62 -48.93
N LYS F 430 -13.99 -26.44 -49.14
CA LYS F 430 -15.26 -26.32 -48.43
C LYS F 430 -15.12 -26.59 -46.93
N ASP F 431 -14.35 -27.59 -46.52
CA ASP F 431 -14.06 -27.85 -45.10
C ASP F 431 -13.43 -26.62 -44.44
N TYR F 432 -12.49 -25.95 -45.11
CA TYR F 432 -11.86 -24.73 -44.61
C TYR F 432 -12.83 -23.54 -44.54
N GLU F 433 -13.72 -23.40 -45.52
CA GLU F 433 -14.75 -22.37 -45.53
C GLU F 433 -15.75 -22.58 -44.39
N GLU F 434 -16.25 -23.80 -44.20
CA GLU F 434 -17.20 -24.14 -43.12
C GLU F 434 -16.62 -23.89 -41.72
N VAL F 435 -15.31 -24.09 -41.52
CA VAL F 435 -14.65 -23.77 -40.26
C VAL F 435 -14.40 -22.27 -40.09
N GLY F 436 -14.23 -21.53 -41.18
CA GLY F 436 -13.89 -20.11 -41.19
C GLY F 436 -15.09 -19.18 -41.06
N MET G 1 9.59 7.48 -18.86
CA MET G 1 10.48 8.40 -19.57
C MET G 1 9.64 9.28 -20.47
N ARG G 2 10.26 10.30 -21.04
CA ARG G 2 9.59 11.42 -21.68
C ARG G 2 10.32 11.68 -23.00
N GLU G 3 10.23 10.74 -23.94
CA GLU G 3 11.07 10.70 -25.15
C GLU G 3 10.66 11.76 -26.19
N CYS G 4 11.61 12.26 -26.98
CA CYS G 4 11.37 13.18 -28.10
C CYS G 4 12.01 12.62 -29.37
N ILE G 5 11.30 12.68 -30.49
CA ILE G 5 11.83 12.26 -31.80
C ILE G 5 12.20 13.51 -32.60
N SER G 6 13.45 13.61 -33.05
CA SER G 6 13.87 14.69 -33.95
C SER G 6 13.75 14.26 -35.40
N ILE G 7 13.18 15.11 -36.25
CA ILE G 7 13.03 14.86 -37.68
C ILE G 7 13.72 15.98 -38.45
N HIS G 8 14.65 15.62 -39.32
CA HIS G 8 15.48 16.54 -40.08
C HIS G 8 15.12 16.43 -41.56
N VAL G 9 14.55 17.49 -42.13
CA VAL G 9 13.95 17.47 -43.48
C VAL G 9 14.70 18.40 -44.44
N GLY G 10 15.12 17.82 -45.57
CA GLY G 10 15.86 18.50 -46.64
C GLY G 10 17.27 18.90 -46.25
N GLN G 11 18.03 19.43 -47.21
CA GLN G 11 19.43 19.82 -47.01
C GLN G 11 19.67 20.64 -45.73
N ALA G 12 18.93 21.73 -45.52
CA ALA G 12 19.12 22.59 -44.36
C ALA G 12 18.83 21.85 -43.04
N GLY G 13 17.70 21.14 -42.96
CA GLY G 13 17.32 20.35 -41.79
C GLY G 13 18.36 19.29 -41.47
N VAL G 14 18.81 18.54 -42.47
CA VAL G 14 19.84 17.49 -42.33
C VAL G 14 21.17 18.07 -41.87
N GLN G 15 21.64 19.16 -42.46
CA GLN G 15 22.94 19.75 -42.10
C GLN G 15 22.93 20.38 -40.70
N ILE G 16 21.84 21.04 -40.31
CA ILE G 16 21.65 21.54 -38.94
C ILE G 16 21.56 20.37 -37.96
N GLY G 17 20.77 19.36 -38.29
CA GLY G 17 20.67 18.14 -37.50
C GLY G 17 22.01 17.50 -37.24
N ASN G 18 22.84 17.33 -38.28
CA ASN G 18 24.17 16.75 -38.15
C ASN G 18 25.05 17.55 -37.18
N ALA G 19 25.02 18.88 -37.24
CA ALA G 19 25.74 19.74 -36.30
C ALA G 19 25.19 19.67 -34.86
N CYS G 20 23.87 19.60 -34.69
CA CYS G 20 23.23 19.45 -33.38
C CYS G 20 23.58 18.12 -32.71
N TRP G 21 23.53 17.00 -33.45
CA TRP G 21 23.83 15.68 -32.90
C TRP G 21 25.31 15.50 -32.57
N GLU G 22 26.22 16.08 -33.35
CA GLU G 22 27.64 16.17 -32.97
C GLU G 22 27.79 16.86 -31.61
N LEU G 23 27.13 18.01 -31.42
CA LEU G 23 27.18 18.75 -30.18
C LEU G 23 26.56 17.99 -29.00
N TYR G 24 25.42 17.32 -29.21
CA TYR G 24 24.79 16.47 -28.17
C TYR G 24 25.69 15.32 -27.73
N CYS G 25 26.34 14.65 -28.67
CA CYS G 25 27.29 13.60 -28.34
C CYS G 25 28.45 14.13 -27.49
N LEU G 26 28.98 15.30 -27.82
CA LEU G 26 30.05 15.93 -27.04
C LEU G 26 29.59 16.32 -25.63
N GLU G 27 28.39 16.87 -25.50
CA GLU G 27 27.83 17.27 -24.20
C GLU G 27 27.51 16.09 -23.28
N HIS G 28 27.05 14.97 -23.83
CA HIS G 28 26.75 13.75 -23.05
C HIS G 28 27.94 12.78 -22.96
N GLY G 29 29.08 13.07 -23.58
CA GLY G 29 30.25 12.19 -23.57
C GLY G 29 30.09 10.89 -24.38
N ILE G 30 29.21 10.91 -25.39
CA ILE G 30 28.99 9.80 -26.33
C ILE G 30 30.01 9.91 -27.46
N GLN G 31 30.68 8.81 -27.77
CA GLN G 31 31.66 8.73 -28.85
C GLN G 31 30.95 8.59 -30.22
N PRO G 32 31.66 8.87 -31.35
CA PRO G 32 31.06 8.76 -32.70
C PRO G 32 30.55 7.37 -33.09
N ASP G 33 30.97 6.31 -32.39
CA ASP G 33 30.47 4.95 -32.55
C ASP G 33 29.21 4.65 -31.70
N GLY G 34 28.78 5.61 -30.87
CA GLY G 34 27.65 5.53 -29.95
C GLY G 34 27.99 4.94 -28.57
N GLN G 35 29.26 4.65 -28.27
CA GLN G 35 29.65 4.16 -26.94
C GLN G 35 29.78 5.31 -25.92
N MET G 36 29.44 5.04 -24.66
CA MET G 36 29.55 6.00 -23.56
C MET G 36 30.41 5.44 -22.42
N PRO G 37 31.74 5.65 -22.41
CA PRO G 37 32.65 4.95 -21.49
C PRO G 37 32.53 5.38 -20.01
N SER G 38 32.06 6.59 -19.72
CA SER G 38 31.80 7.03 -18.34
C SER G 38 30.54 6.42 -17.76
N ASP G 39 29.69 5.82 -18.59
CA ASP G 39 28.44 5.24 -18.14
C ASP G 39 28.70 3.91 -17.44
N LYS G 40 29.09 4.01 -16.16
CA LYS G 40 29.20 2.85 -15.26
C LYS G 40 27.84 2.24 -14.97
N THR G 41 26.80 3.04 -15.06
CA THR G 41 25.44 2.55 -14.96
C THR G 41 25.15 1.79 -16.25
N ILE G 42 25.40 0.48 -16.23
CA ILE G 42 24.84 -0.43 -17.26
C ILE G 42 23.30 -0.27 -17.33
N GLY G 43 22.65 0.23 -16.26
CA GLY G 43 21.21 0.51 -16.17
C GLY G 43 20.90 2.01 -15.95
N GLY G 44 19.75 2.34 -15.33
CA GLY G 44 19.23 3.72 -15.26
C GLY G 44 20.00 4.70 -14.36
N GLY G 45 21.06 5.31 -14.89
CA GLY G 45 21.71 6.48 -14.30
C GLY G 45 20.85 7.75 -14.42
N ASP G 46 21.47 8.91 -14.64
CA ASP G 46 20.73 10.14 -14.96
C ASP G 46 20.04 9.98 -16.32
N ASP G 47 18.83 9.42 -16.28
CA ASP G 47 18.00 8.95 -17.38
C ASP G 47 17.53 10.08 -18.32
N SER G 48 17.92 11.33 -18.06
CA SER G 48 17.50 12.53 -18.77
C SER G 48 17.90 12.52 -20.25
N PHE G 49 19.09 11.99 -20.57
CA PHE G 49 19.57 11.92 -21.96
C PHE G 49 18.84 10.84 -22.78
N ASN G 50 18.19 9.85 -22.12
CA ASN G 50 17.34 8.86 -22.79
C ASN G 50 16.09 9.48 -23.44
N THR G 51 15.83 10.76 -23.16
CA THR G 51 14.85 11.57 -23.91
C THR G 51 15.22 11.67 -25.39
N PHE G 52 16.51 11.81 -25.73
CA PHE G 52 16.99 11.98 -27.11
C PHE G 52 17.75 10.76 -27.65
N PHE G 53 18.21 9.87 -26.79
CA PHE G 53 18.93 8.65 -27.17
C PHE G 53 18.15 7.39 -26.76
N SER G 54 18.31 6.34 -27.53
CA SER G 54 17.88 4.98 -27.17
C SER G 54 19.10 4.11 -26.99
N GLU G 55 19.23 3.46 -25.83
CA GLU G 55 20.24 2.45 -25.62
C GLU G 55 19.84 1.16 -26.34
N THR G 56 20.76 0.64 -27.16
CA THR G 56 20.63 -0.67 -27.78
C THR G 56 21.26 -1.75 -26.88
N GLY G 57 20.88 -3.01 -27.05
CA GLY G 57 21.41 -4.12 -26.23
C GLY G 57 22.93 -4.34 -26.31
N ALA G 58 23.65 -3.66 -27.20
CA ALA G 58 25.11 -3.67 -27.29
C ALA G 58 25.79 -2.51 -26.54
N GLY G 59 25.06 -1.74 -25.72
CA GLY G 59 25.57 -0.55 -25.01
C GLY G 59 25.79 0.66 -25.91
N LYS G 60 25.27 0.60 -27.15
CA LYS G 60 25.36 1.71 -28.10
C LYS G 60 24.15 2.60 -27.96
N HIS G 61 24.40 3.90 -27.77
CA HIS G 61 23.40 4.95 -27.73
C HIS G 61 23.14 5.47 -29.15
N VAL G 62 21.90 5.31 -29.61
CA VAL G 62 21.46 5.73 -30.94
C VAL G 62 20.50 6.91 -30.79
N PRO G 63 20.70 8.02 -31.53
CA PRO G 63 19.76 9.14 -31.60
C PRO G 63 18.33 8.69 -31.93
N ARG G 64 17.33 9.27 -31.26
CA ARG G 64 15.91 9.20 -31.65
C ARG G 64 15.65 10.17 -32.79
N ALA G 65 16.30 9.95 -33.92
CA ALA G 65 16.29 10.84 -35.07
C ALA G 65 15.83 10.15 -36.34
N VAL G 66 15.20 10.91 -37.25
CA VAL G 66 14.99 10.53 -38.64
C VAL G 66 15.52 11.66 -39.53
N PHE G 67 16.31 11.32 -40.54
CA PHE G 67 16.78 12.24 -41.55
C PHE G 67 16.10 11.90 -42.87
N VAL G 68 15.54 12.91 -43.52
CA VAL G 68 14.79 12.77 -44.77
C VAL G 68 15.29 13.82 -45.75
N ASP G 69 15.69 13.40 -46.93
CA ASP G 69 15.90 14.28 -48.07
C ASP G 69 15.42 13.60 -49.34
N LEU G 70 14.94 14.37 -50.31
CA LEU G 70 14.45 13.85 -51.58
C LEU G 70 15.60 13.53 -52.55
N GLU G 71 16.77 14.10 -52.31
CA GLU G 71 18.02 13.67 -52.96
C GLU G 71 18.99 12.98 -51.98
N PRO G 72 19.88 12.10 -52.48
CA PRO G 72 20.79 11.36 -51.60
C PRO G 72 21.99 12.18 -51.10
N THR G 73 22.40 13.24 -51.81
CA THR G 73 23.71 13.90 -51.65
C THR G 73 24.05 14.25 -50.20
N VAL G 74 23.16 14.95 -49.50
CA VAL G 74 23.43 15.47 -48.14
C VAL G 74 23.40 14.35 -47.10
N ILE G 75 22.53 13.36 -47.26
CA ILE G 75 22.46 12.23 -46.33
C ILE G 75 23.62 11.25 -46.57
N ASP G 76 24.14 11.13 -47.80
CA ASP G 76 25.34 10.35 -48.08
C ASP G 76 26.59 10.94 -47.39
N GLU G 77 26.66 12.26 -47.23
CA GLU G 77 27.68 12.91 -46.37
C GLU G 77 27.54 12.47 -44.90
N VAL G 78 26.31 12.33 -44.38
CA VAL G 78 26.07 11.80 -43.02
C VAL G 78 26.48 10.33 -42.93
N ARG G 79 26.16 9.51 -43.94
CA ARG G 79 26.52 8.08 -44.02
C ARG G 79 28.03 7.83 -44.12
N THR G 80 28.80 8.81 -44.58
CA THR G 80 30.25 8.70 -44.77
C THR G 80 31.08 9.51 -43.78
N GLY G 81 30.47 10.45 -43.05
CA GLY G 81 31.14 11.35 -42.12
C GLY G 81 31.58 10.71 -40.79
N THR G 82 32.08 11.56 -39.88
CA THR G 82 32.63 11.14 -38.58
C THR G 82 31.64 10.32 -37.75
N TYR G 83 30.37 10.73 -37.73
CA TYR G 83 29.28 10.11 -36.97
C TYR G 83 28.52 9.05 -37.78
N ARG G 84 29.08 8.51 -38.86
CA ARG G 84 28.45 7.48 -39.70
C ARG G 84 27.96 6.25 -38.93
N GLN G 85 28.63 5.91 -37.83
CA GLN G 85 28.28 4.75 -37.02
C GLN G 85 27.24 5.09 -35.95
N LEU G 86 26.95 6.36 -35.67
CA LEU G 86 26.02 6.75 -34.61
C LEU G 86 24.58 6.34 -34.96
N PHE G 87 24.14 6.68 -36.17
CA PHE G 87 22.78 6.44 -36.65
C PHE G 87 22.56 5.01 -37.13
N HIS G 88 21.34 4.52 -37.01
CA HIS G 88 20.94 3.28 -37.66
C HIS G 88 20.63 3.56 -39.15
N PRO G 89 21.01 2.69 -40.09
CA PRO G 89 20.79 2.93 -41.53
C PRO G 89 19.31 3.20 -41.89
N GLU G 90 18.37 2.61 -41.15
CA GLU G 90 16.92 2.81 -41.36
C GLU G 90 16.42 4.22 -41.02
N GLN G 91 17.18 5.00 -40.27
CA GLN G 91 16.83 6.36 -39.88
C GLN G 91 17.23 7.40 -40.95
N LEU G 92 18.01 6.99 -41.95
CA LEU G 92 18.55 7.86 -43.00
C LEU G 92 17.82 7.57 -44.31
N ILE G 93 16.78 8.35 -44.59
CA ILE G 93 15.84 8.12 -45.71
C ILE G 93 16.17 9.10 -46.83
N THR G 94 16.39 8.56 -48.04
CA THR G 94 16.74 9.35 -49.23
C THR G 94 15.82 9.00 -50.38
N GLY G 95 15.31 10.02 -51.08
CA GLY G 95 14.71 9.88 -52.40
C GLY G 95 15.77 9.75 -53.50
N LYS G 96 15.30 9.75 -54.75
CA LYS G 96 16.16 9.77 -55.95
C LYS G 96 16.19 11.14 -56.63
N GLU G 97 15.04 11.78 -56.72
CA GLU G 97 14.82 13.06 -57.39
C GLU G 97 14.41 14.10 -56.35
N ASP G 98 14.97 15.32 -56.44
CA ASP G 98 14.64 16.38 -55.49
C ASP G 98 13.36 17.17 -55.86
N ALA G 99 12.98 18.09 -54.98
CA ALA G 99 11.88 19.01 -55.21
C ALA G 99 12.25 20.24 -56.06
N ALA G 100 13.50 20.37 -56.54
CA ALA G 100 13.97 21.47 -57.38
C ALA G 100 13.54 22.89 -56.95
N ASN G 101 13.62 23.20 -55.65
CA ASN G 101 13.20 24.49 -55.08
C ASN G 101 11.72 24.84 -55.29
N ASN G 102 10.84 23.84 -55.45
CA ASN G 102 9.41 24.03 -55.65
C ASN G 102 8.62 23.34 -54.51
N TYR G 103 7.86 24.14 -53.75
CA TYR G 103 6.94 23.63 -52.72
C TYR G 103 5.99 22.57 -53.28
N ALA G 104 5.36 22.81 -54.42
CA ALA G 104 4.36 21.91 -54.99
C ALA G 104 4.96 20.54 -55.35
N ARG G 105 6.18 20.52 -55.89
CA ARG G 105 6.90 19.28 -56.18
C ARG G 105 7.26 18.50 -54.91
N GLY G 106 7.62 19.23 -53.84
CA GLY G 106 7.94 18.67 -52.53
C GLY G 106 6.71 18.16 -51.76
N HIS G 107 5.54 18.77 -51.96
CA HIS G 107 4.30 18.43 -51.27
C HIS G 107 3.48 17.39 -52.07
N TYR G 108 3.12 17.68 -53.32
CA TYR G 108 2.15 16.91 -54.10
C TYR G 108 2.77 15.79 -54.94
N THR G 109 3.90 16.06 -55.60
CA THR G 109 4.50 15.13 -56.58
C THR G 109 5.43 14.13 -55.89
N ILE G 110 6.67 14.53 -55.60
CA ILE G 110 7.71 13.62 -55.09
C ILE G 110 7.47 13.30 -53.61
N GLY G 111 6.97 14.26 -52.83
CA GLY G 111 6.69 14.05 -51.40
C GLY G 111 5.70 12.91 -51.14
N LYS G 112 4.69 12.79 -51.99
CA LYS G 112 3.66 11.76 -51.89
C LYS G 112 4.21 10.35 -52.13
N GLU G 113 5.29 10.20 -52.90
CA GLU G 113 5.92 8.90 -53.14
C GLU G 113 6.72 8.39 -51.93
N ILE G 114 7.25 9.30 -51.09
CA ILE G 114 8.14 8.93 -49.98
C ILE G 114 7.48 9.03 -48.60
N ILE G 115 6.35 9.75 -48.46
CA ILE G 115 5.74 10.05 -47.16
C ILE G 115 5.41 8.80 -46.33
N ASP G 116 4.86 7.75 -46.94
CA ASP G 116 4.47 6.55 -46.19
C ASP G 116 5.69 5.77 -45.66
N LEU G 117 6.81 5.80 -46.38
CA LEU G 117 8.07 5.23 -45.90
C LEU G 117 8.57 6.02 -44.67
N VAL G 118 8.51 7.35 -44.72
CA VAL G 118 8.95 8.21 -43.62
C VAL G 118 8.10 7.97 -42.37
N LEU G 119 6.78 7.91 -42.52
CA LEU G 119 5.85 7.64 -41.42
C LEU G 119 6.07 6.25 -40.81
N ASP G 120 6.37 5.21 -41.61
CA ASP G 120 6.73 3.88 -41.09
C ASP G 120 8.00 3.93 -40.22
N ARG G 121 9.05 4.64 -40.66
CA ARG G 121 10.28 4.78 -39.85
C ARG G 121 10.06 5.57 -38.57
N ILE G 122 9.27 6.64 -38.63
CA ILE G 122 8.90 7.41 -37.44
C ILE G 122 8.10 6.52 -36.46
N ARG G 123 7.17 5.71 -36.97
CA ARG G 123 6.39 4.77 -36.15
C ARG G 123 7.27 3.75 -35.46
N LYS G 124 8.26 3.17 -36.15
CA LYS G 124 9.23 2.25 -35.53
C LYS G 124 10.00 2.89 -34.36
N LEU G 125 10.32 4.19 -34.43
CA LEU G 125 10.95 4.91 -33.31
C LEU G 125 9.94 5.23 -32.19
N ALA G 126 8.72 5.60 -32.55
CA ALA G 126 7.64 5.87 -31.60
C ALA G 126 7.28 4.60 -30.79
N ASP G 127 7.28 3.44 -31.42
CA ASP G 127 7.03 2.14 -30.77
C ASP G 127 8.11 1.76 -29.75
N GLN G 128 9.32 2.30 -29.89
CA GLN G 128 10.42 2.13 -28.93
C GLN G 128 10.37 3.14 -27.77
N CYS G 129 9.43 4.08 -27.78
CA CYS G 129 9.25 5.07 -26.73
C CYS G 129 8.20 4.58 -25.72
N THR G 130 8.50 4.71 -24.43
CA THR G 130 7.55 4.38 -23.36
C THR G 130 6.51 5.48 -23.13
N GLY G 131 6.88 6.73 -23.41
CA GLY G 131 6.09 7.91 -23.17
C GLY G 131 6.50 9.06 -24.10
N LEU G 132 6.39 8.84 -25.41
CA LEU G 132 6.68 9.84 -26.43
C LEU G 132 5.98 11.17 -26.09
N GLN G 133 6.74 12.24 -25.93
CA GLN G 133 6.22 13.59 -25.72
C GLN G 133 5.72 14.21 -27.02
N GLY G 134 6.56 14.13 -28.06
CA GLY G 134 6.38 14.91 -29.26
C GLY G 134 7.54 14.81 -30.23
N PHE G 135 7.52 15.73 -31.20
CA PHE G 135 8.45 15.78 -32.31
C PHE G 135 9.14 17.15 -32.35
N SER G 136 10.41 17.16 -32.76
CA SER G 136 11.14 18.37 -33.10
C SER G 136 11.55 18.30 -34.57
N VAL G 137 10.96 19.14 -35.41
CA VAL G 137 11.14 19.13 -36.86
C VAL G 137 12.08 20.26 -37.28
N PHE G 138 13.12 19.93 -38.05
CA PHE G 138 14.12 20.88 -38.54
C PHE G 138 14.01 20.97 -40.06
N HIS G 139 13.79 22.17 -40.59
CA HIS G 139 13.59 22.38 -42.03
C HIS G 139 13.88 23.83 -42.45
N SER G 140 13.91 24.08 -43.76
CA SER G 140 14.00 25.44 -44.33
C SER G 140 12.68 25.88 -44.94
N PHE G 141 12.33 27.15 -44.80
CA PHE G 141 11.18 27.73 -45.50
C PHE G 141 11.42 27.90 -47.02
N GLY G 142 12.64 28.24 -47.44
CA GLY G 142 12.90 28.58 -48.84
C GLY G 142 13.06 27.39 -49.80
N GLY G 143 13.54 26.24 -49.33
CA GLY G 143 13.85 25.07 -50.19
C GLY G 143 12.64 24.16 -50.43
N GLY G 144 12.53 23.54 -51.61
CA GLY G 144 11.34 22.76 -51.99
C GLY G 144 11.03 21.56 -51.09
N THR G 145 12.05 20.78 -50.69
CA THR G 145 11.87 19.68 -49.72
C THR G 145 11.57 20.22 -48.32
N GLY G 146 12.31 21.25 -47.90
CA GLY G 146 12.15 21.85 -46.57
C GLY G 146 10.77 22.49 -46.37
N SER G 147 10.16 23.03 -47.43
CA SER G 147 8.83 23.60 -47.39
C SER G 147 7.76 22.53 -47.64
N GLY G 148 7.70 22.02 -48.87
CA GLY G 148 6.60 21.16 -49.33
C GLY G 148 6.51 19.80 -48.64
N PHE G 149 7.64 19.12 -48.42
CA PHE G 149 7.59 17.83 -47.73
C PHE G 149 7.31 17.99 -46.24
N THR G 150 7.78 19.09 -45.63
CA THR G 150 7.53 19.35 -44.20
C THR G 150 6.05 19.61 -43.95
N SER G 151 5.37 20.39 -44.79
CA SER G 151 3.93 20.62 -44.62
C SER G 151 3.14 19.31 -44.72
N LEU G 152 3.41 18.50 -45.74
CA LEU G 152 2.80 17.17 -45.88
C LEU G 152 3.08 16.26 -44.66
N LEU G 153 4.32 16.29 -44.14
CA LEU G 153 4.69 15.51 -42.96
C LEU G 153 3.96 16.00 -41.71
N MET G 154 3.87 17.31 -41.49
CA MET G 154 3.22 17.91 -40.32
C MET G 154 1.72 17.61 -40.28
N GLU G 155 1.04 17.67 -41.42
CA GLU G 155 -0.35 17.22 -41.56
C GLU G 155 -0.51 15.75 -41.14
N ARG G 156 0.29 14.86 -41.73
CA ARG G 156 0.20 13.42 -41.45
C ARG G 156 0.58 13.07 -40.01
N LEU G 157 1.54 13.78 -39.41
CA LEU G 157 1.87 13.66 -38.00
C LEU G 157 0.72 14.11 -37.10
N SER G 158 -0.01 15.18 -37.46
CA SER G 158 -1.19 15.61 -36.72
C SER G 158 -2.32 14.57 -36.76
N VAL G 159 -2.44 13.83 -37.87
CA VAL G 159 -3.42 12.72 -37.99
C VAL G 159 -3.00 11.52 -37.13
N ASP G 160 -1.76 11.03 -37.28
CA ASP G 160 -1.29 9.82 -36.59
C ASP G 160 -1.03 10.05 -35.09
N TYR G 161 -0.63 11.26 -34.71
CA TYR G 161 -0.16 11.62 -33.37
C TYR G 161 -0.81 12.90 -32.82
N GLY G 162 -2.11 13.12 -33.04
CA GLY G 162 -2.79 14.40 -32.75
C GLY G 162 -2.73 14.97 -31.33
N LYS G 163 -2.26 14.22 -30.31
CA LYS G 163 -2.02 14.75 -28.94
C LYS G 163 -0.55 15.01 -28.61
N LYS G 164 0.36 14.74 -29.54
CA LYS G 164 1.80 14.87 -29.35
C LYS G 164 2.23 16.25 -29.83
N SER G 165 3.00 16.95 -29.00
CA SER G 165 3.46 18.29 -29.34
C SER G 165 4.41 18.24 -30.54
N LYS G 166 4.36 19.26 -31.39
CA LYS G 166 5.23 19.41 -32.56
C LYS G 166 5.90 20.78 -32.47
N LEU G 167 7.22 20.74 -32.31
CA LEU G 167 8.06 21.93 -32.31
C LEU G 167 8.80 22.00 -33.64
N GLU G 168 8.93 23.19 -34.19
CA GLU G 168 9.67 23.44 -35.42
C GLU G 168 10.90 24.30 -35.17
N PHE G 169 11.96 24.02 -35.92
CA PHE G 169 13.14 24.86 -36.08
C PHE G 169 13.27 25.19 -37.56
N SER G 170 12.80 26.37 -37.93
CA SER G 170 12.58 26.77 -39.32
C SER G 170 13.60 27.82 -39.75
N ILE G 171 14.31 27.56 -40.85
CA ILE G 171 15.26 28.52 -41.40
C ILE G 171 14.55 29.50 -42.32
N TYR G 172 14.49 30.77 -41.90
CA TYR G 172 13.97 31.88 -42.68
C TYR G 172 14.99 32.30 -43.75
N PRO G 173 14.56 32.47 -45.03
CA PRO G 173 15.46 32.71 -46.14
C PRO G 173 16.07 34.11 -46.11
N ALA G 174 17.35 34.21 -46.51
CA ALA G 174 18.09 35.47 -46.57
C ALA G 174 18.69 35.68 -47.97
N PRO G 175 18.53 36.87 -48.59
CA PRO G 175 19.01 37.14 -49.95
C PRO G 175 20.48 36.82 -50.21
N GLN G 176 21.35 37.07 -49.21
CA GLN G 176 22.80 36.94 -49.32
C GLN G 176 23.26 35.49 -49.42
N VAL G 177 22.44 34.54 -48.94
CA VAL G 177 22.76 33.09 -48.90
C VAL G 177 21.69 32.27 -49.64
N SER G 178 20.81 32.95 -50.38
CA SER G 178 19.62 32.40 -51.03
C SER G 178 19.96 31.77 -52.38
N THR G 179 19.49 30.54 -52.58
CA THR G 179 19.77 29.75 -53.79
C THR G 179 18.66 29.87 -54.83
N ALA G 180 17.45 30.29 -54.41
CA ALA G 180 16.31 30.39 -55.31
C ALA G 180 15.65 31.76 -55.29
N VAL G 181 15.04 32.14 -56.41
CA VAL G 181 14.23 33.36 -56.53
C VAL G 181 12.86 33.15 -55.88
N VAL G 182 12.33 31.93 -55.98
CA VAL G 182 10.99 31.54 -55.49
C VAL G 182 10.93 31.22 -53.99
N GLU G 183 12.00 31.49 -53.22
CA GLU G 183 12.01 31.25 -51.77
C GLU G 183 10.86 31.94 -51.01
N PRO G 184 10.41 33.18 -51.35
CA PRO G 184 9.25 33.78 -50.71
C PRO G 184 7.96 32.96 -50.89
N TYR G 185 7.70 32.43 -52.09
CA TYR G 185 6.52 31.57 -52.33
C TYR G 185 6.56 30.31 -51.49
N ASN G 186 7.69 29.60 -51.50
CA ASN G 186 7.84 28.39 -50.72
C ASN G 186 7.65 28.64 -49.23
N SER G 187 8.11 29.80 -48.74
CA SER G 187 8.01 30.19 -47.34
C SER G 187 6.56 30.50 -46.93
N ILE G 188 5.83 31.29 -47.71
CA ILE G 188 4.43 31.62 -47.43
C ILE G 188 3.55 30.36 -47.50
N LEU G 189 3.70 29.55 -48.55
CA LEU G 189 2.95 28.30 -48.71
C LEU G 189 3.19 27.34 -47.54
N THR G 190 4.45 27.10 -47.15
CA THR G 190 4.69 26.21 -46.01
C THR G 190 4.23 26.79 -44.69
N THR G 191 4.39 28.10 -44.45
CA THR G 191 3.96 28.70 -43.18
C THR G 191 2.45 28.60 -43.04
N HIS G 192 1.69 28.89 -44.09
CA HIS G 192 0.24 28.70 -44.11
C HIS G 192 -0.15 27.26 -43.72
N THR G 193 0.37 26.26 -44.43
CA THR G 193 -0.02 24.87 -44.21
C THR G 193 0.48 24.30 -42.86
N THR G 194 1.60 24.78 -42.32
CA THR G 194 2.10 24.30 -41.01
C THR G 194 1.53 25.04 -39.80
N LEU G 195 0.92 26.22 -39.99
CA LEU G 195 0.47 27.10 -38.89
C LEU G 195 -0.50 26.40 -37.92
N GLU G 196 -1.47 25.63 -38.42
CA GLU G 196 -2.44 24.92 -37.57
C GLU G 196 -1.89 23.62 -36.98
N HIS G 197 -0.72 23.17 -37.44
CA HIS G 197 -0.12 21.92 -37.01
C HIS G 197 1.02 22.14 -36.01
N SER G 198 1.69 23.28 -36.02
CA SER G 198 2.75 23.59 -35.07
C SER G 198 2.23 24.06 -33.71
N ASP G 199 2.87 23.64 -32.62
CA ASP G 199 2.59 24.18 -31.28
C ASP G 199 3.53 25.35 -30.92
N CYS G 200 4.74 25.36 -31.50
CA CYS G 200 5.77 26.37 -31.27
C CYS G 200 6.87 26.23 -32.33
N ALA G 201 7.16 27.31 -33.04
CA ALA G 201 8.15 27.33 -34.13
C ALA G 201 9.26 28.36 -33.85
N PHE G 202 10.50 27.90 -33.75
CA PHE G 202 11.66 28.75 -33.60
C PHE G 202 12.21 29.11 -34.98
N MET G 203 11.96 30.35 -35.40
CA MET G 203 12.54 30.88 -36.62
C MET G 203 14.01 31.27 -36.43
N VAL G 204 14.81 30.96 -37.44
CA VAL G 204 16.22 31.36 -37.53
C VAL G 204 16.44 32.03 -38.88
N ASP G 205 16.66 33.33 -38.86
CA ASP G 205 16.98 34.14 -40.03
C ASP G 205 18.46 33.97 -40.41
N ASN G 206 18.70 33.41 -41.59
CA ASN G 206 20.04 33.23 -42.11
C ASN G 206 20.82 34.55 -42.17
N GLU G 207 20.16 35.69 -42.37
CA GLU G 207 20.81 37.00 -42.41
C GLU G 207 21.34 37.39 -41.02
N ALA G 208 20.57 37.08 -39.96
CA ALA G 208 20.97 37.34 -38.59
C ALA G 208 22.18 36.48 -38.19
N ILE G 209 22.14 35.17 -38.48
CA ILE G 209 23.26 34.26 -38.18
C ILE G 209 24.51 34.67 -38.97
N TYR G 210 24.36 35.01 -40.25
CA TYR G 210 25.47 35.46 -41.10
C TYR G 210 26.13 36.71 -40.54
N ASP G 211 25.34 37.70 -40.12
CA ASP G 211 25.86 38.93 -39.52
C ASP G 211 26.53 38.71 -38.16
N ILE G 212 26.00 37.81 -37.33
CA ILE G 212 26.63 37.43 -36.05
C ILE G 212 27.99 36.76 -36.31
N CYS G 213 28.07 35.82 -37.26
CA CYS G 213 29.33 35.20 -37.63
C CYS G 213 30.35 36.23 -38.15
N ARG G 214 29.93 37.21 -38.95
CA ARG G 214 30.82 38.27 -39.43
C ARG G 214 31.30 39.20 -38.32
N ARG G 215 30.39 39.65 -37.46
CA ARG G 215 30.68 40.69 -36.45
C ARG G 215 31.38 40.13 -35.21
N ASN G 216 30.94 38.97 -34.73
CA ASN G 216 31.36 38.44 -33.43
C ASN G 216 32.47 37.39 -33.58
N LEU G 217 32.48 36.65 -34.70
CA LEU G 217 33.49 35.62 -34.98
C LEU G 217 34.60 36.09 -35.94
N ASP G 218 34.50 37.32 -36.48
CA ASP G 218 35.46 37.90 -37.43
C ASP G 218 35.65 37.03 -38.70
N ILE G 219 34.62 36.27 -39.10
CA ILE G 219 34.64 35.44 -40.31
C ILE G 219 34.16 36.30 -41.49
N GLU G 220 35.04 36.63 -42.43
CA GLU G 220 34.68 37.54 -43.53
C GLU G 220 33.51 37.03 -44.41
N ARG G 221 33.50 35.72 -44.69
CA ARG G 221 32.46 35.04 -45.46
C ARG G 221 32.08 33.71 -44.81
N PRO G 222 31.12 33.71 -43.87
CA PRO G 222 30.62 32.50 -43.24
C PRO G 222 30.11 31.48 -44.26
N THR G 223 30.46 30.21 -44.05
CA THR G 223 29.88 29.07 -44.78
C THR G 223 28.71 28.47 -44.01
N TYR G 224 27.91 27.60 -44.63
CA TYR G 224 26.86 26.86 -43.92
C TYR G 224 27.39 26.10 -42.71
N THR G 225 28.64 25.58 -42.76
CA THR G 225 29.26 24.95 -41.59
C THR G 225 29.42 25.92 -40.41
N ASN G 226 29.77 27.18 -40.67
CA ASN G 226 29.87 28.19 -39.62
C ASN G 226 28.49 28.55 -39.06
N LEU G 227 27.50 28.76 -39.94
CA LEU G 227 26.13 29.07 -39.55
C LEU G 227 25.53 27.93 -38.70
N ASN G 228 25.63 26.68 -39.19
CA ASN G 228 25.04 25.51 -38.54
C ASN G 228 25.67 25.22 -37.17
N ARG G 229 26.96 25.52 -36.96
CA ARG G 229 27.59 25.41 -35.63
C ARG G 229 27.01 26.40 -34.62
N LEU G 230 26.74 27.63 -35.06
CA LEU G 230 26.09 28.62 -34.21
C LEU G 230 24.63 28.21 -33.92
N ILE G 231 23.87 27.82 -34.95
CA ILE G 231 22.50 27.31 -34.81
C ILE G 231 22.47 26.12 -33.84
N GLY G 232 23.42 25.20 -33.95
CA GLY G 232 23.54 24.05 -33.04
C GLY G 232 23.70 24.45 -31.56
N GLN G 233 24.40 25.55 -31.25
CA GLN G 233 24.49 26.07 -29.87
C GLN G 233 23.16 26.60 -29.35
N ILE G 234 22.41 27.30 -30.20
CA ILE G 234 21.10 27.85 -29.84
C ILE G 234 20.11 26.71 -29.61
N VAL G 235 20.03 25.77 -30.56
CA VAL G 235 19.19 24.57 -30.44
C VAL G 235 19.58 23.78 -29.20
N SER G 236 20.87 23.58 -28.93
CA SER G 236 21.35 22.92 -27.72
C SER G 236 20.93 23.63 -26.45
N SER G 237 20.95 24.97 -26.44
CA SER G 237 20.51 25.76 -25.28
C SER G 237 19.00 25.68 -25.06
N ILE G 238 18.21 25.59 -26.13
CA ILE G 238 16.75 25.40 -26.07
C ILE G 238 16.43 24.00 -25.54
N THR G 239 17.08 22.95 -26.06
CA THR G 239 16.80 21.56 -25.67
C THR G 239 17.52 21.12 -24.38
N ALA G 240 18.41 21.94 -23.82
CA ALA G 240 19.17 21.58 -22.61
C ALA G 240 18.27 21.26 -21.42
N SER G 241 17.10 21.89 -21.30
CA SER G 241 16.15 21.60 -20.22
C SER G 241 15.46 20.24 -20.34
N LEU G 242 15.48 19.63 -21.54
CA LEU G 242 14.90 18.31 -21.81
C LEU G 242 15.95 17.19 -21.70
N ARG G 243 17.23 17.54 -21.78
CA ARG G 243 18.36 16.60 -21.86
C ARG G 243 19.11 16.42 -20.54
N PHE G 244 18.98 17.38 -19.65
CA PHE G 244 19.62 17.39 -18.33
C PHE G 244 18.58 17.70 -17.27
N ASP G 245 18.82 17.22 -16.06
CA ASP G 245 18.00 17.56 -14.91
C ASP G 245 18.01 19.09 -14.66
N GLY G 246 16.82 19.68 -14.60
CA GLY G 246 16.63 21.12 -14.46
C GLY G 246 15.20 21.49 -14.05
N ALA G 247 14.99 22.75 -13.65
CA ALA G 247 13.73 23.20 -13.06
C ALA G 247 12.70 23.79 -14.04
N LEU G 248 13.10 24.22 -15.24
CA LEU G 248 12.23 24.97 -16.17
C LEU G 248 12.24 24.33 -17.56
N ASN G 249 11.07 24.18 -18.19
CA ASN G 249 10.86 23.62 -19.53
C ASN G 249 11.31 22.16 -19.64
N VAL G 250 10.87 21.36 -18.67
CA VAL G 250 11.21 19.94 -18.53
C VAL G 250 10.41 19.07 -19.51
N ASP G 251 9.38 19.64 -20.15
CA ASP G 251 8.68 19.02 -21.28
C ASP G 251 8.35 20.02 -22.40
N LEU G 252 7.95 19.45 -23.54
CA LEU G 252 7.53 20.19 -24.72
C LEU G 252 6.26 21.03 -24.48
N THR G 253 5.34 20.53 -23.65
CA THR G 253 4.08 21.22 -23.33
C THR G 253 4.32 22.49 -22.50
N GLU G 254 5.35 22.52 -21.67
CA GLU G 254 5.78 23.70 -20.90
C GLU G 254 6.30 24.82 -21.82
N PHE G 255 6.90 24.51 -22.97
CA PHE G 255 7.28 25.54 -23.94
C PHE G 255 6.06 26.29 -24.45
N GLN G 256 5.05 25.57 -24.94
CA GLN G 256 3.80 26.18 -25.40
C GLN G 256 3.15 26.98 -24.25
N THR G 257 3.03 26.38 -23.07
CA THR G 257 2.37 27.02 -21.91
C THR G 257 3.08 28.29 -21.46
N ASN G 258 4.41 28.36 -21.53
CA ASN G 258 5.19 29.52 -21.07
C ASN G 258 5.40 30.59 -22.14
N LEU G 259 5.41 30.22 -23.43
CA LEU G 259 5.79 31.12 -24.53
C LEU G 259 4.64 31.50 -25.46
N VAL G 260 3.58 30.70 -25.54
CA VAL G 260 2.55 30.82 -26.59
C VAL G 260 1.18 31.11 -25.94
N PRO G 261 0.82 32.39 -25.75
CA PRO G 261 -0.48 32.75 -25.18
C PRO G 261 -1.63 32.56 -26.17
N TYR G 262 -1.39 32.79 -27.46
CA TYR G 262 -2.34 32.60 -28.54
C TYR G 262 -1.82 31.55 -29.53
N PRO G 263 -2.64 30.58 -29.95
CA PRO G 263 -2.19 29.47 -30.79
C PRO G 263 -1.52 29.90 -32.10
N ARG G 264 -1.94 30.98 -32.76
CA ARG G 264 -1.34 31.45 -34.02
C ARG G 264 -0.03 32.21 -33.83
N ALA G 265 0.12 32.94 -32.71
CA ALA G 265 1.32 33.70 -32.40
C ALA G 265 2.39 32.83 -31.72
N HIS G 266 2.77 31.72 -32.35
CA HIS G 266 3.64 30.69 -31.78
C HIS G 266 5.10 30.76 -32.26
N PHE G 267 5.59 31.96 -32.60
CA PHE G 267 6.95 32.19 -33.09
C PHE G 267 7.83 32.95 -32.10
N PRO G 268 8.45 32.31 -31.09
CA PRO G 268 9.34 32.99 -30.16
C PRO G 268 10.63 33.44 -30.84
N LEU G 269 11.03 34.67 -30.56
CA LEU G 269 12.34 35.20 -30.92
C LEU G 269 13.40 34.63 -29.98
N ALA G 270 14.39 33.94 -30.54
CA ALA G 270 15.56 33.48 -29.83
C ALA G 270 16.69 34.53 -29.88
N THR G 271 17.40 34.70 -28.77
CA THR G 271 18.61 35.52 -28.67
C THR G 271 19.65 34.76 -27.85
N TYR G 272 20.89 34.67 -28.34
CA TYR G 272 21.94 33.90 -27.68
C TYR G 272 23.14 34.78 -27.35
N ALA G 273 23.64 34.64 -26.13
CA ALA G 273 24.86 35.30 -25.69
C ALA G 273 25.62 34.42 -24.67
N PRO G 274 26.96 34.50 -24.64
CA PRO G 274 27.80 35.29 -25.53
C PRO G 274 28.26 34.48 -26.76
N VAL G 275 28.42 35.17 -27.89
CA VAL G 275 29.06 34.62 -29.09
C VAL G 275 30.45 35.23 -29.19
N ILE G 276 31.49 34.44 -28.93
CA ILE G 276 32.88 34.90 -28.90
C ILE G 276 33.73 33.96 -29.76
N SER G 277 34.61 34.54 -30.59
CA SER G 277 35.59 33.78 -31.38
C SER G 277 36.55 32.97 -30.50
N ALA G 278 36.91 31.77 -30.93
CA ALA G 278 37.87 30.89 -30.28
C ALA G 278 39.24 31.57 -30.03
N GLU G 279 39.66 32.51 -30.89
CA GLU G 279 40.91 33.27 -30.69
C GLU G 279 40.86 34.18 -29.46
N LYS G 280 39.66 34.63 -29.07
CA LYS G 280 39.40 35.47 -27.90
C LYS G 280 39.04 34.63 -26.66
N ALA G 281 39.24 33.30 -26.67
CA ALA G 281 38.87 32.43 -25.56
C ALA G 281 39.58 32.76 -24.22
N TYR G 282 40.78 33.34 -24.27
CA TYR G 282 41.55 33.73 -23.09
C TYR G 282 41.21 35.13 -22.55
N HIS G 283 40.27 35.85 -23.17
CA HIS G 283 39.82 37.14 -22.66
C HIS G 283 39.00 37.01 -21.37
N GLU G 284 38.74 38.16 -20.76
CA GLU G 284 37.95 38.27 -19.54
C GLU G 284 36.56 37.65 -19.73
N GLN G 285 36.18 36.78 -18.79
CA GLN G 285 34.88 36.11 -18.82
C GLN G 285 33.77 37.12 -18.51
N LEU G 286 32.74 37.11 -19.34
CA LEU G 286 31.61 38.02 -19.16
C LEU G 286 30.82 37.67 -17.90
N SER G 287 30.38 38.69 -17.18
CA SER G 287 29.52 38.58 -16.01
C SER G 287 28.10 38.19 -16.40
N VAL G 288 27.33 37.67 -15.44
CA VAL G 288 25.90 37.38 -15.61
C VAL G 288 25.15 38.63 -16.10
N ALA G 289 25.45 39.80 -15.54
CA ALA G 289 24.79 41.05 -15.92
C ALA G 289 25.09 41.45 -17.38
N GLU G 290 26.33 41.26 -17.85
CA GLU G 290 26.70 41.59 -19.23
C GLU G 290 26.03 40.66 -20.25
N ILE G 291 26.02 39.35 -20.00
CA ILE G 291 25.37 38.40 -20.92
C ILE G 291 23.85 38.58 -20.93
N THR G 292 23.21 38.88 -19.79
CA THR G 292 21.76 39.15 -19.77
C THR G 292 21.45 40.43 -20.52
N ASN G 293 22.28 41.47 -20.39
CA ASN G 293 22.08 42.73 -21.12
C ASN G 293 22.27 42.56 -22.63
N ALA G 294 23.15 41.64 -23.06
CA ALA G 294 23.35 41.29 -24.46
C ALA G 294 22.13 40.59 -25.09
N CYS G 295 21.25 39.97 -24.31
CA CYS G 295 19.98 39.41 -24.81
C CYS G 295 18.98 40.46 -25.29
N PHE G 296 19.12 41.72 -24.86
CA PHE G 296 18.23 42.82 -25.27
C PHE G 296 18.88 43.73 -26.31
N GLU G 297 19.92 43.25 -26.99
CA GLU G 297 20.56 43.94 -28.10
C GLU G 297 20.16 43.28 -29.43
N PRO G 298 19.52 44.02 -30.36
CA PRO G 298 19.08 43.45 -31.63
C PRO G 298 20.17 42.80 -32.48
N ALA G 299 21.42 43.22 -32.27
CA ALA G 299 22.59 42.67 -32.94
C ALA G 299 22.86 41.18 -32.62
N ASN G 300 22.28 40.61 -31.55
CA ASN G 300 22.47 39.22 -31.11
C ASN G 300 21.24 38.33 -31.34
N GLN G 301 20.18 38.87 -31.94
CA GLN G 301 18.93 38.14 -32.20
C GLN G 301 19.09 37.12 -33.33
N MET G 302 18.25 36.09 -33.32
CA MET G 302 18.20 35.07 -34.38
C MET G 302 17.28 35.41 -35.53
N VAL G 303 16.42 36.42 -35.38
CA VAL G 303 15.62 37.00 -36.46
C VAL G 303 15.88 38.50 -36.48
N LYS G 304 16.15 39.06 -37.67
CA LYS G 304 16.33 40.50 -37.81
C LYS G 304 14.99 41.21 -37.64
N CYS G 305 14.78 41.78 -36.46
CA CYS G 305 13.69 42.70 -36.15
C CYS G 305 14.13 43.57 -34.95
N ASP G 306 13.35 44.59 -34.62
CA ASP G 306 13.59 45.41 -33.43
C ASP G 306 12.46 45.30 -32.40
N PRO G 307 12.64 44.52 -31.32
CA PRO G 307 11.66 44.40 -30.25
C PRO G 307 11.26 45.71 -29.58
N ARG G 308 11.99 46.81 -29.80
CA ARG G 308 11.62 48.14 -29.31
C ARG G 308 10.44 48.74 -30.07
N HIS G 309 10.12 48.24 -31.27
CA HIS G 309 8.94 48.64 -32.05
C HIS G 309 7.69 47.80 -31.72
N GLY G 310 7.80 46.81 -30.83
CA GLY G 310 6.70 45.94 -30.45
C GLY G 310 6.58 45.74 -28.95
N LYS G 311 5.81 44.72 -28.57
CA LYS G 311 5.60 44.35 -27.17
C LYS G 311 5.98 42.90 -26.92
N TYR G 312 6.36 42.61 -25.68
CA TYR G 312 6.61 41.28 -25.19
C TYR G 312 5.32 40.68 -24.61
N MET G 313 4.95 39.50 -25.09
CA MET G 313 3.89 38.69 -24.51
C MET G 313 4.45 37.69 -23.49
N ALA G 314 5.64 37.15 -23.75
CA ALA G 314 6.32 36.20 -22.87
C ALA G 314 7.83 36.37 -22.96
N CYS G 315 8.54 36.08 -21.87
CA CYS G 315 9.99 36.10 -21.86
C CYS G 315 10.56 35.04 -20.91
N CYS G 316 11.38 34.15 -21.46
CA CYS G 316 12.10 33.09 -20.78
C CYS G 316 13.61 33.32 -20.93
N LEU G 317 14.35 33.23 -19.83
CA LEU G 317 15.82 33.29 -19.81
C LEU G 317 16.36 31.92 -19.37
N LEU G 318 17.04 31.24 -20.28
CA LEU G 318 17.66 29.93 -20.07
C LEU G 318 19.17 30.10 -19.94
N TYR G 319 19.67 30.02 -18.71
CA TYR G 319 21.10 30.09 -18.40
C TYR G 319 21.74 28.71 -18.38
N ARG G 320 23.00 28.64 -18.80
CA ARG G 320 23.84 27.44 -18.72
C ARG G 320 25.19 27.75 -18.07
N GLY G 321 25.69 26.84 -17.23
CA GLY G 321 27.00 26.91 -16.60
C GLY G 321 27.02 27.60 -15.23
N ASP G 322 28.09 28.35 -14.95
CA ASP G 322 28.31 28.99 -13.65
C ASP G 322 27.45 30.25 -13.47
N VAL G 323 26.21 30.04 -13.06
CA VAL G 323 25.23 31.11 -12.84
C VAL G 323 24.48 30.87 -11.53
N VAL G 324 24.43 31.89 -10.68
CA VAL G 324 23.66 31.87 -9.43
C VAL G 324 22.37 32.68 -9.55
N PRO G 325 21.23 32.21 -8.99
CA PRO G 325 19.94 32.92 -9.09
C PRO G 325 19.96 34.37 -8.59
N LYS G 326 20.80 34.66 -7.58
CA LYS G 326 20.94 36.00 -7.01
C LYS G 326 21.43 37.01 -8.05
N ASP G 327 22.41 36.63 -8.86
CA ASP G 327 23.01 37.51 -9.85
C ASP G 327 22.08 37.70 -11.05
N VAL G 328 21.33 36.65 -11.42
CA VAL G 328 20.27 36.73 -12.44
C VAL G 328 19.19 37.73 -12.04
N ASN G 329 18.68 37.66 -10.80
CA ASN G 329 17.66 38.60 -10.31
C ASN G 329 18.18 40.05 -10.27
N ALA G 330 19.43 40.25 -9.88
CA ALA G 330 20.06 41.57 -9.90
C ALA G 330 20.23 42.13 -11.32
N ALA G 331 20.61 41.28 -12.28
CA ALA G 331 20.71 41.63 -13.70
C ALA G 331 19.35 42.03 -14.27
N ILE G 332 18.30 41.23 -14.04
CA ILE G 332 16.93 41.51 -14.50
C ILE G 332 16.42 42.84 -13.94
N ALA G 333 16.65 43.12 -12.65
CA ALA G 333 16.23 44.40 -12.04
C ALA G 333 16.92 45.61 -12.68
N THR G 334 18.21 45.48 -13.01
CA THR G 334 18.97 46.53 -13.69
C THR G 334 18.48 46.72 -15.14
N ILE G 335 18.09 45.65 -15.81
CA ILE G 335 17.58 45.70 -17.19
C ILE G 335 16.20 46.35 -17.24
N LYS G 336 15.28 45.96 -16.33
CA LYS G 336 13.94 46.56 -16.22
C LYS G 336 13.97 48.08 -15.99
N THR G 337 15.02 48.60 -15.36
CA THR G 337 15.16 50.03 -15.09
C THR G 337 15.84 50.82 -16.20
N LYS G 338 16.65 50.16 -17.04
CA LYS G 338 17.48 50.83 -18.06
C LYS G 338 16.97 50.65 -19.48
N ARG G 339 16.21 49.59 -19.77
CA ARG G 339 15.80 49.23 -21.12
C ARG G 339 14.32 49.51 -21.33
N THR G 340 13.99 49.89 -22.56
CA THR G 340 12.62 49.92 -23.06
C THR G 340 12.15 48.48 -23.26
N ILE G 341 11.52 47.91 -22.23
CA ILE G 341 10.90 46.59 -22.30
C ILE G 341 9.42 46.81 -22.02
N GLN G 342 8.64 46.91 -23.08
CA GLN G 342 7.19 47.02 -22.99
C GLN G 342 6.59 45.63 -23.10
N PHE G 343 5.94 45.17 -22.04
CA PHE G 343 5.09 44.00 -22.10
C PHE G 343 3.67 44.43 -22.47
N VAL G 344 2.90 43.52 -23.04
CA VAL G 344 1.44 43.71 -23.22
C VAL G 344 0.74 43.81 -21.86
N ASP G 345 -0.34 44.59 -21.79
CA ASP G 345 -0.99 44.95 -20.51
C ASP G 345 -1.60 43.75 -19.77
N TRP G 346 -2.12 42.77 -20.51
CA TRP G 346 -2.81 41.61 -19.96
C TRP G 346 -1.87 40.49 -19.51
N CYS G 347 -0.58 40.56 -19.84
CA CYS G 347 0.39 39.53 -19.46
C CYS G 347 1.29 40.04 -18.32
N PRO G 348 1.56 39.23 -17.28
CA PRO G 348 2.44 39.66 -16.21
C PRO G 348 3.83 40.00 -16.78
N THR G 349 4.41 41.11 -16.31
CA THR G 349 5.80 41.56 -16.57
C THR G 349 6.82 40.64 -15.88
N GLY G 350 6.67 39.33 -16.09
CA GLY G 350 7.41 38.25 -15.46
C GLY G 350 8.39 37.60 -16.43
N PHE G 351 9.64 37.45 -15.98
CA PHE G 351 10.63 36.62 -16.64
C PHE G 351 10.58 35.23 -16.02
N LYS G 352 10.43 34.19 -16.84
CA LYS G 352 10.67 32.80 -16.41
C LYS G 352 12.17 32.54 -16.52
N VAL G 353 12.79 31.98 -15.49
CA VAL G 353 14.24 31.76 -15.46
C VAL G 353 14.51 30.28 -15.27
N GLY G 354 15.25 29.69 -16.20
CA GLY G 354 15.83 28.35 -16.10
C GLY G 354 17.34 28.46 -15.92
N ILE G 355 17.91 27.68 -15.02
CA ILE G 355 19.37 27.57 -14.84
C ILE G 355 19.72 26.09 -14.91
N ASN G 356 20.56 25.73 -15.87
CA ASN G 356 21.20 24.43 -15.96
C ASN G 356 22.68 24.61 -15.63
N TYR G 357 23.19 23.85 -14.66
CA TYR G 357 24.58 24.00 -14.21
C TYR G 357 25.60 23.38 -15.16
N GLU G 358 25.15 22.57 -16.13
CA GLU G 358 26.03 22.01 -17.15
C GLU G 358 26.54 23.12 -18.08
N PRO G 359 27.86 23.40 -18.12
CA PRO G 359 28.41 24.46 -18.93
C PRO G 359 28.21 24.20 -20.42
N PRO G 360 28.15 25.25 -21.26
CA PRO G 360 28.13 25.08 -22.70
C PRO G 360 29.38 24.35 -23.19
N THR G 361 29.19 23.32 -24.01
CA THR G 361 30.28 22.65 -24.73
C THR G 361 30.39 23.25 -26.13
N VAL G 362 31.60 23.29 -26.68
CA VAL G 362 31.85 23.73 -28.06
C VAL G 362 32.54 22.62 -28.84
N VAL G 363 32.30 22.55 -30.14
CA VAL G 363 32.95 21.57 -31.02
C VAL G 363 34.46 21.86 -31.08
N PRO G 364 35.33 20.88 -30.82
CA PRO G 364 36.77 21.05 -30.95
C PRO G 364 37.17 21.50 -32.35
N GLY G 365 37.98 22.56 -32.47
CA GLY G 365 38.34 23.14 -33.76
C GLY G 365 37.21 23.95 -34.43
N GLY G 366 36.12 24.23 -33.71
CA GLY G 366 35.10 25.18 -34.13
C GLY G 366 35.52 26.64 -33.95
N ASP G 367 34.67 27.54 -34.44
CA ASP G 367 34.91 28.99 -34.45
C ASP G 367 34.57 29.65 -33.11
N LEU G 368 33.80 28.97 -32.25
CA LEU G 368 33.30 29.46 -30.97
C LEU G 368 34.25 29.14 -29.81
N ALA G 369 34.48 30.11 -28.93
CA ALA G 369 35.24 29.92 -27.71
C ALA G 369 34.46 29.11 -26.66
N LYS G 370 35.18 28.37 -25.81
CA LYS G 370 34.60 27.81 -24.60
C LYS G 370 34.30 28.93 -23.60
N VAL G 371 33.06 29.02 -23.15
CA VAL G 371 32.57 30.03 -22.21
C VAL G 371 32.15 29.36 -20.90
N GLN G 372 32.28 30.07 -19.77
CA GLN G 372 31.88 29.52 -18.45
C GLN G 372 30.37 29.57 -18.22
N ARG G 373 29.71 30.53 -18.86
CA ARG G 373 28.28 30.77 -18.75
C ARG G 373 27.74 31.31 -20.07
N ALA G 374 26.52 30.88 -20.41
CA ALA G 374 25.76 31.40 -21.53
C ALA G 374 24.30 31.58 -21.15
N VAL G 375 23.56 32.33 -21.97
CA VAL G 375 22.14 32.57 -21.82
C VAL G 375 21.48 32.53 -23.20
N CYS G 376 20.35 31.83 -23.27
CA CYS G 376 19.41 31.87 -24.40
C CYS G 376 18.13 32.53 -23.89
N MET G 377 17.77 33.67 -24.47
CA MET G 377 16.49 34.33 -24.21
C MET G 377 15.50 33.90 -25.30
N LEU G 378 14.36 33.36 -24.87
CA LEU G 378 13.22 33.06 -25.73
C LEU G 378 12.11 34.04 -25.37
N SER G 379 11.76 34.91 -26.30
CA SER G 379 10.75 35.93 -26.08
C SER G 379 9.72 35.92 -27.18
N ASN G 380 8.44 35.80 -26.83
CA ASN G 380 7.37 36.00 -27.78
C ASN G 380 7.07 37.50 -27.86
N THR G 381 7.41 38.13 -28.97
CA THR G 381 7.26 39.57 -29.19
C THR G 381 6.55 39.83 -30.51
N THR G 382 5.70 40.86 -30.54
CA THR G 382 4.98 41.26 -31.76
C THR G 382 5.92 41.82 -32.84
N ALA G 383 7.12 42.27 -32.48
CA ALA G 383 8.12 42.76 -33.43
C ALA G 383 8.61 41.68 -34.41
N ILE G 384 8.38 40.39 -34.13
CA ILE G 384 8.72 39.32 -35.09
C ILE G 384 7.88 39.42 -36.37
N ALA G 385 6.73 40.11 -36.34
CA ALA G 385 5.91 40.39 -37.52
C ALA G 385 6.65 41.20 -38.59
N GLU G 386 7.71 41.96 -38.24
CA GLU G 386 8.57 42.63 -39.23
C GLU G 386 9.22 41.63 -40.21
N ALA G 387 9.43 40.37 -39.81
CA ALA G 387 9.96 39.34 -40.69
C ALA G 387 8.90 38.80 -41.66
N TRP G 388 7.63 38.72 -41.22
CA TRP G 388 6.49 38.33 -42.07
C TRP G 388 6.22 39.40 -43.12
N ALA G 389 6.12 40.67 -42.72
CA ALA G 389 5.93 41.79 -43.65
C ALA G 389 6.99 41.86 -44.77
N ARG G 390 8.25 41.55 -44.45
CA ARG G 390 9.32 41.48 -45.47
C ARG G 390 9.14 40.34 -46.46
N LEU G 391 8.59 39.21 -46.02
CA LEU G 391 8.34 38.04 -46.84
C LEU G 391 7.11 38.26 -47.71
N ASP G 392 6.03 38.76 -47.12
CA ASP G 392 4.77 39.13 -47.77
C ASP G 392 4.99 40.18 -48.86
N HIS G 393 5.79 41.22 -48.59
CA HIS G 393 6.11 42.21 -49.62
C HIS G 393 6.80 41.61 -50.86
N LYS G 394 7.74 40.66 -50.66
CA LYS G 394 8.42 39.98 -51.77
C LYS G 394 7.47 39.03 -52.52
N PHE G 395 6.60 38.35 -51.78
CA PHE G 395 5.55 37.51 -52.34
C PHE G 395 4.64 38.35 -53.25
N ASP G 396 4.12 39.47 -52.73
CA ASP G 396 3.17 40.33 -53.42
C ASP G 396 3.75 40.90 -54.72
N LEU G 397 5.00 41.37 -54.69
CA LEU G 397 5.68 41.89 -55.89
C LEU G 397 5.72 40.87 -57.04
N MET G 398 6.10 39.62 -56.76
CA MET G 398 6.16 38.57 -57.78
C MET G 398 4.77 38.09 -58.18
N TYR G 399 3.89 37.90 -57.19
CA TYR G 399 2.54 37.36 -57.41
C TYR G 399 1.64 38.32 -58.16
N ALA G 400 1.79 39.63 -57.97
CA ALA G 400 1.08 40.64 -58.75
C ALA G 400 1.25 40.47 -60.27
N LYS G 401 2.39 39.93 -60.72
CA LYS G 401 2.66 39.63 -62.13
C LYS G 401 2.55 38.13 -62.46
N ARG G 402 2.16 37.27 -61.50
CA ARG G 402 2.15 35.80 -61.59
C ARG G 402 3.50 35.20 -62.02
N ALA G 403 4.59 35.86 -61.64
CA ALA G 403 5.93 35.39 -61.97
C ALA G 403 6.19 34.04 -61.26
N PHE G 404 6.74 33.06 -61.98
CA PHE G 404 7.08 31.70 -61.51
C PHE G 404 5.90 30.80 -61.08
N VAL G 405 4.67 31.31 -61.01
CA VAL G 405 3.48 30.54 -60.57
C VAL G 405 3.26 29.29 -61.43
N HIS G 406 3.54 29.36 -62.74
CA HIS G 406 3.39 28.24 -63.66
C HIS G 406 4.20 26.99 -63.28
N TRP G 407 5.32 27.13 -62.55
CA TRP G 407 6.09 25.99 -62.04
C TRP G 407 5.34 25.19 -60.98
N TYR G 408 4.50 25.86 -60.18
CA TYR G 408 3.71 25.23 -59.13
C TYR G 408 2.44 24.61 -59.71
N VAL G 409 1.78 25.34 -60.61
CA VAL G 409 0.60 24.84 -61.36
C VAL G 409 0.96 23.64 -62.22
N GLY G 410 2.17 23.61 -62.80
CA GLY G 410 2.68 22.46 -63.55
C GLY G 410 2.85 21.18 -62.72
N GLU G 411 2.97 21.29 -61.39
CA GLU G 411 3.00 20.16 -60.46
C GLU G 411 1.61 19.78 -59.93
N GLY G 412 0.56 20.45 -60.42
CA GLY G 412 -0.84 20.19 -60.05
C GLY G 412 -1.37 21.00 -58.87
N MET G 413 -0.63 22.02 -58.40
CA MET G 413 -1.11 22.94 -57.37
C MET G 413 -2.09 23.96 -57.98
N GLU G 414 -3.15 24.31 -57.25
CA GLU G 414 -4.08 25.31 -57.74
C GLU G 414 -3.54 26.73 -57.51
N GLU G 415 -3.81 27.65 -58.43
CA GLU G 415 -3.41 29.06 -58.26
C GLU G 415 -4.11 29.68 -57.03
N GLY G 416 -5.31 29.20 -56.68
CA GLY G 416 -6.04 29.64 -55.50
C GLY G 416 -5.30 29.40 -54.18
N GLU G 417 -4.45 28.36 -54.09
CA GLU G 417 -3.67 28.07 -52.88
C GLU G 417 -2.67 29.19 -52.55
N PHE G 418 -2.18 29.91 -53.56
CA PHE G 418 -1.33 31.08 -53.32
C PHE G 418 -2.10 32.21 -52.65
N SER G 419 -3.31 32.49 -53.15
CA SER G 419 -4.17 33.53 -52.59
C SER G 419 -4.62 33.16 -51.17
N GLU G 420 -5.03 31.91 -50.95
CA GLU G 420 -5.41 31.41 -49.62
C GLU G 420 -4.26 31.52 -48.61
N ALA G 421 -3.06 31.07 -49.00
CA ALA G 421 -1.88 31.18 -48.14
C ALA G 421 -1.52 32.63 -47.82
N ARG G 422 -1.64 33.53 -48.81
CA ARG G 422 -1.35 34.95 -48.61
C ARG G 422 -2.39 35.64 -47.73
N GLU G 423 -3.67 35.28 -47.86
CA GLU G 423 -4.76 35.77 -47.00
C GLU G 423 -4.57 35.34 -45.55
N ASP G 424 -4.14 34.10 -45.30
CA ASP G 424 -3.85 33.60 -43.95
C ASP G 424 -2.66 34.32 -43.32
N MET G 425 -1.64 34.65 -44.12
CA MET G 425 -0.50 35.47 -43.67
C MET G 425 -0.93 36.91 -43.35
N ALA G 426 -1.82 37.51 -44.14
CA ALA G 426 -2.39 38.82 -43.83
C ALA G 426 -3.19 38.80 -42.51
N ALA G 427 -3.93 37.71 -42.25
CA ALA G 427 -4.62 37.51 -40.98
C ALA G 427 -3.63 37.38 -39.81
N LEU G 428 -2.51 36.66 -40.00
CA LEU G 428 -1.45 36.54 -38.99
C LEU G 428 -0.79 37.90 -38.67
N GLU G 429 -0.47 38.70 -39.69
CA GLU G 429 0.06 40.05 -39.49
C GLU G 429 -0.90 40.92 -38.66
N LYS G 430 -2.20 40.84 -38.98
CA LYS G 430 -3.25 41.56 -38.24
C LYS G 430 -3.39 41.06 -36.80
N ASP G 431 -3.31 39.76 -36.54
CA ASP G 431 -3.31 39.21 -35.18
C ASP G 431 -2.15 39.79 -34.35
N TYR G 432 -0.97 39.92 -34.94
CA TYR G 432 0.19 40.51 -34.28
C TYR G 432 0.04 42.01 -34.03
N GLU G 433 -0.56 42.75 -34.97
CA GLU G 433 -0.86 44.17 -34.81
C GLU G 433 -1.88 44.40 -33.69
N GLU G 434 -2.98 43.65 -33.67
CA GLU G 434 -4.03 43.75 -32.65
C GLU G 434 -3.51 43.47 -31.23
N VAL G 435 -2.54 42.56 -31.09
CA VAL G 435 -1.90 42.29 -29.80
C VAL G 435 -0.87 43.37 -29.42
N GLY G 436 -0.26 44.02 -30.41
CA GLY G 436 0.81 45.01 -30.20
C GLY G 436 0.32 46.43 -29.93
N MET H 1 -10.37 10.51 61.96
CA MET H 1 -9.48 11.45 61.26
C MET H 1 -10.32 12.32 60.35
N ARG H 2 -9.69 13.35 59.78
CA ARG H 2 -10.37 14.46 59.14
C ARG H 2 -9.65 14.72 57.82
N GLU H 3 -9.73 13.78 56.88
CA GLU H 3 -8.90 13.75 55.67
C GLU H 3 -9.31 14.80 54.62
N CYS H 4 -8.36 15.31 53.84
CA CYS H 4 -8.59 16.22 52.72
C CYS H 4 -7.95 15.66 51.45
N ILE H 5 -8.67 15.72 50.32
CA ILE H 5 -8.14 15.31 49.02
C ILE H 5 -7.78 16.56 48.22
N SER H 6 -6.53 16.66 47.77
CA SER H 6 -6.10 17.74 46.87
C SER H 6 -6.23 17.32 45.41
N ILE H 7 -6.81 18.16 44.57
CA ILE H 7 -6.96 17.90 43.14
C ILE H 7 -6.26 19.02 42.37
N HIS H 8 -5.33 18.67 41.49
CA HIS H 8 -4.50 19.59 40.73
C HIS H 8 -4.87 19.48 39.26
N VAL H 9 -5.44 20.54 38.68
CA VAL H 9 -6.04 20.52 37.34
C VAL H 9 -5.30 21.44 36.37
N GLY H 10 -4.87 20.86 35.25
CA GLY H 10 -4.14 21.54 34.18
C GLY H 10 -2.72 21.95 34.56
N GLN H 11 -1.96 22.48 33.61
CA GLN H 11 -0.56 22.87 33.79
C GLN H 11 -0.32 23.70 35.08
N ALA H 12 -1.08 24.78 35.30
CA ALA H 12 -0.88 25.64 36.45
C ALA H 12 -1.17 24.91 37.78
N GLY H 13 -2.30 24.20 37.85
CA GLY H 13 -2.68 23.41 39.02
C GLY H 13 -1.63 22.34 39.34
N VAL H 14 -1.18 21.59 38.34
CA VAL H 14 -0.16 20.55 38.48
C VAL H 14 1.19 21.13 38.95
N GLN H 15 1.65 22.22 38.35
CA GLN H 15 2.94 22.82 38.71
C GLN H 15 2.93 23.45 40.12
N ILE H 16 1.84 24.10 40.50
CA ILE H 16 1.65 24.62 41.87
C ILE H 16 1.57 23.44 42.85
N GLY H 17 0.78 22.42 42.52
CA GLY H 17 0.68 21.20 43.31
C GLY H 17 2.03 20.56 43.57
N ASN H 18 2.85 20.40 42.54
CA ASN H 18 4.18 19.82 42.66
C ASN H 18 5.06 20.62 43.63
N ALA H 19 5.03 21.95 43.57
CA ALA H 19 5.75 22.82 44.51
C ALA H 19 5.20 22.74 45.95
N CYS H 20 3.87 22.67 46.12
CA CYS H 20 3.24 22.52 47.43
C CYS H 20 3.60 21.18 48.10
N TRP H 21 3.54 20.07 47.36
CA TRP H 21 3.85 18.75 47.91
C TRP H 21 5.32 18.58 48.24
N GLU H 22 6.24 19.16 47.46
CA GLU H 22 7.66 19.26 47.83
C GLU H 22 7.80 19.94 49.21
N LEU H 23 7.14 21.09 49.39
CA LEU H 23 7.20 21.84 50.63
C LEU H 23 6.57 21.07 51.81
N TYR H 24 5.44 20.39 51.61
CA TYR H 24 4.81 19.56 52.64
C TYR H 24 5.70 18.41 53.07
N CYS H 25 6.36 17.73 52.14
CA CYS H 25 7.32 16.68 52.47
C CYS H 25 8.47 17.21 53.33
N LEU H 26 9.01 18.39 52.98
CA LEU H 26 10.07 19.02 53.77
C LEU H 26 9.61 19.41 55.18
N GLU H 27 8.41 19.96 55.31
CA GLU H 27 7.84 20.36 56.61
C GLU H 27 7.53 19.18 57.52
N HIS H 28 7.07 18.05 56.98
CA HIS H 28 6.78 16.85 57.76
C HIS H 28 7.97 15.86 57.86
N GLY H 29 9.11 16.16 57.23
CA GLY H 29 10.29 15.28 57.25
C GLY H 29 10.12 13.98 56.43
N ILE H 30 9.24 14.01 55.43
CA ILE H 30 9.03 12.90 54.49
C ILE H 30 10.05 13.00 53.35
N GLN H 31 10.72 11.90 53.05
CA GLN H 31 11.69 11.82 51.96
C GLN H 31 11.00 11.70 50.58
N PRO H 32 11.70 11.97 49.47
CA PRO H 32 11.10 11.87 48.12
C PRO H 32 10.59 10.46 47.72
N ASP H 33 11.01 9.41 48.43
CA ASP H 33 10.52 8.03 48.27
C ASP H 33 9.26 7.74 49.12
N GLY H 34 8.83 8.70 49.94
CA GLY H 34 7.70 8.61 50.87
C GLY H 34 8.04 8.03 52.24
N GLN H 35 9.30 7.74 52.55
CA GLN H 35 9.71 7.25 53.87
C GLN H 35 9.83 8.39 54.89
N MET H 36 9.49 8.14 56.15
CA MET H 36 9.59 9.10 57.25
C MET H 36 10.46 8.52 58.40
N PRO H 37 11.79 8.74 58.41
CA PRO H 37 12.70 8.05 59.33
C PRO H 37 12.58 8.48 60.80
N SER H 38 12.11 9.69 61.09
CA SER H 38 11.85 10.14 62.47
C SER H 38 10.59 9.52 63.06
N ASP H 39 9.74 8.92 62.22
CA ASP H 39 8.49 8.34 62.68
C ASP H 39 8.76 7.01 63.38
N LYS H 40 9.15 7.10 64.65
CA LYS H 40 9.26 5.95 65.55
C LYS H 40 7.92 5.33 65.84
N THR H 41 6.86 6.13 65.76
CA THR H 41 5.51 5.63 65.86
C THR H 41 5.22 4.87 64.57
N ILE H 42 5.46 3.56 64.59
CA ILE H 42 4.91 2.67 63.56
C ILE H 42 3.37 2.80 63.49
N GLY H 43 2.72 3.31 64.56
CA GLY H 43 1.28 3.60 64.66
C GLY H 43 0.96 5.08 64.88
N GLY H 44 -0.18 5.41 65.48
CA GLY H 44 -0.71 6.80 65.55
C GLY H 44 0.06 7.77 66.45
N GLY H 45 1.12 8.39 65.93
CA GLY H 45 1.76 9.56 66.51
C GLY H 45 0.90 10.81 66.39
N ASP H 46 1.51 11.99 66.18
CA ASP H 46 0.77 13.22 65.86
C ASP H 46 0.08 13.05 64.49
N ASP H 47 -1.12 12.49 64.54
CA ASP H 47 -1.96 12.02 63.44
C ASP H 47 -2.43 13.15 62.49
N SER H 48 -2.05 14.39 62.76
CA SER H 48 -2.47 15.59 62.04
C SER H 48 -2.06 15.58 60.57
N PHE H 49 -0.86 15.06 60.25
CA PHE H 49 -0.40 14.99 58.86
C PHE H 49 -1.12 13.90 58.04
N ASN H 50 -1.77 12.92 58.70
CA ASN H 50 -2.62 11.92 58.03
C ASN H 50 -3.87 12.53 57.38
N THR H 51 -4.14 13.82 57.65
CA THR H 51 -5.11 14.63 56.91
C THR H 51 -4.75 14.72 55.42
N PHE H 52 -3.46 14.87 55.09
CA PHE H 52 -2.98 15.04 53.71
C PHE H 52 -2.21 13.83 53.16
N PHE H 53 -1.75 12.93 54.03
CA PHE H 53 -1.03 11.72 53.64
C PHE H 53 -1.81 10.46 54.06
N SER H 54 -1.64 9.39 53.28
CA SER H 54 -2.06 8.05 53.65
C SER H 54 -0.84 7.17 53.83
N GLU H 55 -0.72 6.53 54.98
CA GLU H 55 0.29 5.52 55.20
C GLU H 55 -0.10 4.22 54.48
N THR H 56 0.82 3.72 53.67
CA THR H 56 0.70 2.39 53.04
C THR H 56 1.32 1.33 53.94
N GLY H 57 0.95 0.06 53.77
CA GLY H 57 1.49 -1.04 54.59
C GLY H 57 3.01 -1.26 54.52
N ALA H 58 3.72 -0.58 53.62
CA ALA H 58 5.19 -0.59 53.52
C ALA H 58 5.87 0.58 54.28
N GLY H 59 5.13 1.34 55.10
CA GLY H 59 5.64 2.53 55.81
C GLY H 59 5.86 3.74 54.90
N LYS H 60 5.34 3.69 53.67
CA LYS H 60 5.42 4.79 52.71
C LYS H 60 4.20 5.68 52.86
N HIS H 61 4.44 6.98 53.05
CA HIS H 61 3.45 8.03 53.09
C HIS H 61 3.18 8.54 51.67
N VAL H 62 1.95 8.37 51.21
CA VAL H 62 1.51 8.80 49.88
C VAL H 62 0.54 9.98 50.02
N PRO H 63 0.74 11.09 49.29
CA PRO H 63 -0.20 12.20 49.22
C PRO H 63 -1.62 11.76 48.89
N ARG H 64 -2.63 12.33 49.55
CA ARG H 64 -4.05 12.25 49.16
C ARG H 64 -4.32 13.23 48.02
N ALA H 65 -3.66 13.00 46.89
CA ALA H 65 -3.68 13.90 45.75
C ALA H 65 -4.14 13.20 44.47
N VAL H 66 -4.77 13.95 43.57
CA VAL H 66 -4.98 13.57 42.17
C VAL H 66 -4.46 14.71 41.29
N PHE H 67 -3.67 14.37 40.28
CA PHE H 67 -3.19 15.30 39.26
C PHE H 67 -3.88 14.95 37.94
N VAL H 68 -4.44 15.96 37.29
CA VAL H 68 -5.18 15.82 36.04
C VAL H 68 -4.69 16.87 35.07
N ASP H 69 -4.29 16.44 33.88
CA ASP H 69 -4.09 17.33 32.75
C ASP H 69 -4.57 16.63 31.47
N LEU H 70 -5.04 17.41 30.51
CA LEU H 70 -5.53 16.88 29.24
C LEU H 70 -4.39 16.57 28.27
N GLU H 71 -3.20 17.14 28.50
CA GLU H 71 -1.96 16.72 27.86
C GLU H 71 -0.99 16.02 28.83
N PRO H 72 -0.09 15.15 28.34
CA PRO H 72 0.82 14.42 29.22
C PRO H 72 2.01 15.24 29.72
N THR H 73 2.41 16.29 29.00
CA THR H 73 3.72 16.96 29.16
C THR H 73 4.07 17.31 30.61
N VAL H 74 3.18 18.02 31.31
CA VAL H 74 3.45 18.53 32.67
C VAL H 74 3.42 17.42 33.71
N ILE H 75 2.55 16.43 33.56
CA ILE H 75 2.48 15.28 34.48
C ILE H 75 3.65 14.31 34.25
N ASP H 76 4.16 14.20 33.01
CA ASP H 76 5.37 13.43 32.74
C ASP H 76 6.61 14.01 33.42
N GLU H 77 6.69 15.34 33.58
CA GLU H 77 7.71 15.98 34.43
C GLU H 77 7.56 15.54 35.91
N VAL H 78 6.34 15.41 36.43
CA VAL H 78 6.10 14.88 37.79
C VAL H 78 6.51 13.40 37.89
N ARG H 79 6.19 12.59 36.86
CA ARG H 79 6.55 11.16 36.80
C ARG H 79 8.07 10.92 36.70
N THR H 80 8.83 11.90 36.24
CA THR H 80 10.29 11.78 36.04
C THR H 80 11.12 12.59 37.04
N GLY H 81 10.50 13.54 37.75
CA GLY H 81 11.16 14.43 38.69
C GLY H 81 11.61 13.80 40.02
N THR H 82 12.11 14.65 40.93
CA THR H 82 12.66 14.24 42.24
C THR H 82 11.67 13.42 43.07
N TYR H 83 10.40 13.83 43.07
CA TYR H 83 9.32 13.19 43.84
C TYR H 83 8.55 12.13 43.04
N ARG H 84 9.12 11.59 41.95
CA ARG H 84 8.48 10.56 41.12
C ARG H 84 8.00 9.33 41.88
N GLN H 85 8.68 8.99 42.98
CA GLN H 85 8.32 7.84 43.80
C GLN H 85 7.28 8.17 44.86
N LEU H 86 6.99 9.44 45.15
CA LEU H 86 6.06 9.83 46.20
C LEU H 86 4.63 9.42 45.85
N PHE H 87 4.18 9.75 44.64
CA PHE H 87 2.82 9.51 44.17
C PHE H 87 2.62 8.08 43.69
N HIS H 88 1.38 7.58 43.81
CA HIS H 88 0.98 6.34 43.16
C HIS H 88 0.67 6.62 41.67
N PRO H 89 1.06 5.76 40.73
CA PRO H 89 0.83 5.99 39.29
C PRO H 89 -0.64 6.26 38.93
N GLU H 90 -1.58 5.65 39.67
CA GLU H 90 -3.02 5.86 39.46
C GLU H 90 -3.53 7.26 39.80
N GLN H 91 -2.77 8.05 40.56
CA GLN H 91 -3.12 9.42 40.94
C GLN H 91 -2.73 10.45 39.87
N LEU H 92 -1.95 10.04 38.87
CA LEU H 92 -1.42 10.91 37.83
C LEU H 92 -2.15 10.62 36.51
N ILE H 93 -3.20 11.39 36.22
CA ILE H 93 -4.12 11.17 35.12
C ILE H 93 -3.80 12.14 33.98
N THR H 94 -3.57 11.61 32.78
CA THR H 94 -3.23 12.40 31.59
C THR H 94 -4.14 12.04 30.43
N GLY H 95 -4.66 13.06 29.75
CA GLY H 95 -5.26 12.92 28.43
C GLY H 95 -4.21 12.79 27.32
N LYS H 96 -4.66 12.79 26.06
CA LYS H 96 -3.80 12.81 24.87
C LYS H 96 -3.79 14.18 24.18
N GLU H 97 -4.95 14.82 24.09
CA GLU H 97 -5.16 16.09 23.43
C GLU H 97 -5.58 17.14 24.46
N ASP H 98 -5.02 18.35 24.38
CA ASP H 98 -5.36 19.42 25.33
C ASP H 98 -6.63 20.20 24.95
N ALA H 99 -7.02 21.12 25.83
CA ALA H 99 -8.12 22.04 25.60
C ALA H 99 -7.75 23.27 24.75
N ALA H 100 -6.51 23.41 24.28
CA ALA H 100 -6.04 24.50 23.44
C ALA H 100 -6.47 25.93 23.87
N ASN H 101 -6.38 26.24 25.16
CA ASN H 101 -6.81 27.52 25.73
C ASN H 101 -8.30 27.87 25.52
N ASN H 102 -9.17 26.88 25.36
CA ASN H 102 -10.59 27.05 25.17
C ASN H 102 -11.39 26.36 26.29
N TYR H 103 -12.15 27.15 27.06
CA TYR H 103 -13.07 26.65 28.09
C TYR H 103 -14.02 25.58 27.54
N ALA H 104 -14.65 25.83 26.40
CA ALA H 104 -15.65 24.92 25.82
C ALA H 104 -15.04 23.55 25.47
N ARG H 105 -13.82 23.54 24.92
CA ARG H 105 -13.09 22.29 24.63
C ARG H 105 -12.74 21.52 25.91
N GLY H 106 -12.37 22.25 26.98
CA GLY H 106 -12.06 21.68 28.29
C GLY H 106 -13.29 21.18 29.05
N HIS H 107 -14.45 21.79 28.86
CA HIS H 107 -15.70 21.44 29.54
C HIS H 107 -16.52 20.40 28.75
N TYR H 108 -16.86 20.69 27.50
CA TYR H 108 -17.84 19.91 26.71
C TYR H 108 -17.22 18.79 25.88
N THR H 109 -16.09 19.06 25.22
CA THR H 109 -15.49 18.15 24.24
C THR H 109 -14.56 17.14 24.92
N ILE H 110 -13.32 17.55 25.22
CA ILE H 110 -12.28 16.64 25.72
C ILE H 110 -12.51 16.31 27.21
N GLY H 111 -13.02 17.28 27.99
CA GLY H 111 -13.30 17.06 29.42
C GLY H 111 -14.28 15.93 29.68
N LYS H 112 -15.30 15.81 28.83
CA LYS H 112 -16.31 14.76 28.92
C LYS H 112 -15.76 13.35 28.69
N GLU H 113 -14.69 13.22 27.93
CA GLU H 113 -14.05 11.91 27.68
C GLU H 113 -13.25 11.41 28.89
N ILE H 114 -12.72 12.31 29.72
CA ILE H 114 -11.83 11.95 30.84
C ILE H 114 -12.49 12.05 32.23
N ILE H 115 -13.61 12.76 32.36
CA ILE H 115 -14.24 13.07 33.66
C ILE H 115 -14.57 11.83 34.50
N ASP H 116 -15.11 10.76 33.89
CA ASP H 116 -15.49 9.55 34.63
C ASP H 116 -14.28 8.79 35.17
N LEU H 117 -13.15 8.82 34.44
CA LEU H 117 -11.88 8.26 34.93
C LEU H 117 -11.38 9.03 36.14
N VAL H 118 -11.45 10.37 36.10
CA VAL H 118 -11.01 11.24 37.21
C VAL H 118 -11.86 11.00 38.46
N LEU H 119 -13.18 10.94 38.30
CA LEU H 119 -14.11 10.66 39.41
C LEU H 119 -13.88 9.26 40.02
N ASP H 120 -13.58 8.24 39.21
CA ASP H 120 -13.23 6.91 39.74
C ASP H 120 -11.96 6.96 40.60
N ARG H 121 -10.90 7.67 40.17
CA ARG H 121 -9.67 7.80 40.97
C ARG H 121 -9.90 8.60 42.24
N ILE H 122 -10.69 9.67 42.19
CA ILE H 122 -11.08 10.44 43.39
C ILE H 122 -11.86 9.55 44.35
N ARG H 123 -12.78 8.74 43.85
CA ARG H 123 -13.56 7.80 44.67
C ARG H 123 -12.67 6.78 45.37
N LYS H 124 -11.69 6.20 44.67
CA LYS H 124 -10.72 5.29 45.30
C LYS H 124 -9.95 5.93 46.46
N LEU H 125 -9.63 7.22 46.40
CA LEU H 125 -9.00 7.94 47.52
C LEU H 125 -10.01 8.27 48.62
N ALA H 126 -11.24 8.63 48.27
CA ALA H 126 -12.31 8.90 49.22
C ALA H 126 -12.67 7.64 50.04
N ASP H 127 -12.66 6.46 49.41
CA ASP H 127 -12.92 5.17 50.07
C ASP H 127 -11.83 4.79 51.08
N GLN H 128 -10.62 5.34 50.94
CA GLN H 128 -9.51 5.18 51.89
C GLN H 128 -9.57 6.18 53.05
N CYS H 129 -10.52 7.12 53.04
CA CYS H 129 -10.70 8.10 54.09
C CYS H 129 -11.75 7.62 55.10
N THR H 130 -11.45 7.74 56.39
CA THR H 130 -12.40 7.41 57.47
C THR H 130 -13.43 8.51 57.69
N GLY H 131 -13.07 9.76 57.41
CA GLY H 131 -13.87 10.95 57.65
C GLY H 131 -13.46 12.09 56.73
N LEU H 132 -13.57 11.86 55.41
CA LEU H 132 -13.29 12.88 54.38
C LEU H 132 -13.99 14.20 54.73
N GLN H 133 -13.23 15.27 54.89
CA GLN H 133 -13.76 16.62 55.11
C GLN H 133 -14.25 17.23 53.79
N GLY H 134 -13.42 17.16 52.77
CA GLY H 134 -13.59 17.94 51.56
C GLY H 134 -12.43 17.85 50.59
N PHE H 135 -12.47 18.75 49.62
CA PHE H 135 -11.53 18.82 48.51
C PHE H 135 -10.84 20.19 48.46
N SER H 136 -9.57 20.20 48.07
CA SER H 136 -8.84 21.42 47.71
C SER H 136 -8.44 21.35 46.24
N VAL H 137 -9.03 22.18 45.40
CA VAL H 137 -8.85 22.17 43.95
C VAL H 137 -7.92 23.30 43.53
N PHE H 138 -6.88 22.97 42.76
CA PHE H 138 -5.87 23.92 42.27
C PHE H 138 -5.98 24.02 40.76
N HIS H 139 -6.21 25.21 40.22
CA HIS H 139 -6.41 25.42 38.79
C HIS H 139 -6.12 26.87 38.36
N SER H 140 -6.10 27.13 37.05
CA SER H 140 -6.01 28.48 36.48
C SER H 140 -7.34 28.92 35.88
N PHE H 141 -7.69 30.19 36.01
CA PHE H 141 -8.84 30.76 35.30
C PHE H 141 -8.61 30.93 33.80
N GLY H 142 -7.38 31.28 33.37
CA GLY H 142 -7.12 31.62 31.97
C GLY H 142 -6.96 30.42 31.01
N GLY H 143 -6.47 29.27 31.48
CA GLY H 143 -6.17 28.11 30.62
C GLY H 143 -7.38 27.20 30.39
N GLY H 144 -7.48 26.57 29.21
CA GLY H 144 -8.67 25.79 28.82
C GLY H 144 -8.97 24.59 29.72
N THR H 145 -7.95 23.81 30.13
CA THR H 145 -8.13 22.71 31.10
C THR H 145 -8.43 23.26 32.48
N GLY H 146 -7.70 24.29 32.90
CA GLY H 146 -7.85 24.88 34.23
C GLY H 146 -9.23 25.52 34.43
N SER H 147 -9.84 26.06 33.38
CA SER H 147 -11.18 26.63 33.43
C SER H 147 -12.24 25.55 33.18
N GLY H 148 -12.32 25.04 31.94
CA GLY H 148 -13.40 24.18 31.48
C GLY H 148 -13.48 22.82 32.18
N PHE H 149 -12.36 22.14 32.39
CA PHE H 149 -12.40 20.85 33.08
C PHE H 149 -12.68 21.02 34.58
N THR H 150 -12.21 22.11 35.19
CA THR H 150 -12.46 22.37 36.61
C THR H 150 -13.95 22.63 36.87
N SER H 151 -14.63 23.41 36.03
CA SER H 151 -16.07 23.64 36.20
C SER H 151 -16.86 22.33 36.10
N LEU H 152 -16.58 21.50 35.08
CA LEU H 152 -17.19 20.17 34.94
C LEU H 152 -16.90 19.28 36.17
N LEU H 153 -15.67 19.30 36.68
CA LEU H 153 -15.29 18.54 37.85
C LEU H 153 -16.03 19.01 39.11
N MET H 154 -16.12 20.33 39.33
CA MET H 154 -16.76 20.92 40.51
C MET H 154 -18.27 20.63 40.54
N GLU H 155 -18.95 20.67 39.39
CA GLU H 155 -20.34 20.23 39.26
C GLU H 155 -20.50 18.76 39.68
N ARG H 156 -19.69 17.87 39.10
CA ARG H 156 -19.78 16.42 39.37
C ARG H 156 -19.40 16.08 40.82
N LEU H 157 -18.44 16.80 41.41
CA LEU H 157 -18.11 16.67 42.82
C LEU H 157 -19.26 17.12 43.72
N SER H 158 -19.99 18.18 43.37
CA SER H 158 -21.18 18.62 44.10
C SER H 158 -22.30 17.57 44.06
N VAL H 159 -22.43 16.83 42.95
CA VAL H 159 -23.39 15.72 42.84
C VAL H 159 -22.97 14.52 43.70
N ASP H 160 -21.73 14.04 43.54
CA ASP H 160 -21.26 12.82 44.23
C ASP H 160 -20.99 13.05 45.74
N TYR H 161 -20.60 14.27 46.12
CA TYR H 161 -20.13 14.63 47.45
C TYR H 161 -20.79 15.91 48.00
N GLY H 162 -22.08 16.12 47.78
CA GLY H 162 -22.77 17.40 48.07
C GLY H 162 -22.70 17.97 49.50
N LYS H 163 -22.22 17.23 50.51
CA LYS H 163 -22.00 17.75 51.88
C LYS H 163 -20.52 18.02 52.22
N LYS H 164 -19.62 17.76 51.28
CA LYS H 164 -18.18 17.89 51.47
C LYS H 164 -17.75 19.26 50.99
N SER H 165 -16.98 19.97 51.82
CA SER H 165 -16.53 21.30 51.47
C SER H 165 -15.58 21.27 50.28
N LYS H 166 -15.63 22.29 49.43
CA LYS H 166 -14.76 22.44 48.26
C LYS H 166 -14.09 23.81 48.35
N LEU H 167 -12.77 23.77 48.51
CA LEU H 167 -11.93 24.96 48.50
C LEU H 167 -11.19 25.03 47.18
N GLU H 168 -11.07 26.23 46.63
CA GLU H 168 -10.34 26.47 45.39
C GLU H 168 -9.10 27.34 45.63
N PHE H 169 -8.05 27.06 44.89
CA PHE H 169 -6.87 27.90 44.73
C PHE H 169 -6.74 28.23 43.26
N SER H 170 -7.21 29.42 42.89
CA SER H 170 -7.43 29.80 41.49
C SER H 170 -6.42 30.86 41.06
N ILE H 171 -5.71 30.61 39.97
CA ILE H 171 -4.76 31.57 39.41
C ILE H 171 -5.47 32.55 38.48
N TYR H 172 -5.53 33.81 38.91
CA TYR H 172 -6.06 34.93 38.12
C TYR H 172 -5.04 35.34 37.05
N PRO H 173 -5.47 35.51 35.78
CA PRO H 173 -4.56 35.75 34.67
C PRO H 173 -3.96 37.16 34.69
N ALA H 174 -2.69 37.27 34.29
CA ALA H 174 -1.95 38.53 34.23
C ALA H 174 -1.35 38.74 32.83
N PRO H 175 -1.52 39.92 32.20
CA PRO H 175 -1.04 40.20 30.86
C PRO H 175 0.44 39.88 30.60
N GLN H 176 1.29 40.12 31.59
CA GLN H 176 2.74 40.00 31.48
C GLN H 176 3.22 38.55 31.38
N VAL H 177 2.41 37.60 31.86
CA VAL H 177 2.73 36.15 31.90
C VAL H 177 1.66 35.33 31.16
N SER H 178 0.78 36.01 30.42
CA SER H 178 -0.41 35.46 29.77
C SER H 178 -0.07 34.82 28.42
N THR H 179 -0.54 33.59 28.23
CA THR H 179 -0.26 32.81 27.02
C THR H 179 -1.37 32.91 25.98
N ALA H 180 -2.57 33.33 26.39
CA ALA H 180 -3.71 33.44 25.49
C ALA H 180 -4.39 34.81 25.51
N VAL H 181 -5.01 35.17 24.39
CA VAL H 181 -5.81 36.40 24.28
C VAL H 181 -7.18 36.18 24.93
N VAL H 182 -7.71 34.97 24.82
CA VAL H 182 -9.04 34.57 25.32
C VAL H 182 -9.11 34.25 26.82
N GLU H 183 -8.04 34.52 27.59
CA GLU H 183 -8.02 34.29 29.04
C GLU H 183 -9.18 34.97 29.80
N PRO H 184 -9.62 36.20 29.46
CA PRO H 184 -10.79 36.81 30.09
C PRO H 184 -12.07 35.98 29.92
N TYR H 185 -12.34 35.45 28.72
CA TYR H 185 -13.50 34.59 28.47
C TYR H 185 -13.47 33.33 29.32
N ASN H 186 -12.34 32.62 29.30
CA ASN H 186 -12.17 31.41 30.09
C ASN H 186 -12.38 31.67 31.58
N SER H 187 -11.93 32.83 32.07
CA SER H 187 -12.02 33.22 33.47
C SER H 187 -13.46 33.51 33.87
N ILE H 188 -14.20 34.31 33.10
CA ILE H 188 -15.60 34.63 33.38
C ILE H 188 -16.48 33.38 33.31
N LEU H 189 -16.32 32.55 32.26
CA LEU H 189 -17.07 31.31 32.10
C LEU H 189 -16.83 30.35 33.27
N THR H 190 -15.57 30.12 33.67
CA THR H 190 -15.31 29.23 34.80
C THR H 190 -15.79 29.81 36.12
N THR H 191 -15.63 31.11 36.36
CA THR H 191 -16.06 31.71 37.62
C THR H 191 -17.57 31.61 37.78
N HIS H 192 -18.34 31.90 36.72
CA HIS H 192 -19.78 31.71 36.71
C HIS H 192 -20.17 30.27 37.09
N THR H 193 -19.64 29.27 36.38
CA THR H 193 -20.03 27.87 36.61
C THR H 193 -19.53 27.31 37.95
N THR H 194 -18.41 27.79 38.50
CA THR H 194 -17.90 27.31 39.80
C THR H 194 -18.48 28.05 41.01
N LEU H 195 -19.10 29.23 40.82
CA LEU H 195 -19.55 30.10 41.92
C LEU H 195 -20.51 29.40 42.89
N GLU H 196 -21.48 28.63 42.39
CA GLU H 196 -22.44 27.93 43.25
C GLU H 196 -21.90 26.62 43.84
N HIS H 197 -20.73 26.17 43.38
CA HIS H 197 -20.11 24.93 43.81
C HIS H 197 -18.98 25.14 44.81
N SER H 198 -18.32 26.29 44.80
CA SER H 198 -17.24 26.61 45.75
C SER H 198 -17.77 27.07 47.11
N ASP H 199 -17.13 26.66 48.19
CA ASP H 199 -17.42 27.20 49.53
C ASP H 199 -16.48 28.37 49.89
N CYS H 200 -15.27 28.39 49.32
CA CYS H 200 -14.23 29.39 49.54
C CYS H 200 -13.14 29.26 48.47
N ALA H 201 -12.85 30.34 47.76
CA ALA H 201 -11.87 30.37 46.69
C ALA H 201 -10.76 31.40 46.96
N PHE H 202 -9.52 30.94 47.06
CA PHE H 202 -8.34 31.79 47.20
C PHE H 202 -7.81 32.16 45.83
N MET H 203 -8.06 33.40 45.41
CA MET H 203 -7.48 33.93 44.18
C MET H 203 -6.02 34.32 44.37
N VAL H 204 -5.21 34.01 43.36
CA VAL H 204 -3.81 34.41 43.27
C VAL H 204 -3.59 35.08 41.92
N ASP H 205 -3.37 36.38 41.94
CA ASP H 205 -3.05 37.20 40.77
C ASP H 205 -1.58 37.02 40.40
N ASN H 206 -1.34 36.47 39.22
CA ASN H 206 0.01 36.29 38.69
C ASN H 206 0.79 37.62 38.63
N GLU H 207 0.12 38.76 38.43
CA GLU H 207 0.77 40.06 38.40
C GLU H 207 1.30 40.45 39.78
N ALA H 208 0.54 40.14 40.83
CA ALA H 208 0.93 40.40 42.22
C ALA H 208 2.14 39.54 42.61
N ILE H 209 2.11 38.23 42.32
CA ILE H 209 3.22 37.33 42.61
C ILE H 209 4.48 37.74 41.84
N TYR H 210 4.32 38.08 40.55
CA TYR H 210 5.43 38.53 39.71
C TYR H 210 6.09 39.79 40.26
N ASP H 211 5.30 40.77 40.68
CA ASP H 211 5.82 42.00 41.28
C ASP H 211 6.49 41.78 42.64
N ILE H 212 5.96 40.88 43.47
CA ILE H 212 6.59 40.51 44.75
C ILE H 212 7.94 39.84 44.48
N CYS H 213 8.03 38.91 43.54
CA CYS H 213 9.30 38.28 43.17
C CYS H 213 10.32 39.31 42.65
N ARG H 214 9.88 40.29 41.84
CA ARG H 214 10.78 41.36 41.36
C ARG H 214 11.25 42.29 42.47
N ARG H 215 10.34 42.74 43.34
CA ARG H 215 10.63 43.77 44.35
C ARG H 215 11.33 43.23 45.58
N ASN H 216 10.90 42.07 46.07
CA ASN H 216 11.32 41.53 47.37
C ASN H 216 12.43 40.48 47.21
N LEU H 217 12.45 39.74 46.10
CA LEU H 217 13.46 38.73 45.82
C LEU H 217 14.56 39.19 44.85
N ASP H 218 14.46 40.42 44.32
CA ASP H 218 15.42 41.00 43.36
C ASP H 218 15.61 40.13 42.09
N ILE H 219 14.58 39.37 41.69
CA ILE H 219 14.60 38.53 40.49
C ILE H 219 14.13 39.39 39.31
N GLU H 220 15.00 39.73 38.36
CA GLU H 220 14.64 40.64 37.27
C GLU H 220 13.47 40.12 36.39
N ARG H 221 13.46 38.82 36.11
CA ARG H 221 12.41 38.14 35.33
C ARG H 221 12.04 36.79 35.99
N PRO H 222 11.09 36.80 36.93
CA PRO H 222 10.59 35.59 37.56
C PRO H 222 10.08 34.56 36.54
N THR H 223 10.43 33.29 36.75
CA THR H 223 9.87 32.16 36.03
C THR H 223 8.68 31.55 36.80
N TYR H 224 7.89 30.68 36.17
CA TYR H 224 6.84 29.94 36.88
C TYR H 224 7.38 29.17 38.10
N THR H 225 8.62 28.67 38.05
CA THR H 225 9.25 28.02 39.22
C THR H 225 9.40 29.00 40.39
N ASN H 226 9.75 30.26 40.13
CA ASN H 226 9.85 31.28 41.19
C ASN H 226 8.48 31.64 41.74
N LEU H 227 7.48 31.83 40.86
CA LEU H 227 6.11 32.15 41.25
C LEU H 227 5.52 31.00 42.10
N ASN H 228 5.62 29.76 41.61
CA ASN H 228 5.03 28.58 42.27
C ASN H 228 5.66 28.30 43.64
N ARG H 229 6.96 28.59 43.85
CA ARG H 229 7.59 28.50 45.17
C ARG H 229 7.00 29.48 46.17
N LEU H 230 6.72 30.71 45.75
CA LEU H 230 6.07 31.70 46.59
C LEU H 230 4.62 31.29 46.88
N ILE H 231 3.86 30.89 45.85
CA ILE H 231 2.48 30.38 45.99
C ILE H 231 2.46 29.19 46.96
N GLY H 232 3.41 28.26 46.86
CA GLY H 232 3.55 27.12 47.77
C GLY H 232 3.69 27.53 49.24
N GLN H 233 4.39 28.62 49.56
CA GLN H 233 4.48 29.14 50.93
C GLN H 233 3.16 29.67 51.45
N ILE H 234 2.40 30.37 50.60
CA ILE H 234 1.09 30.92 50.96
C ILE H 234 0.10 29.77 51.20
N VAL H 235 0.02 28.84 50.26
CA VAL H 235 -0.82 27.63 50.37
C VAL H 235 -0.42 26.84 51.61
N SER H 236 0.87 26.65 51.88
CA SER H 236 1.35 25.99 53.09
C SER H 236 0.93 26.71 54.36
N SER H 237 0.94 28.04 54.37
CA SER H 237 0.50 28.83 55.52
C SER H 237 -1.00 28.75 55.75
N ILE H 238 -1.80 28.65 54.67
CA ILE H 238 -3.25 28.46 54.74
C ILE H 238 -3.57 27.06 55.26
N THR H 239 -2.92 26.01 54.75
CA THR H 239 -3.19 24.62 55.14
C THR H 239 -2.48 24.18 56.43
N ALA H 240 -1.58 25.00 56.99
CA ALA H 240 -0.82 24.65 58.20
C ALA H 240 -1.72 24.33 59.40
N SER H 241 -2.89 24.96 59.51
CA SER H 241 -3.84 24.67 60.59
C SER H 241 -4.53 23.30 60.47
N LEU H 242 -4.52 22.69 59.28
CA LEU H 242 -5.08 21.36 59.01
C LEU H 242 -4.04 20.25 59.11
N ARG H 243 -2.75 20.61 59.04
CA ARG H 243 -1.61 19.67 58.96
C ARG H 243 -0.87 19.48 60.27
N PHE H 244 -0.99 20.45 61.17
CA PHE H 244 -0.36 20.46 62.48
C PHE H 244 -1.40 20.77 63.54
N ASP H 245 -1.15 20.28 64.75
CA ASP H 245 -1.98 20.64 65.91
C ASP H 245 -1.98 22.16 66.15
N GLY H 246 -3.17 22.75 66.21
CA GLY H 246 -3.36 24.19 66.35
C GLY H 246 -4.79 24.55 66.76
N ALA H 247 -5.00 25.81 67.16
CA ALA H 247 -6.26 26.26 67.75
C ALA H 247 -7.30 26.85 66.77
N LEU H 248 -6.89 27.28 65.58
CA LEU H 248 -7.76 28.02 64.64
C LEU H 248 -7.75 27.38 63.26
N ASN H 249 -8.93 27.24 62.61
CA ASN H 249 -9.14 26.67 61.28
C ASN H 249 -8.68 25.21 61.18
N VAL H 250 -9.12 24.41 62.14
CA VAL H 250 -8.77 22.99 62.28
C VAL H 250 -9.57 22.11 61.30
N ASP H 251 -10.60 22.68 60.67
CA ASP H 251 -11.30 22.07 59.53
C ASP H 251 -11.63 23.05 58.41
N LEU H 252 -12.04 22.49 57.27
CA LEU H 252 -12.46 23.23 56.09
C LEU H 252 -13.74 24.06 56.34
N THR H 253 -14.65 23.57 57.17
CA THR H 253 -15.91 24.25 57.48
C THR H 253 -15.68 25.51 58.32
N GLU H 254 -14.64 25.55 59.15
CA GLU H 254 -14.22 26.73 59.90
C GLU H 254 -13.71 27.85 59.00
N PHE H 255 -13.11 27.54 57.85
CA PHE H 255 -12.72 28.58 56.88
C PHE H 255 -13.94 29.32 56.36
N GLN H 256 -14.95 28.60 55.87
CA GLN H 256 -16.21 29.20 55.42
C GLN H 256 -16.85 30.00 56.56
N THR H 257 -16.97 29.40 57.74
CA THR H 257 -17.63 30.04 58.89
C THR H 257 -16.93 31.32 59.36
N ASN H 258 -15.60 31.39 59.28
CA ASN H 258 -14.83 32.55 59.74
C ASN H 258 -14.61 33.62 58.66
N LEU H 259 -14.60 33.25 57.38
CA LEU H 259 -14.22 34.15 56.29
C LEU H 259 -15.38 34.53 55.35
N VAL H 260 -16.43 33.72 55.26
CA VAL H 260 -17.48 33.84 54.22
C VAL H 260 -18.84 34.12 54.87
N PRO H 261 -19.20 35.40 55.06
CA PRO H 261 -20.50 35.77 55.63
C PRO H 261 -21.65 35.57 54.64
N TYR H 262 -21.40 35.80 53.35
CA TYR H 262 -22.37 35.61 52.27
C TYR H 262 -21.84 34.57 51.29
N PRO H 263 -22.66 33.58 50.87
CA PRO H 263 -22.21 32.49 50.02
C PRO H 263 -21.54 32.90 48.72
N ARG H 264 -21.96 33.98 48.05
CA ARG H 264 -21.37 34.46 46.79
C ARG H 264 -20.05 35.23 46.98
N ALA H 265 -19.91 35.94 48.09
CA ALA H 265 -18.71 36.72 48.42
C ALA H 265 -17.64 35.84 49.09
N HIS H 266 -17.25 34.73 48.46
CA HIS H 266 -16.38 33.71 49.04
C HIS H 266 -14.93 33.79 48.55
N PHE H 267 -14.43 34.99 48.21
CA PHE H 267 -13.07 35.21 47.71
C PHE H 267 -12.20 35.99 48.71
N PRO H 268 -11.57 35.35 49.73
CA PRO H 268 -10.69 36.02 50.65
C PRO H 268 -9.40 36.48 49.96
N LEU H 269 -9.00 37.72 50.25
CA LEU H 269 -7.70 38.25 49.89
C LEU H 269 -6.63 37.68 50.82
N ALA H 270 -5.65 36.99 50.25
CA ALA H 270 -4.46 36.54 50.98
C ALA H 270 -3.34 37.58 50.92
N THR H 271 -2.63 37.76 52.04
CA THR H 271 -1.42 38.58 52.13
C THR H 271 -0.38 37.83 52.95
N TYR H 272 0.86 37.74 52.46
CA TYR H 272 1.91 36.98 53.12
C TYR H 272 3.11 37.86 53.45
N ALA H 273 3.62 37.72 54.67
CA ALA H 273 4.83 38.37 55.10
C ALA H 273 5.60 37.51 56.13
N PRO H 274 6.94 37.59 56.16
CA PRO H 274 7.78 38.38 55.27
C PRO H 274 8.23 37.57 54.04
N VAL H 275 8.39 38.26 52.91
CA VAL H 275 9.03 37.71 51.71
C VAL H 275 10.42 38.34 51.60
N ILE H 276 11.46 37.54 51.86
CA ILE H 276 12.85 38.01 51.90
C ILE H 276 13.70 37.07 51.03
N SER H 277 14.58 37.65 50.21
CA SER H 277 15.57 36.89 49.42
C SER H 277 16.53 36.08 50.31
N ALA H 278 16.88 34.88 49.86
CA ALA H 278 17.86 34.00 50.52
C ALA H 278 19.22 34.69 50.77
N GLU H 279 19.63 35.63 49.90
CA GLU H 279 20.88 36.39 50.11
C GLU H 279 20.82 37.30 51.34
N LYS H 280 19.62 37.75 51.72
CA LYS H 280 19.37 38.59 52.90
C LYS H 280 19.02 37.75 54.14
N ALA H 281 19.21 36.43 54.12
CA ALA H 281 18.85 35.55 55.24
C ALA H 281 19.55 35.88 56.58
N TYR H 282 20.74 36.47 56.52
CA TYR H 282 21.52 36.86 57.71
C TYR H 282 21.18 38.25 58.25
N HIS H 283 20.24 38.97 57.62
CA HIS H 283 19.79 40.26 58.12
C HIS H 283 18.98 40.13 59.42
N GLU H 284 18.70 41.28 60.03
CA GLU H 284 17.92 41.39 61.25
C GLU H 284 16.52 40.76 61.06
N GLN H 285 16.14 39.90 62.00
CA GLN H 285 14.86 39.22 61.97
C GLN H 285 13.74 40.22 62.29
N LEU H 286 12.70 40.23 61.46
CA LEU H 286 11.57 41.12 61.63
C LEU H 286 10.78 40.77 62.90
N SER H 287 10.35 41.79 63.62
CA SER H 287 9.49 41.68 64.79
C SER H 287 8.06 41.28 64.40
N VAL H 288 7.30 40.76 65.36
CA VAL H 288 5.87 40.46 65.17
C VAL H 288 5.12 41.71 64.69
N ALA H 289 5.41 42.89 65.26
CA ALA H 289 4.76 44.13 64.87
C ALA H 289 5.05 44.55 63.41
N GLU H 290 6.28 44.34 62.94
CA GLU H 290 6.66 44.68 61.56
C GLU H 290 5.98 43.75 60.56
N ILE H 291 5.99 42.43 60.79
CA ILE H 291 5.34 41.49 59.88
C ILE H 291 3.81 41.66 59.86
N THR H 292 3.17 41.95 61.01
CA THR H 292 1.73 42.22 61.02
C THR H 292 1.40 43.51 60.28
N ASN H 293 2.24 44.55 60.40
CA ASN H 293 2.03 45.81 59.68
C ASN H 293 2.23 45.63 58.16
N ALA H 294 3.10 44.72 57.74
CA ALA H 294 3.30 44.36 56.33
C ALA H 294 2.08 43.66 55.70
N CYS H 295 1.20 43.04 56.49
CA CYS H 295 -0.06 42.47 55.99
C CYS H 295 -1.07 43.53 55.52
N PHE H 296 -0.93 44.79 55.94
CA PHE H 296 -1.82 45.89 55.54
C PHE H 296 -1.17 46.80 54.49
N GLU H 297 -0.13 46.32 53.81
CA GLU H 297 0.51 47.01 52.70
C GLU H 297 0.11 46.35 51.36
N PRO H 298 -0.54 47.07 50.43
CA PRO H 298 -0.98 46.50 49.16
C PRO H 298 0.12 45.87 48.31
N ALA H 299 1.37 46.29 48.52
CA ALA H 299 2.53 45.74 47.86
C ALA H 299 2.81 44.24 48.17
N ASN H 300 2.23 43.69 49.24
CA ASN H 300 2.43 42.30 49.68
C ASN H 300 1.20 41.39 49.46
N GLN H 301 0.13 41.94 48.87
CA GLN H 301 -1.11 41.21 48.60
C GLN H 301 -0.95 40.19 47.47
N MET H 302 -1.78 39.14 47.48
CA MET H 302 -1.83 38.13 46.43
C MET H 302 -2.75 38.47 45.27
N VAL H 303 -3.61 39.47 45.42
CA VAL H 303 -4.43 40.06 44.35
C VAL H 303 -4.15 41.55 44.32
N LYS H 304 -3.90 42.11 43.13
CA LYS H 304 -3.72 43.56 42.99
C LYS H 304 -5.06 44.26 43.16
N CYS H 305 -5.27 44.82 44.34
CA CYS H 305 -6.36 45.74 44.66
C CYS H 305 -5.93 46.62 45.84
N ASP H 306 -6.71 47.64 46.18
CA ASP H 306 -6.46 48.46 47.36
C ASP H 306 -7.60 48.34 48.39
N PRO H 307 -7.41 47.57 49.48
CA PRO H 307 -8.40 47.44 50.55
C PRO H 307 -8.80 48.76 51.22
N ARG H 308 -8.07 49.85 50.99
CA ARG H 308 -8.45 51.18 51.48
C ARG H 308 -9.64 51.78 50.73
N HIS H 309 -9.94 51.28 49.53
CA HIS H 309 -11.12 51.67 48.75
C HIS H 309 -12.37 50.83 49.09
N GLY H 310 -12.26 49.85 49.97
CA GLY H 310 -13.36 48.97 50.34
C GLY H 310 -13.48 48.77 51.85
N LYS H 311 -14.25 47.75 52.24
CA LYS H 311 -14.46 47.37 53.64
C LYS H 311 -14.07 45.93 53.89
N TYR H 312 -13.69 45.65 55.12
CA TYR H 312 -13.43 44.31 55.62
C TYR H 312 -14.72 43.70 56.18
N MET H 313 -15.09 42.53 55.71
CA MET H 313 -16.14 41.71 56.30
C MET H 313 -15.58 40.72 57.31
N ALA H 314 -14.39 40.18 57.05
CA ALA H 314 -13.71 39.24 57.94
C ALA H 314 -12.20 39.41 57.85
N CYS H 315 -11.49 39.12 58.94
CA CYS H 315 -10.04 39.14 58.95
C CYS H 315 -9.47 38.07 59.90
N CYS H 316 -8.64 37.20 59.34
CA CYS H 316 -7.91 36.14 60.03
C CYS H 316 -6.41 36.37 59.87
N LEU H 317 -5.67 36.28 60.97
CA LEU H 317 -4.21 36.35 61.00
C LEU H 317 -3.66 34.99 61.43
N LEU H 318 -2.97 34.31 60.52
CA LEU H 318 -2.35 32.99 60.73
C LEU H 318 -0.84 33.17 60.87
N TYR H 319 -0.34 33.09 62.10
CA TYR H 319 1.09 33.17 62.40
C TYR H 319 1.73 31.78 62.43
N ARG H 320 2.99 31.72 62.01
CA ARG H 320 3.84 30.53 62.09
C ARG H 320 5.18 30.84 62.74
N GLY H 321 5.68 29.93 63.57
CA GLY H 321 7.00 30.00 64.21
C GLY H 321 7.01 30.70 65.57
N ASP H 322 8.08 31.45 65.84
CA ASP H 322 8.31 32.08 67.15
C ASP H 322 7.44 33.34 67.33
N VAL H 323 6.20 33.13 67.75
CA VAL H 323 5.21 34.20 67.97
C VAL H 323 4.47 33.96 69.28
N VAL H 324 4.41 34.98 70.12
CA VAL H 324 3.65 34.96 71.37
C VAL H 324 2.35 35.77 71.25
N PRO H 325 1.22 35.29 71.81
CA PRO H 325 -0.07 35.99 71.71
C PRO H 325 -0.06 37.44 72.21
N LYS H 326 0.78 37.74 73.22
CA LYS H 326 0.92 39.08 73.79
C LYS H 326 1.40 40.09 72.75
N ASP H 327 2.39 39.71 71.94
CA ASP H 327 2.98 40.59 70.95
C ASP H 327 2.05 40.78 69.75
N VAL H 328 1.30 39.73 69.38
CA VAL H 328 0.24 39.81 68.36
C VAL H 328 -0.85 40.81 68.77
N ASN H 329 -1.35 40.73 70.00
CA ASN H 329 -2.36 41.67 70.49
C ASN H 329 -1.86 43.11 70.52
N ALA H 330 -0.60 43.33 70.92
CA ALA H 330 0.02 44.66 70.90
C ALA H 330 0.19 45.21 69.47
N ALA H 331 0.57 44.35 68.52
CA ALA H 331 0.67 44.70 67.10
C ALA H 331 -0.71 45.10 66.52
N ILE H 332 -1.74 44.29 66.77
CA ILE H 332 -3.11 44.57 66.31
C ILE H 332 -3.64 45.91 66.87
N ALA H 333 -3.40 46.19 68.15
CA ALA H 333 -3.82 47.45 68.76
C ALA H 333 -3.13 48.68 68.11
N THR H 334 -1.84 48.55 67.79
CA THR H 334 -1.09 49.60 67.10
C THR H 334 -1.58 49.79 65.66
N ILE H 335 -1.96 48.72 64.98
CA ILE H 335 -2.47 48.77 63.62
C ILE H 335 -3.86 49.41 63.57
N LYS H 336 -4.77 49.01 64.46
CA LYS H 336 -6.12 49.61 64.58
C LYS H 336 -6.09 51.14 64.80
N THR H 337 -5.04 51.66 65.43
CA THR H 337 -4.92 53.10 65.71
C THR H 337 -4.23 53.88 64.59
N LYS H 338 -3.42 53.22 63.76
CA LYS H 338 -2.60 53.89 62.74
C LYS H 338 -3.10 53.71 61.31
N ARG H 339 -3.85 52.65 61.03
CA ARG H 339 -4.27 52.28 59.67
C ARG H 339 -5.75 52.57 59.46
N THR H 340 -6.08 52.94 58.23
CA THR H 340 -7.44 52.97 57.73
C THR H 340 -7.91 51.53 57.55
N ILE H 341 -8.54 50.96 58.56
CA ILE H 341 -9.16 49.64 58.50
C ILE H 341 -10.64 49.85 58.78
N GLN H 342 -11.42 49.95 57.71
CA GLN H 342 -12.86 50.06 57.80
C GLN H 342 -13.46 48.66 57.70
N PHE H 343 -14.12 48.21 58.77
CA PHE H 343 -14.96 47.03 58.70
C PHE H 343 -16.38 47.46 58.33
N VAL H 344 -17.16 46.54 57.76
CA VAL H 344 -18.61 46.73 57.58
C VAL H 344 -19.31 46.82 58.94
N ASP H 345 -20.39 47.61 59.02
CA ASP H 345 -21.04 47.96 60.29
C ASP H 345 -21.65 46.76 61.04
N TRP H 346 -22.16 45.78 60.29
CA TRP H 346 -22.86 44.62 60.85
C TRP H 346 -21.91 43.50 61.30
N CYS H 347 -20.61 43.57 60.97
CA CYS H 347 -19.65 42.56 61.35
C CYS H 347 -18.76 43.06 62.49
N PRO H 348 -18.48 42.26 63.53
CA PRO H 348 -17.59 42.69 64.60
C PRO H 348 -16.21 43.04 64.03
N THR H 349 -15.63 44.15 64.50
CA THR H 349 -14.25 44.59 64.24
C THR H 349 -13.22 43.67 64.92
N GLY H 350 -13.36 42.37 64.71
CA GLY H 350 -12.62 41.29 65.34
C GLY H 350 -11.64 40.64 64.38
N PHE H 351 -10.39 40.51 64.82
CA PHE H 351 -9.40 39.67 64.17
C PHE H 351 -9.44 38.28 64.78
N LYS H 352 -9.60 37.24 63.96
CA LYS H 352 -9.35 35.85 64.41
C LYS H 352 -7.84 35.59 64.28
N VAL H 353 -7.23 35.04 65.32
CA VAL H 353 -5.78 34.82 65.36
C VAL H 353 -5.50 33.34 65.54
N GLY H 354 -4.75 32.76 64.60
CA GLY H 354 -4.18 31.42 64.70
C GLY H 354 -2.66 31.53 64.88
N ILE H 355 -2.09 30.74 65.78
CA ILE H 355 -0.63 30.65 65.96
C ILE H 355 -0.29 29.16 65.89
N ASN H 356 0.56 28.81 64.94
CA ASN H 356 1.20 27.51 64.86
C ASN H 356 2.69 27.69 65.18
N TYR H 357 3.19 26.94 66.15
CA TYR H 357 4.58 27.08 66.59
C TYR H 357 5.60 26.46 65.64
N GLU H 358 5.16 25.66 64.67
CA GLU H 358 6.05 25.09 63.66
C GLU H 358 6.54 26.22 62.73
N PRO H 359 7.86 26.49 62.69
CA PRO H 359 8.41 27.57 61.88
C PRO H 359 8.21 27.29 60.38
N PRO H 360 8.15 28.33 59.55
CA PRO H 360 8.13 28.17 58.09
C PRO H 360 9.38 27.44 57.61
N THR H 361 9.19 26.41 56.80
CA THR H 361 10.29 25.75 56.08
C THR H 361 10.39 26.34 54.68
N VAL H 362 11.60 26.39 54.12
CA VAL H 362 11.85 26.82 52.74
C VAL H 362 12.55 25.72 51.97
N VAL H 363 12.30 25.65 50.66
CA VAL H 363 12.95 24.68 49.78
C VAL H 363 14.46 24.97 49.72
N PRO H 364 15.33 23.98 49.99
CA PRO H 364 16.78 24.16 49.86
C PRO H 364 17.17 24.60 48.45
N GLY H 365 17.98 25.67 48.34
CA GLY H 365 18.34 26.26 47.03
C GLY H 365 17.22 27.06 46.36
N GLY H 366 16.12 27.33 47.09
CA GLY H 366 15.10 28.28 46.68
C GLY H 366 15.51 29.75 46.85
N ASP H 367 14.66 30.64 46.37
CA ASP H 367 14.90 32.08 46.35
C ASP H 367 14.55 32.76 47.70
N LEU H 368 13.78 32.08 48.55
CA LEU H 368 13.28 32.56 49.84
C LEU H 368 14.24 32.24 50.98
N ALA H 369 14.46 33.21 51.86
CA ALA H 369 15.22 33.02 53.09
C ALA H 369 14.44 32.22 54.14
N LYS H 370 15.16 31.48 54.98
CA LYS H 370 14.59 30.92 56.21
C LYS H 370 14.29 32.04 57.20
N VAL H 371 13.04 32.13 57.64
CA VAL H 371 12.56 33.13 58.59
C VAL H 371 12.13 32.47 59.90
N GLN H 372 12.28 33.17 61.04
CA GLN H 372 11.88 32.63 62.34
C GLN H 372 10.37 32.67 62.58
N ARG H 373 9.70 33.63 61.94
CA ARG H 373 8.27 33.86 62.04
C ARG H 373 7.71 34.40 60.73
N ALA H 374 6.51 33.97 60.40
CA ALA H 374 5.75 34.49 59.26
C ALA H 374 4.27 34.66 59.65
N VAL H 375 3.54 35.40 58.83
CA VAL H 375 2.12 35.64 58.98
C VAL H 375 1.45 35.60 57.60
N CYS H 376 0.33 34.90 57.53
CA CYS H 376 -0.61 34.94 56.42
C CYS H 376 -1.89 35.60 56.91
N MET H 377 -2.26 36.74 56.33
CA MET H 377 -3.54 37.39 56.58
C MET H 377 -4.53 36.96 55.51
N LEU H 378 -5.66 36.42 55.93
CA LEU H 378 -6.80 36.11 55.08
C LEU H 378 -7.92 37.09 55.44
N SER H 379 -8.27 37.96 54.51
CA SER H 379 -9.29 38.97 54.73
C SER H 379 -10.32 38.96 53.63
N ASN H 380 -11.59 38.84 53.98
CA ASN H 380 -12.66 39.03 53.02
C ASN H 380 -12.97 40.53 52.95
N THR H 381 -12.63 41.16 51.83
CA THR H 381 -12.78 42.60 51.61
C THR H 381 -13.50 42.86 50.29
N THR H 382 -14.36 43.88 50.26
CA THR H 382 -15.06 44.28 49.04
C THR H 382 -14.13 44.84 47.97
N ALA H 383 -12.93 45.30 48.33
CA ALA H 383 -11.94 45.79 47.37
C ALA H 383 -11.44 44.72 46.38
N ILE H 384 -11.66 43.43 46.67
CA ILE H 384 -11.33 42.36 45.72
C ILE H 384 -12.17 42.45 44.42
N ALA H 385 -13.31 43.14 44.46
CA ALA H 385 -14.13 43.41 43.29
C ALA H 385 -13.40 44.24 42.21
N GLU H 386 -12.35 44.99 42.56
CA GLU H 386 -11.49 45.66 41.58
C GLU H 386 -10.85 44.66 40.59
N ALA H 387 -10.62 43.40 41.00
CA ALA H 387 -10.09 42.37 40.11
C ALA H 387 -11.14 41.83 39.14
N TRP H 388 -12.41 41.74 39.57
CA TRP H 388 -13.55 41.35 38.74
C TRP H 388 -13.83 42.42 37.69
N ALA H 389 -13.94 43.69 38.08
CA ALA H 389 -14.12 44.81 37.16
C ALA H 389 -13.07 44.88 36.04
N ARG H 390 -11.80 44.58 36.35
CA ARG H 390 -10.73 44.51 35.34
C ARG H 390 -10.92 43.36 34.35
N LEU H 391 -11.47 42.24 34.79
CA LEU H 391 -11.71 41.07 33.97
C LEU H 391 -12.94 41.29 33.08
N ASP H 392 -14.01 41.78 33.69
CA ASP H 392 -15.27 42.15 33.04
C ASP H 392 -15.05 43.20 31.95
N HIS H 393 -14.27 44.24 32.21
CA HIS H 393 -13.95 45.23 31.18
C HIS H 393 -13.26 44.62 29.95
N LYS H 394 -12.32 43.69 30.15
CA LYS H 394 -11.64 43.01 29.03
C LYS H 394 -12.57 42.05 28.29
N PHE H 395 -13.45 41.37 29.03
CA PHE H 395 -14.50 40.53 28.46
C PHE H 395 -15.41 41.36 27.56
N ASP H 396 -15.93 42.47 28.08
CA ASP H 396 -16.89 43.34 27.39
C ASP H 396 -16.31 43.92 26.09
N LEU H 397 -15.05 44.38 26.11
CA LEU H 397 -14.38 44.90 24.92
C LEU H 397 -14.34 43.89 23.76
N MET H 398 -13.96 42.63 24.05
CA MET H 398 -13.89 41.59 23.02
C MET H 398 -15.28 41.09 22.63
N TYR H 399 -16.16 40.91 23.61
CA TYR H 399 -17.50 40.36 23.40
C TYR H 399 -18.41 41.31 22.65
N ALA H 400 -18.26 42.63 22.83
CA ALA H 400 -18.98 43.65 22.05
C ALA H 400 -18.81 43.47 20.53
N LYS H 401 -17.66 42.93 20.09
CA LYS H 401 -17.40 42.62 18.68
C LYS H 401 -17.50 41.13 18.35
N ARG H 402 -17.89 40.27 19.30
CA ARG H 402 -17.89 38.80 19.22
C ARG H 402 -16.55 38.21 18.78
N ALA H 403 -15.46 38.86 19.16
CA ALA H 403 -14.11 38.39 18.84
C ALA H 403 -13.84 37.05 19.54
N PHE H 404 -13.30 36.07 18.83
CA PHE H 404 -12.96 34.72 19.30
C PHE H 404 -14.12 33.81 19.73
N VAL H 405 -15.36 34.32 19.80
CA VAL H 405 -16.55 33.55 20.24
C VAL H 405 -16.77 32.29 19.39
N HIS H 406 -16.48 32.37 18.08
CA HIS H 406 -16.64 31.24 17.15
C HIS H 406 -15.82 30.00 17.54
N TRP H 407 -14.71 30.14 18.26
CA TRP H 407 -13.93 28.99 18.77
C TRP H 407 -14.68 28.20 19.84
N TYR H 408 -15.52 28.87 20.63
CA TYR H 408 -16.31 28.25 21.69
C TYR H 408 -17.58 27.62 21.11
N VAL H 409 -18.24 28.35 20.19
CA VAL H 409 -19.41 27.84 19.46
C VAL H 409 -19.05 26.63 18.59
N GLY H 410 -17.85 26.60 18.02
CA GLY H 410 -17.33 25.45 17.26
C GLY H 410 -17.15 24.18 18.10
N GLU H 411 -17.04 24.29 19.42
CA GLU H 411 -17.00 23.16 20.36
C GLU H 411 -18.40 22.78 20.89
N GLY H 412 -19.45 23.46 20.39
CA GLY H 412 -20.84 23.19 20.76
C GLY H 412 -21.38 24.01 21.94
N MET H 413 -20.64 25.01 22.42
CA MET H 413 -21.12 25.94 23.44
C MET H 413 -22.10 26.95 22.84
N GLU H 414 -23.16 27.30 23.57
CA GLU H 414 -24.10 28.29 23.08
C GLU H 414 -23.56 29.71 23.31
N GLU H 415 -23.83 30.64 22.38
CA GLU H 415 -23.45 32.05 22.56
C GLU H 415 -24.14 32.67 23.79
N GLY H 416 -25.34 32.19 24.13
CA GLY H 416 -26.07 32.61 25.32
C GLY H 416 -25.33 32.38 26.63
N GLU H 417 -24.48 31.35 26.73
CA GLU H 417 -23.69 31.05 27.93
C GLU H 417 -22.70 32.18 28.26
N PHE H 418 -22.20 32.91 27.26
CA PHE H 418 -21.36 34.08 27.49
C PHE H 418 -22.14 35.21 28.16
N SER H 419 -23.35 35.48 27.67
CA SER H 419 -24.21 36.52 28.23
C SER H 419 -24.66 36.15 29.64
N GLU H 420 -25.06 34.90 29.87
CA GLU H 420 -25.44 34.40 31.20
C GLU H 420 -24.28 34.51 32.20
N ALA H 421 -23.08 34.06 31.82
CA ALA H 421 -21.91 34.17 32.68
C ALA H 421 -21.56 35.63 32.99
N ARG H 422 -21.67 36.52 32.00
CA ARG H 422 -21.38 37.95 32.20
C ARG H 422 -22.44 38.64 33.09
N GLU H 423 -23.71 38.27 32.95
CA GLU H 423 -24.80 38.76 33.81
C GLU H 423 -24.60 38.34 35.27
N ASP H 424 -24.18 37.09 35.51
CA ASP H 424 -23.89 36.60 36.86
C ASP H 424 -22.69 37.32 37.49
N MET H 425 -21.67 37.65 36.69
CA MET H 425 -20.54 38.48 37.14
C MET H 425 -20.97 39.91 37.46
N ALA H 426 -21.86 40.51 36.67
CA ALA H 426 -22.43 41.82 36.98
C ALA H 426 -23.24 41.79 38.30
N ALA H 427 -23.98 40.71 38.56
CA ALA H 427 -24.66 40.51 39.83
C ALA H 427 -23.67 40.37 41.00
N LEU H 428 -22.55 39.66 40.81
CA LEU H 428 -21.50 39.54 41.83
C LEU H 428 -20.83 40.90 42.14
N GLU H 429 -20.52 41.71 41.12
CA GLU H 429 -19.98 43.06 41.32
C GLU H 429 -20.96 43.93 42.14
N LYS H 430 -22.25 43.85 41.83
CA LYS H 430 -23.30 44.55 42.56
C LYS H 430 -23.44 44.07 44.01
N ASP H 431 -23.36 42.76 44.27
CA ASP H 431 -23.35 42.21 45.63
C ASP H 431 -22.20 42.80 46.46
N TYR H 432 -21.01 42.92 45.87
CA TYR H 432 -19.85 43.52 46.54
C TYR H 432 -20.01 45.02 46.78
N GLU H 433 -20.61 45.75 45.84
CA GLU H 433 -20.92 47.18 45.99
C GLU H 433 -21.94 47.40 47.11
N GLU H 434 -23.04 46.65 47.13
CA GLU H 434 -24.09 46.75 48.16
C GLU H 434 -23.56 46.47 49.57
N VAL H 435 -22.59 45.56 49.72
CA VAL H 435 -21.95 45.30 51.01
C VAL H 435 -20.93 46.38 51.39
N GLY H 436 -20.31 47.04 50.40
CA GLY H 436 -19.25 48.02 50.60
C GLY H 436 -19.75 49.44 50.87
N MET I 1 -5.31 -41.57 55.13
CA MET I 1 -5.08 -40.41 54.24
C MET I 1 -6.25 -40.29 53.29
N ARG I 2 -6.29 -39.18 52.56
CA ARG I 2 -7.47 -38.73 51.83
C ARG I 2 -6.98 -38.30 50.44
N GLU I 3 -6.52 -39.25 49.64
CA GLU I 3 -5.79 -38.99 48.39
C GLU I 3 -6.71 -38.50 47.25
N CYS I 4 -6.19 -37.67 46.35
CA CYS I 4 -6.87 -37.22 45.14
C CYS I 4 -6.02 -37.50 43.90
N ILE I 5 -6.63 -38.01 42.83
CA ILE I 5 -5.94 -38.25 41.56
C ILE I 5 -6.32 -37.13 40.58
N SER I 6 -5.33 -36.43 40.04
CA SER I 6 -5.56 -35.42 38.98
C SER I 6 -5.41 -36.05 37.60
N ILE I 7 -6.35 -35.79 36.70
CA ILE I 7 -6.31 -36.29 35.33
C ILE I 7 -6.34 -35.10 34.38
N HIS I 8 -5.36 -35.00 33.50
CA HIS I 8 -5.18 -33.89 32.58
C HIS I 8 -5.40 -34.39 31.15
N VAL I 9 -6.46 -33.92 30.49
CA VAL I 9 -6.92 -34.46 29.20
C VAL I 9 -6.80 -33.42 28.08
N GLY I 10 -6.12 -33.83 27.00
CA GLY I 10 -5.87 -33.01 25.81
C GLY I 10 -4.91 -31.85 26.04
N GLN I 11 -4.56 -31.13 24.98
CA GLN I 11 -3.62 -30.01 25.03
C GLN I 11 -3.88 -29.02 26.18
N ALA I 12 -5.11 -28.51 26.31
CA ALA I 12 -5.45 -27.52 27.34
C ALA I 12 -5.30 -28.11 28.75
N GLY I 13 -5.85 -29.31 28.99
CA GLY I 13 -5.73 -29.99 30.27
C GLY I 13 -4.29 -30.25 30.66
N VAL I 14 -3.47 -30.77 29.72
CA VAL I 14 -2.05 -31.04 29.93
C VAL I 14 -1.26 -29.76 30.23
N GLN I 15 -1.47 -28.68 29.47
CA GLN I 15 -0.72 -27.44 29.66
C GLN I 15 -1.10 -26.72 30.97
N ILE I 16 -2.37 -26.73 31.35
CA ILE I 16 -2.83 -26.22 32.65
C ILE I 16 -2.27 -27.09 33.77
N GLY I 17 -2.36 -28.41 33.63
CA GLY I 17 -1.78 -29.37 34.57
C GLY I 17 -0.30 -29.11 34.82
N ASN I 18 0.49 -28.95 33.75
CA ASN I 18 1.92 -28.68 33.86
C ASN I 18 2.19 -27.39 34.66
N ALA I 19 1.43 -26.32 34.44
CA ALA I 19 1.54 -25.07 35.20
C ALA I 19 1.11 -25.23 36.68
N CYS I 20 0.04 -25.99 36.95
CA CYS I 20 -0.42 -26.28 38.30
C CYS I 20 0.60 -27.10 39.11
N TRP I 21 1.18 -28.14 38.53
CA TRP I 21 2.16 -28.99 39.21
C TRP I 21 3.48 -28.27 39.47
N GLU I 22 3.94 -27.40 38.56
CA GLU I 22 5.06 -26.49 38.82
C GLU I 22 4.79 -25.65 40.07
N LEU I 23 3.59 -25.04 40.16
CA LEU I 23 3.22 -24.22 41.29
C LEU I 23 3.09 -25.03 42.60
N TYR I 24 2.53 -26.25 42.57
CA TYR I 24 2.46 -27.13 43.73
C TYR I 24 3.83 -27.52 44.25
N CYS I 25 4.77 -27.85 43.35
CA CYS I 25 6.14 -28.15 43.75
C CYS I 25 6.79 -26.95 44.45
N LEU I 26 6.60 -25.74 43.93
CA LEU I 26 7.12 -24.51 44.55
C LEU I 26 6.51 -24.25 45.93
N GLU I 27 5.20 -24.44 46.08
CA GLU I 27 4.49 -24.23 47.34
C GLU I 27 4.88 -25.25 48.43
N HIS I 28 5.12 -26.51 48.06
CA HIS I 28 5.53 -27.55 49.00
C HIS I 28 7.06 -27.70 49.14
N GLY I 29 7.86 -26.91 48.40
CA GLY I 29 9.33 -26.99 48.45
C GLY I 29 9.91 -28.26 47.82
N ILE I 30 9.19 -28.87 46.88
CA ILE I 30 9.62 -30.04 46.10
C ILE I 30 10.43 -29.56 44.89
N GLN I 31 11.61 -30.14 44.69
CA GLN I 31 12.48 -29.83 43.55
C GLN I 31 11.99 -30.51 42.26
N PRO I 32 12.43 -30.06 41.07
CA PRO I 32 12.00 -30.66 39.79
C PRO I 32 12.37 -32.16 39.60
N ASP I 33 13.29 -32.69 40.40
CA ASP I 33 13.63 -34.12 40.45
C ASP I 33 12.74 -34.93 41.42
N GLY I 34 11.84 -34.26 42.14
CA GLY I 34 10.93 -34.81 43.15
C GLY I 34 11.52 -34.91 44.56
N GLN I 35 12.73 -34.41 44.81
CA GLN I 35 13.32 -34.41 46.16
C GLN I 35 12.78 -33.26 47.01
N MET I 36 12.62 -33.48 48.31
CA MET I 36 12.17 -32.47 49.28
C MET I 36 13.18 -32.30 50.42
N PRO I 37 14.17 -31.39 50.31
CA PRO I 37 15.30 -31.34 51.26
C PRO I 37 14.96 -30.83 52.66
N SER I 38 13.88 -30.06 52.83
CA SER I 38 13.41 -29.64 54.16
C SER I 38 12.69 -30.75 54.90
N ASP I 39 12.31 -31.83 54.21
CA ASP I 39 11.59 -32.93 54.82
C ASP I 39 12.55 -33.78 55.66
N LYS I 40 12.80 -33.30 56.89
CA LYS I 40 13.52 -34.06 57.91
C LYS I 40 12.73 -35.27 58.36
N THR I 41 11.41 -35.21 58.25
CA THR I 41 10.56 -36.34 58.50
C THR I 41 10.75 -37.31 57.35
N ILE I 42 11.69 -38.25 57.52
CA ILE I 42 11.73 -39.44 56.65
C ILE I 42 10.37 -40.18 56.66
N GLY I 43 9.54 -39.97 57.71
CA GLY I 43 8.18 -40.51 57.86
C GLY I 43 7.09 -39.43 57.92
N GLY I 44 5.94 -39.69 58.56
CA GLY I 44 4.74 -38.83 58.49
C GLY I 44 4.83 -37.48 59.20
N GLY I 45 5.37 -36.47 58.53
CA GLY I 45 5.27 -35.06 58.92
C GLY I 45 3.84 -34.52 58.70
N ASP I 46 3.71 -33.25 58.30
CA ASP I 46 2.42 -32.69 57.89
C ASP I 46 1.95 -33.39 56.60
N ASP I 47 1.26 -34.52 56.80
CA ASP I 47 0.84 -35.51 55.82
C ASP I 47 -0.17 -34.98 54.78
N SER I 48 -0.53 -33.70 54.86
CA SER I 48 -1.54 -33.06 54.02
C SER I 48 -1.17 -33.05 52.53
N PHE I 49 0.11 -32.87 52.20
CA PHE I 49 0.56 -32.86 50.81
C PHE I 49 0.56 -34.28 50.19
N ASN I 50 0.56 -35.34 51.00
CA ASN I 50 0.42 -36.72 50.53
C ASN I 50 -0.96 -36.99 49.88
N THR I 51 -1.89 -36.05 50.01
CA THR I 51 -3.14 -36.02 49.25
C THR I 51 -2.88 -35.96 47.74
N PHE I 52 -1.87 -35.18 47.30
CA PHE I 52 -1.56 -34.97 45.88
C PHE I 52 -0.24 -35.63 45.45
N PHE I 53 0.63 -35.99 46.39
CA PHE I 53 1.90 -36.65 46.10
C PHE I 53 1.95 -38.04 46.72
N SER I 54 2.68 -38.95 46.08
CA SER I 54 3.06 -40.23 46.64
C SER I 54 4.57 -40.26 46.84
N GLU I 55 5.01 -40.57 48.06
CA GLU I 55 6.42 -40.80 48.33
C GLU I 55 6.82 -42.19 47.80
N THR I 56 7.88 -42.22 47.00
CA THR I 56 8.50 -43.47 46.56
C THR I 56 9.61 -43.87 47.54
N GLY I 57 9.99 -45.15 47.56
CA GLY I 57 11.04 -45.65 48.47
C GLY I 57 12.43 -45.01 48.32
N ALA I 58 12.66 -44.18 47.30
CA ALA I 58 13.88 -43.40 47.10
C ALA I 58 13.80 -41.95 47.66
N GLY I 59 12.75 -41.61 48.43
CA GLY I 59 12.51 -40.26 48.95
C GLY I 59 12.03 -39.26 47.88
N LYS I 60 11.65 -39.77 46.70
CA LYS I 60 11.12 -38.95 45.61
C LYS I 60 9.61 -38.86 45.72
N HIS I 61 9.10 -37.63 45.74
CA HIS I 61 7.69 -37.31 45.71
C HIS I 61 7.20 -37.24 44.25
N VAL I 62 6.26 -38.11 43.90
CA VAL I 62 5.68 -38.20 42.57
C VAL I 62 4.23 -37.73 42.63
N PRO I 63 3.78 -36.82 41.75
CA PRO I 63 2.39 -36.43 41.60
C PRO I 63 1.45 -37.62 41.43
N ARG I 64 0.29 -37.60 42.10
CA ARG I 64 -0.85 -38.50 41.81
C ARG I 64 -1.60 -38.00 40.57
N ALA I 65 -0.92 -37.99 39.43
CA ALA I 65 -1.40 -37.42 38.19
C ALA I 65 -1.38 -38.43 37.05
N VAL I 66 -2.31 -38.28 36.10
CA VAL I 66 -2.26 -38.91 34.78
C VAL I 66 -2.45 -37.82 33.73
N PHE I 67 -1.59 -37.81 32.73
CA PHE I 67 -1.69 -36.93 31.56
C PHE I 67 -2.06 -37.77 30.35
N VAL I 68 -3.07 -37.35 29.62
CA VAL I 68 -3.60 -38.04 28.45
C VAL I 68 -3.75 -37.05 27.33
N ASP I 69 -3.17 -37.35 26.17
CA ASP I 69 -3.47 -36.66 24.92
C ASP I 69 -3.48 -37.67 23.78
N LEU I 70 -4.29 -37.44 22.76
CA LEU I 70 -4.39 -38.33 21.60
C LEU I 70 -3.25 -38.09 20.61
N GLU I 71 -2.58 -36.94 20.69
CA GLU I 71 -1.31 -36.70 20.01
C GLU I 71 -0.13 -36.60 21.00
N PRO I 72 1.11 -36.90 20.56
CA PRO I 72 2.26 -36.88 21.46
C PRO I 72 2.80 -35.47 21.77
N THR I 73 2.56 -34.48 20.91
CA THR I 73 3.28 -33.20 20.89
C THR I 73 3.36 -32.51 22.25
N VAL I 74 2.22 -32.32 22.93
CA VAL I 74 2.14 -31.56 24.18
C VAL I 74 2.72 -32.34 25.36
N ILE I 75 2.54 -33.66 25.38
CA ILE I 75 3.11 -34.50 26.45
C ILE I 75 4.62 -34.69 26.25
N ASP I 76 5.12 -34.68 25.03
CA ASP I 76 6.56 -34.70 24.76
C ASP I 76 7.26 -33.44 25.29
N GLU I 77 6.60 -32.28 25.26
CA GLU I 77 7.07 -31.07 25.96
C GLU I 77 7.18 -31.30 27.48
N VAL I 78 6.22 -32.01 28.10
CA VAL I 78 6.30 -32.38 29.53
C VAL I 78 7.46 -33.37 29.78
N ARG I 79 7.66 -34.35 28.90
CA ARG I 79 8.76 -35.34 28.98
C ARG I 79 10.15 -34.73 28.81
N THR I 80 10.25 -33.57 28.18
CA THR I 80 11.53 -32.89 27.91
C THR I 80 11.76 -31.62 28.73
N GLY I 81 10.71 -31.08 29.37
CA GLY I 81 10.76 -29.84 30.14
C GLY I 81 11.46 -29.93 31.50
N THR I 82 11.40 -28.83 32.25
CA THR I 82 12.07 -28.68 33.56
C THR I 82 11.70 -29.78 34.55
N TYR I 83 10.40 -30.15 34.60
CA TYR I 83 9.84 -31.15 35.51
C TYR I 83 9.80 -32.56 34.90
N ARG I 84 10.59 -32.84 33.86
CA ARG I 84 10.64 -34.16 33.19
C ARG I 84 10.90 -35.33 34.14
N GLN I 85 11.63 -35.09 35.23
CA GLN I 85 11.97 -36.11 36.21
C GLN I 85 10.91 -36.25 37.28
N LEU I 86 9.96 -35.33 37.43
CA LEU I 86 8.95 -35.37 38.49
C LEU I 86 7.99 -36.55 38.29
N PHE I 87 7.45 -36.69 37.08
CA PHE I 87 6.45 -37.69 36.74
C PHE I 87 7.08 -39.06 36.46
N HIS I 88 6.33 -40.13 36.73
CA HIS I 88 6.68 -41.45 36.25
C HIS I 88 6.29 -41.61 34.77
N PRO I 89 7.11 -42.25 33.92
CA PRO I 89 6.81 -42.38 32.49
C PRO I 89 5.44 -43.02 32.19
N GLU I 90 4.97 -43.92 33.06
CA GLU I 90 3.67 -44.58 32.93
C GLU I 90 2.46 -43.65 33.12
N GLN I 91 2.65 -42.48 33.72
CA GLN I 91 1.59 -41.50 33.96
C GLN I 91 1.36 -40.59 32.74
N LEU I 92 2.24 -40.62 31.75
CA LEU I 92 2.23 -39.77 30.56
C LEU I 92 1.80 -40.60 29.35
N ILE I 93 0.50 -40.57 29.04
CA ILE I 93 -0.13 -41.43 28.04
C ILE I 93 -0.38 -40.60 26.78
N THR I 94 0.11 -41.09 25.64
CA THR I 94 -0.03 -40.42 24.34
C THR I 94 -0.58 -41.38 23.30
N GLY I 95 -1.56 -40.92 22.52
CA GLY I 95 -1.96 -41.55 21.28
C GLY I 95 -1.00 -41.23 20.12
N LYS I 96 -1.37 -41.68 18.91
CA LYS I 96 -0.65 -41.35 17.68
C LYS I 96 -1.37 -40.31 16.82
N GLU I 97 -2.69 -40.43 16.74
CA GLU I 97 -3.57 -39.60 15.92
C GLU I 97 -4.51 -38.81 16.85
N ASP I 98 -4.72 -37.52 16.58
CA ASP I 98 -5.60 -36.69 17.41
C ASP I 98 -7.09 -36.80 17.02
N ALA I 99 -7.92 -36.13 17.81
CA ALA I 99 -9.36 -36.00 17.54
C ALA I 99 -9.71 -34.91 16.51
N ALA I 100 -8.74 -34.18 15.94
CA ALA I 100 -8.95 -33.14 14.94
C ALA I 100 -10.10 -32.15 15.21
N ASN I 101 -10.21 -31.66 16.45
CA ASN I 101 -11.30 -30.75 16.88
C ASN I 101 -12.72 -31.31 16.74
N ASN I 102 -12.88 -32.64 16.75
CA ASN I 102 -14.18 -33.30 16.64
C ASN I 102 -14.48 -34.13 17.90
N TYR I 103 -15.56 -33.79 18.62
CA TYR I 103 -16.05 -34.57 19.76
C TYR I 103 -16.24 -36.04 19.41
N ALA I 104 -16.90 -36.36 18.28
CA ALA I 104 -17.21 -37.73 17.90
C ALA I 104 -15.95 -38.57 17.69
N ARG I 105 -14.92 -37.99 17.07
CA ARG I 105 -13.62 -38.67 16.88
C ARG I 105 -12.92 -38.92 18.21
N GLY I 106 -13.03 -37.97 19.16
CA GLY I 106 -12.47 -38.08 20.51
C GLY I 106 -13.22 -39.06 21.41
N HIS I 107 -14.53 -39.22 21.22
CA HIS I 107 -15.39 -40.09 22.03
C HIS I 107 -15.48 -41.51 21.43
N TYR I 108 -15.92 -41.65 20.17
CA TYR I 108 -16.29 -42.93 19.57
C TYR I 108 -15.14 -43.64 18.84
N THR I 109 -14.34 -42.88 18.07
CA THR I 109 -13.32 -43.45 17.18
C THR I 109 -12.00 -43.67 17.91
N ILE I 110 -11.19 -42.62 18.07
CA ILE I 110 -9.83 -42.71 18.62
C ILE I 110 -9.87 -42.90 20.14
N GLY I 111 -10.84 -42.28 20.83
CA GLY I 111 -10.97 -42.40 22.29
C GLY I 111 -11.15 -43.84 22.76
N LYS I 112 -11.94 -44.62 22.00
CA LYS I 112 -12.20 -46.02 22.29
C LYS I 112 -10.97 -46.92 22.20
N GLU I 113 -9.97 -46.55 21.38
CA GLU I 113 -8.73 -47.30 21.27
C GLU I 113 -7.80 -47.11 22.47
N ILE I 114 -7.86 -45.96 23.15
CA ILE I 114 -6.94 -45.61 24.24
C ILE I 114 -7.56 -45.69 25.64
N ILE I 115 -8.89 -45.71 25.76
CA ILE I 115 -9.59 -45.61 27.05
C ILE I 115 -9.20 -46.69 28.06
N ASP I 116 -9.05 -47.96 27.62
CA ASP I 116 -8.72 -49.06 28.53
C ASP I 116 -7.29 -48.94 29.08
N LEU I 117 -6.35 -48.41 28.28
CA LEU I 117 -4.99 -48.11 28.75
C LEU I 117 -5.03 -47.02 29.82
N VAL I 118 -5.80 -45.96 29.62
CA VAL I 118 -5.93 -44.86 30.57
C VAL I 118 -6.53 -45.33 31.90
N LEU I 119 -7.61 -46.13 31.84
CA LEU I 119 -8.22 -46.71 33.03
C LEU I 119 -7.28 -47.64 33.80
N ASP I 120 -6.45 -48.44 33.10
CA ASP I 120 -5.43 -49.27 33.77
C ASP I 120 -4.41 -48.40 34.53
N ARG I 121 -3.92 -47.31 33.94
CA ARG I 121 -2.98 -46.41 34.63
C ARG I 121 -3.62 -45.70 35.82
N ILE I 122 -4.87 -45.26 35.68
CA ILE I 122 -5.63 -44.66 36.79
C ILE I 122 -5.80 -45.69 37.91
N ARG I 123 -6.12 -46.94 37.58
CA ARG I 123 -6.26 -48.03 38.57
C ARG I 123 -4.97 -48.28 39.32
N LYS I 124 -3.82 -48.32 38.63
CA LYS I 124 -2.51 -48.43 39.30
C LYS I 124 -2.23 -47.33 40.33
N LEU I 125 -2.69 -46.09 40.08
CA LEU I 125 -2.58 -45.00 41.05
C LEU I 125 -3.61 -45.13 42.18
N ALA I 126 -4.84 -45.55 41.86
CA ALA I 126 -5.88 -45.78 42.85
C ALA I 126 -5.49 -46.90 43.84
N ASP I 127 -4.83 -47.95 43.36
CA ASP I 127 -4.34 -49.06 44.19
C ASP I 127 -3.23 -48.64 45.17
N GLN I 128 -2.52 -47.54 44.87
CA GLN I 128 -1.53 -46.94 45.76
C GLN I 128 -2.15 -45.97 46.79
N CYS I 129 -3.46 -45.73 46.72
CA CYS I 129 -4.17 -44.85 47.66
C CYS I 129 -4.78 -45.69 48.78
N THR I 130 -4.62 -45.24 50.03
CA THR I 130 -5.24 -45.89 51.20
C THR I 130 -6.71 -45.52 51.36
N GLY I 131 -7.09 -44.32 50.89
CA GLY I 131 -8.42 -43.75 51.04
C GLY I 131 -8.70 -42.72 49.95
N LEU I 132 -8.65 -43.15 48.68
CA LEU I 132 -8.96 -42.31 47.53
C LEU I 132 -10.28 -41.55 47.75
N GLN I 133 -10.24 -40.23 47.72
CA GLN I 133 -11.42 -39.37 47.80
C GLN I 133 -12.17 -39.33 46.46
N GLY I 134 -11.41 -39.08 45.40
CA GLY I 134 -11.98 -38.70 44.11
C GLY I 134 -10.94 -38.28 43.08
N PHE I 135 -11.46 -37.69 42.01
CA PHE I 135 -10.70 -37.28 40.84
C PHE I 135 -10.89 -35.78 40.58
N SER I 136 -9.82 -35.14 40.09
CA SER I 136 -9.89 -33.78 39.54
C SER I 136 -9.48 -33.82 38.08
N VAL I 137 -10.44 -33.58 37.17
CA VAL I 137 -10.27 -33.70 35.73
C VAL I 137 -10.10 -32.31 35.11
N PHE I 138 -9.05 -32.12 34.33
CA PHE I 138 -8.73 -30.86 33.65
C PHE I 138 -8.86 -31.06 32.14
N HIS I 139 -9.70 -30.27 31.48
CA HIS I 139 -9.96 -30.42 30.04
C HIS I 139 -10.51 -29.12 29.42
N SER I 140 -10.62 -29.08 28.09
CA SER I 140 -11.29 -27.99 27.35
C SER I 140 -12.63 -28.45 26.78
N PHE I 141 -13.62 -27.57 26.79
CA PHE I 141 -14.89 -27.84 26.09
C PHE I 141 -14.77 -27.78 24.56
N GLY I 142 -13.93 -26.89 24.02
CA GLY I 142 -13.88 -26.66 22.57
C GLY I 142 -13.08 -27.70 21.76
N GLY I 143 -12.05 -28.32 22.34
CA GLY I 143 -11.14 -29.22 21.61
C GLY I 143 -11.64 -30.67 21.57
N GLY I 144 -11.36 -31.41 20.49
CA GLY I 144 -11.92 -32.76 20.29
C GLY I 144 -11.51 -33.80 21.35
N THR I 145 -10.24 -33.81 21.78
CA THR I 145 -9.80 -34.68 22.89
C THR I 145 -10.37 -34.20 24.22
N GLY I 146 -10.34 -32.89 24.46
CA GLY I 146 -10.81 -32.29 25.71
C GLY I 146 -12.31 -32.49 25.91
N SER I 147 -13.10 -32.54 24.85
CA SER I 147 -14.53 -32.79 24.91
C SER I 147 -14.82 -34.30 24.87
N GLY I 148 -14.58 -34.93 23.72
CA GLY I 148 -15.01 -36.30 23.44
C GLY I 148 -14.34 -37.36 24.31
N PHE I 149 -13.03 -37.27 24.53
CA PHE I 149 -12.35 -38.27 25.38
C PHE I 149 -12.71 -38.08 26.86
N THR I 150 -12.91 -36.83 27.30
CA THR I 150 -13.29 -36.56 28.69
C THR I 150 -14.67 -37.11 29.01
N SER I 151 -15.67 -36.96 28.13
CA SER I 151 -16.99 -37.55 28.37
C SER I 151 -16.93 -39.07 28.49
N LEU I 152 -16.22 -39.74 27.56
CA LEU I 152 -16.00 -41.18 27.63
C LEU I 152 -15.28 -41.60 28.93
N LEU I 153 -14.28 -40.83 29.35
CA LEU I 153 -13.54 -41.08 30.59
C LEU I 153 -14.44 -40.92 31.82
N MET I 154 -15.24 -39.86 31.88
CA MET I 154 -16.13 -39.55 33.00
C MET I 154 -17.21 -40.62 33.19
N GLU I 155 -17.79 -41.11 32.10
CA GLU I 155 -18.70 -42.27 32.11
C GLU I 155 -18.04 -43.50 32.72
N ARG I 156 -16.86 -43.88 32.20
CA ARG I 156 -16.14 -45.08 32.66
C ARG I 156 -15.65 -44.94 34.10
N LEU I 157 -15.25 -43.74 34.54
CA LEU I 157 -14.92 -43.47 35.93
C LEU I 157 -16.15 -43.59 36.84
N SER I 158 -17.33 -43.16 36.41
CA SER I 158 -18.57 -43.36 37.16
C SER I 158 -18.93 -44.85 37.32
N VAL I 159 -18.62 -45.68 36.33
CA VAL I 159 -18.80 -47.14 36.42
C VAL I 159 -17.80 -47.77 37.40
N ASP I 160 -16.50 -47.52 37.22
CA ASP I 160 -15.44 -48.17 38.02
C ASP I 160 -15.37 -47.62 39.46
N TYR I 161 -15.72 -46.34 39.66
CA TYR I 161 -15.55 -45.60 40.91
C TYR I 161 -16.80 -44.82 41.34
N GLY I 162 -18.01 -45.39 41.18
CA GLY I 162 -19.28 -44.67 41.34
C GLY I 162 -19.56 -43.96 42.69
N LYS I 163 -18.77 -44.17 43.75
CA LYS I 163 -18.88 -43.42 45.03
C LYS I 163 -17.81 -42.34 45.22
N LYS I 164 -16.90 -42.19 44.27
CA LYS I 164 -15.77 -41.27 44.34
C LYS I 164 -16.17 -39.97 43.66
N SER I 165 -15.92 -38.85 44.35
CA SER I 165 -16.27 -37.54 43.81
C SER I 165 -15.45 -37.23 42.57
N LYS I 166 -16.05 -36.54 41.60
CA LYS I 166 -15.40 -36.10 40.36
C LYS I 166 -15.59 -34.60 40.23
N LEU I 167 -14.48 -33.87 40.31
CA LEU I 167 -14.43 -32.44 40.09
C LEU I 167 -13.84 -32.16 38.72
N GLU I 168 -14.40 -31.19 38.02
CA GLU I 168 -13.89 -30.76 36.72
C GLU I 168 -13.35 -29.34 36.77
N PHE I 169 -12.31 -29.09 35.99
CA PHE I 169 -11.78 -27.77 35.65
C PHE I 169 -11.84 -27.65 34.14
N SER I 170 -12.88 -26.97 33.66
CA SER I 170 -13.26 -26.97 32.24
C SER I 170 -13.01 -25.61 31.62
N ILE I 171 -12.26 -25.59 30.52
CA ILE I 171 -11.98 -24.35 29.78
C ILE I 171 -13.11 -24.07 28.79
N TYR I 172 -13.87 -23.00 29.05
CA TYR I 172 -14.90 -22.48 28.17
C TYR I 172 -14.28 -21.72 27.00
N PRO I 173 -14.71 -22.00 25.75
CA PRO I 173 -14.07 -21.47 24.55
C PRO I 173 -14.35 -19.98 24.35
N ALA I 174 -13.35 -19.25 23.86
CA ALA I 174 -13.42 -17.82 23.58
C ALA I 174 -13.02 -17.51 22.14
N PRO I 175 -13.81 -16.71 21.38
CA PRO I 175 -13.54 -16.41 19.97
C PRO I 175 -12.13 -15.90 19.66
N GLN I 176 -11.56 -15.09 20.56
CA GLN I 176 -10.29 -14.41 20.37
C GLN I 176 -9.08 -15.37 20.42
N VAL I 177 -9.24 -16.53 21.06
CA VAL I 177 -8.18 -17.53 21.25
C VAL I 177 -8.61 -18.91 20.71
N SER I 178 -9.70 -18.93 19.95
CA SER I 178 -10.39 -20.12 19.46
C SER I 178 -9.74 -20.65 18.18
N THR I 179 -9.44 -21.95 18.17
CA THR I 179 -8.76 -22.63 17.05
C THR I 179 -9.74 -23.29 16.09
N ALA I 180 -10.97 -23.55 16.53
CA ALA I 180 -11.97 -24.22 15.71
C ALA I 180 -13.29 -23.46 15.60
N VAL I 181 -13.98 -23.65 14.48
CA VAL I 181 -15.33 -23.09 14.27
C VAL I 181 -16.37 -23.93 15.04
N VAL I 182 -16.14 -25.24 15.12
CA VAL I 182 -17.04 -26.22 15.74
C VAL I 182 -16.93 -26.31 17.28
N GLU I 183 -16.20 -25.39 17.92
CA GLU I 183 -16.07 -25.37 19.40
C GLU I 183 -17.42 -25.33 20.14
N PRO I 184 -18.47 -24.61 19.68
CA PRO I 184 -19.79 -24.66 20.31
C PRO I 184 -20.40 -26.07 20.33
N TYR I 185 -20.31 -26.82 19.24
CA TYR I 185 -20.81 -28.21 19.17
C TYR I 185 -20.09 -29.11 20.16
N ASN I 186 -18.76 -29.06 20.15
CA ASN I 186 -17.96 -29.87 21.08
C ASN I 186 -18.29 -29.56 22.54
N SER I 187 -18.56 -28.28 22.84
CA SER I 187 -18.88 -27.81 24.18
C SER I 187 -20.25 -28.30 24.65
N ILE I 188 -21.29 -28.16 23.82
CA ILE I 188 -22.64 -28.63 24.17
C ILE I 188 -22.68 -30.15 24.31
N LEU I 189 -22.08 -30.89 23.36
CA LEU I 189 -22.01 -32.35 23.42
C LEU I 189 -21.30 -32.85 24.68
N THR I 190 -20.13 -32.28 25.01
CA THR I 190 -19.44 -32.72 26.23
C THR I 190 -20.17 -32.32 27.50
N THR I 191 -20.76 -31.12 27.56
CA THR I 191 -21.47 -30.67 28.77
C THR I 191 -22.66 -31.57 29.03
N HIS I 192 -23.45 -31.91 28.00
CA HIS I 192 -24.56 -32.86 28.11
C HIS I 192 -24.09 -34.20 28.69
N THR I 193 -23.08 -34.83 28.08
CA THR I 193 -22.64 -36.17 28.51
C THR I 193 -21.92 -36.17 29.87
N THR I 194 -21.27 -35.08 30.28
CA THR I 194 -20.59 -35.01 31.60
C THR I 194 -21.50 -34.55 32.74
N LEU I 195 -22.66 -33.94 32.46
CA LEU I 195 -23.53 -33.31 33.45
C LEU I 195 -23.96 -34.28 34.57
N GLU I 196 -24.34 -35.51 34.23
CA GLU I 196 -24.77 -36.50 35.23
C GLU I 196 -23.59 -37.20 35.95
N HIS I 197 -22.37 -36.99 35.47
CA HIS I 197 -21.17 -37.62 36.02
C HIS I 197 -20.36 -36.68 36.90
N SER I 198 -20.43 -35.37 36.70
CA SER I 198 -19.74 -34.38 37.52
C SER I 198 -20.45 -34.10 38.84
N ASP I 199 -19.69 -33.93 39.94
CA ASP I 199 -20.26 -33.45 41.21
C ASP I 199 -20.12 -31.92 41.34
N CYS I 200 -19.11 -31.34 40.70
CA CYS I 200 -18.81 -29.91 40.72
C CYS I 200 -17.81 -29.56 39.62
N ALA I 201 -18.15 -28.61 38.75
CA ALA I 201 -17.33 -28.20 37.61
C ALA I 201 -16.99 -26.71 37.68
N PHE I 202 -15.70 -26.40 37.76
CA PHE I 202 -15.20 -25.03 37.71
C PHE I 202 -14.93 -24.63 36.26
N MET I 203 -15.82 -23.80 35.71
CA MET I 203 -15.62 -23.22 34.39
C MET I 203 -14.62 -22.07 34.43
N VAL I 204 -13.75 -22.03 33.42
CA VAL I 204 -12.82 -20.94 33.18
C VAL I 204 -12.98 -20.45 31.75
N ASP I 205 -13.53 -19.26 31.59
CA ASP I 205 -13.68 -18.58 30.31
C ASP I 205 -12.37 -17.97 29.86
N ASN I 206 -11.83 -18.47 28.73
CA ASN I 206 -10.61 -17.93 28.15
C ASN I 206 -10.69 -16.44 27.87
N GLU I 207 -11.88 -15.89 27.58
CA GLU I 207 -12.05 -14.46 27.34
C GLU I 207 -11.85 -13.66 28.62
N ALA I 208 -12.33 -14.19 29.76
CA ALA I 208 -12.16 -13.55 31.06
C ALA I 208 -10.68 -13.54 31.48
N ILE I 209 -9.98 -14.67 31.35
CA ILE I 209 -8.55 -14.77 31.68
C ILE I 209 -7.73 -13.85 30.78
N TYR I 210 -8.02 -13.84 29.47
CA TYR I 210 -7.35 -12.98 28.50
C TYR I 210 -7.49 -11.50 28.85
N ASP I 211 -8.70 -11.07 29.20
CA ASP I 211 -8.95 -9.68 29.60
C ASP I 211 -8.29 -9.31 30.93
N ILE I 212 -8.24 -10.22 31.90
CA ILE I 212 -7.53 -10.00 33.17
C ILE I 212 -6.03 -9.85 32.90
N CYS I 213 -5.43 -10.71 32.08
CA CYS I 213 -4.02 -10.57 31.70
C CYS I 213 -3.74 -9.24 30.99
N ARG I 214 -4.63 -8.78 30.10
CA ARG I 214 -4.47 -7.49 29.43
C ARG I 214 -4.60 -6.31 30.38
N ARG I 215 -5.62 -6.31 31.24
CA ARG I 215 -5.96 -5.15 32.09
C ARG I 215 -5.10 -5.04 33.34
N ASN I 216 -4.83 -6.17 33.99
CA ASN I 216 -4.19 -6.19 35.31
C ASN I 216 -2.68 -6.47 35.22
N LEU I 217 -2.25 -7.23 34.21
CA LEU I 217 -0.83 -7.55 33.98
C LEU I 217 -0.17 -6.70 32.89
N ASP I 218 -0.92 -5.82 32.22
CA ASP I 218 -0.43 -4.96 31.14
C ASP I 218 0.23 -5.75 29.97
N ILE I 219 -0.21 -7.00 29.75
CA ILE I 219 0.29 -7.83 28.65
C ILE I 219 -0.57 -7.56 27.41
N GLU I 220 -0.01 -6.94 26.37
CA GLU I 220 -0.79 -6.55 25.20
C GLU I 220 -1.47 -7.73 24.49
N ARG I 221 -0.75 -8.85 24.36
CA ARG I 221 -1.24 -10.10 23.76
C ARG I 221 -0.82 -11.32 24.60
N PRO I 222 -1.64 -11.71 25.59
CA PRO I 222 -1.38 -12.88 26.40
C PRO I 222 -1.23 -14.16 25.56
N THR I 223 -0.25 -14.98 25.90
CA THR I 223 -0.08 -16.33 25.36
C THR I 223 -0.73 -17.37 26.28
N TYR I 224 -0.91 -18.60 25.83
CA TYR I 224 -1.39 -19.69 26.70
C TYR I 224 -0.52 -19.86 27.95
N THR I 225 0.79 -19.60 27.88
CA THR I 225 1.65 -19.61 29.08
C THR I 225 1.23 -18.57 30.11
N ASN I 226 0.82 -17.36 29.67
CA ASN I 226 0.33 -16.33 30.58
C ASN I 226 -1.02 -16.71 31.18
N LEU I 227 -1.94 -17.22 30.35
CA LEU I 227 -3.27 -17.66 30.80
C LEU I 227 -3.14 -18.80 31.81
N ASN I 228 -2.37 -19.84 31.48
CA ASN I 228 -2.21 -21.03 32.32
C ASN I 228 -1.55 -20.73 33.66
N ARG I 229 -0.64 -19.75 33.75
CA ARG I 229 -0.06 -19.30 35.02
C ARG I 229 -1.12 -18.67 35.93
N LEU I 230 -2.03 -17.87 35.38
CA LEU I 230 -3.12 -17.29 36.14
C LEU I 230 -4.11 -18.38 36.57
N ILE I 231 -4.51 -19.27 35.66
CA ILE I 231 -5.37 -20.42 35.95
C ILE I 231 -4.75 -21.28 37.06
N GLY I 232 -3.44 -21.53 37.01
CA GLY I 232 -2.72 -22.27 38.04
C GLY I 232 -2.84 -21.65 39.44
N GLN I 233 -2.86 -20.32 39.57
CA GLN I 233 -3.09 -19.64 40.85
C GLN I 233 -4.50 -19.86 41.40
N ILE I 234 -5.50 -19.83 40.52
CA ILE I 234 -6.90 -20.04 40.90
C ILE I 234 -7.09 -21.49 41.34
N VAL I 235 -6.63 -22.44 40.52
CA VAL I 235 -6.66 -23.88 40.85
C VAL I 235 -5.91 -24.14 42.16
N SER I 236 -4.73 -23.55 42.35
CA SER I 236 -3.98 -23.65 43.60
C SER I 236 -4.74 -23.12 44.80
N SER I 237 -5.46 -22.01 44.64
CA SER I 237 -6.29 -21.44 45.71
C SER I 237 -7.51 -22.29 46.04
N ILE I 238 -8.10 -22.96 45.04
CA ILE I 238 -9.20 -23.91 45.24
C ILE I 238 -8.71 -25.16 45.96
N THR I 239 -7.58 -25.74 45.53
CA THR I 239 -7.04 -26.99 46.11
C THR I 239 -6.22 -26.76 47.39
N ALA I 240 -5.93 -25.52 47.79
CA ALA I 240 -5.12 -25.22 48.97
C ALA I 240 -5.71 -25.82 50.27
N SER I 241 -7.03 -25.93 50.38
CA SER I 241 -7.68 -26.54 51.54
C SER I 241 -7.50 -28.05 51.65
N LEU I 242 -7.13 -28.71 50.54
CA LEU I 242 -6.86 -30.16 50.48
C LEU I 242 -5.38 -30.49 50.65
N ARG I 243 -4.50 -29.50 50.44
CA ARG I 243 -3.04 -29.66 50.40
C ARG I 243 -2.34 -29.22 51.67
N PHE I 244 -2.99 -28.36 52.45
CA PHE I 244 -2.48 -27.82 53.70
C PHE I 244 -3.52 -27.98 54.79
N ASP I 245 -3.07 -28.07 56.03
CA ASP I 245 -3.96 -28.07 57.18
C ASP I 245 -4.80 -26.78 57.23
N GLY I 246 -6.12 -26.95 57.31
CA GLY I 246 -7.08 -25.84 57.27
C GLY I 246 -8.48 -26.26 57.74
N ALA I 247 -9.35 -25.28 57.98
CA ALA I 247 -10.66 -25.53 58.60
C ALA I 247 -11.83 -25.75 57.62
N LEU I 248 -11.73 -25.35 56.35
CA LEU I 248 -12.85 -25.35 55.40
C LEU I 248 -12.47 -26.07 54.11
N ASN I 249 -13.36 -26.91 53.57
CA ASN I 249 -13.21 -27.68 52.34
C ASN I 249 -12.02 -28.66 52.39
N VAL I 250 -11.95 -29.42 53.47
CA VAL I 250 -10.87 -30.37 53.76
C VAL I 250 -11.06 -31.67 52.96
N ASP I 251 -12.21 -31.87 52.33
CA ASP I 251 -12.45 -32.92 51.34
C ASP I 251 -13.26 -32.44 50.13
N LEU I 252 -13.26 -33.29 49.09
CA LEU I 252 -14.02 -33.08 47.86
C LEU I 252 -15.53 -33.06 48.08
N THR I 253 -16.03 -33.85 49.03
CA THR I 253 -17.46 -33.93 49.35
C THR I 253 -17.99 -32.64 49.99
N GLU I 254 -17.15 -31.93 50.74
CA GLU I 254 -17.46 -30.62 51.32
C GLU I 254 -17.64 -29.54 50.24
N PHE I 255 -16.95 -29.63 49.10
CA PHE I 255 -17.18 -28.70 47.98
C PHE I 255 -18.61 -28.83 47.46
N GLN I 256 -19.05 -30.05 47.14
CA GLN I 256 -20.42 -30.31 46.70
C GLN I 256 -21.42 -29.84 47.77
N THR I 257 -21.20 -30.23 49.03
CA THR I 257 -22.11 -29.90 50.14
C THR I 257 -22.25 -28.40 50.38
N ASN I 258 -21.18 -27.62 50.21
CA ASN I 258 -21.18 -26.18 50.47
C ASN I 258 -21.58 -25.34 49.25
N LEU I 259 -21.34 -25.81 48.03
CA LEU I 259 -21.51 -25.01 46.80
C LEU I 259 -22.67 -25.47 45.92
N VAL I 260 -23.10 -26.73 46.00
CA VAL I 260 -24.03 -27.35 45.02
C VAL I 260 -25.32 -27.76 45.73
N PRO I 261 -26.34 -26.88 45.77
CA PRO I 261 -27.63 -27.22 46.37
C PRO I 261 -28.48 -28.15 45.50
N TYR I 262 -28.38 -28.01 44.18
CA TYR I 262 -29.06 -28.85 43.20
C TYR I 262 -28.02 -29.56 42.32
N PRO I 263 -28.17 -30.88 42.08
CA PRO I 263 -27.17 -31.66 41.36
C PRO I 263 -26.82 -31.12 39.97
N ARG I 264 -27.78 -30.56 39.20
CA ARG I 264 -27.51 -30.02 37.84
C ARG I 264 -26.85 -28.64 37.86
N ALA I 265 -27.14 -27.82 38.86
CA ALA I 265 -26.57 -26.48 39.00
C ALA I 265 -25.20 -26.51 39.70
N HIS I 266 -24.27 -27.31 39.19
CA HIS I 266 -22.98 -27.59 39.82
C HIS I 266 -21.79 -26.80 39.24
N PHE I 267 -22.05 -25.59 38.71
CA PHE I 267 -21.03 -24.72 38.10
C PHE I 267 -20.75 -23.46 38.94
N PRO I 268 -19.89 -23.51 39.98
CA PRO I 268 -19.53 -22.33 40.75
C PRO I 268 -18.70 -21.34 39.92
N LEU I 269 -19.05 -20.07 40.02
CA LEU I 269 -18.26 -18.97 39.51
C LEU I 269 -17.07 -18.71 40.44
N ALA I 270 -15.85 -18.83 39.89
CA ALA I 270 -14.63 -18.45 40.58
C ALA I 270 -14.28 -16.98 40.33
N THR I 271 -13.79 -16.30 41.35
CA THR I 271 -13.24 -14.93 41.27
C THR I 271 -11.96 -14.86 42.10
N TYR I 272 -10.88 -14.34 41.54
CA TYR I 272 -9.59 -14.29 42.22
C TYR I 272 -9.07 -12.86 42.35
N ALA I 273 -8.60 -12.53 43.54
CA ALA I 273 -7.95 -11.26 43.81
C ALA I 273 -6.85 -11.40 44.87
N PRO I 274 -5.77 -10.59 44.81
CA PRO I 274 -5.50 -9.62 43.78
C PRO I 274 -4.66 -10.21 42.63
N VAL I 275 -4.89 -9.71 41.41
CA VAL I 275 -4.03 -9.98 40.24
C VAL I 275 -3.22 -8.72 39.97
N ILE I 276 -1.92 -8.77 40.25
CA ILE I 276 -1.01 -7.62 40.13
C ILE I 276 0.22 -8.05 39.35
N SER I 277 0.64 -7.20 38.39
CA SER I 277 1.89 -7.40 37.64
C SER I 277 3.13 -7.42 38.54
N ALA I 278 4.09 -8.28 38.25
CA ALA I 278 5.38 -8.37 38.93
C ALA I 278 6.13 -7.02 39.00
N GLU I 279 5.97 -6.14 38.00
CA GLU I 279 6.59 -4.80 38.02
C GLU I 279 6.02 -3.90 39.13
N LYS I 280 4.77 -4.14 39.53
CA LYS I 280 4.07 -3.42 40.61
C LYS I 280 4.23 -4.13 41.97
N ALA I 281 5.13 -5.11 42.11
CA ALA I 281 5.30 -5.88 43.35
C ALA I 281 5.68 -5.03 44.57
N TYR I 282 6.35 -3.90 44.37
CA TYR I 282 6.77 -2.98 45.44
C TYR I 282 5.71 -1.94 45.81
N HIS I 283 4.53 -1.95 45.17
CA HIS I 283 3.43 -1.07 45.54
C HIS I 283 2.81 -1.44 46.90
N GLU I 284 1.95 -0.56 47.37
CA GLU I 284 1.21 -0.72 48.63
C GLU I 284 0.40 -2.03 48.61
N GLN I 285 0.55 -2.82 49.67
CA GLN I 285 -0.15 -4.09 49.81
C GLN I 285 -1.63 -3.82 50.08
N LEU I 286 -2.49 -4.52 49.33
CA LEU I 286 -3.93 -4.37 49.47
C LEU I 286 -4.41 -4.91 50.82
N SER I 287 -5.34 -4.20 51.43
CA SER I 287 -6.02 -4.61 52.66
C SER I 287 -6.98 -5.77 52.42
N VAL I 288 -7.34 -6.48 53.50
CA VAL I 288 -8.37 -7.54 53.45
C VAL I 288 -9.68 -6.98 52.86
N ALA I 289 -10.09 -5.77 53.25
CA ALA I 289 -11.32 -5.16 52.76
C ALA I 289 -11.28 -4.87 51.25
N GLU I 290 -10.14 -4.43 50.72
CA GLU I 290 -9.98 -4.14 49.29
C GLU I 290 -10.03 -5.42 48.45
N ILE I 291 -9.31 -6.47 48.86
CA ILE I 291 -9.31 -7.73 48.11
C ILE I 291 -10.68 -8.42 48.17
N THR I 292 -11.38 -8.37 49.32
CA THR I 292 -12.74 -8.95 49.39
C THR I 292 -13.71 -8.16 48.52
N ASN I 293 -13.59 -6.83 48.46
CA ASN I 293 -14.45 -6.02 47.60
C ASN I 293 -14.18 -6.27 46.10
N ALA I 294 -12.92 -6.60 45.74
CA ALA I 294 -12.55 -6.98 44.38
C ALA I 294 -13.17 -8.31 43.92
N CYS I 295 -13.56 -9.20 44.84
CA CYS I 295 -14.30 -10.43 44.51
C CYS I 295 -15.72 -10.18 43.97
N PHE I 296 -16.30 -9.01 44.22
CA PHE I 296 -17.65 -8.65 43.75
C PHE I 296 -17.60 -7.70 42.55
N GLU I 297 -16.46 -7.63 41.86
CA GLU I 297 -16.29 -6.85 40.63
C GLU I 297 -16.24 -7.80 39.42
N PRO I 298 -17.18 -7.69 38.47
CA PRO I 298 -17.21 -8.58 37.30
C PRO I 298 -15.93 -8.63 36.48
N ALA I 299 -15.13 -7.56 36.53
CA ALA I 299 -13.84 -7.47 35.87
C ALA I 299 -12.79 -8.50 36.35
N ASN I 300 -12.98 -9.14 37.52
CA ASN I 300 -12.05 -10.11 38.11
C ASN I 300 -12.58 -11.56 38.08
N GLN I 301 -13.76 -11.78 37.51
CA GLN I 301 -14.38 -13.10 37.42
C GLN I 301 -13.68 -14.01 36.42
N MET I 302 -13.79 -15.33 36.61
CA MET I 302 -13.25 -16.35 35.71
C MET I 302 -14.19 -16.73 34.57
N VAL I 303 -15.47 -16.36 34.67
CA VAL I 303 -16.46 -16.47 33.58
C VAL I 303 -17.06 -15.10 33.35
N LYS I 304 -17.14 -14.66 32.08
CA LYS I 304 -17.78 -13.39 31.74
C LYS I 304 -19.29 -13.52 31.93
N CYS I 305 -19.80 -13.00 33.04
CA CYS I 305 -21.21 -12.80 33.31
C CYS I 305 -21.36 -11.68 34.34
N ASP I 306 -22.57 -11.22 34.60
CA ASP I 306 -22.84 -10.24 35.65
C ASP I 306 -23.73 -10.81 36.76
N PRO I 307 -23.16 -11.18 37.92
CA PRO I 307 -23.92 -11.69 39.07
C PRO I 307 -24.99 -10.73 39.60
N ARG I 308 -24.99 -9.45 39.18
CA ARG I 308 -26.05 -8.49 39.52
C ARG I 308 -27.35 -8.76 38.78
N HIS I 309 -27.32 -9.51 37.68
CA HIS I 309 -28.51 -9.95 36.95
C HIS I 309 -29.09 -11.27 37.46
N GLY I 310 -28.46 -11.90 38.45
CA GLY I 310 -28.90 -13.18 39.01
C GLY I 310 -28.91 -13.18 40.53
N LYS I 311 -28.99 -14.40 41.09
CA LYS I 311 -28.98 -14.62 42.54
C LYS I 311 -27.86 -15.57 42.94
N TYR I 312 -27.41 -15.41 44.18
CA TYR I 312 -26.46 -16.31 44.81
C TYR I 312 -27.20 -17.42 45.54
N MET I 313 -26.85 -18.66 45.24
CA MET I 313 -27.29 -19.83 46.00
C MET I 313 -26.29 -20.20 47.09
N ALA I 314 -24.99 -20.03 46.81
CA ALA I 314 -23.92 -20.31 47.77
C ALA I 314 -22.75 -19.35 47.55
N CYS I 315 -22.02 -19.04 48.62
CA CYS I 315 -20.81 -18.23 48.53
C CYS I 315 -19.76 -18.65 49.56
N CYS I 316 -18.59 -19.02 49.06
CA CYS I 316 -17.41 -19.39 49.82
C CYS I 316 -16.27 -18.40 49.54
N LEU I 317 -15.62 -17.90 50.59
CA LEU I 317 -14.44 -17.05 50.52
C LEU I 317 -13.23 -17.81 51.07
N LEU I 318 -12.27 -18.11 50.21
CA LEU I 318 -11.04 -18.83 50.54
C LEU I 318 -9.87 -17.84 50.56
N TYR I 319 -9.42 -17.45 51.74
CA TYR I 319 -8.29 -16.57 51.93
C TYR I 319 -6.99 -17.35 52.09
N ARG I 320 -5.89 -16.77 51.60
CA ARG I 320 -4.53 -17.28 51.77
C ARG I 320 -3.59 -16.20 52.28
N GLY I 321 -2.68 -16.55 53.19
CA GLY I 321 -1.63 -15.68 53.72
C GLY I 321 -2.02 -14.90 54.98
N ASP I 322 -1.55 -13.66 55.09
CA ASP I 322 -1.73 -12.82 56.28
C ASP I 322 -3.14 -12.23 56.37
N VAL I 323 -4.07 -13.03 56.88
CA VAL I 323 -5.49 -12.66 57.04
C VAL I 323 -6.00 -13.08 58.41
N VAL I 324 -6.62 -12.14 59.13
CA VAL I 324 -7.26 -12.41 60.43
C VAL I 324 -8.79 -12.47 60.28
N PRO I 325 -9.48 -13.40 60.98
CA PRO I 325 -10.94 -13.55 60.87
C PRO I 325 -11.73 -12.28 61.19
N LYS I 326 -11.20 -11.43 62.09
CA LYS I 326 -11.84 -10.17 62.49
C LYS I 326 -11.99 -9.22 61.28
N ASP I 327 -10.94 -9.10 60.47
CA ASP I 327 -10.92 -8.19 59.33
C ASP I 327 -11.78 -8.72 58.19
N VAL I 328 -11.82 -10.05 58.01
CA VAL I 328 -12.73 -10.72 57.07
C VAL I 328 -14.20 -10.43 57.42
N ASN I 329 -14.59 -10.59 58.68
CA ASN I 329 -15.96 -10.31 59.11
C ASN I 329 -16.34 -8.82 58.93
N ALA I 330 -15.41 -7.91 59.21
CA ALA I 330 -15.63 -6.48 58.99
C ALA I 330 -15.77 -6.13 57.49
N ALA I 331 -14.97 -6.76 56.62
CA ALA I 331 -15.07 -6.61 55.17
C ALA I 331 -16.42 -7.12 54.65
N ILE I 332 -16.84 -8.32 55.06
CA ILE I 332 -18.13 -8.91 54.65
C ILE I 332 -19.31 -8.02 55.08
N ALA I 333 -19.29 -7.47 56.30
CA ALA I 333 -20.35 -6.57 56.77
C ALA I 333 -20.44 -5.28 55.93
N THR I 334 -19.29 -4.73 55.55
CA THR I 334 -19.23 -3.54 54.67
C THR I 334 -19.73 -3.85 53.26
N ILE I 335 -19.45 -5.05 52.75
CA ILE I 335 -19.89 -5.48 51.42
C ILE I 335 -21.39 -5.72 51.39
N LYS I 336 -21.95 -6.42 52.38
CA LYS I 336 -23.41 -6.65 52.52
C LYS I 336 -24.22 -5.35 52.56
N THR I 337 -23.64 -4.25 53.04
CA THR I 337 -24.33 -2.95 53.12
C THR I 337 -24.19 -2.10 51.87
N LYS I 338 -23.13 -2.31 51.08
CA LYS I 338 -22.81 -1.46 49.92
C LYS I 338 -23.11 -2.08 48.56
N ARG I 339 -23.15 -3.41 48.48
CA ARG I 339 -23.28 -4.13 47.21
C ARG I 339 -24.66 -4.74 47.07
N THR I 340 -25.12 -4.78 45.83
CA THR I 340 -26.28 -5.58 45.42
C THR I 340 -25.86 -7.05 45.44
N ILE I 341 -26.09 -7.72 46.56
CA ILE I 341 -25.88 -9.16 46.71
C ILE I 341 -27.23 -9.76 47.06
N GLN I 342 -27.93 -10.25 46.05
CA GLN I 342 -29.19 -10.94 46.22
C GLN I 342 -28.91 -12.44 46.33
N PHE I 343 -29.22 -13.01 47.49
CA PHE I 343 -29.28 -14.46 47.63
C PHE I 343 -30.69 -14.94 47.31
N VAL I 344 -30.82 -16.20 46.92
CA VAL I 344 -32.14 -16.87 46.81
C VAL I 344 -32.79 -16.98 48.19
N ASP I 345 -34.13 -16.91 48.24
CA ASP I 345 -34.88 -16.81 49.50
C ASP I 345 -34.73 -18.02 50.43
N TRP I 346 -34.61 -19.21 49.85
CA TRP I 346 -34.55 -20.47 50.59
C TRP I 346 -33.15 -20.81 51.11
N CYS I 347 -32.11 -20.09 50.70
CA CYS I 347 -30.74 -20.35 51.13
C CYS I 347 -30.30 -19.27 52.13
N PRO I 348 -29.63 -19.64 53.24
CA PRO I 348 -29.15 -18.65 54.19
C PRO I 348 -28.17 -17.68 53.49
N THR I 349 -28.31 -16.39 53.78
CA THR I 349 -27.40 -15.29 53.37
C THR I 349 -26.04 -15.39 54.10
N GLY I 350 -25.44 -16.58 54.05
CA GLY I 350 -24.23 -16.97 54.77
C GLY I 350 -23.04 -17.10 53.83
N PHE I 351 -21.94 -16.46 54.20
CA PHE I 351 -20.64 -16.71 53.58
C PHE I 351 -19.92 -17.79 54.37
N LYS I 352 -19.46 -18.85 53.70
CA LYS I 352 -18.49 -19.78 54.29
C LYS I 352 -17.10 -19.19 54.10
N VAL I 353 -16.29 -19.17 55.16
CA VAL I 353 -14.96 -18.55 55.12
C VAL I 353 -13.91 -19.59 55.47
N GLY I 354 -12.96 -19.80 54.57
CA GLY I 354 -11.73 -20.57 54.80
C GLY I 354 -10.54 -19.62 54.86
N ILE I 355 -9.64 -19.82 55.81
CA ILE I 355 -8.38 -19.09 55.89
C ILE I 355 -7.26 -20.11 55.99
N ASN I 356 -6.36 -20.08 55.03
CA ASN I 356 -5.10 -20.82 55.06
C ASN I 356 -3.96 -19.81 55.27
N TYR I 357 -3.13 -20.01 56.28
CA TYR I 357 -2.07 -19.07 56.61
C TYR I 357 -0.87 -19.16 55.67
N GLU I 358 -0.77 -20.20 54.85
CA GLU I 358 0.29 -20.32 53.85
C GLU I 358 0.09 -19.25 52.76
N PRO I 359 1.04 -18.31 52.61
CA PRO I 359 0.91 -17.24 51.63
C PRO I 359 0.93 -17.79 50.19
N PRO I 360 0.30 -17.08 49.24
CA PRO I 360 0.40 -17.43 47.83
C PRO I 360 1.86 -17.41 47.36
N THR I 361 2.28 -18.49 46.68
CA THR I 361 3.56 -18.54 45.98
C THR I 361 3.34 -18.18 44.52
N VAL I 362 4.33 -17.56 43.88
CA VAL I 362 4.31 -17.26 42.44
C VAL I 362 5.52 -17.90 41.77
N VAL I 363 5.36 -18.28 40.50
CA VAL I 363 6.45 -18.85 39.70
C VAL I 363 7.55 -17.79 39.51
N PRO I 364 8.82 -18.08 39.83
CA PRO I 364 9.93 -17.16 39.58
C PRO I 364 10.02 -16.78 38.11
N GLY I 365 10.11 -15.48 37.80
CA GLY I 365 10.10 -14.98 36.42
C GLY I 365 8.73 -15.03 35.74
N GLY I 366 7.67 -15.31 36.49
CA GLY I 366 6.28 -15.15 36.04
C GLY I 366 5.83 -13.69 36.00
N ASP I 367 4.63 -13.48 35.46
CA ASP I 367 4.03 -12.16 35.25
C ASP I 367 3.34 -11.60 36.52
N LEU I 368 3.08 -12.47 37.50
CA LEU I 368 2.37 -12.17 38.74
C LEU I 368 3.33 -11.74 39.86
N ALA I 369 2.97 -10.68 40.59
CA ALA I 369 3.69 -10.26 41.78
C ALA I 369 3.47 -11.20 42.97
N LYS I 370 4.48 -11.29 43.85
CA LYS I 370 4.29 -11.89 45.17
C LYS I 370 3.41 -10.99 46.03
N VAL I 371 2.32 -11.54 46.55
CA VAL I 371 1.34 -10.84 47.39
C VAL I 371 1.34 -11.44 48.80
N GLN I 372 1.05 -10.63 49.82
CA GLN I 372 1.01 -11.10 51.21
C GLN I 372 -0.28 -11.86 51.55
N ARG I 373 -1.36 -11.53 50.84
CA ARG I 373 -2.68 -12.10 51.01
C ARG I 373 -3.42 -12.15 49.69
N ALA I 374 -4.19 -13.21 49.48
CA ALA I 374 -5.09 -13.37 48.35
C ALA I 374 -6.42 -13.98 48.81
N VAL I 375 -7.43 -13.88 47.96
CA VAL I 375 -8.76 -14.45 48.17
C VAL I 375 -9.27 -15.05 46.86
N CYS I 376 -9.82 -16.25 46.95
CA CYS I 376 -10.60 -16.88 45.90
C CYS I 376 -12.04 -16.97 46.40
N MET I 377 -12.97 -16.32 45.71
CA MET I 377 -14.40 -16.45 45.97
C MET I 377 -14.98 -17.50 45.02
N LEU I 378 -15.63 -18.50 45.59
CA LEU I 378 -16.40 -19.51 44.86
C LEU I 378 -17.86 -19.26 45.16
N SER I 379 -18.63 -18.86 44.16
CA SER I 379 -20.04 -18.56 44.33
C SER I 379 -20.88 -19.28 43.30
N ASN I 380 -21.88 -20.04 43.75
CA ASN I 380 -22.87 -20.59 42.86
C ASN I 380 -23.95 -19.55 42.62
N THR I 381 -24.00 -19.00 41.41
CA THR I 381 -24.92 -17.93 41.01
C THR I 381 -25.65 -18.29 39.73
N THR I 382 -26.92 -17.93 39.63
CA THR I 382 -27.72 -18.16 38.41
C THR I 382 -27.24 -17.34 37.22
N ALA I 383 -26.49 -16.24 37.45
CA ALA I 383 -25.93 -15.43 36.36
C ALA I 383 -24.90 -16.18 35.49
N ILE I 384 -24.38 -17.33 35.95
CA ILE I 384 -23.51 -18.16 35.12
C ILE I 384 -24.23 -18.73 33.88
N ALA I 385 -25.57 -18.80 33.91
CA ALA I 385 -26.39 -19.18 32.77
C ALA I 385 -26.21 -18.25 31.56
N GLU I 386 -25.77 -17.00 31.73
CA GLU I 386 -25.41 -16.12 30.61
C GLU I 386 -24.30 -16.73 29.72
N ALA I 387 -23.43 -17.58 30.27
CA ALA I 387 -22.40 -18.27 29.49
C ALA I 387 -22.97 -19.44 28.66
N TRP I 388 -23.98 -20.14 29.19
CA TRP I 388 -24.71 -21.20 28.49
C TRP I 388 -25.52 -20.63 27.33
N ALA I 389 -26.31 -19.58 27.57
CA ALA I 389 -27.08 -18.89 26.53
C ALA I 389 -26.22 -18.41 25.34
N ARG I 390 -24.99 -17.92 25.61
CA ARG I 390 -24.05 -17.53 24.53
C ARG I 390 -23.57 -18.73 23.70
N LEU I 391 -23.41 -19.89 24.33
CA LEU I 391 -22.95 -21.10 23.68
C LEU I 391 -24.09 -21.72 22.86
N ASP I 392 -25.26 -21.82 23.47
CA ASP I 392 -26.51 -22.30 22.86
C ASP I 392 -26.90 -21.47 21.64
N HIS I 393 -26.82 -20.15 21.71
CA HIS I 393 -27.08 -19.29 20.55
C HIS I 393 -26.16 -19.59 19.36
N LYS I 394 -24.86 -19.82 19.61
CA LYS I 394 -23.91 -20.18 18.53
C LYS I 394 -24.16 -21.58 17.98
N PHE I 395 -24.51 -22.51 18.86
CA PHE I 395 -24.91 -23.86 18.48
C PHE I 395 -26.12 -23.80 17.54
N ASP I 396 -27.17 -23.09 17.95
CA ASP I 396 -28.44 -23.00 17.22
C ASP I 396 -28.26 -22.40 15.83
N LEU I 397 -27.47 -21.32 15.71
CA LEU I 397 -27.18 -20.69 14.42
C LEU I 397 -26.57 -21.67 13.40
N MET I 398 -25.57 -22.46 13.82
CA MET I 398 -24.92 -23.42 12.92
C MET I 398 -25.80 -24.65 12.69
N TYR I 399 -26.45 -25.15 13.74
CA TYR I 399 -27.26 -26.37 13.69
C TYR I 399 -28.54 -26.18 12.89
N ALA I 400 -29.14 -24.99 12.91
CA ALA I 400 -30.29 -24.66 12.06
C ALA I 400 -30.03 -24.92 10.56
N LYS I 401 -28.77 -24.80 10.11
CA LYS I 401 -28.36 -25.11 8.73
C LYS I 401 -27.62 -26.45 8.60
N ARG I 402 -27.48 -27.23 9.69
CA ARG I 402 -26.67 -28.46 9.79
C ARG I 402 -25.21 -28.28 9.33
N ALA I 403 -24.67 -27.08 9.55
CA ALA I 403 -23.29 -26.77 9.21
C ALA I 403 -22.34 -27.63 10.05
N PHE I 404 -21.33 -28.24 9.42
CA PHE I 404 -20.30 -29.10 10.03
C PHE I 404 -20.79 -30.43 10.66
N VAL I 405 -22.09 -30.69 10.75
CA VAL I 405 -22.67 -31.91 11.35
C VAL I 405 -22.14 -33.18 10.69
N HIS I 406 -21.93 -33.15 9.37
CA HIS I 406 -21.42 -34.29 8.60
C HIS I 406 -20.06 -34.81 9.08
N TRP I 407 -19.22 -33.98 9.70
CA TRP I 407 -17.94 -34.43 10.29
C TRP I 407 -18.15 -35.34 11.50
N TYR I 408 -19.22 -35.14 12.27
CA TYR I 408 -19.56 -35.94 13.44
C TYR I 408 -20.26 -37.23 13.02
N VAL I 409 -21.20 -37.13 12.08
CA VAL I 409 -21.88 -38.29 11.49
C VAL I 409 -20.91 -39.21 10.77
N GLY I 410 -19.89 -38.65 10.11
CA GLY I 410 -18.81 -39.42 9.48
C GLY I 410 -17.98 -40.27 10.45
N GLU I 411 -17.94 -39.91 11.75
CA GLU I 411 -17.30 -40.70 12.81
C GLU I 411 -18.27 -41.70 13.48
N GLY I 412 -19.51 -41.80 12.97
CA GLY I 412 -20.53 -42.73 13.47
C GLY I 412 -21.43 -42.18 14.56
N MET I 413 -21.38 -40.87 14.86
CA MET I 413 -22.31 -40.23 15.80
C MET I 413 -23.68 -40.02 15.13
N GLU I 414 -24.75 -40.21 15.88
CA GLU I 414 -26.09 -39.97 15.34
C GLU I 414 -26.43 -38.48 15.35
N GLU I 415 -27.15 -37.99 14.34
CA GLU I 415 -27.61 -36.60 14.31
C GLU I 415 -28.55 -36.28 15.49
N GLY I 416 -29.29 -37.29 15.98
CA GLY I 416 -30.15 -37.17 17.15
C GLY I 416 -29.41 -36.78 18.43
N GLU I 417 -28.14 -37.14 18.59
CA GLU I 417 -27.34 -36.79 19.77
C GLU I 417 -27.13 -35.27 19.89
N PHE I 418 -27.11 -34.54 18.76
CA PHE I 418 -27.06 -33.08 18.80
C PHE I 418 -28.34 -32.48 19.37
N SER I 419 -29.49 -32.99 18.93
CA SER I 419 -30.79 -32.52 19.41
C SER I 419 -30.99 -32.88 20.89
N GLU I 420 -30.63 -34.09 21.30
CA GLU I 420 -30.68 -34.53 22.71
C GLU I 420 -29.79 -33.65 23.60
N ALA I 421 -28.54 -33.42 23.20
CA ALA I 421 -27.63 -32.56 23.95
C ALA I 421 -28.14 -31.13 24.06
N ARG I 422 -28.72 -30.58 22.98
CA ARG I 422 -29.28 -29.23 22.98
C ARG I 422 -30.54 -29.11 23.84
N GLU I 423 -31.40 -30.14 23.84
CA GLU I 423 -32.59 -30.20 24.70
C GLU I 423 -32.21 -30.24 26.18
N ASP I 424 -31.17 -31.00 26.54
CA ASP I 424 -30.68 -31.05 27.92
C ASP I 424 -30.08 -29.72 28.39
N MET I 425 -29.41 -29.00 27.48
CA MET I 425 -28.92 -27.63 27.74
C MET I 425 -30.09 -26.64 27.91
N ALA I 426 -31.15 -26.75 27.10
CA ALA I 426 -32.35 -25.93 27.30
C ALA I 426 -33.02 -26.22 28.65
N ALA I 427 -33.04 -27.47 29.10
CA ALA I 427 -33.52 -27.84 30.43
C ALA I 427 -32.63 -27.24 31.53
N LEU I 428 -31.31 -27.23 31.37
CA LEU I 428 -30.37 -26.60 32.31
C LEU I 428 -30.58 -25.09 32.40
N GLU I 429 -30.74 -24.39 31.28
CA GLU I 429 -31.05 -22.96 31.26
C GLU I 429 -32.34 -22.66 32.04
N LYS I 430 -33.38 -23.48 31.82
CA LYS I 430 -34.65 -23.37 32.54
C LYS I 430 -34.51 -23.64 34.04
N ASP I 431 -33.74 -24.64 34.45
CA ASP I 431 -33.45 -24.90 35.87
C ASP I 431 -32.81 -23.66 36.54
N TYR I 432 -31.88 -22.99 35.86
CA TYR I 432 -31.25 -21.77 36.36
C TYR I 432 -32.22 -20.58 36.42
N GLU I 433 -33.11 -20.44 35.44
CA GLU I 433 -34.16 -19.41 35.43
C GLU I 433 -35.15 -19.62 36.58
N GLU I 434 -35.65 -20.85 36.77
CA GLU I 434 -36.60 -21.19 37.85
C GLU I 434 -36.02 -20.94 39.25
N VAL I 435 -34.71 -21.14 39.45
CA VAL I 435 -34.03 -20.81 40.71
C VAL I 435 -33.80 -19.31 40.88
N GLY I 436 -33.64 -18.57 39.78
CA GLY I 436 -33.29 -17.14 39.78
C GLY I 436 -34.50 -16.22 39.91
#